data_9D3B
#
_entry.id   9D3B
#
_cell.length_a   1.00
_cell.length_b   1.00
_cell.length_c   1.00
_cell.angle_alpha   90.00
_cell.angle_beta   90.00
_cell.angle_gamma   90.00
#
_symmetry.space_group_name_H-M   'P 1'
#
loop_
_entity.id
_entity.type
_entity.pdbx_description
1 polymer 'Glutamate receptor ionotropic, NMDA 1'
2 polymer 'Glutamate receptor ionotropic, NMDA 2B'
3 polymer 'Glutamate receptor ionotropic, NMDA 2D'
4 branched 2-acetamido-2-deoxy-beta-D-glucopyranose-(1-4)-2-acetamido-2-deoxy-beta-D-glucopyranose
5 non-polymer GLYCINE
6 non-polymer 2-acetamido-2-deoxy-beta-D-glucopyranose
7 non-polymer 'GLUTAMIC ACID'
8 non-polymer '4-{(3R,5S)-5-(4-chlorophenyl)-3-[4-(4-chlorophenyl)-2-oxo-1,2-dihydroquinolin-3-yl]pyrazolidin-1-yl}-3,3-difluoro-4-oxobutanoic acid'
#
loop_
_entity_poly.entity_id
_entity_poly.type
_entity_poly.pdbx_seq_one_letter_code
_entity_poly.pdbx_strand_id
1 'polypeptide(L)'
;DPKIVNIGAVLSTRKHEQMFREAVNQANKRHGSWKIQLNATSVTHKPNAIQMALSVCEDLISSQVYAILVSHPPTPNDHF
TPTPVSYTAGFYRIPVLGLTTRMSIYSDKSIHLSFLRTVPPYSHQSSVWFEMMRVYSWNHIILLVSDDHEGRAAQKRLET
LLEERESKAEKVLQFDPGTKNVTALLMEAKELEARVIILSASEDDAATVYRAAAMLNMTGSGYVWLVGEREISGNALRYA
PDGILGLQLINGKNESAHISDAVGVVAQAVHELLEKENITDPPRGCVGNTNIWKTGPLFKRVLMSSKYADGVTGRVEFNE
DGDRKFANYSIMNLQNRKLVQVGIYNGTHVIPNDRKIIWPGGETEKPRGYQMSTRLKIVTIHQEPFVYVKPTLSDGTCKE
EFTVNGDPVKKVICTGPNDTSPGSPRHTVPQCCYGFCIDLLIKLARTMNFTYEVHLVADGKFGTQERVNNSNKKEWNGMM
GELLSGQADMIVAPLTINNERAQYIEFSKPFKYQGLTILVKKEIPRSTLDSFMQPFQSTLWLLVGLSVHVVAVMLYLLDR
FSPFGRFKVNSEEEEEDALTLSSAMWFSWGVLLNSGIGEGAPRSFSARILGMVWAGFAMIIVASYTANLAAFLVLDRPEE
RITGINDPRLRNPSDKFIYATVKQSSVDIYFRRQVELSTMYRHMEKHNYESAAEAIQAVRDNKLHAFIWDSAVLEFEASQ
KCDLVTTGELFFRSGFGIGMRKDSPWKQNVSLSILKSHENGFMEDLDKTWVRYQECDSRSNAPATLTFENMAGVFMLVAG
GIVAGIFLIFIEIAYKRHKDANGAQ
;
A,C
2 'polypeptide(L)'
;WSHPQFEKGGGSGGGSGGSAWSHPQFEKGALVPRGRSQKSPPSIGIAVILVGTSDEVAIKDAHEKDDFHHLSVVPRVELV
AMNETDPKSIITRICDLMSDRKIQGVVFADDTDQEAIAQILDFISAQTLTPILGIHGGSSMIMADKDESSMFFQFGPSIE
QQASVMLNIMEEYDWYIFSIVTTYFPGYQDFVNKIRSTIENSFVGWELEEVLLLDMSLDDGDSKIQNQLKKLQSPIILLY
CTKEEATYIFEVANSVGLTGYGYTWIVPSLVAGDTDTVPAEFPTGLISVSYDEWDYGLPARVRDGIAIITTAASDMLSEH
SFIPEPKSSCYNTHEKRIYQSNMLNRYLINVTFEGRNLSFSEDGYQMHPKLVIILLNKERKWERVGKWKDKSLQMKYYVW
PRMCPETEEQEDDHLSIVTLEEAPFVIVESVDPLSGTCMRNTVPCQKRIVTENKTDEEPGYIKKCCKGFCIDILKKISKS
VKFTYDLYLVTNGKHGKKINGTWNGMIGEVVMKRAYMAVGSLTINEERSEVVDFSVPFIETGISVMVSRSNGTVSPSAFL
EPFSADVWVMMFVMLLIVSAVAVFVFEYFSPVGYNRSLADGREPGGPSFTIGKAIWLLWGLVFNNSVPVQNPKGTTSKIM
VSVWAFFAVIFLASYTANLAAFMIQEEYVDQVSGLSDKKFQRPNDFSPPFRFGTVPNGSTERNIRNNYAEMHAYMGKFNQ
RGVDDALLSLKTGKLDAFIYDAAVLNYMAGRDEGCKLVTIGSGKVFASTGYGIAIQKDSGWKRQVDLAILQLFGDGEMEE
LEALWLTGICHNEKNEVMSSQLDIDNMAGVFYMLGAAMALSLITFISEHLFYWQFRHSFMGGPGSGATNFSLLKQAGDVE
ENPG
;
B
3 'polypeptide(L)'
;FPEEAPGPGGAGGPGGGLGGARPLNVALVFSGPAYAAEAARLGPAVAAAVRSPGLDVRPVALVLNGSDPRSLVLQLCDLL
SGLRVHGVVFEDDSRAPAVAPILDFLSAQTSLPIVAVHGGAALVLTPKEKGSTFLQLGSSTEQQLQVIFEVLEEYDWTSF
VAVTTRAPGHRAFLSYIEVLTDGSLVGWEHRGALTLDPGAGEAVLSAQLRSVSAQIRLLFCAREEAEPVFRAAEEAGLTG
SGYVWFMVGPQLAGGGGSGAPGEPPLLPGGAPLPAGLFAVRSAGWRDDLARRVAAGVAVVARGAQALLRDYGFLPELGHD
CRAQNRTHRGESLHRYFMNITWDNRDYSFNEDGFLVNPSLVVISLTRDRTWEVVGSWEQQTLRLKYPLWSRYGRFLQPVD
DTQHLTVATLEERPFVIVEPADPISGTCIRDSVPCRSQLNRTHSPPPDAPRPEKRCCKGFCIDILKRLAHTIGFSYDLYL
VTNGKHGKKIDGVWNGMIGEVFYQRADMAIGSLTINEERSEIVDFSVPFVETGISVMVARSNGTVSPSAFLEPYSPAVWV
MMFVMCLTVVAVTVFIFEYLSPVGYNRSLATGKRPGGSTFTIGKSIWLLWALVFNNSVPVENPRGTTSKIMVLVWAFFAV
IFLASYTANLAAFMIQEEYVDTVSGLSDRKFQRPQEQYPPLKFGTVPNGSTEKNIRSNYPDMHSYMVRYNQPRVEEALTQ
LKAGKLDAFIYDAAVLNYMARKDEGCKLVTIGSGKVFATTGYGIALHKGSRWKRPIDLALLQFLGDDEIEMLERLWLSGI
CHNDKIEVMSSKLDIDNMAGVFYMLLVAMGLSLLVFAWEHLVYWRLRHCLGPTETSQVAPA
;
D
#
# COMPACT_ATOMS: atom_id res chain seq x y z
N LYS A 3 64.21 37.70 2.36
CA LYS A 3 63.69 38.91 1.72
C LYS A 3 62.88 39.74 2.71
N ILE A 4 62.60 40.98 2.34
CA ILE A 4 61.82 41.88 3.18
C ILE A 4 60.34 41.58 2.97
N VAL A 5 59.63 41.33 4.06
CA VAL A 5 58.21 41.00 4.04
C VAL A 5 57.44 42.12 4.71
N ASN A 6 56.41 42.62 4.04
CA ASN A 6 55.60 43.73 4.52
C ASN A 6 54.21 43.24 4.87
N ILE A 7 53.66 43.78 5.97
CA ILE A 7 52.32 43.47 6.42
C ILE A 7 51.50 44.76 6.41
N GLY A 8 50.34 44.72 5.76
CA GLY A 8 49.51 45.90 5.66
C GLY A 8 48.77 46.20 6.94
N ALA A 9 48.40 47.46 7.09
CA ALA A 9 47.67 47.92 8.27
C ALA A 9 46.93 49.21 7.93
N VAL A 10 45.76 49.38 8.54
CA VAL A 10 44.92 50.56 8.33
C VAL A 10 44.64 51.13 9.72
N LEU A 11 45.45 52.10 10.14
CA LEU A 11 45.29 52.75 11.44
C LEU A 11 45.55 54.24 11.30
N SER A 12 44.96 55.01 12.20
CA SER A 12 45.18 56.45 12.29
C SER A 12 46.05 56.76 13.51
N THR A 13 46.26 58.06 13.76
CA THR A 13 47.04 58.54 14.89
C THR A 13 48.44 57.92 14.90
N ARG A 14 49.22 58.34 13.89
CA ARG A 14 50.57 57.82 13.69
C ARG A 14 51.40 57.80 14.96
N LYS A 15 51.08 58.67 15.92
CA LYS A 15 51.74 58.61 17.23
C LYS A 15 51.49 57.28 17.90
N HIS A 16 50.24 56.78 17.85
CA HIS A 16 49.95 55.46 18.39
C HIS A 16 50.55 54.35 17.55
N GLU A 17 50.66 54.56 16.23
CA GLU A 17 51.22 53.54 15.35
C GLU A 17 52.73 53.40 15.49
N GLN A 18 53.38 54.29 16.25
CA GLN A 18 54.83 54.17 16.44
C GLN A 18 55.21 52.87 17.12
N MET A 19 54.45 52.48 18.16
CA MET A 19 54.73 51.23 18.83
C MET A 19 54.43 50.02 17.94
N PHE A 20 53.52 50.17 16.98
CA PHE A 20 53.20 49.07 16.08
C PHE A 20 54.43 48.71 15.23
N ARG A 21 55.24 49.70 14.85
CA ARG A 21 56.51 49.39 14.20
C ARG A 21 57.41 48.60 15.13
N GLU A 22 57.44 48.95 16.42
CA GLU A 22 58.20 48.19 17.40
C GLU A 22 57.49 46.90 17.78
N ALA A 23 56.16 46.89 17.78
CA ALA A 23 55.43 45.67 18.15
C ALA A 23 55.71 44.53 17.18
N VAL A 24 55.70 44.83 15.88
CA VAL A 24 56.06 43.81 14.90
C VAL A 24 57.54 43.49 15.00
N ASN A 25 58.38 44.47 15.37
CA ASN A 25 59.81 44.22 15.51
C ASN A 25 60.09 43.23 16.62
N GLN A 26 59.31 43.29 17.72
CA GLN A 26 59.47 42.31 18.78
C GLN A 26 59.17 40.90 18.30
N ALA A 27 58.14 40.75 17.48
CA ALA A 27 57.80 39.45 16.90
C ALA A 27 58.62 39.13 15.66
N ASN A 28 59.43 40.07 15.16
CA ASN A 28 60.26 39.80 14.00
C ASN A 28 61.29 38.72 14.30
N LYS A 29 61.88 38.74 15.49
CA LYS A 29 62.86 37.74 15.89
C LYS A 29 62.21 36.46 16.42
N ARG A 30 60.89 36.42 16.53
CA ARG A 30 60.21 35.25 17.06
C ARG A 30 59.92 34.20 15.99
N HIS A 31 59.47 34.62 14.81
CA HIS A 31 59.14 33.67 13.76
C HIS A 31 60.39 32.97 13.25
N GLY A 32 60.26 31.68 12.97
CA GLY A 32 61.37 30.86 12.53
C GLY A 32 61.66 30.90 11.04
N SER A 33 60.95 31.74 10.29
CA SER A 33 61.20 31.83 8.85
C SER A 33 62.60 32.38 8.58
N TRP A 34 63.25 31.81 7.57
CA TRP A 34 64.60 32.21 7.21
C TRP A 34 64.65 33.22 6.06
N LYS A 35 63.65 33.22 5.18
CA LYS A 35 63.61 34.16 4.08
C LYS A 35 62.45 35.14 4.18
N ILE A 36 61.69 35.12 5.27
CA ILE A 36 60.57 36.03 5.49
C ILE A 36 60.88 36.87 6.72
N GLN A 37 60.88 38.19 6.55
CA GLN A 37 61.17 39.13 7.62
C GLN A 37 60.06 40.18 7.64
N LEU A 38 59.16 40.07 8.62
CA LEU A 38 58.02 40.97 8.69
C LEU A 38 58.47 42.40 8.94
N ASN A 39 57.81 43.35 8.27
CA ASN A 39 58.10 44.76 8.43
C ASN A 39 56.79 45.54 8.47
N ALA A 40 56.73 46.54 9.35
CA ALA A 40 55.51 47.32 9.52
C ALA A 40 55.27 48.17 8.28
N THR A 41 54.05 48.06 7.72
CA THR A 41 53.64 48.85 6.57
C THR A 41 52.20 49.29 6.81
N SER A 42 52.03 50.46 7.40
CA SER A 42 50.73 51.00 7.76
C SER A 42 50.49 52.33 7.07
N VAL A 43 49.24 52.60 6.75
CA VAL A 43 48.84 53.84 6.09
C VAL A 43 47.87 54.59 7.00
N THR A 44 47.93 55.92 6.93
CA THR A 44 47.07 56.75 7.76
C THR A 44 45.60 56.49 7.44
N HIS A 45 44.81 56.28 8.48
CA HIS A 45 43.37 56.10 8.31
C HIS A 45 42.71 57.47 8.18
N LYS A 46 42.31 57.81 6.97
CA LYS A 46 41.68 59.10 6.71
C LYS A 46 40.16 58.94 6.79
N PRO A 47 39.47 59.67 7.66
CA PRO A 47 38.01 59.50 7.76
C PRO A 47 37.25 60.07 6.58
N ASN A 48 37.65 59.67 5.37
CA ASN A 48 36.99 60.08 4.14
C ASN A 48 37.50 59.19 3.00
N ALA A 49 36.60 58.85 2.08
CA ALA A 49 36.96 57.96 0.99
C ALA A 49 37.77 58.66 -0.10
N ILE A 50 37.74 59.99 -0.15
CA ILE A 50 38.46 60.71 -1.19
C ILE A 50 39.97 60.62 -0.97
N GLN A 51 40.41 60.76 0.29
CA GLN A 51 41.84 60.72 0.57
C GLN A 51 42.42 59.35 0.26
N MET A 52 41.64 58.29 0.41
CA MET A 52 42.08 56.94 0.06
C MET A 52 41.85 56.59 -1.40
N ALA A 53 41.18 57.46 -2.15
CA ALA A 53 40.91 57.19 -3.57
C ALA A 53 42.17 57.27 -4.43
N LEU A 54 43.28 57.80 -3.90
CA LEU A 54 44.52 57.90 -4.65
C LEU A 54 45.71 57.29 -3.92
N SER A 55 45.46 56.52 -2.86
CA SER A 55 46.52 55.95 -2.03
C SER A 55 46.25 54.48 -1.73
N VAL A 56 45.91 53.71 -2.77
CA VAL A 56 45.65 52.28 -2.60
C VAL A 56 46.61 51.48 -3.48
N CYS A 57 46.53 51.68 -4.79
CA CYS A 57 47.40 50.94 -5.70
C CYS A 57 48.84 51.42 -5.61
N GLU A 58 49.05 52.70 -5.35
CA GLU A 58 50.40 53.25 -5.31
C GLU A 58 51.19 52.72 -4.11
N ASP A 59 50.53 52.54 -2.97
CA ASP A 59 51.21 52.23 -1.72
C ASP A 59 50.88 50.86 -1.16
N LEU A 60 49.59 50.50 -1.09
CA LEU A 60 49.20 49.30 -0.38
C LEU A 60 49.58 48.04 -1.15
N ILE A 61 49.01 47.86 -2.35
CA ILE A 61 49.27 46.64 -3.12
C ILE A 61 50.71 46.61 -3.59
N SER A 62 51.29 47.77 -3.93
CA SER A 62 52.67 47.83 -4.40
C SER A 62 53.66 47.38 -3.34
N SER A 63 53.26 47.34 -2.08
CA SER A 63 54.13 46.91 -0.99
C SER A 63 54.18 45.39 -0.84
N GLN A 64 53.42 44.64 -1.65
CA GLN A 64 53.38 43.18 -1.59
C GLN A 64 52.98 42.71 -0.20
N VAL A 65 52.02 43.40 0.41
CA VAL A 65 51.57 43.07 1.76
C VAL A 65 50.68 41.83 1.70
N TYR A 66 50.90 40.90 2.64
CA TYR A 66 50.15 39.66 2.68
C TYR A 66 49.05 39.66 3.73
N ALA A 67 49.21 40.42 4.81
CA ALA A 67 48.20 40.51 5.86
C ALA A 67 47.82 41.98 6.05
N ILE A 68 46.52 42.22 6.23
CA ILE A 68 45.98 43.57 6.37
C ILE A 68 45.25 43.68 7.69
N LEU A 69 45.51 44.75 8.43
CA LEU A 69 44.84 45.03 9.70
C LEU A 69 44.03 46.31 9.56
N VAL A 70 42.79 46.28 10.04
CA VAL A 70 41.86 47.40 9.94
C VAL A 70 41.48 47.84 11.35
N SER A 71 41.66 49.12 11.63
CA SER A 71 41.33 49.70 12.92
C SER A 71 39.95 50.37 12.86
N HIS A 72 39.61 51.10 13.93
CA HIS A 72 38.34 51.81 14.05
C HIS A 72 38.56 53.31 14.04
N PRO A 73 37.59 54.09 13.57
CA PRO A 73 37.73 55.55 13.59
C PRO A 73 37.63 56.08 15.02
N PRO A 74 38.10 57.30 15.26
CA PRO A 74 37.98 57.87 16.61
C PRO A 74 36.54 57.96 17.10
N THR A 75 35.59 58.15 16.20
CA THR A 75 34.18 58.20 16.59
C THR A 75 33.72 56.81 17.01
N PRO A 76 33.21 56.63 18.22
CA PRO A 76 32.78 55.28 18.66
C PRO A 76 31.66 54.69 17.82
N ASN A 77 30.76 55.52 17.29
CA ASN A 77 29.61 55.05 16.52
C ASN A 77 29.85 55.37 15.05
N ASP A 78 30.52 54.44 14.36
CA ASP A 78 30.79 54.60 12.94
C ASP A 78 31.15 53.25 12.35
N HIS A 79 30.76 53.05 11.09
CA HIS A 79 31.04 51.78 10.40
C HIS A 79 31.49 52.00 8.96
N PHE A 80 31.85 53.22 8.59
CA PHE A 80 32.28 53.52 7.23
C PHE A 80 33.79 53.43 7.05
N THR A 81 34.53 53.11 8.10
CA THR A 81 35.99 53.01 8.04
C THR A 81 36.48 51.68 7.45
N PRO A 82 35.98 50.52 7.88
CA PRO A 82 36.53 49.27 7.37
C PRO A 82 35.91 48.75 6.07
N THR A 83 34.92 49.46 5.51
CA THR A 83 34.27 48.97 4.31
C THR A 83 35.10 49.06 3.03
N PRO A 84 35.98 50.07 2.83
CA PRO A 84 36.75 50.10 1.56
C PRO A 84 37.99 49.21 1.61
N VAL A 85 38.52 48.97 2.80
CA VAL A 85 39.72 48.16 2.93
C VAL A 85 39.45 46.72 2.49
N SER A 86 38.33 46.16 2.95
CA SER A 86 37.94 44.83 2.48
C SER A 86 37.40 44.85 1.06
N TYR A 87 37.03 46.03 0.55
CA TYR A 87 36.56 46.12 -0.82
C TYR A 87 37.71 46.00 -1.81
N THR A 88 38.84 46.65 -1.53
CA THR A 88 39.98 46.59 -2.43
C THR A 88 40.83 45.34 -2.22
N ALA A 89 40.65 44.62 -1.12
CA ALA A 89 41.39 43.40 -0.85
C ALA A 89 40.59 42.14 -1.14
N GLY A 90 39.42 42.28 -1.75
CA GLY A 90 38.60 41.13 -2.05
C GLY A 90 38.77 40.64 -3.48
N PHE A 91 38.81 41.56 -4.43
CA PHE A 91 39.01 41.18 -5.83
C PHE A 91 40.42 40.62 -6.04
N TYR A 92 41.42 41.30 -5.49
CA TYR A 92 42.77 40.74 -5.48
C TYR A 92 42.92 39.62 -4.46
N ARG A 93 41.92 39.42 -3.61
CA ARG A 93 41.90 38.35 -2.61
C ARG A 93 43.07 38.43 -1.65
N ILE A 94 43.52 39.65 -1.35
CA ILE A 94 44.59 39.84 -0.38
C ILE A 94 44.08 39.45 1.01
N PRO A 95 44.77 38.57 1.73
CA PRO A 95 44.30 38.19 3.07
C PRO A 95 44.26 39.40 4.00
N VAL A 96 43.23 39.41 4.86
CA VAL A 96 43.01 40.50 5.80
C VAL A 96 42.75 39.92 7.18
N LEU A 97 42.93 40.76 8.20
CA LEU A 97 42.68 40.37 9.59
C LEU A 97 42.12 41.59 10.32
N GLY A 98 40.83 41.55 10.65
CA GLY A 98 40.21 42.65 11.34
C GLY A 98 40.65 42.76 12.78
N LEU A 99 40.54 43.98 13.32
CA LEU A 99 40.88 44.26 14.71
C LEU A 99 39.69 44.72 15.51
N THR A 100 38.96 45.73 15.04
CA THR A 100 37.83 46.32 15.73
C THR A 100 36.50 45.89 15.11
N THR A 101 36.40 44.62 14.72
CA THR A 101 35.23 44.12 14.02
C THR A 101 34.04 44.09 14.98
N ARG A 102 33.17 45.10 14.88
CA ARG A 102 31.99 45.19 15.70
C ARG A 102 30.69 45.05 14.91
N MET A 103 30.71 45.30 13.60
CA MET A 103 29.53 45.16 12.76
C MET A 103 29.49 43.77 12.13
N SER A 104 28.32 43.43 11.59
CA SER A 104 28.07 42.12 11.00
C SER A 104 27.96 42.18 9.49
N ILE A 105 28.42 43.27 8.87
CA ILE A 105 28.34 43.39 7.42
C ILE A 105 29.18 42.31 6.73
N TYR A 106 30.39 42.10 7.21
CA TYR A 106 31.29 41.10 6.65
C TYR A 106 31.20 39.77 7.38
N SER A 107 29.97 39.26 7.51
CA SER A 107 29.75 37.98 8.18
C SER A 107 28.76 37.07 7.45
N ASP A 108 28.17 37.52 6.34
CA ASP A 108 27.21 36.71 5.60
C ASP A 108 27.87 35.80 4.58
N LYS A 109 29.17 35.97 4.33
CA LYS A 109 29.98 35.18 3.41
C LYS A 109 29.58 35.38 1.94
N SER A 110 28.57 36.19 1.66
CA SER A 110 28.20 36.43 0.27
C SER A 110 29.28 37.21 -0.47
N ILE A 111 29.84 38.24 0.18
CA ILE A 111 30.91 39.03 -0.40
C ILE A 111 32.03 39.15 0.63
N HIS A 112 33.25 39.33 0.13
CA HIS A 112 34.45 39.42 0.97
C HIS A 112 34.58 38.21 1.87
N LEU A 113 34.74 37.04 1.23
CA LEU A 113 34.83 35.79 1.98
C LEU A 113 36.07 35.77 2.86
N SER A 114 37.20 36.26 2.35
CA SER A 114 38.45 36.30 3.12
C SER A 114 38.31 37.38 4.19
N PHE A 115 38.03 36.95 5.42
CA PHE A 115 37.86 37.88 6.53
C PHE A 115 38.21 37.18 7.84
N LEU A 116 38.83 37.92 8.74
CA LEU A 116 39.16 37.44 10.07
C LEU A 116 38.75 38.47 11.11
N ARG A 117 38.16 38.00 12.20
CA ARG A 117 37.64 38.88 13.26
C ARG A 117 38.33 38.53 14.57
N THR A 118 39.22 39.40 15.03
CA THR A 118 39.82 39.25 16.34
C THR A 118 38.92 39.75 17.46
N VAL A 119 37.78 40.37 17.12
CA VAL A 119 36.80 40.81 18.10
C VAL A 119 35.42 40.42 17.59
N PRO A 120 34.60 39.75 18.38
CA PRO A 120 33.25 39.37 17.93
C PRO A 120 32.40 40.61 17.69
N PRO A 121 31.55 40.58 16.67
CA PRO A 121 30.67 41.72 16.39
C PRO A 121 29.51 41.78 17.39
N TYR A 122 28.63 42.75 17.18
CA TYR A 122 27.48 42.93 18.06
C TYR A 122 26.49 41.78 17.95
N SER A 123 26.51 41.03 16.86
CA SER A 123 25.51 39.98 16.64
C SER A 123 25.73 38.76 17.52
N HIS A 124 26.92 38.60 18.09
CA HIS A 124 27.24 37.38 18.82
C HIS A 124 26.73 37.39 20.27
N GLN A 125 26.17 38.50 20.73
CA GLN A 125 25.75 38.59 22.13
C GLN A 125 24.49 37.77 22.43
N SER A 126 23.76 37.32 21.40
CA SER A 126 22.52 36.60 21.64
C SER A 126 22.77 35.18 22.14
N SER A 127 23.80 34.51 21.60
CA SER A 127 24.06 33.13 22.01
C SER A 127 24.46 33.04 23.48
N VAL A 128 25.33 33.94 23.94
CA VAL A 128 25.72 33.96 25.33
C VAL A 128 24.61 34.45 26.25
N TRP A 129 23.53 34.98 25.69
CA TRP A 129 22.42 35.46 26.51
C TRP A 129 21.61 34.32 27.11
N PHE A 130 21.63 33.13 26.49
CA PHE A 130 20.93 31.98 27.06
C PHE A 130 21.37 31.72 28.49
N GLU A 131 22.68 31.80 28.74
CA GLU A 131 23.23 31.32 29.99
C GLU A 131 22.71 32.10 31.20
N MET A 132 22.07 33.25 30.97
CA MET A 132 21.51 34.05 32.04
C MET A 132 19.99 33.87 32.19
N MET A 133 19.24 33.86 31.08
CA MET A 133 17.79 33.75 31.19
C MET A 133 17.37 32.41 31.78
N ARG A 134 17.97 31.31 31.32
CA ARG A 134 17.51 30.00 31.76
C ARG A 134 17.73 29.79 33.25
N VAL A 135 18.88 30.22 33.76
CA VAL A 135 19.17 30.06 35.19
C VAL A 135 18.30 30.98 36.03
N TYR A 136 18.06 32.21 35.54
CA TYR A 136 17.28 33.19 36.29
C TYR A 136 15.80 33.14 35.92
N SER A 137 15.21 31.94 35.99
CA SER A 137 13.80 31.72 35.73
C SER A 137 13.39 32.27 34.37
N TRP A 138 12.41 33.16 34.34
CA TRP A 138 12.00 33.88 33.13
C TRP A 138 11.66 32.90 31.99
N ASN A 139 10.66 32.06 32.26
CA ASN A 139 10.26 31.06 31.26
C ASN A 139 9.64 31.74 30.04
N HIS A 140 8.81 32.76 30.25
CA HIS A 140 8.08 33.42 29.18
C HIS A 140 8.69 34.81 28.97
N ILE A 141 9.05 35.11 27.73
CA ILE A 141 9.85 36.29 27.41
C ILE A 141 9.22 37.01 26.21
N ILE A 142 9.24 38.34 26.26
CA ILE A 142 8.81 39.15 25.14
C ILE A 142 10.04 39.61 24.37
N LEU A 143 9.83 40.12 23.16
CA LEU A 143 10.92 40.54 22.29
C LEU A 143 10.66 41.94 21.75
N LEU A 144 11.70 42.76 21.76
CA LEU A 144 11.67 44.08 21.14
C LEU A 144 12.96 44.29 20.37
N VAL A 145 12.87 44.79 19.14
CA VAL A 145 14.03 44.94 18.28
C VAL A 145 13.83 46.16 17.40
N SER A 146 14.94 46.82 17.06
CA SER A 146 14.95 47.94 16.13
C SER A 146 15.33 47.44 14.74
N ASP A 147 14.61 47.92 13.72
CA ASP A 147 14.83 47.49 12.35
C ASP A 147 16.12 48.13 11.83
N ASP A 148 17.24 47.51 12.20
CA ASP A 148 18.57 47.98 11.81
C ASP A 148 19.36 46.80 11.26
N HIS A 149 20.38 47.11 10.46
CA HIS A 149 21.24 46.06 9.93
C HIS A 149 21.93 45.30 11.04
N GLU A 150 22.36 46.00 12.09
CA GLU A 150 22.90 45.33 13.26
C GLU A 150 21.80 44.73 14.13
N GLY A 151 20.64 45.38 14.20
CA GLY A 151 19.54 44.85 14.99
C GLY A 151 19.02 43.53 14.44
N ARG A 152 18.86 43.44 13.11
CA ARG A 152 18.41 42.21 12.50
C ARG A 152 19.46 41.11 12.56
N ALA A 153 20.73 41.48 12.73
CA ALA A 153 21.79 40.47 12.83
C ALA A 153 21.60 39.62 14.08
N ALA A 154 21.26 40.25 15.20
CA ALA A 154 21.02 39.49 16.43
C ALA A 154 19.66 38.81 16.45
N GLN A 155 18.69 39.33 15.70
CA GLN A 155 17.34 38.80 15.75
C GLN A 155 17.25 37.39 15.16
N LYS A 156 18.23 36.97 14.36
CA LYS A 156 18.24 35.62 13.81
C LYS A 156 19.07 34.65 14.65
N ARG A 157 19.59 35.09 15.80
CA ARG A 157 20.38 34.21 16.66
C ARG A 157 19.58 33.63 17.82
N LEU A 158 18.65 34.40 18.40
CA LEU A 158 17.88 33.85 19.52
C LEU A 158 16.86 32.83 19.03
N GLU A 159 16.39 32.98 17.79
CA GLU A 159 15.41 32.04 17.25
C GLU A 159 16.03 30.68 16.93
N THR A 160 17.34 30.62 16.71
CA THR A 160 18.02 29.37 16.46
C THR A 160 18.03 28.46 17.69
N LEU A 161 17.62 28.99 18.85
CA LEU A 161 17.69 28.27 20.12
C LEU A 161 16.39 28.34 20.91
N LEU A 162 15.33 28.95 20.37
CA LEU A 162 14.03 28.96 21.01
C LEU A 162 13.10 27.88 20.48
N GLU A 163 13.39 27.31 19.31
CA GLU A 163 12.55 26.25 18.80
C GLU A 163 12.70 24.98 19.62
N GLU A 164 13.89 24.73 20.18
CA GLU A 164 14.08 23.59 21.05
C GLU A 164 13.49 23.82 22.44
N ARG A 165 13.29 25.08 22.83
CA ARG A 165 12.67 25.42 24.10
C ARG A 165 11.14 25.42 24.04
N GLU A 166 10.57 25.14 22.87
CA GLU A 166 9.12 25.13 22.67
C GLU A 166 8.50 26.47 23.04
N SER A 167 9.21 27.56 22.74
CA SER A 167 8.72 28.90 23.00
C SER A 167 9.02 29.78 21.79
N LYS A 168 8.10 30.70 21.50
CA LYS A 168 8.23 31.61 20.37
C LYS A 168 8.52 33.04 20.82
N ALA A 169 8.91 33.23 22.08
CA ALA A 169 9.19 34.56 22.64
C ALA A 169 7.98 35.49 22.47
N GLU A 170 6.78 34.94 22.67
CA GLU A 170 5.53 35.67 22.52
C GLU A 170 5.44 36.35 21.16
N LYS A 171 5.66 37.67 21.14
CA LYS A 171 5.64 38.45 19.92
C LYS A 171 6.92 39.28 19.84
N VAL A 172 7.05 40.03 18.75
CA VAL A 172 8.23 40.85 18.49
C VAL A 172 7.78 42.29 18.33
N LEU A 173 8.44 43.20 19.04
CA LEU A 173 8.14 44.62 18.99
C LEU A 173 9.17 45.33 18.11
N GLN A 174 8.68 46.13 17.17
CA GLN A 174 9.53 46.84 16.22
C GLN A 174 9.64 48.30 16.61
N PHE A 175 10.86 48.83 16.63
CA PHE A 175 11.13 50.21 16.98
C PHE A 175 11.88 50.85 15.81
N ASP A 176 11.22 51.77 15.12
CA ASP A 176 11.84 52.43 13.98
C ASP A 176 12.91 53.40 14.44
N PRO A 177 14.04 53.49 13.73
CA PRO A 177 15.10 54.42 14.13
C PRO A 177 14.71 55.87 13.86
N GLY A 178 15.35 56.77 14.60
CA GLY A 178 15.12 58.19 14.42
C GLY A 178 13.71 58.63 14.75
N THR A 179 13.16 58.16 15.85
CA THR A 179 11.81 58.51 16.29
C THR A 179 11.87 59.10 17.70
N LYS A 180 11.01 60.09 17.94
CA LYS A 180 10.95 60.75 19.25
C LYS A 180 9.67 60.43 20.03
N ASN A 181 8.55 60.20 19.33
CA ASN A 181 7.29 59.85 19.99
C ASN A 181 7.25 58.35 20.29
N VAL A 182 8.18 57.92 21.15
CA VAL A 182 8.30 56.50 21.47
C VAL A 182 7.28 56.06 22.51
N THR A 183 6.71 57.01 23.27
CA THR A 183 5.73 56.65 24.30
C THR A 183 4.45 56.06 23.70
N ALA A 184 4.21 56.27 22.41
CA ALA A 184 3.01 55.79 21.75
C ALA A 184 3.15 54.37 21.20
N LEU A 185 4.26 53.69 21.49
CA LEU A 185 4.47 52.33 20.99
C LEU A 185 5.05 51.45 22.09
N LEU A 186 4.66 51.68 23.35
CA LEU A 186 5.15 50.84 24.43
C LEU A 186 4.10 50.40 25.44
N MET A 187 2.87 50.91 25.39
CA MET A 187 1.88 50.53 26.40
C MET A 187 1.37 49.10 26.22
N GLU A 188 1.69 48.45 25.09
CA GLU A 188 1.31 47.05 24.92
C GLU A 188 1.99 46.17 25.96
N ALA A 189 3.19 46.54 26.40
CA ALA A 189 3.89 45.77 27.42
C ALA A 189 3.20 45.85 28.77
N LYS A 190 2.33 46.84 28.98
CA LYS A 190 1.62 46.97 30.25
C LYS A 190 0.63 45.82 30.48
N GLU A 191 0.19 45.15 29.41
CA GLU A 191 -0.75 44.04 29.51
C GLU A 191 -0.12 42.71 29.12
N LEU A 192 1.19 42.58 29.33
CA LEU A 192 1.92 41.37 29.00
C LEU A 192 2.39 40.69 30.28
N GLU A 193 2.33 39.35 30.29
CA GLU A 193 2.76 38.60 31.46
C GLU A 193 4.25 38.82 31.74
N ALA A 194 5.07 38.79 30.69
CA ALA A 194 6.50 38.97 30.85
C ALA A 194 6.81 40.45 30.95
N ARG A 195 7.47 40.86 32.04
CA ARG A 195 7.86 42.24 32.24
C ARG A 195 9.27 42.53 31.77
N VAL A 196 9.95 41.55 31.19
CA VAL A 196 11.30 41.75 30.70
C VAL A 196 11.28 42.71 29.51
N ILE A 197 12.39 43.42 29.32
CA ILE A 197 12.55 44.32 28.18
C ILE A 197 13.93 44.06 27.58
N ILE A 198 13.96 43.74 26.29
CA ILE A 198 15.20 43.52 25.55
C ILE A 198 15.31 44.61 24.49
N LEU A 199 16.40 45.38 24.53
CA LEU A 199 16.60 46.47 23.59
C LEU A 199 18.05 46.45 23.12
N SER A 200 18.24 46.35 21.80
CA SER A 200 19.56 46.41 21.17
C SER A 200 19.45 47.41 20.02
N ALA A 201 19.66 48.69 20.32
CA ALA A 201 19.51 49.74 19.32
C ALA A 201 20.69 50.71 19.36
N SER A 202 20.58 51.80 18.61
CA SER A 202 21.65 52.79 18.56
C SER A 202 21.73 53.55 19.88
N GLU A 203 22.86 54.25 20.07
CA GLU A 203 23.07 55.00 21.30
C GLU A 203 22.05 56.13 21.44
N ASP A 204 21.81 56.86 20.36
CA ASP A 204 20.83 57.94 20.39
C ASP A 204 19.40 57.41 20.37
N ASP A 205 19.17 56.29 19.68
CA ASP A 205 17.82 55.73 19.62
C ASP A 205 17.35 55.26 20.99
N ALA A 206 18.24 54.63 21.75
CA ALA A 206 17.87 54.16 23.09
C ALA A 206 17.55 55.32 24.02
N ALA A 207 18.25 56.45 23.87
CA ALA A 207 18.02 57.60 24.74
C ALA A 207 16.61 58.15 24.61
N THR A 208 15.95 57.94 23.46
CA THR A 208 14.59 58.41 23.30
C THR A 208 13.65 57.72 24.28
N VAL A 209 13.83 56.42 24.49
CA VAL A 209 13.01 55.70 25.46
C VAL A 209 13.53 55.87 26.88
N TYR A 210 14.82 56.16 27.04
CA TYR A 210 15.38 56.32 28.38
C TYR A 210 14.75 57.50 29.11
N ARG A 211 14.55 58.61 28.41
CA ARG A 211 13.91 59.77 29.00
C ARG A 211 12.39 59.63 29.10
N ALA A 212 11.82 58.62 28.46
CA ALA A 212 10.37 58.39 28.47
C ALA A 212 9.95 57.33 29.49
N ALA A 213 10.85 56.92 30.38
CA ALA A 213 10.59 55.87 31.36
C ALA A 213 10.32 56.44 32.74
N ALA A 214 9.66 57.58 32.83
CA ALA A 214 9.35 58.21 34.11
C ALA A 214 7.87 58.45 34.34
N MET A 215 7.13 58.83 33.30
CA MET A 215 5.70 59.09 33.46
C MET A 215 4.89 57.82 33.63
N LEU A 216 5.42 56.67 33.22
CA LEU A 216 4.72 55.39 33.34
C LEU A 216 5.11 54.63 34.60
N ASN A 217 5.84 55.28 35.52
CA ASN A 217 6.33 54.70 36.77
C ASN A 217 6.85 53.27 36.59
N MET A 218 7.56 53.03 35.50
CA MET A 218 8.17 51.73 35.24
C MET A 218 9.54 51.59 35.88
N THR A 219 10.09 52.66 36.46
CA THR A 219 11.37 52.59 37.14
C THR A 219 11.31 51.77 38.42
N GLY A 220 10.12 51.66 39.02
CA GLY A 220 9.97 50.95 40.28
C GLY A 220 10.10 49.45 40.18
N SER A 221 9.55 48.73 41.15
CA SER A 221 9.65 47.29 41.19
C SER A 221 8.79 46.65 40.10
N GLY A 222 9.04 45.37 39.84
CA GLY A 222 8.28 44.61 38.87
C GLY A 222 8.76 44.73 37.45
N TYR A 223 9.88 45.40 37.20
CA TYR A 223 10.41 45.58 35.85
C TYR A 223 11.88 45.19 35.82
N VAL A 224 12.27 44.50 34.74
CA VAL A 224 13.66 44.13 34.52
C VAL A 224 14.01 44.48 33.07
N TRP A 225 15.31 44.64 32.81
CA TRP A 225 15.78 45.10 31.53
C TRP A 225 16.92 44.20 31.03
N LEU A 226 17.07 44.15 29.71
CA LEU A 226 18.14 43.42 29.07
C LEU A 226 18.73 44.28 27.97
N VAL A 227 20.02 44.59 28.08
CA VAL A 227 20.70 45.47 27.14
C VAL A 227 22.04 44.82 26.76
N GLY A 228 22.82 45.53 25.94
CA GLY A 228 24.11 45.08 25.50
C GLY A 228 25.24 45.86 26.14
N GLU A 229 26.43 45.75 25.53
CA GLU A 229 27.61 46.44 26.00
C GLU A 229 27.81 47.80 25.33
N ARG A 230 26.90 48.22 24.46
CA ARG A 230 27.07 49.49 23.77
C ARG A 230 26.35 50.63 24.48
N GLU A 231 25.19 50.38 25.08
CA GLU A 231 24.40 51.41 25.72
C GLU A 231 24.75 51.61 27.19
N ILE A 232 25.70 50.82 27.72
CA ILE A 232 26.15 51.02 29.10
C ILE A 232 26.90 52.33 29.25
N SER A 233 27.38 52.90 28.14
CA SER A 233 28.08 54.18 28.19
C SER A 233 27.74 54.96 26.92
N GLY A 234 27.91 56.28 26.99
CA GLY A 234 27.62 57.15 25.88
C GLY A 234 26.57 58.19 26.24
N ASN A 235 25.75 58.56 25.26
CA ASN A 235 24.68 59.51 25.46
C ASN A 235 23.38 58.82 25.85
N ALA A 236 23.45 57.98 26.88
CA ALA A 236 22.28 57.27 27.38
C ALA A 236 22.20 57.20 28.90
N LEU A 237 23.31 57.37 29.63
CA LEU A 237 23.28 57.29 31.09
C LEU A 237 22.59 58.47 31.74
N ARG A 238 22.29 59.53 30.98
CA ARG A 238 21.61 60.68 31.56
C ARG A 238 20.18 60.37 31.97
N TYR A 239 19.58 59.31 31.41
CA TYR A 239 18.21 58.97 31.74
C TYR A 239 18.01 57.47 31.95
N ALA A 240 19.07 56.68 31.98
CA ALA A 240 18.93 55.24 32.19
C ALA A 240 18.48 54.97 33.62
N PRO A 241 17.40 54.21 33.82
CA PRO A 241 16.95 53.91 35.19
C PRO A 241 17.99 53.11 35.95
N ASP A 242 18.07 53.37 37.26
CA ASP A 242 18.99 52.66 38.11
C ASP A 242 18.59 51.19 38.22
N GLY A 243 19.58 50.30 38.21
CA GLY A 243 19.35 48.88 38.23
C GLY A 243 19.48 48.19 36.89
N ILE A 244 19.87 48.91 35.84
CA ILE A 244 20.03 48.30 34.53
C ILE A 244 21.27 47.41 34.54
N LEU A 245 21.11 46.17 34.07
CA LEU A 245 22.19 45.20 34.08
C LEU A 245 22.99 45.32 32.79
N GLY A 246 24.28 45.66 32.92
CA GLY A 246 25.17 45.78 31.79
C GLY A 246 26.00 44.53 31.56
N LEU A 247 26.83 44.58 30.52
CA LEU A 247 27.70 43.46 30.18
C LEU A 247 28.90 43.99 29.41
N GLN A 248 29.93 43.15 29.33
CA GLN A 248 31.14 43.47 28.58
C GLN A 248 31.90 42.20 28.30
N LEU A 249 32.68 42.21 27.21
CA LEU A 249 33.56 41.12 26.84
C LEU A 249 35.00 41.54 27.06
N ILE A 250 35.76 40.72 27.78
CA ILE A 250 37.13 41.08 28.13
C ILE A 250 38.03 40.94 26.91
N ASN A 251 39.15 41.67 26.95
CA ASN A 251 40.17 41.64 25.91
C ASN A 251 39.61 41.99 24.53
N GLY A 252 38.60 42.85 24.50
CA GLY A 252 38.00 43.27 23.24
C GLY A 252 38.32 44.71 22.88
N LYS A 253 38.96 45.42 23.81
CA LYS A 253 39.31 46.82 23.60
C LYS A 253 40.81 47.09 23.65
N ASN A 254 41.62 46.15 24.13
CA ASN A 254 43.06 46.34 24.21
C ASN A 254 43.64 46.14 22.81
N GLU A 255 43.75 47.25 22.07
CA GLU A 255 44.27 47.17 20.71
C GLU A 255 45.73 46.73 20.67
N SER A 256 46.48 47.00 21.74
CA SER A 256 47.87 46.55 21.79
C SER A 256 47.95 45.03 21.93
N ALA A 257 47.05 44.44 22.72
CA ALA A 257 47.06 42.99 22.89
C ALA A 257 46.59 42.29 21.63
N HIS A 258 45.61 42.86 20.93
CA HIS A 258 45.08 42.22 19.72
C HIS A 258 46.14 42.16 18.63
N ILE A 259 46.85 43.26 18.40
CA ILE A 259 47.88 43.28 17.35
C ILE A 259 49.05 42.40 17.75
N SER A 260 49.38 42.34 19.05
CA SER A 260 50.46 41.46 19.50
C SER A 260 50.12 40.00 19.24
N ASP A 261 48.87 39.61 19.50
CA ASP A 261 48.45 38.25 19.21
C ASP A 261 48.24 38.03 17.72
N ALA A 262 47.86 39.07 16.98
CA ALA A 262 47.62 38.93 15.54
C ALA A 262 48.91 38.57 14.81
N VAL A 263 50.01 39.25 15.14
CA VAL A 263 51.28 38.92 14.50
C VAL A 263 51.80 37.58 15.00
N GLY A 264 51.54 37.24 16.26
CA GLY A 264 52.03 35.98 16.80
C GLY A 264 51.41 34.76 16.14
N VAL A 265 50.09 34.78 15.93
CA VAL A 265 49.42 33.64 15.34
C VAL A 265 49.83 33.44 13.89
N VAL A 266 50.04 34.55 13.16
CA VAL A 266 50.43 34.44 11.76
C VAL A 266 51.92 34.19 11.60
N ALA A 267 52.73 34.47 12.62
CA ALA A 267 54.15 34.16 12.54
C ALA A 267 54.39 32.66 12.42
N GLN A 268 53.69 31.87 13.24
CA GLN A 268 53.78 30.42 13.13
C GLN A 268 53.00 29.90 11.92
N ALA A 269 51.95 30.61 11.51
CA ALA A 269 51.23 30.23 10.29
C ALA A 269 52.11 30.41 9.06
N VAL A 270 53.03 31.39 9.08
CA VAL A 270 54.00 31.54 8.00
C VAL A 270 54.89 30.31 7.92
N HIS A 271 55.30 29.78 9.08
CA HIS A 271 56.10 28.56 9.12
C HIS A 271 55.33 27.39 8.52
N GLU A 272 54.04 27.29 8.83
CA GLU A 272 53.23 26.22 8.25
C GLU A 272 52.93 26.46 6.78
N LEU A 273 52.90 27.72 6.35
CA LEU A 273 52.59 28.03 4.95
C LEU A 273 53.66 27.49 4.02
N LEU A 274 54.94 27.67 4.37
CA LEU A 274 56.05 27.27 3.51
C LEU A 274 56.34 25.77 3.66
N GLU A 275 55.33 24.97 3.31
CA GLU A 275 55.45 23.52 3.36
C GLU A 275 54.83 22.81 2.16
N LYS A 276 54.32 23.55 1.17
CA LYS A 276 53.70 22.93 0.01
C LYS A 276 54.23 23.55 -1.29
N GLU A 277 53.63 23.17 -2.41
CA GLU A 277 54.05 23.66 -3.72
C GLU A 277 53.14 24.79 -4.19
N ASN A 278 53.47 25.35 -5.35
CA ASN A 278 52.70 26.43 -5.96
C ASN A 278 52.58 27.64 -5.02
N ILE A 279 53.66 27.94 -4.31
CA ILE A 279 53.71 29.07 -3.40
C ILE A 279 54.46 30.19 -4.12
N THR A 280 53.72 31.09 -4.74
CA THR A 280 54.29 32.18 -5.53
C THR A 280 53.96 33.52 -4.89
N ASP A 281 54.91 34.45 -4.96
CA ASP A 281 54.71 35.77 -4.42
C ASP A 281 53.65 36.52 -5.24
N PRO A 282 52.85 37.35 -4.59
CA PRO A 282 51.86 38.14 -5.32
C PRO A 282 52.54 39.05 -6.32
N PRO A 283 51.91 39.33 -7.46
CA PRO A 283 52.52 40.21 -8.46
C PRO A 283 52.74 41.61 -7.91
N ARG A 284 53.82 42.24 -8.38
CA ARG A 284 54.15 43.58 -7.93
C ARG A 284 53.13 44.59 -8.46
N GLY A 285 52.71 45.50 -7.60
CA GLY A 285 51.75 46.51 -7.99
C GLY A 285 50.36 45.94 -8.22
N CYS A 286 49.51 46.76 -8.84
CA CYS A 286 48.15 46.38 -9.17
C CYS A 286 47.75 46.66 -10.61
N VAL A 287 48.42 47.60 -11.29
CA VAL A 287 48.10 47.87 -12.69
C VAL A 287 48.43 46.67 -13.56
N GLY A 288 49.61 46.08 -13.35
CA GLY A 288 50.01 44.92 -14.13
C GLY A 288 49.16 43.70 -13.88
N ASN A 289 48.71 43.50 -12.64
CA ASN A 289 47.94 42.32 -12.28
C ASN A 289 46.54 42.41 -12.84
N THR A 290 46.19 41.49 -13.73
CA THR A 290 44.84 41.40 -14.29
C THR A 290 44.16 40.06 -14.06
N ASN A 291 44.92 39.00 -13.80
CA ASN A 291 44.35 37.69 -13.51
C ASN A 291 44.19 37.52 -12.01
N ILE A 292 43.90 36.29 -11.57
CA ILE A 292 43.72 35.97 -10.15
C ILE A 292 44.90 35.13 -9.70
N TRP A 293 45.55 35.57 -8.62
CA TRP A 293 46.71 34.85 -8.11
C TRP A 293 46.31 33.48 -7.57
N LYS A 294 47.21 32.51 -7.74
CA LYS A 294 46.90 31.13 -7.38
C LYS A 294 46.76 30.93 -5.88
N THR A 295 47.65 31.54 -5.10
CA THR A 295 47.67 31.33 -3.64
C THR A 295 46.50 32.09 -3.02
N GLY A 296 45.32 31.47 -3.08
CA GLY A 296 44.11 32.06 -2.56
C GLY A 296 43.58 31.33 -1.35
N PRO A 297 42.60 30.45 -1.56
CA PRO A 297 42.00 29.72 -0.43
C PRO A 297 43.01 28.87 0.34
N LEU A 298 44.04 28.36 -0.33
CA LEU A 298 45.06 27.58 0.37
C LEU A 298 45.83 28.44 1.36
N PHE A 299 45.95 29.74 1.09
CA PHE A 299 46.60 30.64 2.04
C PHE A 299 45.81 30.73 3.34
N LYS A 300 44.49 30.82 3.25
CA LYS A 300 43.64 30.87 4.44
C LYS A 300 43.36 29.49 5.03
N ARG A 301 43.44 28.43 4.22
CA ARG A 301 43.15 27.09 4.73
C ARG A 301 44.15 26.67 5.80
N VAL A 302 45.44 26.92 5.55
CA VAL A 302 46.46 26.60 6.55
C VAL A 302 46.35 27.53 7.76
N LEU A 303 45.99 28.80 7.52
CA LEU A 303 45.88 29.75 8.62
C LEU A 303 44.76 29.35 9.58
N MET A 304 43.61 28.93 9.05
CA MET A 304 42.47 28.59 9.89
C MET A 304 42.44 27.11 10.25
N SER A 305 43.59 26.60 10.69
CA SER A 305 43.71 25.24 11.20
C SER A 305 44.58 25.23 12.45
N SER A 306 44.43 26.25 13.30
CA SER A 306 45.34 26.49 14.41
C SER A 306 44.56 26.72 15.70
N LYS A 307 45.22 26.41 16.81
CA LYS A 307 44.68 26.66 18.16
C LYS A 307 45.86 27.09 19.03
N TYR A 308 46.04 28.39 19.15
CA TYR A 308 47.18 28.97 19.87
C TYR A 308 46.69 29.62 21.15
N ALA A 309 47.40 29.35 22.25
CA ALA A 309 47.09 29.91 23.56
C ALA A 309 48.33 30.63 24.07
N ASP A 310 48.38 31.95 23.86
CA ASP A 310 49.53 32.74 24.30
C ASP A 310 49.09 34.20 24.41
N GLY A 311 49.90 34.98 25.13
CA GLY A 311 49.64 36.39 25.27
C GLY A 311 48.50 36.67 26.25
N VAL A 312 47.98 37.90 26.15
CA VAL A 312 46.92 38.33 27.06
C VAL A 312 45.62 37.60 26.76
N THR A 313 45.27 37.48 25.48
CA THR A 313 44.00 36.85 25.12
C THR A 313 44.09 35.33 25.19
N GLY A 314 44.94 34.73 24.36
CA GLY A 314 45.14 33.30 24.37
C GLY A 314 43.91 32.53 23.90
N ARG A 315 44.03 31.20 24.00
CA ARG A 315 42.97 30.23 23.68
C ARG A 315 42.18 30.66 22.45
N VAL A 316 42.89 30.79 21.33
CA VAL A 316 42.27 31.16 20.06
C VAL A 316 41.68 29.90 19.42
N GLU A 317 40.38 29.92 19.14
CA GLU A 317 39.66 28.80 18.55
C GLU A 317 38.75 29.29 17.43
N PHE A 318 39.29 30.14 16.56
CA PHE A 318 38.50 30.73 15.49
C PHE A 318 37.99 29.66 14.52
N ASN A 319 36.77 29.85 14.04
CA ASN A 319 36.17 28.95 13.06
C ASN A 319 35.24 29.74 12.16
N GLU A 320 34.97 29.15 10.99
CA GLU A 320 34.07 29.74 10.00
C GLU A 320 34.54 31.13 9.58
N ASP A 321 33.99 32.17 10.20
CA ASP A 321 34.35 33.54 9.88
C ASP A 321 35.59 34.02 10.61
N GLY A 322 36.18 33.19 11.45
CA GLY A 322 37.36 33.57 12.20
C GLY A 322 37.09 34.43 13.42
N ASP A 323 35.82 34.61 13.79
CA ASP A 323 35.48 35.43 14.94
C ASP A 323 35.90 34.76 16.24
N ARG A 324 36.01 35.58 17.29
CA ARG A 324 36.43 35.07 18.60
C ARG A 324 35.36 34.16 19.19
N LYS A 325 35.81 33.16 19.93
CA LYS A 325 34.93 32.23 20.62
C LYS A 325 35.43 32.03 22.05
N PHE A 326 34.52 31.67 22.94
CA PHE A 326 34.81 31.39 24.35
C PHE A 326 35.42 32.60 25.05
N ALA A 327 35.22 33.80 24.53
CA ALA A 327 35.73 35.00 25.17
C ALA A 327 34.99 35.26 26.48
N ASN A 328 35.73 35.71 27.48
CA ASN A 328 35.14 35.98 28.78
C ASN A 328 34.10 37.08 28.66
N TYR A 329 32.90 36.83 29.19
CA TYR A 329 31.77 37.73 29.09
C TYR A 329 31.35 38.16 30.49
N SER A 330 31.41 39.46 30.75
CA SER A 330 31.11 39.99 32.07
C SER A 330 29.65 40.46 32.15
N ILE A 331 29.17 40.61 33.38
CA ILE A 331 27.83 41.10 33.65
C ILE A 331 27.91 42.20 34.69
N MET A 332 27.35 43.36 34.36
CA MET A 332 27.33 44.51 35.26
C MET A 332 25.90 44.79 35.72
N ASN A 333 25.77 45.80 36.57
CA ASN A 333 24.47 46.24 37.06
C ASN A 333 24.61 47.67 37.56
N LEU A 334 23.58 48.48 37.32
CA LEU A 334 23.60 49.88 37.72
C LEU A 334 23.27 49.97 39.21
N GLN A 335 24.31 50.07 40.03
CA GLN A 335 24.18 50.19 41.48
C GLN A 335 24.53 51.63 41.85
N ASN A 336 23.51 52.49 41.89
CA ASN A 336 23.68 53.92 42.16
C ASN A 336 24.66 54.55 41.17
N ARG A 337 24.35 54.37 39.89
CA ARG A 337 25.17 54.88 38.78
C ARG A 337 26.59 54.33 38.85
N LYS A 338 26.69 53.02 38.72
CA LYS A 338 27.97 52.33 38.73
C LYS A 338 27.86 51.06 37.90
N LEU A 339 29.02 50.55 37.47
CA LEU A 339 29.10 49.32 36.68
C LEU A 339 29.93 48.32 37.47
N VAL A 340 29.26 47.53 38.31
CA VAL A 340 29.90 46.55 39.17
C VAL A 340 29.67 45.16 38.61
N GLN A 341 30.73 44.37 38.51
CA GLN A 341 30.62 43.02 37.98
C GLN A 341 29.90 42.12 38.98
N VAL A 342 29.05 41.24 38.45
CA VAL A 342 28.32 40.29 39.29
C VAL A 342 28.52 38.88 38.76
N GLY A 343 29.60 38.66 38.03
CA GLY A 343 29.91 37.35 37.51
C GLY A 343 30.86 37.44 36.34
N ILE A 344 31.13 36.28 35.75
CA ILE A 344 32.03 36.17 34.60
C ILE A 344 31.67 34.91 33.85
N TYR A 345 32.09 34.84 32.58
CA TYR A 345 31.81 33.71 31.70
C TYR A 345 33.13 33.04 31.36
N ASN A 346 33.34 31.83 31.90
CA ASN A 346 34.61 31.15 31.72
C ASN A 346 34.75 30.56 30.32
N GLY A 347 33.63 30.25 29.66
CA GLY A 347 33.67 29.63 28.35
C GLY A 347 32.62 28.55 28.21
N THR A 348 32.28 27.91 29.32
CA THR A 348 31.21 26.91 29.35
C THR A 348 29.92 27.44 29.96
N HIS A 349 30.02 28.36 30.91
CA HIS A 349 28.84 28.97 31.53
C HIS A 349 29.24 30.31 32.12
N VAL A 350 28.24 31.17 32.33
CA VAL A 350 28.46 32.48 32.93
C VAL A 350 28.33 32.28 34.44
N ILE A 351 29.47 32.09 35.09
CA ILE A 351 29.46 31.86 36.54
C ILE A 351 29.04 33.16 37.24
N PRO A 352 28.27 33.08 38.32
CA PRO A 352 27.89 34.31 39.04
C PRO A 352 28.95 34.73 40.05
N ASN A 353 28.65 35.77 40.82
CA ASN A 353 29.52 36.25 41.88
C ASN A 353 28.74 36.38 43.17
N ASP A 354 29.46 36.35 44.29
CA ASP A 354 28.83 36.45 45.60
C ASP A 354 28.21 37.82 45.85
N ARG A 355 28.53 38.82 45.03
CA ARG A 355 27.93 40.14 45.18
C ARG A 355 26.43 40.07 44.90
N LYS A 356 25.66 40.76 45.73
CA LYS A 356 24.21 40.75 45.57
C LYS A 356 23.81 41.47 44.29
N ILE A 357 22.67 41.04 43.73
CA ILE A 357 22.14 41.60 42.50
C ILE A 357 21.09 42.65 42.85
N ILE A 358 21.03 43.72 42.07
CA ILE A 358 20.12 44.83 42.29
C ILE A 358 19.28 45.04 41.04
N TRP A 359 17.97 45.19 41.24
CA TRP A 359 17.04 45.43 40.16
C TRP A 359 16.32 46.76 40.40
N PRO A 360 15.81 47.41 39.34
CA PRO A 360 15.17 48.72 39.53
C PRO A 360 13.99 48.65 40.50
N GLY A 361 13.87 49.68 41.32
CA GLY A 361 12.87 49.74 42.37
C GLY A 361 13.42 49.58 43.76
N GLY A 362 14.66 49.14 43.91
CA GLY A 362 15.29 49.00 45.22
C GLY A 362 14.92 47.76 45.99
N GLU A 363 14.12 46.86 45.43
CA GLU A 363 13.72 45.65 46.13
C GLU A 363 14.91 44.70 46.28
N THR A 364 14.98 44.05 47.43
CA THR A 364 16.07 43.10 47.67
C THR A 364 15.91 41.84 46.83
N GLU A 365 14.71 41.28 46.82
CA GLU A 365 14.46 40.06 46.06
C GLU A 365 14.29 40.37 44.58
N LYS A 366 14.64 39.40 43.74
CA LYS A 366 14.53 39.58 42.30
C LYS A 366 13.07 39.62 41.88
N PRO A 367 12.62 40.68 41.20
CA PRO A 367 11.25 40.69 40.69
C PRO A 367 11.05 39.63 39.63
N ARG A 368 9.83 39.11 39.55
CA ARG A 368 9.45 38.09 38.60
C ARG A 368 8.51 38.70 37.56
N GLY A 369 8.90 38.61 36.30
CA GLY A 369 8.06 39.12 35.22
C GLY A 369 6.99 38.14 34.82
N TYR A 370 5.98 37.96 35.68
CA TYR A 370 4.91 37.00 35.44
C TYR A 370 3.59 37.61 35.84
N GLN A 371 2.68 37.74 34.88
CA GLN A 371 1.31 38.16 35.12
C GLN A 371 0.36 37.10 34.59
N MET A 372 -0.93 37.30 34.85
CA MET A 372 -1.94 36.33 34.45
C MET A 372 -3.03 36.93 33.56
N SER A 373 -3.41 38.19 33.76
CA SER A 373 -4.42 38.87 32.97
C SER A 373 -5.75 38.09 33.01
N THR A 374 -6.32 38.05 34.21
CA THR A 374 -7.55 37.29 34.43
C THR A 374 -8.76 38.02 33.84
N ARG A 375 -8.72 38.26 32.53
CA ARG A 375 -9.85 38.84 31.82
C ARG A 375 -9.76 38.33 30.38
N LEU A 376 -10.50 37.28 30.08
CA LEU A 376 -10.39 36.60 28.80
C LEU A 376 -11.39 37.15 27.79
N LYS A 377 -10.99 37.13 26.52
CA LYS A 377 -11.88 37.43 25.40
C LYS A 377 -12.04 36.15 24.58
N ILE A 378 -13.28 35.74 24.38
CA ILE A 378 -13.56 34.44 23.78
C ILE A 378 -14.36 34.63 22.49
N VAL A 379 -14.25 33.63 21.61
CA VAL A 379 -14.87 33.67 20.28
C VAL A 379 -15.81 32.48 20.15
N THR A 380 -17.05 32.75 19.74
CA THR A 380 -18.03 31.68 19.52
C THR A 380 -18.67 31.81 18.14
N ILE A 381 -19.68 30.98 17.88
CA ILE A 381 -20.41 30.98 16.61
C ILE A 381 -21.89 30.76 16.93
N HIS A 382 -22.72 30.83 15.89
CA HIS A 382 -24.16 30.64 16.02
C HIS A 382 -24.51 29.26 15.45
N GLN A 383 -24.56 28.27 16.33
CA GLN A 383 -25.10 26.95 16.02
C GLN A 383 -26.30 26.72 16.92
N GLU A 384 -27.41 26.29 16.32
CA GLU A 384 -28.69 26.32 17.03
C GLU A 384 -28.71 25.49 18.30
N PRO A 385 -28.34 24.20 18.31
CA PRO A 385 -28.46 23.43 19.56
C PRO A 385 -27.55 23.91 20.67
N PHE A 386 -26.45 24.59 20.35
CA PHE A 386 -25.48 25.02 21.36
C PHE A 386 -25.62 26.49 21.72
N VAL A 387 -25.52 27.39 20.74
CA VAL A 387 -25.47 28.83 20.98
C VAL A 387 -26.57 29.49 20.16
N TYR A 388 -27.65 29.90 20.83
CA TYR A 388 -28.66 30.73 20.19
C TYR A 388 -28.21 32.20 20.22
N VAL A 389 -28.79 32.98 19.31
CA VAL A 389 -28.54 34.42 19.26
C VAL A 389 -29.88 35.14 19.13
N LYS A 390 -30.17 36.03 20.06
CA LYS A 390 -31.38 36.85 20.04
C LYS A 390 -31.03 38.28 20.42
N PRO A 391 -31.76 39.25 19.88
CA PRO A 391 -31.50 40.65 20.25
C PRO A 391 -32.14 41.02 21.57
N THR A 392 -31.49 41.97 22.26
CA THR A 392 -31.98 42.45 23.54
C THR A 392 -33.20 43.35 23.35
N LEU A 393 -33.93 43.57 24.44
CA LEU A 393 -35.17 44.33 24.33
C LEU A 393 -34.92 45.83 24.34
N SER A 394 -34.47 46.38 25.47
CA SER A 394 -34.06 47.78 25.51
C SER A 394 -32.86 48.06 26.42
N ASP A 395 -32.52 47.18 27.36
CA ASP A 395 -31.51 47.52 28.37
C ASP A 395 -30.59 46.34 28.69
N GLY A 396 -30.35 45.48 27.72
CA GLY A 396 -29.51 44.31 27.92
C GLY A 396 -30.27 43.10 28.45
N THR A 397 -31.25 43.34 29.31
CA THR A 397 -32.11 42.25 29.78
C THR A 397 -32.90 41.68 28.61
N CYS A 398 -32.81 40.36 28.43
CA CYS A 398 -33.36 39.68 27.27
C CYS A 398 -34.64 38.93 27.60
N LYS A 399 -35.51 39.55 28.40
CA LYS A 399 -36.81 39.00 28.82
C LYS A 399 -36.66 37.55 29.29
N GLU A 400 -35.94 37.43 30.40
CA GLU A 400 -35.59 36.13 30.96
C GLU A 400 -36.84 35.28 31.19
N GLU A 401 -36.77 34.02 30.79
CA GLU A 401 -37.85 33.07 30.94
C GLU A 401 -37.40 31.93 31.85
N PHE A 402 -38.31 30.99 32.08
CA PHE A 402 -38.04 29.84 32.93
C PHE A 402 -38.42 28.57 32.19
N THR A 403 -37.66 27.51 32.45
CA THR A 403 -37.90 26.23 31.80
C THR A 403 -39.19 25.60 32.33
N VAL A 404 -39.52 24.42 31.79
CA VAL A 404 -40.71 23.71 32.24
C VAL A 404 -40.60 23.36 33.71
N ASN A 405 -39.43 22.85 34.13
CA ASN A 405 -39.20 22.59 35.54
C ASN A 405 -39.09 23.88 36.34
N GLY A 406 -38.53 24.93 35.73
CA GLY A 406 -38.38 26.23 36.36
C GLY A 406 -36.97 26.75 36.18
N ASP A 407 -36.66 27.80 36.95
CA ASP A 407 -35.36 28.48 37.01
C ASP A 407 -35.06 29.22 35.72
N PRO A 408 -34.41 30.38 35.79
CA PRO A 408 -34.07 31.11 34.56
C PRO A 408 -32.94 30.43 33.80
N VAL A 409 -32.89 30.68 32.50
CA VAL A 409 -31.81 30.22 31.65
C VAL A 409 -30.72 31.29 31.63
N LYS A 410 -29.49 30.90 31.94
CA LYS A 410 -28.41 31.86 32.06
C LYS A 410 -28.06 32.45 30.69
N LYS A 411 -27.82 33.76 30.67
CA LYS A 411 -27.53 34.48 29.44
C LYS A 411 -26.29 35.34 29.64
N VAL A 412 -25.65 35.70 28.52
CA VAL A 412 -24.49 36.58 28.51
C VAL A 412 -24.57 37.46 27.27
N ILE A 413 -24.15 38.71 27.42
CA ILE A 413 -24.30 39.72 26.37
C ILE A 413 -23.15 39.57 25.38
N CYS A 414 -23.48 39.25 24.13
CA CYS A 414 -22.51 39.13 23.06
C CYS A 414 -22.58 40.33 22.13
N THR A 415 -21.43 40.75 21.61
CA THR A 415 -21.33 41.83 20.66
C THR A 415 -20.76 41.31 19.36
N GLY A 416 -21.40 41.64 18.24
CA GLY A 416 -20.97 41.18 16.94
C GLY A 416 -21.86 41.65 15.82
N PRO A 417 -21.58 41.18 14.60
CA PRO A 417 -22.39 41.58 13.45
C PRO A 417 -23.83 41.10 13.57
N ASN A 418 -24.73 41.84 12.94
CA ASN A 418 -26.16 41.56 12.98
C ASN A 418 -26.69 40.98 11.69
N ASP A 419 -26.39 41.60 10.55
CA ASP A 419 -26.89 41.17 9.25
C ASP A 419 -25.91 40.25 8.52
N THR A 420 -25.00 39.62 9.26
CA THR A 420 -23.98 38.69 8.76
C THR A 420 -22.94 39.38 7.87
N SER A 421 -23.07 40.68 7.64
CA SER A 421 -22.12 41.44 6.82
C SER A 421 -21.89 40.80 5.45
N PRO A 422 -22.92 40.75 4.59
CA PRO A 422 -22.76 40.17 3.24
C PRO A 422 -22.25 41.21 2.24
N GLY A 423 -21.07 41.76 2.52
CA GLY A 423 -20.50 42.84 1.73
C GLY A 423 -20.87 44.22 2.21
N SER A 424 -21.79 44.34 3.16
CA SER A 424 -22.18 45.63 3.73
C SER A 424 -22.16 45.52 5.25
N PRO A 425 -20.97 45.53 5.85
CA PRO A 425 -20.89 45.42 7.31
C PRO A 425 -21.55 46.61 8.00
N ARG A 426 -22.20 46.34 9.12
CA ARG A 426 -22.91 47.34 9.89
C ARG A 426 -22.23 47.53 11.25
N HIS A 427 -22.62 48.59 11.94
CA HIS A 427 -22.11 48.84 13.28
C HIS A 427 -22.51 47.72 14.22
N THR A 428 -21.56 47.26 15.02
CA THR A 428 -21.81 46.13 15.91
C THR A 428 -22.86 46.50 16.96
N VAL A 429 -23.75 45.55 17.24
CA VAL A 429 -24.85 45.77 18.17
C VAL A 429 -24.86 44.65 19.21
N PRO A 430 -24.99 44.96 20.50
CA PRO A 430 -24.99 43.90 21.51
C PRO A 430 -26.24 43.03 21.43
N GLN A 431 -26.03 41.73 21.61
CA GLN A 431 -27.11 40.75 21.67
C GLN A 431 -26.92 39.86 22.89
N CYS A 432 -27.74 38.81 23.03
CA CYS A 432 -27.58 37.87 24.13
C CYS A 432 -27.43 36.46 23.59
N CYS A 433 -26.64 35.66 24.30
CA CYS A 433 -26.37 34.28 23.93
C CYS A 433 -26.65 33.36 25.10
N TYR A 434 -27.00 32.11 24.80
CA TYR A 434 -27.29 31.11 25.82
C TYR A 434 -27.30 29.74 25.16
N GLY A 435 -27.40 28.70 25.99
CA GLY A 435 -27.53 27.36 25.50
C GLY A 435 -26.56 26.42 26.18
N PHE A 436 -26.26 25.32 25.49
CA PHE A 436 -25.42 24.27 26.05
C PHE A 436 -24.01 24.78 26.32
N CYS A 437 -23.38 25.39 25.32
CA CYS A 437 -21.97 25.76 25.44
C CYS A 437 -21.76 26.85 26.49
N ILE A 438 -22.65 27.85 26.52
CA ILE A 438 -22.49 28.94 27.48
C ILE A 438 -22.66 28.44 28.90
N ASP A 439 -23.56 27.48 29.11
CA ASP A 439 -23.70 26.88 30.44
C ASP A 439 -22.41 26.23 30.88
N LEU A 440 -21.71 25.54 29.97
CA LEU A 440 -20.41 25.00 30.29
C LEU A 440 -19.40 26.10 30.60
N LEU A 441 -19.45 27.19 29.83
CA LEU A 441 -18.52 28.30 30.07
C LEU A 441 -18.75 28.93 31.43
N ILE A 442 -20.01 29.06 31.84
CA ILE A 442 -20.31 29.62 33.15
C ILE A 442 -19.72 28.75 34.26
N LYS A 443 -19.90 27.43 34.15
CA LYS A 443 -19.39 26.53 35.18
C LYS A 443 -17.86 26.53 35.22
N LEU A 444 -17.22 26.58 34.04
CA LEU A 444 -15.77 26.56 33.99
C LEU A 444 -15.16 27.77 34.70
N ALA A 445 -15.76 28.95 34.51
CA ALA A 445 -15.24 30.16 35.14
C ALA A 445 -15.38 30.14 36.65
N ARG A 446 -16.35 29.40 37.19
CA ARG A 446 -16.55 29.38 38.64
C ARG A 446 -15.48 28.56 39.34
N THR A 447 -15.09 27.42 38.76
CA THR A 447 -14.08 26.57 39.40
C THR A 447 -12.72 27.25 39.40
N MET A 448 -12.20 27.57 38.21
CA MET A 448 -10.97 28.34 38.07
C MET A 448 -11.39 29.76 37.68
N ASN A 449 -11.24 30.69 38.62
CA ASN A 449 -11.87 31.99 38.51
C ASN A 449 -11.18 32.84 37.44
N PHE A 450 -11.96 33.34 36.48
CA PHE A 450 -11.51 34.35 35.56
C PHE A 450 -12.73 35.11 35.04
N THR A 451 -12.49 36.30 34.51
CA THR A 451 -13.52 37.10 33.87
C THR A 451 -13.48 36.88 32.36
N TYR A 452 -14.64 37.07 31.73
CA TYR A 452 -14.79 36.71 30.32
C TYR A 452 -15.74 37.68 29.64
N GLU A 453 -15.50 37.89 28.35
CA GLU A 453 -16.40 38.63 27.48
C GLU A 453 -16.51 37.87 26.17
N VAL A 454 -17.73 37.78 25.64
CA VAL A 454 -18.03 37.00 24.46
C VAL A 454 -18.31 37.95 23.29
N HIS A 455 -17.54 37.79 22.22
CA HIS A 455 -17.78 38.54 20.98
C HIS A 455 -17.83 37.56 19.82
N LEU A 456 -18.86 37.72 18.99
CA LEU A 456 -19.02 36.83 17.86
C LEU A 456 -17.97 37.10 16.78
N VAL A 457 -17.71 36.09 15.97
CA VAL A 457 -16.68 36.22 14.95
C VAL A 457 -17.14 37.18 13.85
N ALA A 458 -16.16 37.76 13.15
CA ALA A 458 -16.46 38.81 12.19
C ALA A 458 -17.18 38.26 10.96
N ASP A 459 -16.70 37.15 10.40
CA ASP A 459 -17.26 36.63 9.16
C ASP A 459 -18.38 35.64 9.41
N GLY A 460 -18.09 34.55 10.12
CA GLY A 460 -19.10 33.55 10.40
C GLY A 460 -18.72 32.17 9.88
N LYS A 461 -17.43 31.95 9.64
CA LYS A 461 -16.93 30.70 9.10
C LYS A 461 -16.11 29.99 10.17
N PHE A 462 -16.23 28.65 10.19
CA PHE A 462 -15.60 27.87 11.25
C PHE A 462 -14.08 27.98 11.24
N GLY A 463 -13.48 28.28 10.11
CA GLY A 463 -12.04 28.50 10.06
C GLY A 463 -11.22 27.32 9.59
N THR A 464 -10.46 27.52 8.51
CA THR A 464 -9.56 26.51 7.98
C THR A 464 -8.32 27.21 7.46
N GLN A 465 -7.48 26.46 6.75
CA GLN A 465 -6.24 26.97 6.18
C GLN A 465 -6.38 27.07 4.68
N GLU A 466 -6.03 28.23 4.12
CA GLU A 466 -6.15 28.48 2.69
C GLU A 466 -4.83 28.99 2.13
N ARG A 467 -4.62 28.73 0.85
CA ARG A 467 -3.39 29.17 0.18
C ARG A 467 -3.67 30.46 -0.61
N VAL A 468 -3.86 31.54 0.15
CA VAL A 468 -4.11 32.84 -0.43
C VAL A 468 -3.29 33.91 0.29
N LYS A 473 -0.07 34.53 1.72
CA LYS A 473 0.44 33.18 1.53
C LYS A 473 -0.49 32.14 2.14
N LYS A 474 -0.20 31.73 3.36
CA LYS A 474 -1.01 30.75 4.08
C LYS A 474 -1.35 31.30 5.46
N GLU A 475 -2.63 31.51 5.72
CA GLU A 475 -3.11 31.96 7.02
C GLU A 475 -4.43 31.26 7.30
N TRP A 476 -5.11 31.71 8.35
CA TRP A 476 -6.36 31.10 8.78
C TRP A 476 -7.45 32.15 8.87
N ASN A 477 -8.64 31.79 8.42
CA ASN A 477 -9.79 32.70 8.37
C ASN A 477 -10.81 32.34 9.44
N GLY A 478 -11.83 33.18 9.54
CA GLY A 478 -12.94 32.89 10.44
C GLY A 478 -12.50 32.81 11.89
N MET A 479 -12.89 31.71 12.54
CA MET A 479 -12.59 31.53 13.96
C MET A 479 -11.09 31.53 14.22
N MET A 480 -10.35 30.71 13.47
CA MET A 480 -8.94 30.49 13.79
C MET A 480 -8.12 31.77 13.66
N GLY A 481 -8.40 32.57 12.62
CA GLY A 481 -7.67 33.81 12.43
C GLY A 481 -7.77 34.77 13.59
N GLU A 482 -8.82 34.65 14.40
CA GLU A 482 -8.99 35.50 15.57
C GLU A 482 -8.33 34.96 16.82
N LEU A 483 -7.82 33.72 16.78
CA LEU A 483 -7.21 33.12 17.97
C LEU A 483 -5.70 33.31 18.00
N LEU A 484 -5.00 32.93 16.93
CA LEU A 484 -3.55 33.09 16.91
C LEU A 484 -3.15 34.57 16.88
N SER A 485 -3.94 35.40 16.18
CA SER A 485 -3.57 36.80 15.99
C SER A 485 -3.64 37.61 17.28
N GLY A 486 -4.24 37.08 18.35
CA GLY A 486 -4.21 37.72 19.65
C GLY A 486 -5.50 38.37 20.10
N GLN A 487 -6.55 38.37 19.27
CA GLN A 487 -7.82 38.95 19.68
C GLN A 487 -8.69 37.98 20.47
N ALA A 488 -8.22 36.76 20.70
CA ALA A 488 -8.98 35.77 21.46
C ALA A 488 -8.01 34.86 22.21
N ASP A 489 -8.55 34.17 23.22
CA ASP A 489 -7.77 33.23 24.00
C ASP A 489 -8.37 31.84 24.08
N MET A 490 -9.68 31.69 23.91
CA MET A 490 -10.34 30.40 23.94
C MET A 490 -11.38 30.34 22.82
N ILE A 491 -11.82 29.14 22.50
CA ILE A 491 -12.87 28.91 21.51
C ILE A 491 -13.88 27.97 22.15
N VAL A 492 -14.94 28.52 22.74
CA VAL A 492 -16.02 27.73 23.31
C VAL A 492 -17.10 27.64 22.24
N ALA A 493 -16.99 26.62 21.40
CA ALA A 493 -17.91 26.41 20.29
C ALA A 493 -17.68 25.00 19.75
N PRO A 494 -18.57 24.48 18.90
CA PRO A 494 -18.30 23.17 18.30
C PRO A 494 -17.12 23.20 17.35
N LEU A 495 -15.99 22.67 17.78
CA LEU A 495 -14.76 22.65 17.01
C LEU A 495 -14.28 21.21 16.90
N THR A 496 -14.28 20.66 15.69
CA THR A 496 -13.87 19.28 15.50
C THR A 496 -12.36 19.15 15.65
N ILE A 497 -11.93 18.04 16.25
CA ILE A 497 -10.51 17.76 16.43
C ILE A 497 -9.96 17.20 15.13
N ASN A 498 -8.93 17.85 14.58
CA ASN A 498 -8.36 17.47 13.30
C ASN A 498 -6.84 17.43 13.41
N ASN A 499 -6.24 16.50 12.65
CA ASN A 499 -4.79 16.40 12.63
C ASN A 499 -4.15 17.64 12.00
N GLU A 500 -4.76 18.18 10.94
CA GLU A 500 -4.16 19.29 10.23
C GLU A 500 -4.04 20.53 11.12
N ARG A 501 -5.04 20.81 11.94
CA ARG A 501 -5.05 21.95 12.83
C ARG A 501 -4.72 21.59 14.27
N ALA A 502 -3.92 20.54 14.48
CA ALA A 502 -3.50 20.14 15.81
C ALA A 502 -2.06 20.57 16.13
N GLN A 503 -1.39 21.24 15.19
CA GLN A 503 -0.02 21.71 15.40
C GLN A 503 0.06 23.20 15.70
N TYR A 504 -0.75 24.01 15.01
CA TYR A 504 -0.74 25.45 15.27
C TYR A 504 -1.36 25.76 16.64
N ILE A 505 -2.47 25.10 16.97
CA ILE A 505 -3.12 25.26 18.26
C ILE A 505 -3.31 23.89 18.89
N GLU A 506 -3.49 23.88 20.21
CA GLU A 506 -3.68 22.65 20.96
C GLU A 506 -5.09 22.58 21.52
N PHE A 507 -5.66 21.38 21.49
CA PHE A 507 -7.04 21.15 21.88
C PHE A 507 -7.11 20.66 23.33
N SER A 508 -8.30 20.26 23.76
CA SER A 508 -8.53 19.71 25.09
C SER A 508 -9.38 18.46 24.95
N LYS A 509 -9.63 17.80 26.08
CA LYS A 509 -10.46 16.60 26.07
C LYS A 509 -11.89 16.96 25.67
N PRO A 510 -12.50 16.19 24.77
CA PRO A 510 -13.79 16.59 24.21
C PRO A 510 -14.91 16.58 25.23
N PHE A 511 -15.92 17.43 24.99
CA PHE A 511 -17.14 17.35 25.79
C PHE A 511 -17.89 16.06 25.48
N LYS A 512 -18.25 15.87 24.21
CA LYS A 512 -19.03 14.73 23.79
C LYS A 512 -18.45 14.19 22.48
N TYR A 513 -18.70 12.91 22.23
CA TYR A 513 -18.24 12.25 21.02
C TYR A 513 -19.38 12.15 20.01
N GLN A 514 -19.03 12.27 18.73
CA GLN A 514 -20.04 12.37 17.69
C GLN A 514 -19.45 11.81 16.40
N GLY A 515 -20.15 12.06 15.29
CA GLY A 515 -19.71 11.62 13.99
C GLY A 515 -20.38 12.41 12.88
N LEU A 516 -20.21 11.93 11.66
CA LEU A 516 -20.76 12.56 10.48
C LEU A 516 -21.84 11.67 9.87
N THR A 517 -23.01 12.26 9.59
CA THR A 517 -24.13 11.54 9.01
C THR A 517 -24.69 12.35 7.85
N ILE A 518 -25.77 11.83 7.25
CA ILE A 518 -26.41 12.45 6.11
C ILE A 518 -27.90 12.58 6.39
N LEU A 519 -28.45 13.77 6.14
CA LEU A 519 -29.86 14.05 6.34
C LEU A 519 -30.53 14.29 5.00
N VAL A 520 -31.64 13.57 4.76
CA VAL A 520 -32.39 13.68 3.52
C VAL A 520 -33.87 13.80 3.84
N LYS A 521 -34.63 14.26 2.86
CA LYS A 521 -36.07 14.39 3.01
C LYS A 521 -36.76 13.02 2.95
N LYS A 522 -38.03 13.00 3.32
CA LYS A 522 -38.83 11.78 3.30
C LYS A 522 -40.13 12.04 2.54
N GLU A 523 -40.69 10.97 1.99
CA GLU A 523 -41.94 11.07 1.25
C GLU A 523 -42.71 9.76 1.33
N ASP A 530 -57.14 9.00 -2.62
CA ASP A 530 -56.90 8.13 -3.77
C ASP A 530 -56.20 6.84 -3.35
N SER A 531 -56.63 6.28 -2.22
CA SER A 531 -56.06 5.05 -1.72
C SER A 531 -56.72 3.80 -2.30
N PHE A 532 -57.73 3.97 -3.16
CA PHE A 532 -58.47 2.84 -3.71
C PHE A 532 -58.64 3.04 -5.22
N MET A 533 -59.12 1.99 -5.88
CA MET A 533 -59.45 1.96 -7.31
C MET A 533 -58.22 2.19 -8.18
N GLN A 534 -57.00 2.05 -7.63
CA GLN A 534 -55.81 2.28 -8.44
C GLN A 534 -55.53 1.14 -9.41
N PRO A 535 -55.36 -0.12 -8.96
CA PRO A 535 -54.96 -1.16 -9.92
C PRO A 535 -56.14 -1.71 -10.71
N PHE A 536 -56.71 -0.86 -11.56
CA PHE A 536 -57.85 -1.23 -12.39
C PHE A 536 -57.72 -0.60 -13.77
N GLN A 537 -58.38 -1.23 -14.73
CA GLN A 537 -58.39 -0.76 -16.11
C GLN A 537 -59.83 -0.62 -16.58
N SER A 538 -60.14 0.53 -17.18
CA SER A 538 -61.52 0.80 -17.58
C SER A 538 -62.01 -0.19 -18.62
N THR A 539 -61.17 -0.50 -19.62
CA THR A 539 -61.55 -1.49 -20.61
C THR A 539 -61.73 -2.86 -19.99
N LEU A 540 -60.85 -3.24 -19.07
CA LEU A 540 -61.03 -4.48 -18.32
C LEU A 540 -62.24 -4.38 -17.40
N TRP A 541 -62.47 -3.20 -16.81
CA TRP A 541 -63.70 -2.97 -16.06
C TRP A 541 -64.93 -3.00 -16.94
N LEU A 542 -64.78 -2.74 -18.24
CA LEU A 542 -65.93 -2.74 -19.14
C LEU A 542 -66.44 -4.16 -19.38
N LEU A 543 -65.54 -5.12 -19.59
CA LEU A 543 -65.98 -6.48 -19.88
C LEU A 543 -66.74 -7.09 -18.70
N VAL A 544 -66.26 -6.87 -17.48
CA VAL A 544 -67.00 -7.33 -16.31
C VAL A 544 -68.25 -6.48 -16.11
N GLY A 545 -68.13 -5.17 -16.34
CA GLY A 545 -69.29 -4.29 -16.18
C GLY A 545 -70.42 -4.61 -17.13
N LEU A 546 -70.09 -4.94 -18.37
CA LEU A 546 -71.09 -5.29 -19.37
C LEU A 546 -71.45 -6.77 -19.35
N SER A 547 -70.75 -7.59 -18.57
CA SER A 547 -71.04 -9.02 -18.53
C SER A 547 -72.42 -9.28 -17.93
N VAL A 548 -72.78 -8.54 -16.88
CA VAL A 548 -74.05 -8.77 -16.19
C VAL A 548 -75.23 -8.51 -17.13
N HIS A 549 -75.14 -7.42 -17.92
CA HIS A 549 -76.23 -7.10 -18.82
C HIS A 549 -76.44 -8.18 -19.87
N VAL A 550 -75.36 -8.73 -20.40
CA VAL A 550 -75.47 -9.78 -21.41
C VAL A 550 -76.09 -11.03 -20.82
N VAL A 551 -75.67 -11.42 -19.62
CA VAL A 551 -76.15 -12.67 -19.04
C VAL A 551 -77.54 -12.51 -18.42
N ALA A 552 -77.91 -11.29 -18.04
CA ALA A 552 -79.22 -11.09 -17.42
C ALA A 552 -80.35 -11.33 -18.42
N VAL A 553 -80.22 -10.79 -19.63
CA VAL A 553 -81.25 -10.98 -20.64
C VAL A 553 -81.27 -12.44 -21.12
N MET A 554 -80.09 -13.06 -21.21
CA MET A 554 -80.02 -14.44 -21.68
C MET A 554 -80.69 -15.39 -20.70
N LEU A 555 -80.53 -15.16 -19.39
CA LEU A 555 -81.12 -16.05 -18.39
C LEU A 555 -82.63 -16.00 -18.43
N TYR A 556 -83.21 -14.82 -18.59
CA TYR A 556 -84.66 -14.68 -18.55
C TYR A 556 -85.33 -15.38 -19.73
N LEU A 557 -84.84 -15.13 -20.94
CA LEU A 557 -85.46 -15.69 -22.13
C LEU A 557 -85.20 -17.18 -22.30
N LEU A 558 -84.30 -17.76 -21.52
CA LEU A 558 -83.99 -19.18 -21.66
C LEU A 558 -85.15 -20.06 -21.20
N ASP A 559 -85.92 -19.62 -20.22
CA ASP A 559 -86.98 -20.43 -19.64
C ASP A 559 -88.28 -20.41 -20.43
N ARG A 560 -88.35 -19.63 -21.51
CA ARG A 560 -89.59 -19.57 -22.29
C ARG A 560 -89.91 -20.90 -22.94
N PHE A 561 -88.89 -21.59 -23.47
CA PHE A 561 -89.11 -22.86 -24.15
C PHE A 561 -89.32 -24.03 -23.19
N SER A 562 -89.06 -23.84 -21.90
CA SER A 562 -89.25 -24.92 -20.95
C SER A 562 -90.74 -25.24 -20.79
N PRO A 563 -91.12 -26.52 -20.64
CA PRO A 563 -92.51 -26.91 -20.47
C PRO A 563 -93.06 -26.55 -19.10
N LEU A 579 -89.74 -16.13 -17.04
CA LEU A 579 -89.07 -15.15 -16.19
C LEU A 579 -89.28 -13.74 -16.72
N THR A 580 -89.98 -12.91 -15.94
CA THR A 580 -90.26 -11.54 -16.35
C THR A 580 -88.97 -10.73 -16.42
N LEU A 581 -88.98 -9.72 -17.30
CA LEU A 581 -87.80 -8.89 -17.49
C LEU A 581 -87.46 -8.09 -16.23
N SER A 582 -88.48 -7.69 -15.46
CA SER A 582 -88.22 -6.93 -14.24
C SER A 582 -87.42 -7.74 -13.23
N SER A 583 -87.76 -9.02 -13.07
CA SER A 583 -87.00 -9.88 -12.17
C SER A 583 -85.58 -10.09 -12.67
N ALA A 584 -85.40 -10.23 -13.98
CA ALA A 584 -84.07 -10.44 -14.54
C ALA A 584 -83.12 -9.29 -14.25
N MET A 585 -83.64 -8.09 -14.01
CA MET A 585 -82.84 -6.95 -13.58
C MET A 585 -82.96 -6.68 -12.09
N TRP A 586 -83.53 -7.62 -11.32
CA TRP A 586 -83.72 -7.46 -9.89
C TRP A 586 -82.89 -8.43 -9.07
N PHE A 587 -83.01 -9.73 -9.33
CA PHE A 587 -82.30 -10.74 -8.56
C PHE A 587 -81.05 -11.26 -9.27
N SER A 588 -80.70 -10.70 -10.43
CA SER A 588 -79.50 -11.10 -11.15
C SER A 588 -78.35 -10.11 -10.95
N TRP A 589 -78.64 -8.81 -10.91
CA TRP A 589 -77.61 -7.83 -10.60
C TRP A 589 -77.08 -8.01 -9.19
N GLY A 590 -77.97 -8.27 -8.23
CA GLY A 590 -77.56 -8.38 -6.85
C GLY A 590 -76.66 -9.58 -6.57
N VAL A 591 -77.01 -10.74 -7.12
CA VAL A 591 -76.29 -11.97 -6.79
C VAL A 591 -74.84 -11.89 -7.27
N LEU A 592 -74.63 -11.39 -8.49
CA LEU A 592 -73.27 -11.17 -8.97
C LEU A 592 -72.54 -10.16 -8.10
N LEU A 593 -73.26 -9.13 -7.67
CA LEU A 593 -72.73 -8.15 -6.73
C LEU A 593 -72.79 -8.65 -5.28
N ASN A 594 -73.38 -9.83 -5.06
CA ASN A 594 -73.54 -10.41 -3.73
C ASN A 594 -74.36 -9.48 -2.83
N SER A 595 -75.61 -9.26 -3.25
CA SER A 595 -76.54 -8.40 -2.53
C SER A 595 -77.82 -9.14 -2.23
N GLY A 596 -78.46 -8.76 -1.13
CA GLY A 596 -79.74 -9.33 -0.74
C GLY A 596 -80.92 -8.82 -1.51
N ILE A 597 -80.74 -7.78 -2.33
CA ILE A 597 -81.82 -7.26 -3.16
C ILE A 597 -82.12 -8.25 -4.26
N GLY A 598 -83.39 -8.64 -4.35
CA GLY A 598 -83.80 -9.62 -5.34
C GLY A 598 -84.75 -10.65 -4.79
N GLU A 599 -85.43 -11.39 -5.66
CA GLU A 599 -86.40 -12.38 -5.23
C GLU A 599 -86.44 -13.52 -6.23
N GLY A 600 -86.94 -14.67 -5.77
CA GLY A 600 -87.10 -15.83 -6.63
C GLY A 600 -85.86 -16.71 -6.68
N ALA A 601 -86.08 -17.93 -7.15
CA ALA A 601 -85.05 -18.93 -7.33
C ALA A 601 -85.22 -19.56 -8.70
N PRO A 602 -84.16 -20.15 -9.26
CA PRO A 602 -84.31 -20.84 -10.55
C PRO A 602 -85.36 -21.94 -10.47
N ARG A 603 -86.17 -22.04 -11.52
CA ARG A 603 -87.33 -22.91 -11.54
C ARG A 603 -87.19 -24.06 -12.53
N SER A 604 -86.92 -23.76 -13.80
CA SER A 604 -86.81 -24.80 -14.80
C SER A 604 -85.54 -25.62 -14.61
N PHE A 605 -85.55 -26.83 -15.17
CA PHE A 605 -84.36 -27.66 -15.15
C PHE A 605 -83.20 -26.97 -15.86
N SER A 606 -83.48 -26.37 -17.02
CA SER A 606 -82.46 -25.57 -17.69
C SER A 606 -82.09 -24.35 -16.86
N ALA A 607 -83.07 -23.77 -16.15
CA ALA A 607 -82.77 -22.68 -15.22
C ALA A 607 -81.95 -23.17 -14.03
N ARG A 608 -82.17 -24.42 -13.60
CA ARG A 608 -81.38 -24.96 -12.49
C ARG A 608 -79.91 -25.06 -12.86
N ILE A 609 -79.61 -25.51 -14.08
CA ILE A 609 -78.22 -25.61 -14.52
C ILE A 609 -77.60 -24.26 -14.81
N LEU A 610 -78.41 -23.20 -14.90
CA LEU A 610 -77.87 -21.86 -15.12
C LEU A 610 -77.03 -21.40 -13.93
N GLY A 611 -77.46 -21.73 -12.72
CA GLY A 611 -76.86 -21.16 -11.52
C GLY A 611 -75.43 -21.61 -11.25
N MET A 612 -75.03 -22.76 -11.79
CA MET A 612 -73.69 -23.28 -11.52
C MET A 612 -72.62 -22.29 -11.94
N VAL A 613 -72.56 -21.99 -13.24
CA VAL A 613 -71.62 -20.99 -13.73
C VAL A 613 -72.02 -19.61 -13.22
N TRP A 614 -73.33 -19.35 -13.10
CA TRP A 614 -73.80 -18.05 -12.64
C TRP A 614 -73.26 -17.75 -11.24
N ALA A 615 -73.43 -18.69 -10.31
CA ALA A 615 -72.88 -18.49 -8.97
C ALA A 615 -71.36 -18.53 -9.00
N GLY A 616 -70.78 -19.47 -9.76
CA GLY A 616 -69.33 -19.65 -9.79
C GLY A 616 -68.55 -18.44 -10.25
N PHE A 617 -69.21 -17.37 -10.66
CA PHE A 617 -68.50 -16.19 -11.14
C PHE A 617 -67.78 -15.47 -10.01
N ALA A 618 -68.45 -15.27 -8.88
CA ALA A 618 -67.96 -14.32 -7.87
C ALA A 618 -66.70 -14.82 -7.19
N MET A 619 -66.79 -15.96 -6.48
CA MET A 619 -65.70 -16.39 -5.63
C MET A 619 -64.41 -16.62 -6.41
N ILE A 620 -64.51 -16.91 -7.70
CA ILE A 620 -63.30 -17.04 -8.50
C ILE A 620 -62.75 -15.68 -8.91
N ILE A 621 -63.55 -14.62 -8.84
CA ILE A 621 -63.10 -13.29 -9.22
C ILE A 621 -63.00 -12.36 -8.01
N VAL A 622 -63.85 -12.55 -6.99
CA VAL A 622 -63.76 -11.66 -5.83
C VAL A 622 -62.43 -11.85 -5.11
N ALA A 623 -61.94 -13.09 -5.06
CA ALA A 623 -60.61 -13.33 -4.51
C ALA A 623 -59.53 -12.71 -5.39
N SER A 624 -59.79 -12.60 -6.69
CA SER A 624 -58.79 -12.04 -7.59
C SER A 624 -58.47 -10.59 -7.24
N TYR A 625 -59.50 -9.80 -6.93
CA TYR A 625 -59.26 -8.43 -6.49
C TYR A 625 -58.48 -8.42 -5.18
N THR A 626 -58.86 -9.30 -4.24
CA THR A 626 -58.08 -9.42 -3.02
C THR A 626 -56.64 -9.80 -3.33
N ALA A 627 -56.44 -10.66 -4.33
CA ALA A 627 -55.10 -10.89 -4.85
C ALA A 627 -54.60 -9.67 -5.63
N ASN A 628 -55.47 -9.02 -6.40
CA ASN A 628 -55.05 -7.89 -7.21
C ASN A 628 -54.58 -6.73 -6.34
N LEU A 629 -55.34 -6.41 -5.28
CA LEU A 629 -54.89 -5.38 -4.36
C LEU A 629 -53.60 -5.81 -3.67
N ALA A 630 -53.51 -7.09 -3.32
CA ALA A 630 -52.34 -7.59 -2.59
C ALA A 630 -51.04 -7.37 -3.34
N ALA A 631 -51.10 -7.25 -4.67
CA ALA A 631 -49.88 -7.03 -5.45
C ALA A 631 -49.22 -5.71 -5.06
N PHE A 632 -50.01 -4.65 -4.87
CA PHE A 632 -49.42 -3.33 -4.70
C PHE A 632 -48.75 -3.16 -3.34
N LEU A 633 -49.31 -3.75 -2.27
CA LEU A 633 -48.68 -3.62 -0.96
C LEU A 633 -47.34 -4.33 -0.91
N VAL A 634 -47.16 -5.36 -1.75
CA VAL A 634 -45.83 -5.95 -1.91
C VAL A 634 -44.87 -4.93 -2.51
N LEU A 635 -45.36 -4.02 -3.33
CA LEU A 635 -44.54 -2.98 -3.92
C LEU A 635 -44.41 -1.80 -2.96
N ASP A 636 -43.17 -1.45 -2.64
CA ASP A 636 -42.89 -0.33 -1.76
C ASP A 636 -42.14 0.80 -2.44
N ARG A 637 -41.64 0.60 -3.67
CA ARG A 637 -40.91 1.57 -4.47
C ARG A 637 -39.53 1.84 -3.87
N PRO A 638 -38.52 2.12 -4.69
CA PRO A 638 -37.18 2.39 -4.15
C PRO A 638 -37.03 3.83 -3.68
N GLU A 639 -38.17 4.51 -3.48
CA GLU A 639 -38.12 5.89 -2.99
C GLU A 639 -37.38 5.99 -1.67
N GLU A 640 -37.47 4.96 -0.83
CA GLU A 640 -36.68 4.90 0.40
C GLU A 640 -35.37 4.17 0.15
N ARG A 641 -34.64 4.62 -0.88
CA ARG A 641 -33.34 4.02 -1.19
C ARG A 641 -32.34 4.26 -0.07
N ILE A 642 -32.41 5.45 0.56
CA ILE A 642 -31.57 5.88 1.67
C ILE A 642 -30.13 5.43 1.52
N THR A 643 -29.64 5.39 0.28
CA THR A 643 -28.28 4.96 0.02
C THR A 643 -27.27 5.97 0.56
N GLY A 644 -26.19 5.46 1.12
CA GLY A 644 -25.16 6.34 1.67
C GLY A 644 -23.91 5.54 1.98
N ILE A 645 -22.82 6.29 2.20
CA ILE A 645 -21.47 5.82 2.54
C ILE A 645 -20.98 4.76 1.56
N ASN A 646 -19.97 5.12 0.78
CA ASN A 646 -19.33 4.22 -0.20
C ASN A 646 -20.36 3.65 -1.18
N ASP A 647 -21.22 4.52 -1.69
CA ASP A 647 -22.22 4.13 -2.67
C ASP A 647 -21.99 4.85 -3.99
N PRO A 648 -22.35 4.23 -5.12
CA PRO A 648 -22.24 4.93 -6.41
C PRO A 648 -23.07 6.19 -6.49
N ARG A 649 -24.15 6.28 -5.71
CA ARG A 649 -24.94 7.51 -5.68
C ARG A 649 -24.11 8.69 -5.19
N LEU A 650 -23.27 8.46 -4.17
CA LEU A 650 -22.40 9.52 -3.68
C LEU A 650 -21.41 9.96 -4.74
N ARG A 651 -20.85 9.02 -5.49
CA ARG A 651 -19.87 9.30 -6.54
C ARG A 651 -20.50 9.31 -7.92
N ASN A 652 -21.74 9.80 -8.04
CA ASN A 652 -22.42 9.97 -9.31
C ASN A 652 -22.48 11.46 -9.63
N PRO A 653 -21.47 12.01 -10.30
CA PRO A 653 -21.41 13.48 -10.52
C PRO A 653 -22.09 13.91 -11.82
N SER A 654 -23.40 13.69 -11.89
CA SER A 654 -24.16 14.17 -13.05
C SER A 654 -25.58 14.51 -12.58
N ASP A 655 -25.77 15.77 -12.17
CA ASP A 655 -27.06 16.44 -11.96
C ASP A 655 -28.19 15.54 -11.44
N LYS A 656 -27.91 14.73 -10.42
CA LYS A 656 -28.95 13.92 -9.80
C LYS A 656 -29.23 14.35 -8.36
N PHE A 657 -28.21 14.39 -7.50
CA PHE A 657 -28.40 14.75 -6.10
C PHE A 657 -27.93 16.14 -5.76
N ILE A 658 -26.88 16.63 -6.43
CA ILE A 658 -26.31 17.98 -6.29
C ILE A 658 -26.23 18.38 -4.81
N TYR A 659 -25.95 17.41 -3.94
CA TYR A 659 -25.87 17.69 -2.52
C TYR A 659 -24.71 18.63 -2.22
N ALA A 660 -24.86 19.40 -1.14
CA ALA A 660 -23.88 20.40 -0.77
C ALA A 660 -23.55 20.29 0.72
N THR A 661 -22.45 20.92 1.11
CA THR A 661 -22.03 20.97 2.50
C THR A 661 -21.82 22.40 2.95
N VAL A 662 -21.26 22.58 4.14
CA VAL A 662 -20.97 23.91 4.67
C VAL A 662 -19.55 24.29 4.28
N LYS A 663 -19.39 25.50 3.75
CA LYS A 663 -18.07 25.97 3.33
C LYS A 663 -17.12 26.02 4.53
N GLN A 664 -15.83 26.08 4.21
CA GLN A 664 -14.76 25.94 5.20
C GLN A 664 -14.95 24.63 5.97
N SER A 665 -15.27 24.73 7.26
CA SER A 665 -15.62 23.56 8.07
C SER A 665 -14.54 22.48 8.05
N SER A 666 -14.92 21.26 8.39
CA SER A 666 -14.01 20.12 8.35
C SER A 666 -14.37 19.07 7.32
N VAL A 667 -15.66 18.94 6.95
CA VAL A 667 -16.04 17.98 5.94
C VAL A 667 -15.45 18.36 4.58
N ASP A 668 -15.27 19.65 4.33
CA ASP A 668 -14.58 20.09 3.13
C ASP A 668 -13.12 19.66 3.14
N ILE A 669 -12.47 19.76 4.31
CA ILE A 669 -11.10 19.28 4.44
C ILE A 669 -11.04 17.77 4.26
N TYR A 670 -12.01 17.05 4.83
CA TYR A 670 -12.02 15.59 4.73
C TYR A 670 -12.11 15.13 3.27
N PHE A 671 -12.98 15.77 2.48
CA PHE A 671 -13.10 15.41 1.07
C PHE A 671 -11.84 15.80 0.29
N ARG A 672 -11.27 16.96 0.60
CA ARG A 672 -10.05 17.38 -0.08
C ARG A 672 -8.90 16.45 0.23
N ARG A 673 -8.76 16.03 1.49
CA ARG A 673 -7.68 15.13 1.86
C ARG A 673 -7.83 13.77 1.18
N GLN A 674 -9.06 13.26 1.11
CA GLN A 674 -9.33 11.96 0.50
C GLN A 674 -9.10 12.07 -1.01
N VAL A 675 -7.95 11.59 -1.47
CA VAL A 675 -7.62 11.68 -2.89
C VAL A 675 -8.46 10.74 -3.74
N GLU A 676 -9.11 9.75 -3.13
CA GLU A 676 -9.95 8.82 -3.89
C GLU A 676 -11.27 9.46 -4.31
N LEU A 677 -11.67 10.54 -3.67
CA LEU A 677 -12.91 11.24 -3.98
C LEU A 677 -12.63 12.65 -4.47
N SER A 678 -11.59 12.80 -5.30
CA SER A 678 -11.24 14.11 -5.83
C SER A 678 -12.32 14.67 -6.73
N THR A 679 -12.95 13.81 -7.55
CA THR A 679 -13.96 14.27 -8.48
C THR A 679 -15.18 14.83 -7.75
N MET A 680 -15.57 14.20 -6.64
CA MET A 680 -16.73 14.67 -5.88
C MET A 680 -16.48 16.06 -5.31
N TYR A 681 -15.27 16.31 -4.80
CA TYR A 681 -14.95 17.65 -4.32
C TYR A 681 -14.96 18.66 -5.46
N ARG A 682 -14.47 18.26 -6.65
CA ARG A 682 -14.57 19.13 -7.82
C ARG A 682 -16.02 19.48 -8.11
N HIS A 683 -16.93 18.54 -7.89
CA HIS A 683 -18.37 18.83 -7.98
C HIS A 683 -18.87 19.58 -6.76
N MET A 684 -18.16 19.50 -5.63
CA MET A 684 -18.65 20.10 -4.39
C MET A 684 -18.52 21.62 -4.43
N GLU A 685 -17.39 22.13 -4.93
CA GLU A 685 -17.15 23.57 -4.92
C GLU A 685 -18.12 24.34 -5.80
N LYS A 686 -18.73 23.68 -6.79
CA LYS A 686 -19.72 24.35 -7.62
C LYS A 686 -20.96 24.74 -6.81
N HIS A 687 -21.41 23.86 -5.92
CA HIS A 687 -22.62 24.08 -5.12
C HIS A 687 -22.25 23.92 -3.65
N ASN A 688 -22.17 25.04 -2.94
CA ASN A 688 -21.88 25.04 -1.51
C ASN A 688 -22.70 26.13 -0.83
N TYR A 689 -22.89 25.98 0.47
CA TYR A 689 -23.71 26.88 1.25
C TYR A 689 -22.90 27.48 2.39
N GLU A 690 -23.31 28.68 2.81
CA GLU A 690 -22.67 29.38 3.91
C GLU A 690 -23.37 29.00 5.21
N SER A 691 -22.62 28.40 6.14
CA SER A 691 -23.14 27.91 7.41
C SER A 691 -24.20 26.84 7.19
N ALA A 692 -24.77 26.31 8.28
CA ALA A 692 -25.78 25.28 8.22
C ALA A 692 -27.19 25.83 8.43
N ALA A 693 -27.44 27.06 7.98
CA ALA A 693 -28.74 27.70 8.10
C ALA A 693 -29.50 27.74 6.78
N GLU A 694 -28.88 28.29 5.73
CA GLU A 694 -29.54 28.34 4.43
C GLU A 694 -29.72 26.95 3.84
N ALA A 695 -28.73 26.08 4.02
CA ALA A 695 -28.82 24.74 3.45
C ALA A 695 -29.96 23.93 4.06
N ILE A 696 -30.17 24.04 5.37
CA ILE A 696 -31.26 23.32 6.02
C ILE A 696 -32.60 23.80 5.48
N GLN A 697 -32.76 25.11 5.32
CA GLN A 697 -33.99 25.65 4.73
C GLN A 697 -34.18 25.15 3.31
N ALA A 698 -33.08 25.00 2.57
CA ALA A 698 -33.18 24.54 1.18
C ALA A 698 -33.71 23.12 1.10
N VAL A 699 -33.16 22.21 1.89
CA VAL A 699 -33.49 20.79 1.76
C VAL A 699 -34.99 20.57 1.98
N ARG A 700 -35.57 21.22 2.98
CA ARG A 700 -37.00 21.09 3.23
C ARG A 700 -37.86 21.69 2.13
N ASP A 701 -37.27 22.48 1.23
CA ASP A 701 -37.99 23.11 0.13
C ASP A 701 -37.35 22.78 -1.22
N ASN A 702 -36.98 21.51 -1.40
CA ASN A 702 -36.42 21.01 -2.65
C ASN A 702 -35.12 21.72 -3.03
N LYS A 703 -34.62 21.45 -4.24
CA LYS A 703 -33.41 22.04 -4.79
C LYS A 703 -32.18 21.47 -4.09
N LEU A 704 -32.39 20.69 -3.03
CA LEU A 704 -31.30 20.02 -2.33
C LEU A 704 -31.86 18.78 -1.66
N HIS A 705 -31.20 17.64 -1.89
CA HIS A 705 -31.68 16.35 -1.40
C HIS A 705 -30.88 15.83 -0.21
N ALA A 706 -29.56 15.84 -0.28
CA ALA A 706 -28.71 15.29 0.76
C ALA A 706 -27.87 16.39 1.40
N PHE A 707 -27.57 16.22 2.68
CA PHE A 707 -26.75 17.16 3.43
C PHE A 707 -25.73 16.39 4.26
N ILE A 708 -24.58 17.00 4.50
CA ILE A 708 -23.50 16.42 5.28
C ILE A 708 -23.12 17.39 6.37
N TRP A 709 -23.18 16.93 7.62
CA TRP A 709 -22.88 17.78 8.77
C TRP A 709 -22.70 16.87 9.99
N ASP A 710 -22.45 17.50 11.13
CA ASP A 710 -22.20 16.76 12.36
C ASP A 710 -23.47 16.07 12.84
N SER A 711 -23.28 14.90 13.47
CA SER A 711 -24.42 14.10 13.92
C SER A 711 -25.22 14.81 15.01
N ALA A 712 -24.54 15.46 15.94
CA ALA A 712 -25.23 16.10 17.06
C ALA A 712 -26.17 17.20 16.58
N VAL A 713 -25.72 18.01 15.62
CA VAL A 713 -26.56 19.07 15.09
C VAL A 713 -27.69 18.49 14.24
N LEU A 714 -27.37 17.52 13.38
CA LEU A 714 -28.36 17.00 12.45
C LEU A 714 -29.46 16.20 13.17
N GLU A 715 -29.08 15.41 14.18
CA GLU A 715 -30.08 14.63 14.91
C GLU A 715 -31.07 15.53 15.62
N PHE A 716 -30.62 16.70 16.10
CA PHE A 716 -31.52 17.64 16.75
C PHE A 716 -32.64 18.08 15.82
N GLU A 717 -32.39 18.13 14.51
CA GLU A 717 -33.42 18.52 13.57
C GLU A 717 -34.58 17.53 13.57
N ALA A 718 -34.28 16.23 13.64
CA ALA A 718 -35.34 15.23 13.60
C ALA A 718 -36.26 15.37 14.81
N SER A 719 -35.70 15.61 15.99
CA SER A 719 -36.52 15.76 17.18
C SER A 719 -37.28 17.08 17.18
N GLN A 720 -36.73 18.11 16.52
CA GLN A 720 -37.38 19.42 16.48
C GLN A 720 -38.26 19.60 15.26
N LYS A 721 -37.91 19.00 14.13
CA LYS A 721 -38.71 19.06 12.91
C LYS A 721 -39.13 17.63 12.58
N CYS A 722 -40.40 17.32 12.86
CA CYS A 722 -40.93 15.99 12.57
C CYS A 722 -41.42 15.92 11.12
N ASP A 723 -40.55 16.29 10.18
CA ASP A 723 -40.88 16.28 8.77
C ASP A 723 -39.83 15.61 7.89
N LEU A 724 -38.58 15.53 8.34
CA LEU A 724 -37.51 14.90 7.58
C LEU A 724 -36.60 14.14 8.52
N VAL A 725 -36.16 12.96 8.11
CA VAL A 725 -35.40 12.04 8.96
C VAL A 725 -34.11 11.66 8.25
N THR A 726 -33.01 11.65 8.99
CA THR A 726 -31.71 11.31 8.46
C THR A 726 -31.57 9.79 8.28
N THR A 727 -30.47 9.40 7.64
CA THR A 727 -30.19 7.99 7.41
C THR A 727 -28.70 7.82 7.16
N GLY A 728 -28.23 6.59 7.30
CA GLY A 728 -26.86 6.24 7.02
C GLY A 728 -26.12 5.81 8.28
N GLU A 729 -24.81 5.62 8.11
CA GLU A 729 -23.93 5.23 9.20
C GLU A 729 -22.79 6.23 9.33
N LEU A 730 -22.37 6.49 10.57
CA LEU A 730 -21.33 7.46 10.83
C LEU A 730 -19.99 6.98 10.28
N PHE A 731 -19.19 7.92 9.78
CA PHE A 731 -17.91 7.57 9.17
C PHE A 731 -16.77 8.50 9.55
N PHE A 732 -16.95 9.40 10.51
CA PHE A 732 -15.85 10.25 10.99
C PHE A 732 -16.12 10.55 12.46
N ARG A 733 -15.55 9.72 13.33
CA ARG A 733 -15.81 9.78 14.77
C ARG A 733 -14.71 10.59 15.45
N SER A 734 -15.06 11.79 15.88
CA SER A 734 -14.12 12.66 16.59
C SER A 734 -14.92 13.70 17.37
N GLY A 735 -14.52 13.92 18.61
CA GLY A 735 -15.24 14.82 19.49
C GLY A 735 -14.91 16.27 19.27
N PHE A 736 -15.48 17.11 20.12
CA PHE A 736 -15.27 18.55 20.09
C PHE A 736 -14.09 18.91 20.99
N GLY A 737 -13.94 20.20 21.29
CA GLY A 737 -12.90 20.63 22.20
C GLY A 737 -12.71 22.13 22.26
N ILE A 738 -12.20 22.62 23.37
CA ILE A 738 -11.87 24.03 23.54
C ILE A 738 -10.47 24.27 23.02
N GLY A 739 -10.32 25.21 22.09
CA GLY A 739 -9.05 25.52 21.49
C GLY A 739 -8.37 26.72 22.12
N MET A 740 -7.04 26.66 22.19
CA MET A 740 -6.25 27.76 22.74
C MET A 740 -4.82 27.62 22.23
N ARG A 741 -4.03 28.65 22.51
CA ARG A 741 -2.67 28.70 22.00
C ARG A 741 -1.78 27.68 22.70
N LYS A 742 -0.62 27.41 22.09
CA LYS A 742 0.27 26.37 22.58
C LYS A 742 0.81 26.68 23.97
N ASP A 743 1.20 27.92 24.21
CA ASP A 743 1.80 28.32 25.49
C ASP A 743 0.76 28.73 26.53
N SER A 744 -0.49 28.30 26.36
CA SER A 744 -1.52 28.66 27.32
C SER A 744 -1.28 27.94 28.64
N PRO A 745 -1.21 28.65 29.77
CA PRO A 745 -0.99 27.98 31.06
C PRO A 745 -2.23 27.30 31.62
N TRP A 746 -3.40 27.48 31.00
CA TRP A 746 -4.64 26.95 31.52
C TRP A 746 -5.01 25.59 30.94
N LYS A 747 -4.15 25.00 30.09
CA LYS A 747 -4.52 23.77 29.41
C LYS A 747 -4.69 22.61 30.40
N GLN A 748 -3.77 22.48 31.34
CA GLN A 748 -3.84 21.36 32.29
C GLN A 748 -5.02 21.51 33.23
N ASN A 749 -5.32 22.74 33.66
CA ASN A 749 -6.47 23.00 34.51
C ASN A 749 -7.76 22.55 33.82
N VAL A 750 -7.94 22.96 32.57
CA VAL A 750 -9.22 22.80 31.88
C VAL A 750 -9.52 21.33 31.62
N SER A 751 -8.50 20.56 31.23
CA SER A 751 -8.71 19.14 30.94
C SER A 751 -9.20 18.40 32.18
N LEU A 752 -8.65 18.71 33.34
CA LEU A 752 -9.09 18.08 34.58
C LEU A 752 -10.54 18.44 34.90
N SER A 753 -10.91 19.71 34.71
CA SER A 753 -12.27 20.13 35.04
C SER A 753 -13.30 19.43 34.17
N ILE A 754 -13.02 19.30 32.87
CA ILE A 754 -13.93 18.58 31.98
C ILE A 754 -14.03 17.11 32.39
N LEU A 755 -12.88 16.49 32.68
CA LEU A 755 -12.88 15.09 33.09
C LEU A 755 -13.43 14.88 34.49
N LYS A 756 -13.58 15.95 35.28
CA LYS A 756 -14.21 15.84 36.59
C LYS A 756 -15.70 16.15 36.56
N SER A 757 -16.16 16.93 35.59
CA SER A 757 -17.58 17.18 35.39
C SER A 757 -18.22 16.19 34.44
N HIS A 758 -17.44 15.31 33.82
CA HIS A 758 -17.94 14.33 32.88
C HIS A 758 -18.48 13.08 33.57
N GLU A 759 -18.20 12.90 34.86
CA GLU A 759 -18.56 11.68 35.56
C GLU A 759 -19.53 11.89 36.72
N ASN A 760 -19.63 13.08 37.28
CA ASN A 760 -20.55 13.36 38.37
C ASN A 760 -21.94 13.74 37.90
N GLY A 761 -22.29 13.38 36.66
CA GLY A 761 -23.63 13.60 36.14
C GLY A 761 -23.90 14.97 35.58
N PHE A 762 -22.90 15.86 35.54
CA PHE A 762 -23.13 17.21 35.01
C PHE A 762 -23.47 17.17 33.52
N MET A 763 -22.78 16.32 32.75
CA MET A 763 -23.02 16.26 31.32
C MET A 763 -24.43 15.76 31.02
N GLU A 764 -24.92 14.81 31.81
CA GLU A 764 -26.29 14.33 31.64
C GLU A 764 -27.30 15.44 31.92
N ASP A 765 -27.03 16.25 32.93
CA ASP A 765 -27.94 17.36 33.25
C ASP A 765 -28.02 18.35 32.10
N LEU A 766 -26.89 18.69 31.50
CA LEU A 766 -26.91 19.59 30.35
C LEU A 766 -27.51 18.92 29.13
N ASP A 767 -27.33 17.61 28.99
CA ASP A 767 -27.89 16.90 27.84
C ASP A 767 -29.42 16.95 27.86
N LYS A 768 -30.01 16.61 29.01
CA LYS A 768 -31.47 16.57 29.10
C LYS A 768 -32.09 17.95 28.96
N THR A 769 -31.46 18.97 29.57
CA THR A 769 -32.06 20.30 29.60
C THR A 769 -32.13 20.92 28.21
N TRP A 770 -31.06 20.79 27.42
CA TRP A 770 -30.91 21.58 26.19
C TRP A 770 -31.21 20.79 24.92
N VAL A 771 -30.56 19.65 24.72
CA VAL A 771 -30.52 19.02 23.41
C VAL A 771 -31.40 17.77 23.36
N ARG A 772 -31.65 17.14 24.50
CA ARG A 772 -32.23 15.81 24.53
C ARG A 772 -33.62 15.73 23.88
N TYR A 773 -34.62 16.38 24.47
CA TYR A 773 -36.01 16.13 24.06
C TYR A 773 -36.43 17.04 22.91
N GLN A 774 -36.52 18.34 23.17
CA GLN A 774 -36.87 19.36 22.18
C GLN A 774 -37.88 18.85 21.15
N GLU A 775 -39.03 18.42 21.67
CA GLU A 775 -39.99 17.69 20.85
C GLU A 775 -40.53 18.55 19.71
N CYS A 776 -40.72 17.93 18.54
CA CYS A 776 -41.23 18.65 17.39
C CYS A 776 -42.66 19.13 17.62
N ASP A 777 -43.49 18.28 18.21
CA ASP A 777 -44.90 18.58 18.46
C ASP A 777 -45.63 18.98 17.17
N GLY A 793 -62.52 11.30 -5.09
CA GLY A 793 -63.27 11.45 -6.33
C GLY A 793 -64.63 10.76 -6.29
N VAL A 794 -64.60 9.43 -6.17
CA VAL A 794 -65.84 8.68 -6.11
C VAL A 794 -66.63 9.02 -4.86
N PHE A 795 -65.94 9.09 -3.71
CA PHE A 795 -66.62 9.45 -2.46
C PHE A 795 -67.17 10.87 -2.52
N MET A 796 -66.41 11.80 -3.10
CA MET A 796 -66.88 13.17 -3.24
C MET A 796 -67.98 13.31 -4.28
N LEU A 797 -68.23 12.28 -5.08
CA LEU A 797 -69.29 12.28 -6.08
C LEU A 797 -70.61 11.72 -5.56
N VAL A 798 -70.68 11.40 -4.27
CA VAL A 798 -71.92 10.85 -3.72
C VAL A 798 -73.05 11.86 -3.80
N ALA A 799 -72.73 13.15 -3.79
CA ALA A 799 -73.75 14.17 -3.99
C ALA A 799 -74.38 14.05 -5.37
N GLY A 800 -73.56 13.83 -6.40
CA GLY A 800 -74.10 13.61 -7.73
C GLY A 800 -74.88 12.30 -7.82
N GLY A 801 -74.43 11.28 -7.10
CA GLY A 801 -75.15 10.01 -7.11
C GLY A 801 -76.56 10.14 -6.55
N ILE A 802 -76.71 10.92 -5.47
CA ILE A 802 -78.04 11.17 -4.92
C ILE A 802 -78.89 11.92 -5.94
N VAL A 803 -78.30 12.91 -6.63
CA VAL A 803 -79.02 13.61 -7.69
C VAL A 803 -79.37 12.65 -8.82
N ALA A 804 -78.44 11.78 -9.20
CA ALA A 804 -78.74 10.76 -10.20
C ALA A 804 -79.84 9.82 -9.71
N GLY A 805 -79.78 9.42 -8.44
CA GLY A 805 -80.85 8.62 -7.88
C GLY A 805 -82.17 9.36 -7.85
N ILE A 806 -82.13 10.66 -7.52
CA ILE A 806 -83.34 11.48 -7.56
C ILE A 806 -83.85 11.60 -9.00
N PHE A 807 -82.92 11.77 -9.95
CA PHE A 807 -83.31 11.80 -11.35
C PHE A 807 -83.92 10.47 -11.78
N LEU A 808 -83.34 9.35 -11.33
CA LEU A 808 -83.95 8.05 -11.58
C LEU A 808 -85.29 7.93 -10.88
N ILE A 809 -85.40 8.47 -9.66
CA ILE A 809 -86.67 8.47 -8.95
C ILE A 809 -87.71 9.28 -9.70
N PHE A 810 -87.31 10.46 -10.19
CA PHE A 810 -88.23 11.28 -10.97
C PHE A 810 -88.65 10.59 -12.26
N ILE A 811 -87.70 9.93 -12.93
CA ILE A 811 -88.03 9.20 -14.15
C ILE A 811 -88.95 8.03 -13.85
N GLU A 812 -88.68 7.29 -12.76
CA GLU A 812 -89.54 6.18 -12.39
C GLU A 812 -90.93 6.66 -12.00
N ILE A 813 -91.01 7.79 -11.28
CA ILE A 813 -92.31 8.35 -10.93
C ILE A 813 -93.07 8.78 -12.17
N ALA A 814 -92.37 9.44 -13.11
CA ALA A 814 -93.00 9.83 -14.37
C ALA A 814 -93.42 8.62 -15.18
N TYR A 815 -92.58 7.59 -15.23
CA TYR A 815 -92.88 6.38 -15.98
C TYR A 815 -93.55 5.34 -15.09
N SER B 43 21.03 71.66 -17.61
CA SER B 43 20.41 70.56 -18.32
C SER B 43 20.93 69.21 -17.80
N ILE B 44 21.04 68.24 -18.71
CA ILE B 44 21.53 66.91 -18.37
C ILE B 44 22.55 66.48 -19.42
N GLY B 45 23.39 65.52 -19.03
CA GLY B 45 24.40 65.00 -19.93
C GLY B 45 24.78 63.56 -19.59
N ILE B 46 25.00 62.75 -20.61
CA ILE B 46 25.34 61.34 -20.44
C ILE B 46 26.57 61.02 -21.28
N ALA B 47 27.57 60.42 -20.66
CA ALA B 47 28.78 59.97 -21.34
C ALA B 47 28.85 58.46 -21.28
N VAL B 48 29.04 57.82 -22.43
CA VAL B 48 29.07 56.37 -22.51
C VAL B 48 30.47 55.87 -22.20
N ILE B 49 30.56 54.75 -21.49
CA ILE B 49 31.84 54.14 -21.16
C ILE B 49 31.93 52.79 -21.85
N LEU B 50 32.55 52.76 -23.02
CA LEU B 50 32.66 51.55 -23.82
C LEU B 50 34.05 50.94 -23.62
N VAL B 51 34.07 49.69 -23.17
CA VAL B 51 35.32 48.95 -22.96
C VAL B 51 35.21 47.61 -23.68
N GLY B 52 36.20 47.30 -24.50
CA GLY B 52 36.25 46.06 -25.24
C GLY B 52 36.49 46.31 -26.71
N THR B 53 36.24 45.28 -27.52
CA THR B 53 36.41 45.35 -28.95
C THR B 53 35.05 45.54 -29.61
N SER B 54 34.87 46.67 -30.30
CA SER B 54 33.61 46.99 -30.97
C SER B 54 33.89 48.08 -32.00
N ASP B 55 32.82 48.64 -32.57
CA ASP B 55 32.90 49.71 -33.56
C ASP B 55 32.02 50.85 -33.06
N GLU B 56 32.62 51.80 -32.35
CA GLU B 56 31.89 52.92 -31.79
C GLU B 56 31.51 53.97 -32.82
N VAL B 57 32.05 53.88 -34.05
CA VAL B 57 31.73 54.87 -35.08
C VAL B 57 30.25 54.79 -35.45
N ALA B 58 29.73 53.57 -35.62
CA ALA B 58 28.32 53.41 -35.95
C ALA B 58 27.43 53.74 -34.77
N ILE B 59 27.88 53.43 -33.55
CA ILE B 59 27.09 53.69 -32.36
C ILE B 59 26.96 55.20 -32.12
N LYS B 60 28.03 55.95 -32.36
CA LYS B 60 28.02 57.38 -32.09
C LYS B 60 27.05 58.11 -33.01
N ASP B 61 26.76 57.56 -34.18
CA ASP B 61 25.85 58.21 -35.11
C ASP B 61 24.43 58.26 -34.56
N ALA B 62 23.99 57.18 -33.90
CA ALA B 62 22.63 57.10 -33.39
C ALA B 62 22.40 57.97 -32.15
N HIS B 63 23.47 58.43 -31.50
CA HIS B 63 23.30 59.24 -30.29
C HIS B 63 22.61 60.56 -30.59
N GLU B 64 23.05 61.24 -31.65
CA GLU B 64 22.47 62.52 -32.04
C GLU B 64 21.38 62.35 -33.10
N LYS B 65 20.42 61.46 -32.83
CA LYS B 65 19.33 61.22 -33.77
C LYS B 65 17.98 61.10 -33.07
N ASP B 66 17.87 61.52 -31.81
CA ASP B 66 16.63 61.39 -31.07
C ASP B 66 15.65 62.51 -31.42
N ASP B 67 14.39 62.15 -31.57
CA ASP B 67 13.31 63.12 -31.82
C ASP B 67 12.69 63.49 -30.47
N PHE B 68 13.41 64.33 -29.74
CA PHE B 68 13.03 64.72 -28.38
C PHE B 68 12.44 66.12 -28.32
N HIS B 69 11.63 66.50 -29.30
CA HIS B 69 11.02 67.82 -29.31
C HIS B 69 10.01 68.02 -28.20
N HIS B 70 9.59 66.95 -27.51
CA HIS B 70 8.60 67.08 -26.45
C HIS B 70 9.16 67.89 -25.28
N LEU B 71 10.40 67.64 -24.88
CA LEU B 71 11.01 68.33 -23.75
C LEU B 71 12.43 68.73 -24.12
N SER B 72 12.87 69.86 -23.55
CA SER B 72 14.21 70.38 -23.79
C SER B 72 15.21 69.58 -22.94
N VAL B 73 15.45 68.34 -23.39
CA VAL B 73 16.38 67.46 -22.68
C VAL B 73 17.81 67.97 -22.82
N VAL B 74 18.16 68.52 -23.98
CA VAL B 74 19.52 68.93 -24.31
C VAL B 74 20.47 67.77 -24.06
N PRO B 75 20.44 66.73 -24.89
CA PRO B 75 21.27 65.55 -24.64
C PRO B 75 22.72 65.80 -25.00
N ARG B 76 23.57 65.92 -23.98
CA ARG B 76 25.00 66.07 -24.19
C ARG B 76 25.62 64.70 -24.44
N VAL B 77 26.33 64.56 -25.55
CA VAL B 77 26.88 63.28 -25.98
C VAL B 77 28.39 63.34 -25.88
N GLU B 78 28.97 62.39 -25.17
CA GLU B 78 30.41 62.22 -25.07
C GLU B 78 30.75 60.76 -25.29
N LEU B 79 31.75 60.49 -26.12
CA LEU B 79 32.15 59.13 -26.47
C LEU B 79 33.48 58.81 -25.81
N VAL B 80 33.49 57.77 -24.98
CA VAL B 80 34.69 57.30 -24.30
C VAL B 80 34.88 55.82 -24.64
N ALA B 81 36.08 55.47 -25.10
CA ALA B 81 36.39 54.10 -25.47
C ALA B 81 37.86 53.84 -25.14
N MET B 82 38.11 53.02 -24.12
CA MET B 82 39.47 52.70 -23.69
C MET B 82 39.41 51.41 -22.88
N ASN B 83 40.53 51.07 -22.24
CA ASN B 83 40.65 49.87 -21.43
C ASN B 83 40.88 50.27 -19.98
N GLU B 84 40.08 49.72 -19.07
CA GLU B 84 40.18 50.00 -17.65
C GLU B 84 40.06 48.71 -16.84
N THR B 85 40.77 47.67 -17.27
CA THR B 85 40.72 46.39 -16.56
C THR B 85 41.28 46.51 -15.15
N ASP B 86 42.41 47.21 -15.01
CA ASP B 86 42.99 47.39 -13.68
C ASP B 86 42.21 48.43 -12.89
N PRO B 87 42.00 48.22 -11.60
CA PRO B 87 41.27 49.21 -10.80
C PRO B 87 42.02 50.53 -10.63
N LYS B 88 43.33 50.55 -10.86
CA LYS B 88 44.09 51.78 -10.68
C LYS B 88 43.63 52.88 -11.62
N SER B 89 43.37 52.54 -12.89
CA SER B 89 42.93 53.54 -13.84
C SER B 89 41.49 53.96 -13.59
N ILE B 90 40.67 53.06 -13.04
CA ILE B 90 39.26 53.38 -12.81
C ILE B 90 39.12 54.49 -11.78
N ILE B 91 39.89 54.44 -10.70
CA ILE B 91 39.80 55.43 -9.64
C ILE B 91 40.43 56.76 -10.00
N THR B 92 41.12 56.84 -11.15
CA THR B 92 41.81 58.05 -11.56
C THR B 92 41.22 58.68 -12.82
N ARG B 93 40.19 58.07 -13.43
CA ARG B 93 39.66 58.58 -14.67
C ARG B 93 38.14 58.75 -14.61
N ILE B 94 37.47 57.91 -13.83
CA ILE B 94 36.01 57.94 -13.80
C ILE B 94 35.50 59.22 -13.15
N CYS B 95 36.07 59.60 -12.00
CA CYS B 95 35.59 60.79 -11.30
C CYS B 95 35.93 62.07 -12.06
N ASP B 96 36.93 62.03 -12.94
CA ASP B 96 37.23 63.21 -13.75
C ASP B 96 36.21 63.42 -14.86
N LEU B 97 35.60 62.33 -15.35
CA LEU B 97 34.62 62.46 -16.42
C LEU B 97 33.33 63.10 -15.94
N MET B 98 32.86 62.72 -14.74
CA MET B 98 31.60 63.26 -14.23
C MET B 98 31.70 64.74 -13.88
N SER B 99 32.91 65.25 -13.68
CA SER B 99 33.12 66.65 -13.32
C SER B 99 33.33 67.55 -14.53
N ASP B 100 33.19 67.01 -15.74
CA ASP B 100 33.38 67.80 -16.95
C ASP B 100 32.37 68.94 -17.02
N ARG B 101 31.08 68.61 -17.16
CA ARG B 101 30.02 69.61 -17.10
C ARG B 101 28.75 68.93 -16.58
N LYS B 102 28.58 68.97 -15.25
CA LYS B 102 27.37 68.48 -14.58
C LYS B 102 26.86 67.17 -15.17
N ILE B 103 27.76 66.19 -15.24
CA ILE B 103 27.42 64.89 -15.81
C ILE B 103 26.60 64.09 -14.79
N GLN B 104 25.42 63.64 -15.21
CA GLN B 104 24.51 62.91 -14.35
C GLN B 104 23.98 61.67 -15.05
N GLY B 105 24.83 61.00 -15.83
CA GLY B 105 24.44 59.80 -16.52
C GLY B 105 25.62 59.06 -17.14
N VAL B 106 25.71 57.76 -16.91
CA VAL B 106 26.81 56.94 -17.41
C VAL B 106 26.23 55.63 -17.94
N VAL B 107 26.62 55.28 -19.17
CA VAL B 107 26.29 54.00 -19.76
C VAL B 107 27.59 53.24 -19.97
N PHE B 108 27.67 52.03 -19.43
CA PHE B 108 28.93 51.30 -19.34
C PHE B 108 28.69 49.85 -19.71
N ALA B 109 29.62 49.29 -20.50
CA ALA B 109 29.48 47.92 -21.00
C ALA B 109 30.85 47.31 -21.21
N ASP B 110 30.89 45.98 -21.27
CA ASP B 110 32.11 45.23 -21.57
C ASP B 110 31.75 44.12 -22.54
N ASP B 111 32.71 43.22 -22.77
CA ASP B 111 32.47 42.04 -23.60
C ASP B 111 33.10 40.78 -23.02
N THR B 112 33.61 40.82 -21.79
CA THR B 112 34.31 39.70 -21.18
C THR B 112 33.45 39.07 -20.09
N ASP B 113 33.99 38.03 -19.46
CA ASP B 113 33.31 37.27 -18.42
C ASP B 113 34.10 37.31 -17.12
N GLN B 114 34.64 38.48 -16.78
CA GLN B 114 35.35 38.62 -15.52
C GLN B 114 34.39 38.55 -14.34
N GLU B 115 34.87 38.00 -13.23
CA GLU B 115 34.05 37.79 -12.04
C GLU B 115 34.06 38.98 -11.09
N ALA B 116 34.73 40.08 -11.45
CA ALA B 116 34.84 41.22 -10.55
C ALA B 116 34.56 42.55 -11.27
N ILE B 117 33.96 42.50 -12.46
CA ILE B 117 33.71 43.72 -13.21
C ILE B 117 32.60 44.55 -12.56
N ALA B 118 31.50 43.88 -12.14
CA ALA B 118 30.31 44.61 -11.75
C ALA B 118 30.51 45.42 -10.47
N GLN B 119 31.12 44.81 -9.46
CA GLN B 119 31.19 45.44 -8.15
C GLN B 119 32.27 46.52 -8.04
N ILE B 120 33.11 46.68 -9.06
CA ILE B 120 34.09 47.77 -9.03
C ILE B 120 33.40 49.11 -9.11
N LEU B 121 32.25 49.19 -9.80
CA LEU B 121 31.47 50.41 -9.88
C LEU B 121 30.41 50.52 -8.80
N ASP B 122 30.18 49.45 -8.03
CA ASP B 122 29.22 49.51 -6.93
C ASP B 122 29.68 50.51 -5.88
N PHE B 123 30.99 50.58 -5.63
CA PHE B 123 31.52 51.58 -4.70
C PHE B 123 31.25 52.99 -5.19
N ILE B 124 31.44 53.24 -6.49
CA ILE B 124 31.16 54.55 -7.05
C ILE B 124 29.68 54.89 -6.91
N SER B 125 28.82 53.90 -7.20
CA SER B 125 27.39 54.10 -7.00
C SER B 125 27.08 54.33 -5.52
N ALA B 126 27.75 53.60 -4.62
CA ALA B 126 27.60 53.85 -3.20
C ALA B 126 28.15 55.22 -2.82
N GLN B 127 29.26 55.62 -3.43
CA GLN B 127 29.87 56.91 -3.11
C GLN B 127 29.02 58.08 -3.62
N THR B 128 28.81 58.12 -4.94
CA THR B 128 28.07 59.20 -5.57
C THR B 128 26.77 58.67 -6.17
N LEU B 129 25.75 59.53 -6.18
CA LEU B 129 24.43 59.18 -6.69
C LEU B 129 24.33 59.26 -8.22
N THR B 130 25.46 59.29 -8.92
CA THR B 130 25.43 59.34 -10.37
C THR B 130 24.84 58.05 -10.93
N PRO B 131 23.84 58.13 -11.81
CA PRO B 131 23.23 56.90 -12.35
C PRO B 131 24.20 56.18 -13.28
N ILE B 132 24.55 54.95 -12.90
CA ILE B 132 25.44 54.10 -13.68
C ILE B 132 24.70 52.81 -14.00
N LEU B 133 24.72 52.42 -15.27
CA LEU B 133 24.00 51.25 -15.76
C LEU B 133 24.98 50.29 -16.43
N GLY B 134 24.82 49.01 -16.14
CA GLY B 134 25.63 47.97 -16.77
C GLY B 134 24.87 47.33 -17.91
N ILE B 135 25.52 47.28 -19.07
CA ILE B 135 24.88 46.84 -20.31
C ILE B 135 25.27 45.42 -20.67
N HIS B 136 26.56 45.13 -20.71
CA HIS B 136 27.05 43.84 -21.19
C HIS B 136 28.30 43.46 -20.42
N GLY B 137 29.01 42.45 -20.89
CA GLY B 137 30.23 42.01 -20.23
C GLY B 137 29.96 41.46 -18.86
N GLY B 138 30.84 41.79 -17.91
CA GLY B 138 30.67 41.37 -16.54
C GLY B 138 29.59 42.12 -15.78
N SER B 139 29.05 43.18 -16.37
CA SER B 139 27.97 43.97 -15.78
C SER B 139 26.59 43.38 -16.06
N SER B 140 26.51 42.11 -16.45
CA SER B 140 25.25 41.43 -16.71
C SER B 140 25.01 40.32 -15.70
N MET B 141 25.33 40.59 -14.43
CA MET B 141 25.23 39.63 -13.35
C MET B 141 24.10 40.02 -12.40
N ILE B 142 23.72 39.08 -11.54
CA ILE B 142 22.67 39.27 -10.55
C ILE B 142 23.33 39.47 -9.19
N MET B 143 22.93 40.52 -8.49
CA MET B 143 23.56 40.92 -7.24
C MET B 143 22.63 40.63 -6.06
N ALA B 144 23.20 40.08 -4.99
CA ALA B 144 22.40 39.65 -3.85
C ALA B 144 21.92 40.85 -3.02
N ASP B 145 22.84 41.61 -2.46
CA ASP B 145 22.52 42.71 -1.55
C ASP B 145 23.20 43.98 -1.99
N LYS B 146 22.45 45.08 -1.98
CA LYS B 146 22.97 46.39 -2.38
C LYS B 146 22.61 47.41 -1.31
N ASP B 147 23.49 48.41 -1.16
CA ASP B 147 23.26 49.46 -0.19
C ASP B 147 22.15 50.40 -0.65
N GLU B 148 21.55 51.09 0.33
CA GLU B 148 20.45 52.00 0.01
C GLU B 148 20.92 53.20 -0.80
N SER B 149 22.17 53.63 -0.61
CA SER B 149 22.74 54.72 -1.40
C SER B 149 23.48 54.22 -2.63
N SER B 150 23.62 52.91 -2.80
CA SER B 150 24.31 52.33 -3.95
C SER B 150 23.30 51.96 -5.04
N MET B 151 22.64 52.97 -5.57
CA MET B 151 21.70 52.75 -6.67
C MET B 151 22.44 52.26 -7.91
N PHE B 152 21.88 51.23 -8.55
CA PHE B 152 22.54 50.58 -9.67
C PHE B 152 21.51 49.85 -10.49
N PHE B 153 21.71 49.83 -11.81
CA PHE B 153 20.86 49.11 -12.74
C PHE B 153 21.70 48.10 -13.50
N GLN B 154 21.25 46.84 -13.51
CA GLN B 154 21.98 45.75 -14.15
C GLN B 154 21.11 45.10 -15.20
N PHE B 155 21.73 44.70 -16.31
CA PHE B 155 21.04 43.98 -17.37
C PHE B 155 21.00 42.49 -17.04
N GLY B 156 19.80 41.92 -17.06
CA GLY B 156 19.60 40.52 -16.75
C GLY B 156 18.35 40.32 -15.92
N PRO B 157 17.74 39.16 -16.06
CA PRO B 157 16.54 38.86 -15.25
C PRO B 157 16.90 38.71 -13.77
N SER B 158 15.91 39.00 -12.92
CA SER B 158 16.11 38.90 -11.49
C SER B 158 16.30 37.45 -11.06
N ILE B 159 16.79 37.27 -9.84
CA ILE B 159 17.08 35.94 -9.33
C ILE B 159 15.80 35.11 -9.26
N GLU B 160 14.74 35.70 -8.72
CA GLU B 160 13.47 34.99 -8.61
C GLU B 160 12.80 34.79 -9.97
N GLN B 161 13.15 35.62 -10.96
CA GLN B 161 12.56 35.44 -12.30
C GLN B 161 13.06 34.17 -12.97
N GLN B 162 14.27 33.72 -12.61
CA GLN B 162 14.77 32.45 -13.11
C GLN B 162 13.96 31.27 -12.60
N ALA B 163 13.17 31.46 -11.53
CA ALA B 163 12.30 30.43 -11.02
C ALA B 163 10.95 30.38 -11.72
N SER B 164 10.64 31.36 -12.57
CA SER B 164 9.37 31.43 -13.27
C SER B 164 9.49 31.08 -14.74
N VAL B 165 10.65 30.61 -15.20
CA VAL B 165 10.86 30.25 -16.59
C VAL B 165 10.97 28.73 -16.76
N MET B 166 11.78 28.08 -15.93
CA MET B 166 11.91 26.62 -16.03
C MET B 166 10.71 25.89 -15.45
N LEU B 167 9.92 26.57 -14.61
CA LEU B 167 8.70 25.96 -14.09
C LEU B 167 7.61 25.89 -15.16
N ASN B 168 7.58 26.88 -16.05
CA ASN B 168 6.60 26.88 -17.13
C ASN B 168 6.94 25.89 -18.24
N ILE B 169 8.21 25.53 -18.40
CA ILE B 169 8.59 24.62 -19.47
C ILE B 169 8.60 23.16 -19.01
N MET B 170 8.78 22.91 -17.72
CA MET B 170 8.80 21.54 -17.22
C MET B 170 7.44 20.88 -17.31
N GLU B 171 6.35 21.67 -17.41
CA GLU B 171 5.03 21.10 -17.57
C GLU B 171 4.78 20.58 -18.97
N GLU B 172 5.28 21.29 -19.98
CA GLU B 172 4.95 20.97 -21.37
C GLU B 172 5.51 19.61 -21.78
N TYR B 173 6.76 19.32 -21.41
CA TYR B 173 7.44 18.11 -21.83
C TYR B 173 7.39 17.01 -20.78
N ASP B 174 6.38 17.03 -19.91
CA ASP B 174 6.16 16.02 -18.88
C ASP B 174 7.34 15.90 -17.92
N TRP B 175 8.11 16.98 -17.76
CA TRP B 175 9.24 16.99 -16.83
C TRP B 175 8.74 17.37 -15.44
N TYR B 176 8.02 16.42 -14.84
CA TYR B 176 7.38 16.65 -13.55
C TYR B 176 8.24 16.24 -12.36
N ILE B 177 9.44 15.71 -12.60
CA ILE B 177 10.35 15.28 -11.55
C ILE B 177 11.66 16.02 -11.72
N PHE B 178 12.17 16.60 -10.62
CA PHE B 178 13.37 17.42 -10.67
C PHE B 178 14.07 17.37 -9.33
N SER B 179 15.30 17.86 -9.31
CA SER B 179 16.09 17.96 -8.09
C SER B 179 17.03 19.16 -8.20
N ILE B 180 17.51 19.62 -7.05
CA ILE B 180 18.34 20.82 -6.97
C ILE B 180 19.68 20.44 -6.33
N VAL B 181 20.77 20.84 -6.98
CA VAL B 181 22.11 20.75 -6.42
C VAL B 181 22.76 22.12 -6.48
N THR B 182 23.40 22.52 -5.38
CA THR B 182 24.09 23.81 -5.28
C THR B 182 25.01 23.73 -4.07
N THR B 183 25.58 24.87 -3.69
CA THR B 183 26.43 24.93 -2.51
C THR B 183 26.29 26.33 -1.91
N TYR B 184 27.22 26.67 -1.00
CA TYR B 184 27.21 28.00 -0.38
C TYR B 184 27.55 29.05 -1.43
N PHE B 185 26.55 29.79 -1.89
CA PHE B 185 26.72 30.78 -2.94
C PHE B 185 26.01 32.06 -2.55
N PRO B 186 26.47 33.20 -3.06
CA PRO B 186 25.83 34.51 -2.74
C PRO B 186 24.54 34.73 -3.51
N GLY B 187 23.44 34.20 -2.97
CA GLY B 187 22.14 34.40 -3.58
C GLY B 187 21.31 33.13 -3.76
N TYR B 188 21.70 32.05 -3.09
CA TYR B 188 20.95 30.81 -3.16
C TYR B 188 19.85 30.71 -2.11
N GLN B 189 19.97 31.45 -1.00
CA GLN B 189 18.99 31.34 0.07
C GLN B 189 17.61 31.82 -0.36
N ASP B 190 17.55 32.94 -1.08
CA ASP B 190 16.26 33.47 -1.50
C ASP B 190 15.67 32.71 -2.69
N PHE B 191 16.53 32.20 -3.58
CA PHE B 191 16.03 31.50 -4.76
C PHE B 191 15.31 30.21 -4.39
N VAL B 192 15.85 29.45 -3.44
CA VAL B 192 15.25 28.17 -3.08
C VAL B 192 13.92 28.35 -2.36
N ASN B 193 13.69 29.52 -1.75
CA ASN B 193 12.42 29.75 -1.07
C ASN B 193 11.27 29.93 -2.05
N LYS B 194 11.54 30.54 -3.21
CA LYS B 194 10.46 30.85 -4.15
C LYS B 194 9.92 29.60 -4.82
N ILE B 195 10.81 28.67 -5.21
CA ILE B 195 10.38 27.51 -5.98
C ILE B 195 9.45 26.63 -5.17
N ARG B 196 9.78 26.39 -3.90
CA ARG B 196 8.92 25.57 -3.05
C ARG B 196 7.63 26.29 -2.67
N SER B 197 7.59 27.62 -2.78
CA SER B 197 6.39 28.36 -2.44
C SER B 197 5.27 28.13 -3.45
N THR B 198 5.61 27.94 -4.73
CA THR B 198 4.60 27.71 -5.76
C THR B 198 4.09 26.28 -5.77
N ILE B 199 4.81 25.35 -5.14
CA ILE B 199 4.39 23.95 -5.16
C ILE B 199 3.15 23.74 -4.29
N GLU B 200 3.12 24.33 -3.10
CA GLU B 200 2.05 24.04 -2.16
C GLU B 200 0.70 24.54 -2.67
N ASN B 201 0.66 25.74 -3.25
CA ASN B 201 -0.61 26.33 -3.70
C ASN B 201 -0.89 25.90 -5.14
N SER B 202 -1.26 24.63 -5.27
CA SER B 202 -1.61 24.07 -6.56
C SER B 202 -2.48 22.83 -6.35
N PHE B 203 -3.23 22.48 -7.39
CA PHE B 203 -4.08 21.29 -7.36
C PHE B 203 -3.40 20.04 -7.91
N VAL B 204 -2.16 20.16 -8.38
CA VAL B 204 -1.43 19.05 -8.99
C VAL B 204 -0.14 18.84 -8.21
N GLY B 205 0.14 17.60 -7.83
CA GLY B 205 1.33 17.31 -7.07
C GLY B 205 2.60 17.47 -7.90
N TRP B 206 3.71 17.61 -7.19
CA TRP B 206 5.02 17.80 -7.80
C TRP B 206 6.02 16.82 -7.19
N GLU B 207 6.96 16.37 -8.02
CA GLU B 207 7.94 15.38 -7.61
C GLU B 207 9.26 16.07 -7.29
N LEU B 208 9.73 15.89 -6.05
CA LEU B 208 11.01 16.44 -5.61
C LEU B 208 11.82 15.31 -4.99
N GLU B 209 13.08 15.19 -5.39
CA GLU B 209 13.99 14.15 -4.88
C GLU B 209 15.15 14.84 -4.19
N GLU B 210 14.95 15.19 -2.93
CA GLU B 210 15.98 15.76 -2.05
C GLU B 210 16.54 17.08 -2.57
N VAL B 211 17.34 17.75 -1.73
CA VAL B 211 18.07 18.96 -2.11
C VAL B 211 19.50 18.80 -1.63
N LEU B 212 20.45 18.95 -2.55
CA LEU B 212 21.86 18.70 -2.26
C LEU B 212 22.60 20.03 -2.09
N LEU B 213 23.36 20.14 -1.00
CA LEU B 213 24.13 21.32 -0.65
C LEU B 213 25.55 20.94 -0.24
N LEU B 214 26.19 20.11 -1.06
CA LEU B 214 27.52 19.62 -0.75
C LEU B 214 28.52 20.77 -0.68
N ASP B 215 29.38 20.72 0.33
CA ASP B 215 30.38 21.77 0.52
C ASP B 215 31.48 21.66 -0.54
N MET B 216 31.90 22.82 -1.04
CA MET B 216 32.97 22.89 -2.03
C MET B 216 34.22 23.59 -1.55
N SER B 217 34.14 24.43 -0.51
CA SER B 217 35.32 25.13 -0.01
C SER B 217 36.32 24.16 0.60
N LEU B 218 35.83 23.15 1.32
CA LEU B 218 36.71 22.20 1.99
C LEU B 218 37.46 21.36 0.95
N ASP B 219 38.76 21.19 1.16
CA ASP B 219 39.58 20.42 0.25
C ASP B 219 39.41 18.92 0.51
N ASP B 220 39.91 18.12 -0.44
CA ASP B 220 39.83 16.66 -0.37
C ASP B 220 38.39 16.20 -0.23
N GLY B 221 37.48 16.87 -0.94
CA GLY B 221 36.07 16.55 -0.91
C GLY B 221 35.61 15.54 -1.94
N ASP B 222 36.55 14.90 -2.66
CA ASP B 222 36.16 13.93 -3.67
C ASP B 222 35.43 12.74 -3.06
N SER B 223 35.88 12.27 -1.89
CA SER B 223 35.21 11.15 -1.23
C SER B 223 33.88 11.56 -0.63
N LYS B 224 33.62 12.87 -0.48
CA LYS B 224 32.39 13.36 0.13
C LYS B 224 31.36 13.83 -0.90
N ILE B 225 31.65 13.68 -2.19
CA ILE B 225 30.73 14.11 -3.24
C ILE B 225 30.24 12.92 -4.07
N GLN B 226 31.11 11.95 -4.36
CA GLN B 226 30.70 10.81 -5.17
C GLN B 226 29.63 9.97 -4.46
N ASN B 227 29.79 9.76 -3.15
CA ASN B 227 28.79 9.01 -2.41
C ASN B 227 27.45 9.73 -2.37
N GLN B 228 27.48 11.05 -2.18
CA GLN B 228 26.24 11.82 -2.16
C GLN B 228 25.61 11.89 -3.54
N LEU B 229 26.43 11.93 -4.60
CA LEU B 229 25.90 11.97 -5.96
C LEU B 229 25.15 10.69 -6.30
N LYS B 230 25.48 9.58 -5.63
CA LYS B 230 24.76 8.33 -5.88
C LYS B 230 23.34 8.39 -5.35
N LYS B 231 23.08 9.24 -4.35
CA LYS B 231 21.74 9.38 -3.79
C LYS B 231 20.78 10.05 -4.76
N LEU B 232 21.28 10.66 -5.84
CA LEU B 232 20.44 11.31 -6.83
C LEU B 232 20.02 10.30 -7.89
N GLN B 233 18.71 10.17 -8.09
CA GLN B 233 18.18 9.22 -9.06
C GLN B 233 17.12 9.81 -9.97
N SER B 234 16.74 11.07 -9.80
CA SER B 234 15.73 11.68 -10.65
C SER B 234 16.27 11.82 -12.07
N PRO B 235 15.46 11.50 -13.08
CA PRO B 235 15.93 11.64 -14.47
C PRO B 235 16.30 13.06 -14.85
N ILE B 236 15.60 14.06 -14.32
CA ILE B 236 15.88 15.46 -14.62
C ILE B 236 16.44 16.10 -13.35
N ILE B 237 17.62 16.71 -13.47
CA ILE B 237 18.31 17.32 -12.33
C ILE B 237 18.68 18.75 -12.70
N LEU B 238 18.30 19.69 -11.83
CA LEU B 238 18.63 21.09 -11.98
C LEU B 238 19.85 21.43 -11.12
N LEU B 239 20.74 22.25 -11.68
CA LEU B 239 21.97 22.64 -10.99
C LEU B 239 22.08 24.15 -10.96
N TYR B 240 22.74 24.65 -9.91
CA TYR B 240 22.97 26.09 -9.71
C TYR B 240 24.40 26.24 -9.22
N CYS B 241 25.33 26.47 -10.15
CA CYS B 241 26.74 26.63 -9.85
C CYS B 241 27.29 27.75 -10.73
N THR B 242 28.63 27.85 -10.77
CA THR B 242 29.30 28.83 -11.61
C THR B 242 30.40 28.13 -12.40
N LYS B 243 30.45 28.40 -13.70
CA LYS B 243 31.33 27.65 -14.61
C LYS B 243 32.78 27.67 -14.14
N GLU B 244 33.22 28.76 -13.54
CA GLU B 244 34.59 28.84 -13.04
C GLU B 244 34.84 27.80 -11.96
N GLU B 245 33.87 27.61 -11.06
CA GLU B 245 34.00 26.62 -9.99
C GLU B 245 33.22 25.35 -10.24
N ALA B 246 32.39 25.29 -11.28
CA ALA B 246 31.62 24.10 -11.60
C ALA B 246 32.38 23.13 -12.50
N THR B 247 33.59 23.49 -12.95
CA THR B 247 34.39 22.56 -13.75
C THR B 247 34.63 21.27 -13.01
N TYR B 248 34.74 21.32 -11.68
CA TYR B 248 34.80 20.10 -10.88
C TYR B 248 33.44 19.43 -10.76
N ILE B 249 32.35 20.19 -10.88
CA ILE B 249 31.02 19.62 -10.72
C ILE B 249 30.70 18.68 -11.86
N PHE B 250 31.00 19.08 -13.10
CA PHE B 250 30.78 18.17 -14.23
C PHE B 250 31.74 16.98 -14.18
N GLU B 251 32.94 17.18 -13.63
CA GLU B 251 33.91 16.09 -13.55
C GLU B 251 33.40 14.96 -12.68
N VAL B 252 32.92 15.28 -11.48
CA VAL B 252 32.39 14.24 -10.59
C VAL B 252 31.07 13.71 -11.12
N ALA B 253 30.24 14.58 -11.70
CA ALA B 253 28.96 14.14 -12.26
C ALA B 253 29.18 13.16 -13.41
N ASN B 254 30.12 13.46 -14.30
CA ASN B 254 30.45 12.54 -15.39
C ASN B 254 31.30 11.37 -14.93
N SER B 255 31.89 11.44 -13.73
CA SER B 255 32.62 10.31 -13.20
C SER B 255 31.69 9.13 -12.90
N VAL B 256 30.60 9.40 -12.18
CA VAL B 256 29.60 8.36 -11.92
C VAL B 256 28.76 8.09 -13.17
N GLY B 257 28.77 9.01 -14.13
CA GLY B 257 28.08 8.78 -15.39
C GLY B 257 26.58 8.68 -15.31
N LEU B 258 25.94 9.55 -14.53
CA LEU B 258 24.48 9.58 -14.47
C LEU B 258 23.90 10.57 -15.49
N THR B 259 24.39 10.47 -16.73
CA THR B 259 23.91 11.29 -17.82
C THR B 259 23.79 10.49 -19.11
N GLY B 260 23.48 9.20 -19.00
CA GLY B 260 23.49 8.32 -20.15
C GLY B 260 22.46 8.65 -21.22
N TYR B 261 21.20 8.31 -20.97
CA TYR B 261 20.16 8.53 -21.97
C TYR B 261 18.97 9.31 -21.43
N GLY B 262 18.59 9.10 -20.18
CA GLY B 262 17.39 9.73 -19.65
C GLY B 262 17.66 10.92 -18.75
N TYR B 263 18.87 11.47 -18.80
CA TYR B 263 19.27 12.58 -17.95
C TYR B 263 19.56 13.80 -18.79
N THR B 264 18.91 14.92 -18.46
CA THR B 264 19.06 16.17 -19.20
C THR B 264 19.34 17.29 -18.20
N TRP B 265 20.32 18.12 -18.51
CA TRP B 265 20.76 19.18 -17.62
C TRP B 265 20.23 20.53 -18.09
N ILE B 266 19.57 21.24 -17.18
CA ILE B 266 19.12 22.62 -17.40
C ILE B 266 19.99 23.53 -16.54
N VAL B 267 20.48 24.62 -17.14
CA VAL B 267 21.38 25.53 -16.44
C VAL B 267 20.86 26.96 -16.57
N PRO B 268 21.10 27.82 -15.58
CA PRO B 268 20.68 29.21 -15.68
C PRO B 268 21.60 29.99 -16.63
N SER B 269 21.33 31.29 -16.72
CA SER B 269 22.09 32.14 -17.64
C SER B 269 23.55 32.24 -17.23
N LEU B 270 23.82 32.37 -15.94
CA LEU B 270 25.19 32.62 -15.48
C LEU B 270 26.09 31.40 -15.59
N VAL B 271 25.52 30.19 -15.64
CA VAL B 271 26.35 28.99 -15.75
C VAL B 271 27.06 28.95 -17.09
N ALA B 272 26.32 29.18 -18.18
CA ALA B 272 26.93 29.17 -19.50
C ALA B 272 27.93 30.30 -19.66
N GLY B 273 27.58 31.49 -19.18
CA GLY B 273 28.46 32.64 -19.31
C GLY B 273 28.49 33.20 -20.72
N ASP B 274 29.07 32.44 -21.64
CA ASP B 274 29.13 32.82 -23.03
C ASP B 274 29.02 31.56 -23.89
N THR B 275 28.34 31.70 -25.05
CA THR B 275 28.18 30.57 -25.95
C THR B 275 29.53 30.11 -26.50
N ASP B 276 30.40 31.05 -26.85
CA ASP B 276 31.71 30.70 -27.42
C ASP B 276 32.58 29.98 -26.40
N THR B 277 32.54 30.43 -25.14
CA THR B 277 33.40 29.88 -24.10
C THR B 277 32.90 28.48 -23.73
N VAL B 278 33.49 27.46 -24.35
CA VAL B 278 33.12 26.07 -24.08
C VAL B 278 34.35 25.30 -23.61
N PRO B 279 34.40 24.90 -22.34
CA PRO B 279 35.52 24.08 -21.86
C PRO B 279 35.49 22.63 -22.31
N ALA B 280 34.62 22.28 -23.26
CA ALA B 280 34.51 20.92 -23.80
C ALA B 280 34.25 19.89 -22.71
N GLU B 281 33.38 20.24 -21.77
CA GLU B 281 33.02 19.34 -20.68
C GLU B 281 31.54 18.98 -20.63
N PHE B 282 30.67 19.79 -21.21
CA PHE B 282 29.24 19.49 -21.18
C PHE B 282 28.92 18.29 -22.06
N PRO B 283 27.95 17.47 -21.65
CA PRO B 283 27.50 16.37 -22.51
C PRO B 283 26.67 16.90 -23.67
N THR B 284 26.53 16.04 -24.68
CA THR B 284 25.75 16.41 -25.85
C THR B 284 24.27 16.58 -25.49
N GLY B 285 23.69 17.71 -25.87
CA GLY B 285 22.30 17.97 -25.65
C GLY B 285 21.94 18.79 -24.43
N LEU B 286 22.84 19.68 -24.00
CA LEU B 286 22.52 20.55 -22.87
C LEU B 286 21.58 21.66 -23.31
N ILE B 287 20.51 21.86 -22.56
CA ILE B 287 19.51 22.88 -22.85
C ILE B 287 19.64 23.97 -21.80
N SER B 288 19.58 25.23 -22.24
CA SER B 288 19.78 26.37 -21.35
C SER B 288 18.79 27.48 -21.68
N VAL B 289 18.61 28.36 -20.71
CA VAL B 289 17.81 29.58 -20.88
C VAL B 289 18.63 30.76 -20.38
N SER B 290 18.79 31.78 -21.23
CA SER B 290 19.64 32.91 -20.91
C SER B 290 19.08 34.16 -21.58
N TYR B 291 19.63 35.31 -21.15
CA TYR B 291 19.27 36.58 -21.76
C TYR B 291 19.63 36.57 -23.24
N ASP B 292 18.71 37.10 -24.06
CA ASP B 292 18.92 37.11 -25.51
C ASP B 292 20.02 38.10 -25.88
N GLU B 293 20.94 37.65 -26.73
CA GLU B 293 21.98 38.52 -27.26
C GLU B 293 21.97 38.47 -28.78
N TRP B 294 21.55 37.34 -29.34
CA TRP B 294 21.40 37.23 -30.77
C TRP B 294 20.26 38.11 -31.29
N ASP B 295 19.15 38.16 -30.54
CA ASP B 295 18.00 38.95 -30.95
C ASP B 295 18.03 40.38 -30.41
N TYR B 296 19.00 40.71 -29.55
CA TYR B 296 19.15 42.06 -29.00
C TYR B 296 20.56 42.54 -29.31
N GLY B 297 20.68 43.47 -30.26
CA GLY B 297 21.98 43.91 -30.72
C GLY B 297 22.63 44.91 -29.79
N LEU B 298 23.89 45.21 -30.11
CA LEU B 298 24.65 46.19 -29.33
C LEU B 298 24.06 47.59 -29.37
N PRO B 299 23.71 48.18 -30.52
CA PRO B 299 23.23 49.57 -30.50
C PRO B 299 21.85 49.73 -29.90
N ALA B 300 21.05 48.66 -29.82
CA ALA B 300 19.71 48.78 -29.27
C ALA B 300 19.73 48.95 -27.76
N ARG B 301 20.59 48.17 -27.08
CA ARG B 301 20.63 48.23 -25.62
C ARG B 301 21.29 49.51 -25.12
N VAL B 302 22.38 49.94 -25.77
CA VAL B 302 23.08 51.12 -25.32
C VAL B 302 22.22 52.36 -25.51
N ARG B 303 21.43 52.40 -26.58
CA ARG B 303 20.53 53.53 -26.80
C ARG B 303 19.38 53.55 -25.81
N ASP B 304 19.01 52.39 -25.25
CA ASP B 304 17.95 52.35 -24.25
C ASP B 304 18.42 52.95 -22.93
N GLY B 305 19.69 52.74 -22.58
CA GLY B 305 20.20 53.26 -21.31
C GLY B 305 20.20 54.78 -21.27
N ILE B 306 20.67 55.43 -22.34
CA ILE B 306 20.63 56.89 -22.38
C ILE B 306 19.20 57.40 -22.45
N ALA B 307 18.31 56.66 -23.13
CA ALA B 307 16.91 57.07 -23.21
C ALA B 307 16.22 57.00 -21.86
N ILE B 308 16.52 55.96 -21.07
CA ILE B 308 15.86 55.77 -19.78
C ILE B 308 16.21 56.92 -18.83
N ILE B 309 17.49 57.27 -18.77
CA ILE B 309 17.92 58.33 -17.88
C ILE B 309 17.36 59.68 -18.33
N THR B 310 17.43 59.96 -19.63
CA THR B 310 16.93 61.23 -20.13
C THR B 310 15.43 61.37 -19.93
N THR B 311 14.67 60.30 -20.19
CA THR B 311 13.22 60.36 -20.01
C THR B 311 12.83 60.36 -18.54
N ALA B 312 13.74 60.01 -17.64
CA ALA B 312 13.44 60.07 -16.22
C ALA B 312 13.42 61.51 -15.72
N ALA B 313 14.31 62.34 -16.25
CA ALA B 313 14.35 63.75 -15.84
C ALA B 313 13.19 64.55 -16.42
N SER B 314 12.59 64.08 -17.52
CA SER B 314 11.45 64.80 -18.10
C SER B 314 10.26 64.79 -17.15
N ASP B 315 10.01 63.67 -16.48
CA ASP B 315 8.90 63.59 -15.53
C ASP B 315 9.16 64.50 -14.33
N MET B 316 10.40 64.60 -13.88
CA MET B 316 10.73 65.45 -12.75
C MET B 316 10.43 66.91 -13.07
N LEU B 317 10.87 67.38 -14.25
CA LEU B 317 10.60 68.75 -14.65
C LEU B 317 9.14 68.96 -15.05
N SER B 318 8.38 67.89 -15.28
CA SER B 318 6.99 68.03 -15.68
C SER B 318 6.14 68.61 -14.57
N GLU B 319 6.40 68.22 -13.32
CA GLU B 319 5.60 68.64 -12.19
C GLU B 319 6.35 69.60 -11.27
N HIS B 320 7.52 69.19 -10.77
CA HIS B 320 8.27 70.05 -9.86
C HIS B 320 8.96 71.19 -10.60
N SER B 321 9.29 70.99 -11.88
CA SER B 321 9.97 72.00 -12.69
C SER B 321 11.28 72.46 -12.04
N PHE B 322 12.02 71.52 -11.47
CA PHE B 322 13.30 71.82 -10.84
C PHE B 322 14.19 70.60 -10.93
N ILE B 323 15.50 70.84 -10.85
CA ILE B 323 16.50 69.77 -10.91
C ILE B 323 17.51 69.97 -9.80
N PRO B 324 17.76 68.96 -8.96
CA PRO B 324 18.79 69.10 -7.93
C PRO B 324 20.17 69.30 -8.56
N GLU B 325 21.00 70.09 -7.89
CA GLU B 325 22.32 70.45 -8.39
C GLU B 325 23.36 70.14 -7.31
N PRO B 326 23.78 68.88 -7.20
CA PRO B 326 24.84 68.53 -6.24
C PRO B 326 26.20 68.97 -6.72
N LYS B 327 27.23 68.78 -5.89
CA LYS B 327 28.58 69.17 -6.27
C LYS B 327 29.11 68.25 -7.35
N SER B 328 29.64 68.84 -8.42
CA SER B 328 30.18 68.07 -9.55
C SER B 328 31.69 67.94 -9.40
N SER B 329 32.10 67.21 -8.36
CA SER B 329 33.51 66.97 -8.10
C SER B 329 33.64 65.69 -7.29
N CYS B 330 34.75 64.98 -7.52
CA CYS B 330 35.05 63.75 -6.79
C CYS B 330 35.92 64.00 -5.57
N TYR B 331 35.83 65.18 -4.96
CA TYR B 331 36.55 65.52 -3.74
C TYR B 331 35.55 65.95 -2.68
N ASN B 332 35.66 65.35 -1.50
CA ASN B 332 34.75 65.62 -0.37
C ASN B 332 33.29 65.44 -0.79
N THR B 333 33.03 64.33 -1.47
CA THR B 333 31.66 64.05 -1.93
C THR B 333 30.74 63.70 -0.77
N HIS B 334 31.30 63.15 0.31
CA HIS B 334 30.47 62.77 1.46
C HIS B 334 29.80 63.98 2.09
N GLU B 335 30.54 65.08 2.23
CA GLU B 335 29.99 66.30 2.83
C GLU B 335 29.26 67.17 1.81
N LYS B 336 29.31 66.83 0.52
CA LYS B 336 28.66 67.62 -0.52
C LYS B 336 27.44 66.92 -1.11
N ARG B 337 26.88 65.94 -0.39
CA ARG B 337 25.70 65.20 -0.83
C ARG B 337 24.43 65.70 -0.17
N ILE B 338 24.34 67.01 0.08
CA ILE B 338 23.16 67.57 0.74
C ILE B 338 21.93 67.41 -0.14
N TYR B 339 22.07 67.71 -1.43
CA TYR B 339 20.96 67.64 -2.38
C TYR B 339 20.73 66.17 -2.72
N GLN B 340 19.89 65.51 -1.93
CA GLN B 340 19.59 64.10 -2.15
C GLN B 340 18.80 63.91 -3.45
N SER B 341 19.09 62.81 -4.13
CA SER B 341 18.42 62.46 -5.38
C SER B 341 17.33 61.41 -5.18
N ASN B 342 16.62 61.48 -4.04
CA ASN B 342 15.57 60.51 -3.75
C ASN B 342 14.42 60.61 -4.75
N MET B 343 14.21 61.78 -5.34
CA MET B 343 13.12 61.95 -6.29
C MET B 343 13.33 61.09 -7.53
N LEU B 344 14.56 61.05 -8.04
CA LEU B 344 14.84 60.25 -9.24
C LEU B 344 14.64 58.77 -8.98
N ASN B 345 15.03 58.30 -7.79
CA ASN B 345 14.86 56.89 -7.45
C ASN B 345 13.39 56.50 -7.40
N ARG B 346 12.55 57.37 -6.84
CA ARG B 346 11.14 57.09 -6.67
C ARG B 346 10.31 57.40 -7.91
N TYR B 347 10.90 58.04 -8.92
CA TYR B 347 10.18 58.38 -10.15
C TYR B 347 10.71 57.63 -11.36
N LEU B 348 11.31 56.46 -11.15
CA LEU B 348 11.85 55.65 -12.24
C LEU B 348 10.90 54.54 -12.66
N ILE B 349 9.97 54.13 -11.79
CA ILE B 349 9.06 53.03 -12.12
C ILE B 349 8.15 53.40 -13.29
N ASN B 350 7.81 54.68 -13.43
CA ASN B 350 6.95 55.14 -14.51
C ASN B 350 7.79 55.64 -15.69
N VAL B 351 8.63 54.74 -16.20
CA VAL B 351 9.51 55.04 -17.33
C VAL B 351 9.21 54.04 -18.44
N THR B 352 8.90 54.55 -19.63
CA THR B 352 8.61 53.72 -20.79
C THR B 352 9.36 54.25 -22.00
N PHE B 353 9.76 53.32 -22.88
CA PHE B 353 10.46 53.67 -24.11
C PHE B 353 9.85 52.86 -25.25
N GLU B 354 9.48 53.56 -26.34
CA GLU B 354 8.91 52.93 -27.53
C GLU B 354 7.63 52.17 -27.21
N GLY B 355 6.91 52.59 -26.17
CA GLY B 355 5.66 51.96 -25.80
C GLY B 355 5.77 50.71 -24.97
N ARG B 356 6.99 50.27 -24.65
CA ARG B 356 7.21 49.07 -23.86
C ARG B 356 7.64 49.47 -22.45
N ASN B 357 7.00 48.89 -21.45
CA ASN B 357 7.33 49.19 -20.06
C ASN B 357 8.71 48.65 -19.72
N LEU B 358 9.52 49.48 -19.07
CA LEU B 358 10.85 49.11 -18.60
C LEU B 358 11.05 49.56 -17.17
N SER B 359 10.07 49.28 -16.32
CA SER B 359 10.12 49.71 -14.94
C SER B 359 11.23 48.97 -14.19
N PHE B 360 11.94 49.72 -13.35
CA PHE B 360 13.02 49.17 -12.53
C PHE B 360 12.64 49.28 -11.06
N SER B 361 12.71 48.16 -10.36
CA SER B 361 12.41 48.12 -8.93
C SER B 361 13.62 48.62 -8.14
N GLU B 362 13.57 48.46 -6.82
CA GLU B 362 14.71 48.86 -5.99
C GLU B 362 15.92 47.97 -6.21
N ASP B 363 15.74 46.80 -6.81
CA ASP B 363 16.85 45.91 -7.13
C ASP B 363 17.50 46.25 -8.46
N GLY B 364 16.98 47.24 -9.19
CA GLY B 364 17.55 47.62 -10.47
C GLY B 364 17.43 46.58 -11.57
N TYR B 365 16.25 45.97 -11.71
CA TYR B 365 16.00 44.99 -12.76
C TYR B 365 14.70 45.33 -13.46
N GLN B 366 14.66 45.05 -14.77
CA GLN B 366 13.46 45.31 -15.55
C GLN B 366 12.36 44.29 -15.26
N MET B 367 12.75 43.05 -14.92
CA MET B 367 11.85 41.98 -14.50
C MET B 367 11.02 41.43 -15.66
N HIS B 368 11.09 42.08 -16.83
CA HIS B 368 10.49 41.55 -18.05
C HIS B 368 11.48 41.64 -19.19
N PRO B 369 12.55 40.84 -19.16
CA PRO B 369 13.48 40.80 -20.29
C PRO B 369 13.14 39.71 -21.29
N LYS B 370 13.84 39.67 -22.41
CA LYS B 370 13.65 38.63 -23.41
C LYS B 370 14.56 37.45 -23.10
N LEU B 371 13.96 36.30 -22.84
CA LEU B 371 14.70 35.08 -22.53
C LEU B 371 14.68 34.14 -23.73
N VAL B 372 15.77 33.43 -23.95
CA VAL B 372 15.93 32.54 -25.09
C VAL B 372 16.15 31.13 -24.59
N ILE B 373 15.35 30.19 -25.09
CA ILE B 373 15.51 28.77 -24.79
C ILE B 373 16.50 28.20 -25.81
N ILE B 374 17.73 27.94 -25.37
CA ILE B 374 18.83 27.60 -26.26
C ILE B 374 19.38 26.23 -25.84
N LEU B 375 19.52 25.33 -26.81
CA LEU B 375 19.94 23.96 -26.57
C LEU B 375 21.27 23.70 -27.27
N LEU B 376 22.22 23.12 -26.54
CA LEU B 376 23.49 22.74 -27.14
C LEU B 376 23.27 21.63 -28.15
N ASN B 377 23.95 21.75 -29.30
CA ASN B 377 23.77 20.82 -30.41
C ASN B 377 24.55 19.53 -30.15
N LYS B 378 24.66 18.68 -31.18
CA LYS B 378 25.44 17.45 -31.04
C LYS B 378 26.90 17.76 -30.77
N GLU B 379 27.47 18.73 -31.47
CA GLU B 379 28.81 19.21 -31.21
C GLU B 379 28.77 20.29 -30.13
N ARG B 380 29.92 20.87 -29.82
CA ARG B 380 30.03 21.90 -28.79
C ARG B 380 29.61 23.26 -29.37
N LYS B 381 28.37 23.33 -29.81
CA LYS B 381 27.79 24.54 -30.38
C LYS B 381 26.44 24.81 -29.72
N TRP B 382 26.23 26.04 -29.28
CA TRP B 382 24.98 26.45 -28.65
C TRP B 382 24.02 26.96 -29.72
N GLU B 383 22.83 26.38 -29.77
CA GLU B 383 21.83 26.73 -30.78
C GLU B 383 20.50 27.06 -30.12
N ARG B 384 19.89 28.15 -30.56
CA ARG B 384 18.59 28.54 -30.02
C ARG B 384 17.50 27.60 -30.48
N VAL B 385 16.57 27.29 -29.58
CA VAL B 385 15.44 26.41 -29.86
C VAL B 385 14.11 27.13 -29.69
N GLY B 386 13.92 27.80 -28.54
CA GLY B 386 12.70 28.51 -28.27
C GLY B 386 12.96 29.90 -27.75
N LYS B 387 11.88 30.67 -27.61
CA LYS B 387 11.94 32.03 -27.14
C LYS B 387 10.87 32.27 -26.08
N TRP B 388 11.13 33.25 -25.22
CA TRP B 388 10.22 33.62 -24.14
C TRP B 388 9.71 35.02 -24.39
N LYS B 389 8.38 35.17 -24.46
CA LYS B 389 7.78 36.47 -24.70
C LYS B 389 6.32 36.42 -24.25
N ASP B 390 5.84 37.55 -23.71
CA ASP B 390 4.46 37.68 -23.24
C ASP B 390 4.14 36.63 -22.18
N LYS B 391 5.14 36.24 -21.38
CA LYS B 391 4.98 35.22 -20.35
C LYS B 391 4.44 33.93 -20.92
N SER B 392 4.90 33.58 -22.13
CA SER B 392 4.44 32.38 -22.82
C SER B 392 5.64 31.68 -23.45
N LEU B 393 5.47 30.40 -23.73
CA LEU B 393 6.52 29.56 -24.29
C LEU B 393 6.09 29.04 -25.65
N GLN B 394 6.98 29.14 -26.63
CA GLN B 394 6.72 28.68 -28.00
C GLN B 394 7.86 27.75 -28.39
N MET B 395 7.72 26.47 -28.07
CA MET B 395 8.72 25.47 -28.42
C MET B 395 8.60 25.10 -29.89
N LYS B 396 9.74 25.10 -30.59
CA LYS B 396 9.75 24.72 -32.00
C LYS B 396 9.36 23.24 -32.17
N TYR B 397 9.87 22.38 -31.31
CA TYR B 397 9.56 20.96 -31.34
C TYR B 397 8.43 20.65 -30.36
N TYR B 398 8.12 19.36 -30.20
CA TYR B 398 7.07 18.94 -29.28
C TYR B 398 7.58 17.86 -28.35
N VAL B 399 8.53 17.05 -28.82
CA VAL B 399 9.09 15.95 -28.05
C VAL B 399 10.61 16.13 -27.99
N TRP B 400 11.17 15.95 -26.80
CA TRP B 400 12.61 16.08 -26.63
C TRP B 400 13.35 15.01 -27.43
N PRO B 401 14.55 15.31 -27.91
CA PRO B 401 15.29 14.34 -28.73
C PRO B 401 15.66 13.10 -27.91
N ARG B 402 15.71 11.96 -28.61
CA ARG B 402 16.04 10.69 -27.97
C ARG B 402 17.50 10.66 -27.51
N ASP B 412 15.09 -0.77 -23.73
CA ASP B 412 14.22 0.37 -23.92
C ASP B 412 13.25 0.51 -22.75
N ASP B 413 13.14 1.74 -22.23
CA ASP B 413 12.21 2.05 -21.15
C ASP B 413 11.20 3.11 -21.53
N HIS B 414 11.30 3.69 -22.72
CA HIS B 414 10.37 4.72 -23.19
C HIS B 414 9.60 4.12 -24.36
N LEU B 415 8.43 3.56 -24.06
CA LEU B 415 7.60 2.91 -25.05
C LEU B 415 6.47 3.87 -25.48
N SER B 416 5.57 3.36 -26.31
CA SER B 416 4.40 4.11 -26.77
C SER B 416 3.17 3.23 -26.61
N ILE B 417 2.02 3.89 -26.39
CA ILE B 417 0.74 3.22 -26.28
C ILE B 417 -0.26 3.94 -27.17
N VAL B 418 -1.26 3.20 -27.64
CA VAL B 418 -2.39 3.76 -28.38
C VAL B 418 -3.67 3.27 -27.72
N THR B 419 -4.58 4.20 -27.45
CA THR B 419 -5.81 3.92 -26.72
C THR B 419 -7.01 4.44 -27.51
N LEU B 420 -8.19 4.28 -26.92
CA LEU B 420 -9.44 4.71 -27.56
C LEU B 420 -10.44 5.06 -26.48
N GLU B 421 -11.45 5.83 -26.87
CA GLU B 421 -12.50 6.24 -25.94
C GLU B 421 -13.51 5.11 -25.75
N GLU B 422 -13.68 4.68 -24.51
CA GLU B 422 -14.68 3.68 -24.15
C GLU B 422 -15.49 4.23 -22.97
N ALA B 423 -16.71 3.72 -22.83
CA ALA B 423 -17.60 4.28 -21.81
C ALA B 423 -17.10 4.00 -20.39
N PRO B 424 -16.95 2.76 -19.94
CA PRO B 424 -16.53 2.53 -18.56
C PRO B 424 -15.04 2.25 -18.35
N PHE B 425 -14.23 2.25 -19.40
CA PHE B 425 -12.84 1.80 -19.31
C PHE B 425 -11.85 2.95 -19.47
N VAL B 426 -11.91 3.69 -20.58
CA VAL B 426 -11.00 4.80 -20.84
C VAL B 426 -11.84 6.03 -21.15
N ILE B 427 -11.78 7.03 -20.27
CA ILE B 427 -12.56 8.25 -20.39
C ILE B 427 -11.63 9.40 -20.72
N VAL B 428 -12.00 10.20 -21.72
CA VAL B 428 -11.21 11.34 -22.17
C VAL B 428 -11.93 12.61 -21.74
N GLU B 429 -11.19 13.52 -21.12
CA GLU B 429 -11.73 14.81 -20.70
C GLU B 429 -10.75 15.92 -21.06
N SER B 430 -11.28 17.13 -21.20
CA SER B 430 -10.48 18.26 -21.64
C SER B 430 -9.57 18.74 -20.51
N VAL B 431 -8.59 19.57 -20.89
CA VAL B 431 -7.62 20.10 -19.94
C VAL B 431 -8.24 21.28 -19.19
N ASP B 432 -8.02 21.32 -17.88
CA ASP B 432 -8.50 22.44 -17.08
C ASP B 432 -7.62 23.66 -17.32
N PRO B 433 -8.20 24.80 -17.70
CA PRO B 433 -7.37 25.98 -18.01
C PRO B 433 -6.86 26.72 -16.78
N LEU B 434 -7.51 26.58 -15.62
CA LEU B 434 -7.10 27.33 -14.44
C LEU B 434 -5.71 26.93 -13.98
N SER B 435 -5.42 25.63 -13.97
CA SER B 435 -4.14 25.12 -13.48
C SER B 435 -3.12 24.89 -14.59
N GLY B 436 -3.45 25.24 -15.83
CA GLY B 436 -2.56 24.98 -16.94
C GLY B 436 -2.65 23.54 -17.41
N THR B 437 -2.26 22.61 -16.53
CA THR B 437 -2.43 21.19 -16.80
C THR B 437 -3.88 20.79 -16.53
N CYS B 438 -4.19 19.52 -16.80
CA CYS B 438 -5.59 19.07 -16.71
C CYS B 438 -6.00 18.80 -15.27
N MET B 439 -5.39 17.79 -14.65
CA MET B 439 -5.82 17.31 -13.35
C MET B 439 -4.86 16.24 -12.82
N ARG B 440 -4.75 16.11 -11.51
CA ARG B 440 -3.98 15.05 -10.90
C ARG B 440 -4.79 13.76 -10.88
N ASN B 441 -4.08 12.63 -10.99
CA ASN B 441 -4.51 11.22 -11.03
C ASN B 441 -4.97 10.81 -12.42
N THR B 442 -4.97 11.70 -13.40
CA THR B 442 -5.22 11.36 -14.79
C THR B 442 -3.90 11.48 -15.56
N VAL B 443 -3.47 10.38 -16.15
CA VAL B 443 -2.23 10.40 -16.94
C VAL B 443 -2.43 11.30 -18.15
N PRO B 444 -1.46 12.14 -18.51
CA PRO B 444 -1.61 12.97 -19.71
C PRO B 444 -1.81 12.09 -20.94
N CYS B 445 -2.71 12.55 -21.82
CA CYS B 445 -3.20 11.74 -22.93
C CYS B 445 -3.16 12.60 -24.19
N GLN B 446 -2.03 12.57 -24.88
CA GLN B 446 -1.85 13.38 -26.08
C GLN B 446 -2.79 12.92 -27.19
N LYS B 447 -3.28 13.87 -27.98
CA LYS B 447 -4.14 13.59 -29.11
C LYS B 447 -3.55 14.23 -30.36
N ARG B 448 -3.45 13.45 -31.44
CA ARG B 448 -2.95 13.94 -32.70
C ARG B 448 -4.09 14.50 -33.55
N ILE B 449 -3.73 15.36 -34.50
CA ILE B 449 -4.67 15.99 -35.41
C ILE B 449 -5.75 16.75 -34.64
N GLY B 460 -1.70 19.28 -35.60
CA GLY B 460 -1.60 19.87 -34.28
C GLY B 460 -1.98 18.92 -33.16
N TYR B 461 -1.51 19.20 -31.95
CA TYR B 461 -1.79 18.39 -30.79
C TYR B 461 -2.55 19.21 -29.76
N ILE B 462 -3.65 18.65 -29.25
CA ILE B 462 -4.44 19.26 -28.19
C ILE B 462 -4.36 18.34 -26.98
N LYS B 463 -3.90 18.88 -25.86
CA LYS B 463 -3.70 18.07 -24.67
C LYS B 463 -5.03 17.61 -24.10
N LYS B 464 -5.13 16.32 -23.80
CA LYS B 464 -6.29 15.72 -23.15
C LYS B 464 -5.80 14.79 -22.05
N CYS B 465 -6.72 14.33 -21.22
CA CYS B 465 -6.37 13.49 -20.08
C CYS B 465 -7.22 12.22 -20.09
N CYS B 466 -6.59 11.10 -19.76
CA CYS B 466 -7.21 9.79 -19.81
C CYS B 466 -7.23 9.17 -18.41
N LYS B 467 -8.34 8.53 -18.08
CA LYS B 467 -8.48 7.85 -16.80
C LYS B 467 -9.53 6.75 -16.92
N GLY B 468 -9.50 5.81 -15.99
CA GLY B 468 -10.50 4.78 -15.93
C GLY B 468 -9.89 3.46 -15.51
N PHE B 469 -10.63 2.38 -15.80
CA PHE B 469 -10.21 1.04 -15.39
C PHE B 469 -8.94 0.61 -16.11
N CYS B 470 -8.92 0.77 -17.44
CA CYS B 470 -7.76 0.31 -18.21
C CYS B 470 -6.50 1.10 -17.84
N ILE B 471 -6.64 2.41 -17.65
CA ILE B 471 -5.48 3.24 -17.31
C ILE B 471 -4.93 2.86 -15.94
N ASP B 472 -5.82 2.56 -14.98
CA ASP B 472 -5.37 2.18 -13.65
C ASP B 472 -4.53 0.91 -13.69
N ILE B 473 -4.94 -0.06 -14.50
CA ILE B 473 -4.14 -1.27 -14.67
C ILE B 473 -2.79 -0.95 -15.29
N LEU B 474 -2.78 -0.03 -16.26
CA LEU B 474 -1.55 0.26 -16.99
C LEU B 474 -0.48 0.86 -16.08
N LYS B 475 -0.87 1.78 -15.19
CA LYS B 475 0.13 2.39 -14.32
C LYS B 475 0.61 1.43 -13.24
N LYS B 476 -0.22 0.44 -12.87
CA LYS B 476 0.23 -0.57 -11.92
C LYS B 476 1.30 -1.46 -12.53
N ILE B 477 1.15 -1.81 -13.81
CA ILE B 477 2.15 -2.63 -14.48
C ILE B 477 3.47 -1.89 -14.62
N SER B 478 3.41 -0.59 -14.93
CA SER B 478 4.62 0.20 -15.13
C SER B 478 5.44 0.32 -13.85
N LYS B 479 4.84 0.06 -12.69
CA LYS B 479 5.56 0.09 -11.43
C LYS B 479 6.24 -1.24 -11.10
N SER B 480 6.07 -2.25 -11.94
CA SER B 480 6.71 -3.54 -11.76
C SER B 480 7.50 -4.01 -12.98
N VAL B 481 7.40 -3.31 -14.11
CA VAL B 481 8.13 -3.66 -15.32
C VAL B 481 9.28 -2.69 -15.60
N LYS B 482 9.27 -1.52 -14.97
CA LYS B 482 10.29 -0.48 -15.14
C LYS B 482 10.35 0.00 -16.59
N PHE B 483 9.24 0.61 -17.01
CA PHE B 483 9.15 1.24 -18.32
C PHE B 483 8.16 2.39 -18.25
N THR B 484 8.20 3.26 -19.25
CA THR B 484 7.34 4.43 -19.33
C THR B 484 6.44 4.34 -20.56
N TYR B 485 5.65 5.39 -20.79
CA TYR B 485 4.64 5.36 -21.84
C TYR B 485 4.41 6.78 -22.36
N ASP B 486 3.89 6.85 -23.59
CA ASP B 486 3.61 8.10 -24.29
C ASP B 486 2.25 8.02 -24.97
N LEU B 487 1.22 7.65 -24.20
CA LEU B 487 -0.11 7.37 -24.74
C LEU B 487 -0.57 8.44 -25.72
N TYR B 488 -1.27 8.00 -26.77
CA TYR B 488 -1.85 8.91 -27.75
C TYR B 488 -3.06 8.24 -28.38
N LEU B 489 -4.12 9.03 -28.59
CA LEU B 489 -5.37 8.50 -29.14
C LEU B 489 -5.21 8.17 -30.62
N VAL B 490 -5.94 7.14 -31.05
CA VAL B 490 -5.92 6.73 -32.45
C VAL B 490 -6.84 7.65 -33.25
N THR B 491 -6.32 8.17 -34.36
CA THR B 491 -7.06 9.15 -35.16
C THR B 491 -7.91 8.49 -36.25
N ASN B 492 -7.27 7.72 -37.13
CA ASN B 492 -7.95 7.13 -38.28
C ASN B 492 -8.44 5.73 -37.94
N GLY B 493 -9.74 5.50 -38.07
CA GLY B 493 -10.32 4.20 -37.81
C GLY B 493 -10.42 3.92 -36.32
N LYS B 494 -10.95 2.74 -36.01
CA LYS B 494 -11.09 2.31 -34.62
C LYS B 494 -11.33 0.81 -34.58
N HIS B 495 -10.55 0.12 -33.74
CA HIS B 495 -10.73 -1.29 -33.41
C HIS B 495 -10.36 -2.23 -34.55
N GLY B 496 -10.04 -1.68 -35.72
CA GLY B 496 -9.48 -2.48 -36.79
C GLY B 496 -10.47 -3.27 -37.63
N LYS B 497 -10.33 -3.18 -38.94
CA LYS B 497 -11.11 -4.00 -39.86
C LYS B 497 -10.26 -4.27 -41.09
N LYS B 498 -9.88 -5.53 -41.29
CA LYS B 498 -8.99 -5.89 -42.40
C LYS B 498 -9.73 -5.73 -43.72
N ILE B 499 -9.36 -4.72 -44.49
CA ILE B 499 -9.97 -4.44 -45.79
C ILE B 499 -8.88 -4.43 -46.84
N ASN B 500 -9.04 -5.25 -47.89
CA ASN B 500 -8.15 -5.27 -49.04
C ASN B 500 -6.70 -5.51 -48.63
N GLY B 501 -6.50 -6.34 -47.61
CA GLY B 501 -5.17 -6.74 -47.22
C GLY B 501 -4.44 -5.79 -46.30
N THR B 502 -5.02 -4.64 -45.97
CA THR B 502 -4.40 -3.68 -45.07
C THR B 502 -5.31 -3.43 -43.88
N TRP B 503 -4.69 -3.22 -42.71
CA TRP B 503 -5.41 -3.03 -41.47
C TRP B 503 -5.57 -1.55 -41.17
N ASN B 504 -6.26 -1.25 -40.07
CA ASN B 504 -6.50 0.12 -39.64
C ASN B 504 -6.89 0.09 -38.16
N GLY B 505 -7.29 1.25 -37.64
CA GLY B 505 -7.75 1.30 -36.27
C GLY B 505 -6.63 1.15 -35.26
N MET B 506 -7.02 0.75 -34.04
CA MET B 506 -6.05 0.57 -32.96
C MET B 506 -5.04 -0.51 -33.30
N ILE B 507 -5.50 -1.64 -33.83
CA ILE B 507 -4.60 -2.73 -34.21
C ILE B 507 -3.85 -2.44 -35.50
N GLY B 508 -4.26 -1.42 -36.25
CA GLY B 508 -3.57 -1.06 -37.48
C GLY B 508 -2.29 -0.28 -37.29
N GLU B 509 -1.98 0.13 -36.06
CA GLU B 509 -0.74 0.84 -35.77
C GLU B 509 0.33 -0.07 -35.19
N VAL B 510 -0.05 -1.08 -34.41
CA VAL B 510 0.92 -2.02 -33.87
C VAL B 510 1.54 -2.85 -34.98
N VAL B 511 0.77 -3.18 -36.01
CA VAL B 511 1.28 -4.00 -37.11
C VAL B 511 2.36 -3.26 -37.89
N MET B 512 2.17 -1.96 -38.11
CA MET B 512 3.06 -1.17 -38.95
C MET B 512 4.11 -0.40 -38.14
N LYS B 513 4.44 -0.87 -36.95
CA LYS B 513 5.52 -0.30 -36.14
C LYS B 513 5.30 1.19 -35.88
N ARG B 514 4.24 1.47 -35.13
CA ARG B 514 3.94 2.85 -34.73
C ARG B 514 3.63 3.00 -33.25
N ALA B 515 3.20 1.95 -32.56
CA ALA B 515 2.86 2.08 -31.14
C ALA B 515 3.58 1.07 -30.26
N TYR B 516 3.79 -0.16 -30.75
CA TYR B 516 4.47 -1.24 -30.02
C TYR B 516 3.60 -1.80 -28.90
N MET B 517 2.46 -1.18 -28.62
CA MET B 517 1.52 -1.67 -27.62
C MET B 517 0.17 -1.00 -27.83
N ALA B 518 -0.86 -1.61 -27.24
CA ALA B 518 -2.22 -1.08 -27.34
C ALA B 518 -3.04 -1.67 -26.21
N VAL B 519 -3.54 -0.80 -25.32
CA VAL B 519 -4.36 -1.21 -24.20
C VAL B 519 -5.70 -0.47 -24.28
N GLY B 520 -6.79 -1.20 -24.06
CA GLY B 520 -8.11 -0.62 -24.13
C GLY B 520 -9.21 -1.66 -24.17
N SER B 521 -10.14 -1.49 -25.11
CA SER B 521 -11.25 -2.44 -25.31
C SER B 521 -10.94 -3.26 -26.56
N LEU B 522 -10.22 -4.37 -26.36
CA LEU B 522 -9.83 -5.26 -27.44
C LEU B 522 -10.30 -6.66 -27.14
N THR B 523 -10.94 -7.30 -28.12
CA THR B 523 -11.47 -8.64 -27.96
C THR B 523 -10.57 -9.64 -28.68
N ILE B 524 -10.15 -10.68 -27.97
CA ILE B 524 -9.24 -11.68 -28.54
C ILE B 524 -10.01 -12.56 -29.51
N ASN B 525 -9.45 -12.74 -30.70
CA ASN B 525 -9.99 -13.68 -31.67
C ASN B 525 -8.86 -14.13 -32.59
N GLU B 526 -9.14 -15.17 -33.38
CA GLU B 526 -8.11 -15.84 -34.14
C GLU B 526 -7.47 -14.93 -35.18
N GLU B 527 -8.29 -14.13 -35.86
CA GLU B 527 -7.79 -13.33 -36.98
C GLU B 527 -6.73 -12.32 -36.56
N ARG B 528 -6.73 -11.88 -35.31
CA ARG B 528 -5.72 -10.96 -34.83
C ARG B 528 -4.52 -11.65 -34.20
N SER B 529 -4.68 -12.88 -33.73
CA SER B 529 -3.57 -13.59 -33.10
C SER B 529 -2.46 -13.89 -34.09
N GLU B 530 -2.79 -14.12 -35.37
CA GLU B 530 -1.77 -14.37 -36.37
C GLU B 530 -0.90 -13.14 -36.61
N VAL B 531 -1.52 -11.96 -36.66
CA VAL B 531 -0.80 -10.73 -36.98
C VAL B 531 -0.12 -10.14 -35.75
N VAL B 532 -0.82 -10.07 -34.62
CA VAL B 532 -0.28 -9.52 -33.38
C VAL B 532 -0.50 -10.53 -32.27
N ASP B 533 0.24 -10.36 -31.19
CA ASP B 533 0.15 -11.24 -30.03
C ASP B 533 -0.74 -10.61 -28.96
N PHE B 534 -1.28 -11.47 -28.09
CA PHE B 534 -2.16 -11.06 -27.01
C PHE B 534 -1.67 -11.65 -25.70
N SER B 535 -1.85 -10.88 -24.63
CA SER B 535 -1.41 -11.29 -23.30
C SER B 535 -2.53 -12.09 -22.62
N VAL B 536 -2.36 -12.36 -21.33
CA VAL B 536 -3.37 -13.13 -20.58
C VAL B 536 -4.59 -12.24 -20.36
N PRO B 537 -5.80 -12.73 -20.65
CA PRO B 537 -7.00 -11.91 -20.42
C PRO B 537 -7.17 -11.56 -18.95
N PHE B 538 -7.66 -10.34 -18.70
CA PHE B 538 -7.93 -9.88 -17.34
C PHE B 538 -9.41 -9.55 -17.12
N ILE B 539 -10.28 -9.90 -18.07
CA ILE B 539 -11.71 -9.68 -17.91
C ILE B 539 -12.42 -10.61 -18.89
N GLU B 540 -13.69 -10.90 -18.62
CA GLU B 540 -14.48 -11.80 -19.44
C GLU B 540 -15.38 -11.01 -20.38
N THR B 541 -15.62 -11.58 -21.57
CA THR B 541 -16.40 -10.91 -22.59
C THR B 541 -16.94 -11.95 -23.56
N GLY B 542 -18.23 -11.81 -23.90
CA GLY B 542 -18.84 -12.69 -24.88
C GLY B 542 -19.67 -11.93 -25.89
N ILE B 543 -20.94 -12.30 -26.02
CA ILE B 543 -21.88 -11.61 -26.89
C ILE B 543 -23.29 -11.91 -26.39
N SER B 544 -24.11 -10.87 -26.24
CA SER B 544 -25.42 -11.00 -25.62
C SER B 544 -26.42 -10.15 -26.39
N VAL B 545 -27.63 -10.06 -25.84
CA VAL B 545 -28.70 -9.27 -26.43
C VAL B 545 -29.41 -8.50 -25.30
N MET B 546 -29.68 -7.22 -25.56
CA MET B 546 -30.34 -6.35 -24.60
C MET B 546 -31.76 -6.06 -25.06
N VAL B 547 -32.73 -6.20 -24.15
CA VAL B 547 -34.13 -5.98 -24.44
C VAL B 547 -34.73 -5.14 -23.32
N SER B 548 -35.91 -4.58 -23.58
CA SER B 548 -36.66 -3.86 -22.58
C SER B 548 -37.40 -4.86 -21.69
N ARG B 549 -38.31 -4.37 -20.85
CA ARG B 549 -39.09 -5.20 -19.95
C ARG B 549 -40.55 -5.22 -20.39
N SER B 550 -41.18 -6.39 -20.27
CA SER B 550 -42.55 -6.56 -20.69
C SER B 550 -43.50 -5.82 -19.75
N ASN B 551 -44.68 -5.49 -20.29
CA ASN B 551 -45.70 -4.80 -19.51
C ASN B 551 -46.53 -5.78 -18.71
N ALA B 558 -56.27 -17.91 -16.47
CA ALA B 558 -55.28 -18.58 -15.65
C ALA B 558 -55.73 -18.71 -14.21
N PHE B 559 -57.01 -19.06 -14.02
CA PHE B 559 -57.52 -19.24 -12.67
C PHE B 559 -56.91 -20.47 -12.00
N LEU B 560 -56.65 -21.52 -12.78
CA LEU B 560 -56.01 -22.72 -12.24
C LEU B 560 -54.49 -22.59 -12.18
N GLU B 561 -53.92 -21.51 -12.72
CA GLU B 561 -52.48 -21.31 -12.62
C GLU B 561 -52.01 -21.24 -11.17
N PRO B 562 -52.64 -20.47 -10.28
CA PRO B 562 -52.34 -20.64 -8.85
C PRO B 562 -52.78 -22.03 -8.39
N PHE B 563 -52.05 -22.56 -7.43
CA PHE B 563 -52.21 -23.95 -6.97
C PHE B 563 -52.01 -24.84 -8.20
N SER B 564 -52.76 -25.93 -8.35
CA SER B 564 -52.59 -26.83 -9.48
C SER B 564 -53.89 -27.60 -9.69
N ALA B 565 -53.85 -28.62 -10.53
CA ALA B 565 -55.01 -29.48 -10.76
C ALA B 565 -55.28 -30.43 -9.60
N ASP B 566 -54.37 -30.51 -8.63
CA ASP B 566 -54.56 -31.40 -7.50
C ASP B 566 -55.79 -31.02 -6.68
N VAL B 567 -56.01 -29.72 -6.47
CA VAL B 567 -57.11 -29.30 -5.61
C VAL B 567 -58.45 -29.62 -6.26
N TRP B 568 -58.61 -29.33 -7.55
CA TRP B 568 -59.91 -29.38 -8.20
C TRP B 568 -60.48 -30.79 -8.33
N VAL B 569 -59.74 -31.82 -7.95
CA VAL B 569 -60.25 -33.19 -7.98
C VAL B 569 -60.80 -33.61 -6.62
N MET B 570 -60.89 -32.68 -5.66
CA MET B 570 -61.32 -33.00 -4.30
C MET B 570 -62.78 -32.61 -4.08
N MET B 571 -63.11 -31.32 -4.22
CA MET B 571 -64.49 -30.90 -3.95
C MET B 571 -65.49 -31.56 -4.88
N PHE B 572 -65.03 -32.09 -6.01
CA PHE B 572 -65.91 -32.92 -6.83
C PHE B 572 -66.49 -34.07 -6.02
N VAL B 573 -65.69 -34.66 -5.13
CA VAL B 573 -66.20 -35.67 -4.21
C VAL B 573 -67.23 -35.06 -3.27
N MET B 574 -66.95 -33.87 -2.75
CA MET B 574 -67.88 -33.20 -1.85
C MET B 574 -69.20 -32.89 -2.54
N LEU B 575 -69.18 -32.72 -3.86
CA LEU B 575 -70.42 -32.50 -4.59
C LEU B 575 -71.36 -33.70 -4.47
N LEU B 576 -70.81 -34.91 -4.62
CA LEU B 576 -71.63 -36.12 -4.48
C LEU B 576 -71.90 -36.44 -3.01
N ILE B 577 -70.92 -36.22 -2.15
CA ILE B 577 -71.05 -36.60 -0.74
C ILE B 577 -72.11 -35.75 -0.04
N VAL B 578 -72.03 -34.43 -0.21
CA VAL B 578 -72.98 -33.56 0.48
C VAL B 578 -74.39 -33.78 -0.06
N SER B 579 -74.52 -34.06 -1.36
CA SER B 579 -75.84 -34.32 -1.92
C SER B 579 -76.45 -35.59 -1.35
N ALA B 580 -75.64 -36.63 -1.19
CA ALA B 580 -76.15 -37.89 -0.63
C ALA B 580 -76.45 -37.76 0.86
N VAL B 581 -75.69 -36.94 1.58
CA VAL B 581 -75.88 -36.83 3.03
C VAL B 581 -77.24 -36.24 3.36
N ALA B 582 -77.61 -35.16 2.68
CA ALA B 582 -78.87 -34.48 2.99
C ALA B 582 -80.07 -35.38 2.69
N VAL B 583 -80.04 -36.08 1.55
CA VAL B 583 -81.15 -36.95 1.20
C VAL B 583 -81.25 -38.12 2.16
N PHE B 584 -80.11 -38.70 2.55
CA PHE B 584 -80.13 -39.85 3.45
C PHE B 584 -80.72 -39.49 4.80
N VAL B 585 -80.34 -38.32 5.35
CA VAL B 585 -80.92 -37.88 6.61
C VAL B 585 -82.41 -37.59 6.46
N PHE B 586 -82.80 -36.93 5.36
CA PHE B 586 -84.20 -36.61 5.14
C PHE B 586 -85.03 -37.86 4.85
N GLU B 587 -84.43 -38.88 4.24
CA GLU B 587 -85.17 -40.08 3.89
C GLU B 587 -85.67 -40.81 5.14
N TYR B 588 -84.85 -40.86 6.19
CA TYR B 588 -85.22 -41.62 7.38
C TYR B 588 -86.48 -41.05 8.02
N PHE B 589 -86.42 -39.79 8.47
CA PHE B 589 -87.60 -39.18 9.10
C PHE B 589 -88.73 -38.99 8.10
N SER B 590 -88.41 -38.57 6.88
CA SER B 590 -89.39 -38.34 5.82
C SER B 590 -90.50 -37.39 6.26
N PHE B 609 -87.94 -30.46 -3.22
CA PHE B 609 -87.01 -30.98 -2.22
C PHE B 609 -86.16 -32.11 -2.81
N THR B 610 -85.29 -32.67 -1.98
CA THR B 610 -84.38 -33.75 -2.37
C THR B 610 -83.60 -33.37 -3.62
N ILE B 611 -83.74 -34.16 -4.69
CA ILE B 611 -83.04 -33.88 -5.94
C ILE B 611 -83.55 -32.58 -6.55
N GLY B 612 -84.86 -32.34 -6.47
CA GLY B 612 -85.44 -31.18 -7.14
C GLY B 612 -84.95 -29.86 -6.58
N LYS B 613 -84.95 -29.74 -5.26
CA LYS B 613 -84.66 -28.44 -4.66
C LYS B 613 -83.55 -28.47 -3.62
N ALA B 614 -83.48 -29.54 -2.80
CA ALA B 614 -82.49 -29.57 -1.72
C ALA B 614 -81.06 -29.52 -2.23
N ILE B 615 -80.82 -29.92 -3.48
CA ILE B 615 -79.47 -29.81 -4.04
C ILE B 615 -79.07 -28.35 -4.20
N TRP B 616 -80.03 -27.45 -4.34
CA TRP B 616 -79.69 -26.04 -4.52
C TRP B 616 -79.04 -25.45 -3.29
N LEU B 617 -79.56 -25.77 -2.09
CA LEU B 617 -79.07 -25.10 -0.89
C LEU B 617 -77.69 -25.60 -0.48
N LEU B 618 -77.45 -26.92 -0.57
CA LEU B 618 -76.19 -27.46 -0.07
C LEU B 618 -75.02 -27.12 -0.99
N TRP B 619 -75.27 -27.04 -2.31
CA TRP B 619 -74.28 -26.48 -3.21
C TRP B 619 -74.23 -24.96 -3.10
N GLY B 620 -75.38 -24.33 -2.87
CA GLY B 620 -75.40 -22.89 -2.68
C GLY B 620 -74.66 -22.46 -1.44
N LEU B 621 -74.57 -23.33 -0.43
CA LEU B 621 -73.84 -22.99 0.78
C LEU B 621 -72.35 -22.81 0.50
N VAL B 622 -71.84 -23.48 -0.53
CA VAL B 622 -70.43 -23.37 -0.88
C VAL B 622 -70.09 -21.93 -1.24
N PHE B 623 -71.06 -21.17 -1.72
CA PHE B 623 -70.84 -19.78 -2.15
C PHE B 623 -71.66 -18.87 -1.25
N ASN B 624 -71.00 -17.94 -0.57
CA ASN B 624 -71.66 -17.01 0.34
C ASN B 624 -72.41 -15.97 -0.48
N ASN B 625 -73.60 -16.37 -0.94
CA ASN B 625 -74.46 -15.51 -1.74
C ASN B 625 -75.81 -15.35 -1.04
N SER B 626 -76.45 -14.21 -1.28
CA SER B 626 -77.72 -13.86 -0.64
C SER B 626 -78.92 -14.26 -1.50
N VAL B 627 -78.80 -15.32 -2.29
CA VAL B 627 -79.93 -15.75 -3.13
C VAL B 627 -81.10 -16.17 -2.25
N PRO B 628 -82.31 -15.70 -2.51
CA PRO B 628 -83.45 -16.11 -1.69
C PRO B 628 -83.87 -17.55 -1.98
N VAL B 629 -83.59 -18.45 -1.03
CA VAL B 629 -83.91 -19.87 -1.17
C VAL B 629 -84.58 -20.34 0.11
N GLN B 630 -85.25 -21.48 0.00
CA GLN B 630 -85.96 -22.05 1.15
C GLN B 630 -84.96 -22.50 2.21
N ASN B 631 -85.42 -22.46 3.46
CA ASN B 631 -84.64 -22.93 4.60
C ASN B 631 -85.30 -24.16 5.20
N PRO B 632 -84.76 -25.36 4.98
CA PRO B 632 -85.41 -26.56 5.51
C PRO B 632 -85.46 -26.55 7.03
N LYS B 633 -86.56 -27.05 7.57
CA LYS B 633 -86.78 -27.06 9.02
C LYS B 633 -86.21 -28.34 9.62
N GLY B 634 -86.47 -28.56 10.90
CA GLY B 634 -85.96 -29.74 11.58
C GLY B 634 -85.07 -29.33 12.75
N THR B 635 -85.38 -29.89 13.92
CA THR B 635 -84.58 -29.59 15.10
C THR B 635 -83.15 -30.09 14.94
N THR B 636 -82.98 -31.28 14.36
CA THR B 636 -81.67 -31.84 14.09
C THR B 636 -81.32 -31.88 12.62
N SER B 637 -82.28 -31.63 11.72
CA SER B 637 -82.01 -31.72 10.29
C SER B 637 -80.98 -30.69 9.84
N LYS B 638 -81.09 -29.46 10.33
CA LYS B 638 -80.17 -28.39 9.96
C LYS B 638 -78.96 -28.29 10.88
N ILE B 639 -78.82 -29.23 11.82
CA ILE B 639 -77.66 -29.20 12.72
C ILE B 639 -76.39 -29.48 11.94
N MET B 640 -76.38 -30.53 11.12
CA MET B 640 -75.17 -30.91 10.40
C MET B 640 -74.80 -29.88 9.33
N VAL B 641 -75.80 -29.29 8.67
CA VAL B 641 -75.51 -28.30 7.64
C VAL B 641 -74.84 -27.08 8.24
N SER B 642 -75.14 -26.77 9.52
CA SER B 642 -74.39 -25.74 10.22
C SER B 642 -72.93 -26.15 10.38
N VAL B 643 -72.69 -27.42 10.72
CA VAL B 643 -71.32 -27.94 10.72
C VAL B 643 -70.75 -27.90 9.32
N TRP B 644 -71.56 -28.26 8.32
CA TRP B 644 -71.12 -28.17 6.94
C TRP B 644 -70.92 -26.72 6.49
N ALA B 645 -71.48 -25.76 7.22
CA ALA B 645 -71.44 -24.38 6.78
C ALA B 645 -70.05 -23.77 6.91
N PHE B 646 -69.38 -23.97 8.05
CA PHE B 646 -68.12 -23.27 8.24
C PHE B 646 -66.95 -23.96 7.54
N PHE B 647 -67.18 -25.11 6.91
CA PHE B 647 -66.12 -25.72 6.11
C PHE B 647 -65.80 -24.86 4.88
N ALA B 648 -66.81 -24.18 4.33
CA ALA B 648 -66.61 -23.39 3.13
C ALA B 648 -65.79 -22.13 3.40
N VAL B 649 -66.10 -21.41 4.49
CA VAL B 649 -65.44 -20.14 4.75
C VAL B 649 -63.95 -20.36 5.00
N ILE B 650 -63.60 -21.37 5.79
CA ILE B 650 -62.19 -21.69 5.99
C ILE B 650 -61.58 -22.20 4.69
N PHE B 651 -62.37 -22.88 3.86
CA PHE B 651 -61.88 -23.33 2.56
C PHE B 651 -61.59 -22.13 1.65
N LEU B 652 -62.55 -21.21 1.53
CA LEU B 652 -62.36 -20.07 0.64
C LEU B 652 -61.26 -19.14 1.13
N ALA B 653 -61.16 -18.95 2.44
CA ALA B 653 -60.07 -18.14 2.98
C ALA B 653 -58.72 -18.78 2.66
N SER B 654 -58.63 -20.11 2.81
CA SER B 654 -57.45 -20.81 2.33
C SER B 654 -57.34 -20.72 0.81
N TYR B 655 -58.47 -20.80 0.11
CA TYR B 655 -58.45 -20.79 -1.35
C TYR B 655 -58.05 -19.44 -1.93
N THR B 656 -58.10 -18.36 -1.14
CA THR B 656 -57.68 -17.06 -1.62
C THR B 656 -56.31 -16.64 -1.09
N ALA B 657 -55.90 -17.17 0.07
CA ALA B 657 -54.60 -16.82 0.62
C ALA B 657 -53.47 -17.32 -0.27
N ASN B 658 -53.60 -18.54 -0.80
CA ASN B 658 -52.54 -19.09 -1.64
C ASN B 658 -52.40 -18.31 -2.94
N LEU B 659 -53.46 -17.65 -3.38
CA LEU B 659 -53.40 -16.87 -4.62
C LEU B 659 -52.37 -15.75 -4.51
N ALA B 660 -52.35 -15.05 -3.38
CA ALA B 660 -51.38 -13.97 -3.19
C ALA B 660 -49.96 -14.50 -3.19
N ALA B 661 -49.77 -15.76 -2.77
CA ALA B 661 -48.42 -16.34 -2.76
C ALA B 661 -47.86 -16.47 -4.17
N PHE B 662 -48.72 -16.80 -5.15
CA PHE B 662 -48.23 -16.95 -6.51
C PHE B 662 -47.78 -15.62 -7.11
N MET B 663 -48.44 -14.51 -6.74
CA MET B 663 -47.92 -13.20 -7.11
C MET B 663 -46.56 -12.94 -6.48
N ILE B 664 -46.31 -13.49 -5.30
CA ILE B 664 -44.96 -13.45 -4.74
C ILE B 664 -44.03 -14.35 -5.55
N GLN B 665 -44.54 -15.48 -6.03
CA GLN B 665 -43.76 -16.44 -6.81
C GLN B 665 -43.87 -16.20 -8.30
N GLU B 666 -44.23 -14.99 -8.72
CA GLU B 666 -44.39 -14.69 -10.14
C GLU B 666 -43.06 -14.79 -10.86
N GLU B 667 -43.09 -15.34 -12.07
CA GLU B 667 -41.91 -15.53 -12.90
C GLU B 667 -41.94 -14.55 -14.07
N TYR B 668 -40.81 -14.46 -14.76
CA TYR B 668 -40.66 -13.60 -15.93
C TYR B 668 -40.83 -14.44 -17.19
N VAL B 669 -41.84 -14.08 -18.00
CA VAL B 669 -42.18 -14.92 -19.15
C VAL B 669 -41.08 -14.89 -20.21
N ASP B 670 -40.39 -13.76 -20.36
CA ASP B 670 -39.34 -13.60 -21.38
C ASP B 670 -39.90 -13.76 -22.79
N GLN B 671 -39.05 -13.53 -23.79
CA GLN B 671 -39.50 -13.66 -25.18
C GLN B 671 -38.63 -14.60 -26.01
N VAL B 672 -37.31 -14.58 -25.81
CA VAL B 672 -36.40 -15.38 -26.62
C VAL B 672 -35.48 -16.16 -25.68
N SER B 673 -34.73 -17.10 -26.27
CA SER B 673 -33.83 -17.96 -25.51
C SER B 673 -32.38 -17.83 -25.91
N GLY B 674 -32.06 -17.14 -26.99
CA GLY B 674 -30.68 -16.96 -27.41
C GLY B 674 -30.60 -16.68 -28.89
N LEU B 675 -29.36 -16.65 -29.39
CA LEU B 675 -29.14 -16.38 -30.80
C LEU B 675 -29.69 -17.49 -31.69
N SER B 676 -29.81 -18.70 -31.16
CA SER B 676 -30.29 -19.84 -31.92
C SER B 676 -31.81 -19.91 -31.99
N ASP B 677 -32.52 -18.97 -31.37
CA ASP B 677 -33.97 -19.00 -31.39
C ASP B 677 -34.50 -18.79 -32.81
N LYS B 678 -35.69 -19.33 -33.05
CA LYS B 678 -36.29 -19.21 -34.38
C LYS B 678 -36.59 -17.76 -34.73
N LYS B 679 -36.96 -16.95 -33.73
CA LYS B 679 -37.30 -15.55 -34.00
C LYS B 679 -36.11 -14.80 -34.59
N PHE B 680 -34.92 -14.98 -34.01
CA PHE B 680 -33.73 -14.36 -34.59
C PHE B 680 -33.42 -14.96 -35.95
N GLN B 681 -33.58 -16.27 -36.11
CA GLN B 681 -33.28 -16.94 -37.37
C GLN B 681 -34.34 -16.70 -38.43
N ARG B 682 -35.48 -16.10 -38.07
CA ARG B 682 -36.55 -15.85 -39.03
C ARG B 682 -36.56 -14.37 -39.39
N PRO B 683 -36.08 -13.98 -40.56
CA PRO B 683 -36.15 -12.57 -40.96
C PRO B 683 -37.58 -12.11 -41.20
N ASN B 684 -38.32 -12.88 -42.00
CA ASN B 684 -39.71 -12.59 -42.29
C ASN B 684 -40.58 -13.80 -41.99
N ASP B 685 -41.86 -13.75 -42.39
CA ASP B 685 -42.82 -14.83 -42.20
C ASP B 685 -43.02 -15.16 -40.72
N PHE B 686 -42.73 -14.21 -39.83
CA PHE B 686 -42.86 -14.37 -38.39
C PHE B 686 -43.53 -13.15 -37.77
N SER B 687 -44.67 -12.75 -38.35
CA SER B 687 -45.43 -11.57 -37.93
C SER B 687 -44.59 -10.34 -38.27
N PRO B 688 -44.97 -9.14 -37.81
CA PRO B 688 -44.04 -8.00 -37.87
C PRO B 688 -42.65 -8.42 -37.45
N PRO B 689 -41.65 -8.18 -38.30
CA PRO B 689 -40.33 -8.78 -38.09
C PRO B 689 -39.66 -8.28 -36.82
N PHE B 690 -38.82 -9.14 -36.25
CA PHE B 690 -38.02 -8.75 -35.10
C PHE B 690 -36.99 -7.70 -35.52
N ARG B 691 -36.91 -6.62 -34.76
CA ARG B 691 -36.04 -5.49 -35.09
C ARG B 691 -34.78 -5.57 -34.25
N PHE B 692 -33.73 -6.16 -34.81
CA PHE B 692 -32.44 -6.28 -34.14
C PHE B 692 -31.34 -5.74 -35.03
N GLY B 693 -30.31 -5.18 -34.39
CA GLY B 693 -29.19 -4.62 -35.12
C GLY B 693 -27.98 -4.46 -34.22
N THR B 694 -26.92 -3.90 -34.79
CA THR B 694 -25.67 -3.71 -34.08
C THR B 694 -24.87 -2.61 -34.78
N VAL B 695 -23.62 -2.42 -34.36
CA VAL B 695 -22.72 -1.47 -35.00
C VAL B 695 -21.62 -2.24 -35.73
N PRO B 696 -21.27 -1.85 -36.95
CA PRO B 696 -20.25 -2.60 -37.70
C PRO B 696 -18.83 -2.27 -37.27
N ASN B 697 -17.86 -2.92 -37.93
CA ASN B 697 -16.44 -2.72 -37.69
C ASN B 697 -16.05 -3.09 -36.26
N GLY B 698 -16.26 -4.38 -35.94
CA GLY B 698 -15.84 -4.93 -34.67
C GLY B 698 -15.94 -6.44 -34.71
N SER B 699 -15.46 -7.07 -33.65
CA SER B 699 -15.51 -8.52 -33.57
C SER B 699 -16.94 -9.04 -33.42
N THR B 700 -17.80 -8.25 -32.77
CA THR B 700 -19.17 -8.67 -32.52
C THR B 700 -20.01 -8.77 -33.79
N GLU B 701 -19.53 -8.24 -34.92
CA GLU B 701 -20.23 -8.35 -36.19
C GLU B 701 -19.56 -9.28 -37.17
N ARG B 702 -18.23 -9.34 -37.17
CA ARG B 702 -17.53 -10.28 -38.05
C ARG B 702 -17.81 -11.72 -37.65
N ASN B 703 -18.00 -11.96 -36.34
CA ASN B 703 -18.34 -13.31 -35.89
C ASN B 703 -19.68 -13.76 -36.44
N ILE B 704 -20.66 -12.85 -36.48
CA ILE B 704 -21.99 -13.20 -36.99
C ILE B 704 -21.93 -13.46 -38.49
N ARG B 705 -21.18 -12.65 -39.22
CA ARG B 705 -21.11 -12.76 -40.68
C ARG B 705 -20.37 -14.00 -41.17
N ASN B 706 -19.96 -14.92 -40.29
CA ASN B 706 -19.29 -16.14 -40.71
C ASN B 706 -20.06 -17.41 -40.40
N ASN B 707 -21.15 -17.33 -39.66
CA ASN B 707 -21.94 -18.50 -39.30
C ASN B 707 -23.39 -18.42 -39.73
N TYR B 708 -23.98 -17.22 -39.70
CA TYR B 708 -25.40 -16.99 -40.00
C TYR B 708 -25.54 -15.96 -41.10
N ALA B 709 -24.84 -16.18 -42.22
CA ALA B 709 -24.77 -15.17 -43.28
C ALA B 709 -26.14 -14.73 -43.76
N GLU B 710 -27.12 -15.63 -43.76
CA GLU B 710 -28.46 -15.23 -44.16
C GLU B 710 -29.10 -14.28 -43.14
N MET B 711 -28.76 -14.43 -41.87
CA MET B 711 -29.31 -13.55 -40.83
C MET B 711 -28.66 -12.17 -40.87
N HIS B 712 -27.35 -12.12 -41.13
CA HIS B 712 -26.65 -10.84 -41.15
C HIS B 712 -27.15 -9.95 -42.28
N ALA B 713 -27.59 -10.54 -43.39
CA ALA B 713 -28.10 -9.76 -44.50
C ALA B 713 -29.35 -8.98 -44.12
N TYR B 714 -30.25 -9.60 -43.36
CA TYR B 714 -31.50 -8.94 -43.00
C TYR B 714 -31.26 -7.81 -41.99
N MET B 715 -30.38 -8.04 -41.02
CA MET B 715 -30.17 -7.06 -39.95
C MET B 715 -29.46 -5.80 -40.41
N GLY B 716 -28.93 -5.78 -41.63
CA GLY B 716 -28.20 -4.61 -42.10
C GLY B 716 -29.05 -3.36 -42.18
N LYS B 717 -30.37 -3.52 -42.33
CA LYS B 717 -31.24 -2.36 -42.39
C LYS B 717 -31.28 -1.62 -41.06
N PHE B 718 -31.30 -2.36 -39.95
CA PHE B 718 -31.39 -1.77 -38.63
C PHE B 718 -30.02 -1.48 -38.03
N ASN B 719 -29.19 -0.76 -38.77
CA ASN B 719 -27.85 -0.40 -38.32
C ASN B 719 -27.88 0.89 -37.52
N GLN B 720 -26.95 1.01 -36.58
CA GLN B 720 -26.84 2.18 -35.71
C GLN B 720 -25.48 2.84 -35.93
N ARG B 721 -25.19 3.84 -35.10
CA ARG B 721 -23.91 4.55 -35.16
C ARG B 721 -23.13 4.51 -33.85
N GLY B 722 -23.77 4.24 -32.72
CA GLY B 722 -23.08 4.17 -31.46
C GLY B 722 -23.95 3.51 -30.41
N VAL B 723 -23.32 3.21 -29.27
CA VAL B 723 -24.03 2.53 -28.19
C VAL B 723 -25.09 3.44 -27.59
N ASP B 724 -24.76 4.73 -27.40
CA ASP B 724 -25.67 5.63 -26.70
C ASP B 724 -26.91 5.93 -27.55
N ASP B 725 -26.71 6.25 -28.84
CA ASP B 725 -27.84 6.57 -29.70
C ASP B 725 -28.74 5.36 -29.89
N ALA B 726 -28.16 4.17 -30.01
CA ALA B 726 -28.96 2.96 -30.15
C ALA B 726 -29.69 2.62 -28.86
N LEU B 727 -29.10 2.93 -27.71
CA LEU B 727 -29.72 2.56 -26.44
C LEU B 727 -31.04 3.30 -26.23
N LEU B 728 -31.08 4.59 -26.56
CA LEU B 728 -32.32 5.35 -26.38
C LEU B 728 -33.39 4.92 -27.38
N SER B 729 -32.99 4.40 -28.54
CA SER B 729 -33.96 3.91 -29.51
C SER B 729 -34.72 2.69 -29.00
N LEU B 730 -34.16 1.96 -28.03
CA LEU B 730 -34.86 0.82 -27.46
C LEU B 730 -36.13 1.26 -26.71
N LYS B 731 -36.04 2.36 -25.96
CA LYS B 731 -37.18 2.81 -25.18
C LYS B 731 -38.29 3.35 -26.07
N THR B 732 -37.92 4.03 -27.16
CA THR B 732 -38.92 4.61 -28.05
C THR B 732 -39.78 3.52 -28.71
N GLY B 733 -39.15 2.42 -29.12
CA GLY B 733 -39.86 1.33 -29.76
C GLY B 733 -39.40 0.99 -31.16
N LYS B 734 -38.46 1.74 -31.74
CA LYS B 734 -37.95 1.41 -33.07
C LYS B 734 -37.18 0.10 -33.07
N LEU B 735 -36.48 -0.21 -31.98
CA LEU B 735 -35.72 -1.43 -31.84
C LEU B 735 -36.13 -2.13 -30.56
N ASP B 736 -36.04 -3.47 -30.58
CA ASP B 736 -36.32 -4.28 -29.40
C ASP B 736 -35.24 -5.32 -29.14
N ALA B 737 -34.04 -5.12 -29.69
CA ALA B 737 -32.91 -6.01 -29.44
C ALA B 737 -31.63 -5.26 -29.74
N PHE B 738 -30.54 -5.75 -29.16
CA PHE B 738 -29.23 -5.11 -29.34
C PHE B 738 -28.15 -6.14 -29.07
N ILE B 739 -27.46 -6.58 -30.12
CA ILE B 739 -26.41 -7.58 -30.02
C ILE B 739 -25.08 -6.84 -29.99
N TYR B 740 -24.39 -6.90 -28.85
CA TYR B 740 -23.16 -6.13 -28.66
C TYR B 740 -22.26 -6.89 -27.70
N ASP B 741 -21.26 -6.20 -27.17
CA ASP B 741 -20.32 -6.80 -26.24
C ASP B 741 -21.04 -7.19 -24.95
N ALA B 742 -20.55 -8.25 -24.31
CA ALA B 742 -21.18 -8.79 -23.11
C ALA B 742 -20.58 -8.25 -21.82
N ALA B 743 -19.61 -7.33 -21.90
CA ALA B 743 -19.02 -6.73 -20.72
C ALA B 743 -19.27 -5.24 -20.60
N VAL B 744 -19.76 -4.59 -21.65
CA VAL B 744 -20.15 -3.19 -21.57
C VAL B 744 -21.67 -3.02 -21.51
N LEU B 745 -22.44 -4.01 -21.96
CA LEU B 745 -23.89 -3.95 -21.78
C LEU B 745 -24.27 -4.08 -20.32
N ASN B 746 -23.46 -4.78 -19.52
CA ASN B 746 -23.73 -4.89 -18.09
C ASN B 746 -23.66 -3.52 -17.42
N TYR B 747 -22.69 -2.69 -17.81
CA TYR B 747 -22.59 -1.35 -17.24
C TYR B 747 -23.79 -0.50 -17.61
N MET B 748 -24.26 -0.61 -18.86
CA MET B 748 -25.46 0.12 -19.26
C MET B 748 -26.68 -0.35 -18.48
N ALA B 749 -26.81 -1.67 -18.28
CA ALA B 749 -27.95 -2.19 -17.54
C ALA B 749 -27.92 -1.74 -16.09
N GLY B 750 -26.75 -1.74 -15.46
CA GLY B 750 -26.62 -1.37 -14.07
C GLY B 750 -26.58 0.12 -13.79
N ARG B 751 -26.59 0.96 -14.82
CA ARG B 751 -26.54 2.41 -14.66
C ARG B 751 -27.58 3.08 -15.54
N ASP B 752 -28.81 2.58 -15.47
CA ASP B 752 -29.94 3.17 -16.19
C ASP B 752 -31.06 3.45 -15.21
N GLU B 753 -31.92 4.40 -15.58
CA GLU B 753 -32.98 4.85 -14.69
C GLU B 753 -34.01 3.74 -14.50
N GLY B 754 -34.27 3.39 -13.24
CA GLY B 754 -35.29 2.42 -12.91
C GLY B 754 -35.01 1.00 -13.36
N CYS B 755 -33.79 0.73 -13.83
CA CYS B 755 -33.37 -0.57 -14.37
C CYS B 755 -34.48 -1.22 -15.19
N LYS B 756 -34.91 -0.49 -16.23
CA LYS B 756 -35.94 -0.97 -17.14
C LYS B 756 -35.40 -1.86 -18.25
N LEU B 757 -34.09 -2.05 -18.33
CA LEU B 757 -33.48 -2.88 -19.36
C LEU B 757 -32.73 -4.02 -18.68
N VAL B 758 -32.92 -5.23 -19.20
CA VAL B 758 -32.31 -6.44 -18.64
C VAL B 758 -31.77 -7.29 -19.78
N THR B 759 -30.57 -7.82 -19.60
CA THR B 759 -30.00 -8.72 -20.58
C THR B 759 -30.72 -10.07 -20.57
N ILE B 760 -30.64 -10.77 -21.69
CA ILE B 760 -31.33 -12.04 -21.84
C ILE B 760 -30.54 -13.13 -21.12
N GLY B 761 -31.24 -13.89 -20.27
CA GLY B 761 -30.61 -14.97 -19.53
C GLY B 761 -29.85 -14.54 -18.31
N SER B 762 -29.99 -13.28 -17.88
CA SER B 762 -29.30 -12.75 -16.70
C SER B 762 -27.78 -12.85 -16.86
N GLY B 763 -27.28 -12.20 -17.91
CA GLY B 763 -25.86 -12.19 -18.18
C GLY B 763 -25.35 -13.49 -18.79
N LYS B 764 -25.83 -13.83 -19.98
CA LYS B 764 -25.47 -15.07 -20.65
C LYS B 764 -24.49 -14.75 -21.77
N VAL B 765 -23.20 -15.02 -21.52
CA VAL B 765 -22.20 -14.90 -22.57
C VAL B 765 -22.31 -16.11 -23.51
N PHE B 766 -22.02 -15.89 -24.78
CA PHE B 766 -22.15 -16.92 -25.80
C PHE B 766 -20.82 -17.37 -26.38
N ALA B 767 -20.00 -16.45 -26.87
CA ALA B 767 -18.68 -16.74 -27.40
C ALA B 767 -17.65 -16.13 -26.46
N SER B 768 -17.24 -16.91 -25.46
CA SER B 768 -16.39 -16.40 -24.39
C SER B 768 -15.00 -16.10 -24.93
N THR B 769 -14.68 -14.82 -25.07
CA THR B 769 -13.35 -14.36 -25.46
C THR B 769 -13.02 -13.10 -24.70
N GLY B 770 -12.00 -13.16 -23.84
CA GLY B 770 -11.67 -12.07 -22.96
C GLY B 770 -10.92 -10.95 -23.65
N TYR B 771 -10.53 -9.97 -22.84
CA TYR B 771 -9.79 -8.82 -23.33
C TYR B 771 -8.29 -9.10 -23.26
N GLY B 772 -7.48 -8.08 -23.46
CA GLY B 772 -6.04 -8.25 -23.39
C GLY B 772 -5.32 -7.04 -23.96
N ILE B 773 -4.00 -7.08 -23.84
CA ILE B 773 -3.12 -6.03 -24.35
C ILE B 773 -2.38 -6.58 -25.56
N ALA B 774 -2.50 -5.90 -26.69
CA ALA B 774 -1.85 -6.34 -27.91
C ALA B 774 -0.42 -5.82 -27.95
N ILE B 775 0.53 -6.72 -28.18
CA ILE B 775 1.94 -6.37 -28.26
C ILE B 775 2.43 -6.65 -29.67
N GLN B 776 3.56 -6.04 -30.02
CA GLN B 776 4.15 -6.25 -31.33
C GLN B 776 4.66 -7.68 -31.45
N LYS B 777 4.73 -8.16 -32.69
CA LYS B 777 5.19 -9.52 -32.96
C LYS B 777 6.62 -9.70 -32.48
N ASP B 778 6.86 -10.83 -31.80
CA ASP B 778 8.19 -11.19 -31.30
C ASP B 778 8.75 -10.10 -30.38
N SER B 779 8.05 -9.88 -29.27
CA SER B 779 8.42 -8.89 -28.28
C SER B 779 8.84 -9.58 -26.98
N GLY B 780 9.95 -9.12 -26.41
CA GLY B 780 10.45 -9.72 -25.18
C GLY B 780 9.64 -9.37 -23.95
N TRP B 781 8.86 -8.29 -24.00
CA TRP B 781 8.06 -7.89 -22.85
C TRP B 781 6.89 -8.84 -22.61
N LYS B 782 6.53 -9.66 -23.60
CA LYS B 782 5.35 -10.52 -23.49
C LYS B 782 5.49 -11.49 -22.32
N ARG B 783 6.67 -12.07 -22.14
CA ARG B 783 6.89 -13.01 -21.04
C ARG B 783 6.76 -12.34 -19.67
N GLN B 784 6.99 -11.03 -19.60
CA GLN B 784 6.97 -10.34 -18.32
C GLN B 784 5.62 -9.71 -18.00
N VAL B 785 4.91 -9.21 -19.01
CA VAL B 785 3.66 -8.50 -18.75
C VAL B 785 2.56 -9.45 -18.28
N ASP B 786 2.45 -10.63 -18.91
CA ASP B 786 1.42 -11.58 -18.52
C ASP B 786 1.65 -12.12 -17.13
N LEU B 787 2.92 -12.32 -16.76
CA LEU B 787 3.23 -12.80 -15.42
C LEU B 787 2.80 -11.79 -14.36
N ALA B 788 2.98 -10.50 -14.64
CA ALA B 788 2.58 -9.47 -13.69
C ALA B 788 1.07 -9.44 -13.51
N ILE B 789 0.32 -9.64 -14.59
CA ILE B 789 -1.14 -9.62 -14.50
C ILE B 789 -1.64 -10.76 -13.61
N LEU B 790 -1.07 -11.95 -13.78
CA LEU B 790 -1.43 -13.08 -12.93
C LEU B 790 -1.07 -12.84 -11.47
N GLN B 791 -0.06 -12.00 -11.21
CA GLN B 791 0.26 -11.65 -9.83
C GLN B 791 -0.84 -10.81 -9.19
N LEU B 792 -1.51 -9.97 -9.99
CA LEU B 792 -2.59 -9.15 -9.46
C LEU B 792 -3.74 -10.01 -8.95
N PHE B 793 -4.08 -11.09 -9.67
CA PHE B 793 -5.15 -11.97 -9.23
C PHE B 793 -4.82 -12.62 -7.90
N GLY B 794 -3.59 -13.09 -7.73
CA GLY B 794 -3.20 -13.69 -6.46
C GLY B 794 -3.17 -12.68 -5.33
N ASP B 795 -2.65 -11.48 -5.60
CA ASP B 795 -2.59 -10.44 -4.58
C ASP B 795 -3.95 -9.88 -4.22
N GLY B 796 -5.00 -10.22 -4.98
CA GLY B 796 -6.33 -9.72 -4.70
C GLY B 796 -6.49 -8.22 -4.91
N GLU B 797 -5.81 -7.68 -5.93
CA GLU B 797 -5.95 -6.26 -6.23
C GLU B 797 -7.07 -5.97 -7.21
N MET B 798 -7.40 -6.92 -8.09
CA MET B 798 -8.43 -6.68 -9.11
C MET B 798 -9.80 -6.45 -8.51
N GLU B 799 -10.05 -6.95 -7.29
CA GLU B 799 -11.36 -6.73 -6.66
C GLU B 799 -11.61 -5.26 -6.40
N GLU B 800 -10.59 -4.52 -5.96
CA GLU B 800 -10.76 -3.10 -5.69
C GLU B 800 -11.06 -2.33 -6.98
N LEU B 801 -10.40 -2.67 -8.08
CA LEU B 801 -10.64 -1.96 -9.34
C LEU B 801 -12.07 -2.18 -9.82
N GLU B 802 -12.55 -3.42 -9.80
CA GLU B 802 -13.90 -3.69 -10.31
C GLU B 802 -14.96 -3.13 -9.39
N ALA B 803 -14.71 -3.15 -8.07
CA ALA B 803 -15.66 -2.58 -7.13
C ALA B 803 -15.77 -1.07 -7.32
N LEU B 804 -14.64 -0.41 -7.57
CA LEU B 804 -14.64 1.04 -7.72
C LEU B 804 -15.32 1.47 -9.02
N TRP B 805 -15.01 0.79 -10.12
CA TRP B 805 -15.40 1.25 -11.45
C TRP B 805 -16.55 0.46 -12.07
N LEU B 806 -16.76 -0.79 -11.67
CA LEU B 806 -17.70 -1.66 -12.37
C LEU B 806 -18.84 -2.14 -11.47
N THR B 807 -19.43 -1.23 -10.70
CA THR B 807 -20.56 -1.56 -9.83
C THR B 807 -21.74 -0.68 -10.21
N GLY B 808 -22.90 -1.32 -10.38
CA GLY B 808 -24.12 -0.61 -10.75
C GLY B 808 -24.94 -0.21 -9.53
N ILE B 809 -26.20 0.14 -9.80
CA ILE B 809 -27.13 0.59 -8.77
C ILE B 809 -28.26 -0.43 -8.58
N CYS B 810 -29.05 -0.67 -9.63
CA CYS B 810 -30.15 -1.61 -9.51
C CYS B 810 -29.67 -3.04 -9.72
N HIS B 811 -30.47 -3.98 -9.22
CA HIS B 811 -30.20 -5.40 -9.34
C HIS B 811 -31.44 -6.11 -9.85
N ASN B 812 -31.22 -7.16 -10.65
CA ASN B 812 -32.33 -7.90 -11.26
C ASN B 812 -32.88 -8.88 -10.24
N GLU B 813 -34.12 -8.66 -9.81
CA GLU B 813 -34.77 -9.54 -8.84
C GLU B 813 -36.25 -9.73 -9.19
N GLN B 821 -51.00 -4.92 -11.13
CA GLN B 821 -50.80 -4.79 -12.57
C GLN B 821 -51.52 -5.91 -13.32
N LEU B 822 -52.80 -6.10 -13.02
CA LEU B 822 -53.58 -7.14 -13.68
C LEU B 822 -53.75 -6.80 -15.16
N ASP B 823 -53.73 -7.83 -16.00
CA ASP B 823 -53.76 -7.66 -17.44
C ASP B 823 -54.84 -8.53 -18.06
N ILE B 824 -55.11 -8.28 -19.34
CA ILE B 824 -56.19 -8.99 -20.03
C ILE B 824 -55.82 -10.44 -20.26
N ASP B 825 -54.56 -10.72 -20.61
CA ASP B 825 -54.18 -12.07 -20.99
C ASP B 825 -54.33 -13.05 -19.83
N ASN B 826 -54.00 -12.62 -18.61
CA ASN B 826 -53.97 -13.55 -17.48
C ASN B 826 -55.38 -14.03 -17.12
N MET B 827 -56.34 -13.12 -17.01
CA MET B 827 -57.68 -13.51 -16.62
C MET B 827 -58.58 -13.83 -17.81
N ALA B 828 -58.07 -13.68 -19.04
CA ALA B 828 -58.80 -14.20 -20.20
C ALA B 828 -58.87 -15.73 -20.14
N GLY B 829 -57.79 -16.37 -19.71
CA GLY B 829 -57.82 -17.81 -19.54
C GLY B 829 -58.80 -18.26 -18.47
N VAL B 830 -59.09 -17.38 -17.51
CA VAL B 830 -60.13 -17.67 -16.52
C VAL B 830 -61.49 -17.81 -17.23
N PHE B 831 -61.78 -16.86 -18.12
CA PHE B 831 -63.03 -16.89 -18.88
C PHE B 831 -63.07 -18.01 -19.92
N TYR B 832 -61.93 -18.65 -20.20
CA TYR B 832 -61.91 -19.73 -21.18
C TYR B 832 -62.76 -20.90 -20.73
N MET B 833 -62.67 -21.26 -19.45
CA MET B 833 -63.51 -22.34 -18.93
C MET B 833 -64.94 -21.87 -18.71
N LEU B 834 -65.11 -20.63 -18.23
CA LEU B 834 -66.45 -20.08 -18.03
C LEU B 834 -67.21 -19.98 -19.34
N GLY B 835 -66.53 -19.55 -20.41
CA GLY B 835 -67.15 -19.60 -21.73
C GLY B 835 -67.45 -21.01 -22.17
N ALA B 836 -66.53 -21.94 -21.90
CA ALA B 836 -66.78 -23.34 -22.20
C ALA B 836 -67.92 -23.90 -21.35
N ALA B 837 -67.96 -23.53 -20.07
CA ALA B 837 -69.04 -23.98 -19.21
C ALA B 837 -70.38 -23.38 -19.61
N MET B 838 -70.38 -22.24 -20.31
CA MET B 838 -71.62 -21.67 -20.82
C MET B 838 -72.30 -22.63 -21.80
N ALA B 839 -71.52 -23.22 -22.71
CA ALA B 839 -72.07 -24.13 -23.70
C ALA B 839 -72.63 -25.40 -23.06
N LEU B 840 -72.18 -25.76 -21.86
CA LEU B 840 -72.69 -26.95 -21.20
C LEU B 840 -74.16 -26.84 -20.84
N SER B 841 -74.69 -25.63 -20.74
CA SER B 841 -76.11 -25.45 -20.48
C SER B 841 -76.95 -25.71 -21.73
N LEU B 842 -76.37 -25.51 -22.92
CA LEU B 842 -77.13 -25.67 -24.15
C LEU B 842 -77.38 -27.14 -24.48
N ILE B 843 -76.39 -28.00 -24.23
CA ILE B 843 -76.54 -29.41 -24.57
C ILE B 843 -77.60 -30.07 -23.69
N THR B 844 -77.67 -29.67 -22.41
CA THR B 844 -78.66 -30.25 -21.50
C THR B 844 -80.09 -29.93 -21.90
N PHE B 845 -80.30 -28.90 -22.73
CA PHE B 845 -81.66 -28.57 -23.16
C PHE B 845 -82.25 -29.68 -24.02
N ILE B 846 -81.44 -30.28 -24.90
CA ILE B 846 -81.92 -31.35 -25.77
C ILE B 846 -82.25 -32.62 -25.01
N SER B 847 -81.80 -32.75 -23.76
CA SER B 847 -82.13 -33.93 -22.96
C SER B 847 -83.63 -34.02 -22.69
N GLU B 848 -84.30 -32.88 -22.58
CA GLU B 848 -85.75 -32.87 -22.37
C GLU B 848 -86.51 -33.45 -23.55
N HIS B 849 -85.93 -33.41 -24.75
CA HIS B 849 -86.62 -33.94 -25.92
C HIS B 849 -86.86 -35.45 -25.80
N LEU B 850 -85.86 -36.18 -25.30
CA LEU B 850 -85.95 -37.63 -25.16
C LEU B 850 -86.32 -38.07 -23.75
N PHE B 851 -86.72 -37.13 -22.89
CA PHE B 851 -87.10 -37.49 -21.52
C PHE B 851 -88.32 -38.39 -21.52
N TYR B 852 -89.32 -38.09 -22.35
CA TYR B 852 -90.52 -38.90 -22.45
C TYR B 852 -90.73 -39.53 -23.82
N TRP B 853 -90.27 -38.88 -24.90
CA TRP B 853 -90.42 -39.46 -26.23
C TRP B 853 -89.61 -40.75 -26.36
N GLN B 854 -88.40 -40.76 -25.84
CA GLN B 854 -87.54 -41.94 -25.91
C GLN B 854 -87.41 -42.61 -24.55
N LYS C 3 72.28 -8.87 -7.45
CA LYS C 3 72.98 -8.39 -8.64
C LYS C 3 72.85 -9.38 -9.80
N ILE C 4 72.50 -10.62 -9.46
CA ILE C 4 72.33 -11.68 -10.45
C ILE C 4 70.91 -12.22 -10.32
N VAL C 5 70.17 -12.23 -11.42
CA VAL C 5 68.83 -12.77 -11.48
C VAL C 5 68.90 -14.14 -12.14
N ASN C 6 68.40 -15.16 -11.45
CA ASN C 6 68.53 -16.54 -11.89
C ASN C 6 67.16 -17.12 -12.26
N ILE C 7 67.15 -17.97 -13.28
CA ILE C 7 65.93 -18.64 -13.75
C ILE C 7 66.19 -20.14 -13.71
N GLY C 8 65.26 -20.87 -13.09
CA GLY C 8 65.35 -22.31 -12.99
C GLY C 8 64.34 -22.98 -13.90
N ALA C 9 64.65 -24.22 -14.31
CA ALA C 9 63.77 -24.97 -15.19
C ALA C 9 64.08 -26.45 -15.06
N VAL C 10 63.09 -27.26 -15.44
CA VAL C 10 63.26 -28.71 -15.55
C VAL C 10 62.75 -29.14 -16.91
N LEU C 11 63.59 -29.86 -17.65
CA LEU C 11 63.26 -30.28 -19.01
C LEU C 11 63.20 -31.81 -19.07
N SER C 12 62.91 -32.33 -20.26
CA SER C 12 62.59 -33.74 -20.41
C SER C 12 63.84 -34.61 -20.48
N THR C 13 64.67 -34.41 -21.50
CA THR C 13 65.76 -35.32 -21.81
C THR C 13 67.11 -34.60 -21.72
N ARG C 14 68.17 -35.41 -21.76
CA ARG C 14 69.52 -34.85 -21.82
C ARG C 14 69.75 -34.10 -23.12
N LYS C 15 69.19 -34.61 -24.23
CA LYS C 15 69.21 -33.86 -25.47
C LYS C 15 68.45 -32.55 -25.32
N HIS C 16 67.34 -32.57 -24.59
CA HIS C 16 66.63 -31.34 -24.28
C HIS C 16 67.44 -30.42 -23.38
N GLU C 17 68.48 -30.93 -22.72
CA GLU C 17 69.41 -30.08 -22.00
C GLU C 17 70.45 -29.46 -22.92
N GLN C 18 70.51 -29.87 -24.18
CA GLN C 18 71.46 -29.32 -25.14
C GLN C 18 70.94 -28.08 -25.84
N MET C 19 69.67 -28.06 -26.23
CA MET C 19 69.09 -26.89 -26.88
C MET C 19 68.53 -25.89 -25.89
N PHE C 20 68.52 -26.21 -24.59
CA PHE C 20 68.12 -25.24 -23.59
C PHE C 20 69.11 -24.09 -23.55
N ARG C 21 70.41 -24.41 -23.49
CA ARG C 21 71.42 -23.35 -23.45
C ARG C 21 71.36 -22.47 -24.68
N GLU C 22 70.94 -23.03 -25.81
CA GLU C 22 70.66 -22.20 -26.99
C GLU C 22 69.51 -21.23 -26.70
N ALA C 23 68.46 -21.71 -26.03
CA ALA C 23 67.32 -20.86 -25.74
C ALA C 23 67.67 -19.74 -24.77
N VAL C 24 68.40 -20.07 -23.69
CA VAL C 24 68.76 -19.05 -22.71
C VAL C 24 69.89 -18.16 -23.19
N ASN C 25 70.55 -18.53 -24.29
CA ASN C 25 71.62 -17.69 -24.83
C ASN C 25 71.10 -16.31 -25.21
N GLN C 26 69.92 -16.25 -25.82
CA GLN C 26 69.35 -14.97 -26.22
C GLN C 26 68.62 -14.27 -25.08
N ALA C 27 68.49 -14.91 -23.92
CA ALA C 27 67.79 -14.28 -22.80
C ALA C 27 68.53 -13.04 -22.31
N ASN C 28 69.86 -13.11 -22.23
CA ASN C 28 70.63 -11.95 -21.76
C ASN C 28 70.51 -10.79 -22.73
N LYS C 29 70.59 -11.04 -24.03
CA LYS C 29 70.45 -10.00 -25.05
C LYS C 29 68.97 -9.78 -25.30
N ARG C 30 68.35 -8.99 -24.43
CA ARG C 30 66.92 -8.72 -24.48
C ARG C 30 66.70 -7.29 -24.00
N HIS C 31 65.45 -6.96 -23.66
CA HIS C 31 65.09 -5.61 -23.23
C HIS C 31 65.82 -5.21 -21.96
N GLY C 32 66.75 -4.27 -22.08
CA GLY C 32 67.42 -3.70 -20.93
C GLY C 32 68.59 -4.52 -20.40
N SER C 33 68.29 -5.61 -19.72
CA SER C 33 69.29 -6.46 -19.07
C SER C 33 70.12 -5.64 -18.06
N TRP C 34 69.41 -4.92 -17.18
CA TRP C 34 70.09 -4.23 -16.08
C TRP C 34 70.85 -5.22 -15.19
N LYS C 35 70.18 -6.27 -14.74
CA LYS C 35 70.78 -7.26 -13.86
C LYS C 35 70.41 -8.68 -14.29
N ILE C 36 70.29 -8.89 -15.59
CA ILE C 36 69.82 -10.17 -16.13
C ILE C 36 71.07 -10.98 -16.46
N GLN C 37 71.52 -11.77 -15.49
CA GLN C 37 72.65 -12.68 -15.65
C GLN C 37 72.20 -14.07 -15.25
N LEU C 38 71.95 -14.93 -16.23
CA LEU C 38 71.34 -16.23 -16.00
C LEU C 38 72.40 -17.31 -15.84
N ASN C 39 71.98 -18.42 -15.24
CA ASN C 39 72.73 -19.67 -15.20
C ASN C 39 71.87 -20.77 -15.79
N ALA C 40 72.48 -21.93 -16.05
CA ALA C 40 71.76 -23.03 -16.67
C ALA C 40 70.61 -23.49 -15.78
N THR C 41 70.93 -24.03 -14.60
CA THR C 41 69.94 -24.39 -13.58
C THR C 41 68.84 -25.28 -14.15
N SER C 42 69.23 -26.46 -14.62
CA SER C 42 68.26 -27.41 -15.17
C SER C 42 68.68 -28.83 -14.82
N VAL C 43 67.69 -29.70 -14.71
CA VAL C 43 67.89 -31.12 -14.45
C VAL C 43 66.95 -31.90 -15.36
N THR C 44 67.01 -33.22 -15.24
CA THR C 44 66.18 -34.12 -16.03
C THR C 44 64.95 -34.52 -15.24
N HIS C 45 64.10 -35.33 -15.87
CA HIS C 45 62.87 -35.82 -15.24
C HIS C 45 63.18 -37.11 -14.50
N LYS C 46 63.05 -37.07 -13.16
CA LYS C 46 63.35 -38.24 -12.36
C LYS C 46 62.31 -39.34 -12.58
N PRO C 47 62.71 -40.61 -12.50
CA PRO C 47 61.75 -41.70 -12.71
C PRO C 47 60.61 -41.70 -11.70
N ASN C 48 60.86 -41.28 -10.47
CA ASN C 48 59.85 -41.32 -9.42
C ASN C 48 59.54 -39.91 -8.93
N ALA C 49 58.31 -39.71 -8.46
CA ALA C 49 57.89 -38.40 -7.98
C ALA C 49 58.67 -38.01 -6.73
N ILE C 50 58.95 -38.97 -5.85
CA ILE C 50 59.69 -38.68 -4.63
C ILE C 50 61.11 -38.23 -4.97
N GLN C 51 61.70 -38.82 -6.01
CA GLN C 51 63.01 -38.37 -6.47
C GLN C 51 62.96 -36.93 -6.94
N MET C 52 61.91 -36.56 -7.70
CA MET C 52 61.76 -35.19 -8.13
C MET C 52 61.38 -34.25 -6.98
N ALA C 53 60.83 -34.79 -5.90
CA ALA C 53 60.40 -33.95 -4.79
C ALA C 53 61.58 -33.25 -4.12
N LEU C 54 62.66 -33.99 -3.85
CA LEU C 54 63.83 -33.43 -3.19
C LEU C 54 64.90 -32.96 -4.17
N SER C 55 64.75 -33.25 -5.46
CA SER C 55 65.70 -32.77 -6.46
C SER C 55 65.44 -31.33 -6.87
N VAL C 56 64.27 -30.77 -6.55
CA VAL C 56 63.97 -29.40 -6.92
C VAL C 56 64.84 -28.44 -6.13
N CYS C 57 64.94 -28.64 -4.81
CA CYS C 57 65.66 -27.69 -3.96
C CYS C 57 67.17 -27.81 -4.15
N GLU C 58 67.68 -29.04 -4.19
CA GLU C 58 69.13 -29.24 -4.17
C GLU C 58 69.84 -28.70 -5.41
N ASP C 59 69.14 -28.56 -6.53
CA ASP C 59 69.76 -28.08 -7.76
C ASP C 59 69.19 -26.76 -8.22
N LEU C 60 67.87 -26.66 -8.42
CA LEU C 60 67.29 -25.42 -8.94
C LEU C 60 67.29 -24.32 -7.89
N ILE C 61 66.87 -24.63 -6.67
CA ILE C 61 66.86 -23.62 -5.62
C ILE C 61 68.27 -23.26 -5.19
N SER C 62 69.22 -24.20 -5.33
CA SER C 62 70.59 -23.94 -4.91
C SER C 62 71.20 -22.75 -5.64
N SER C 63 70.76 -22.47 -6.86
CA SER C 63 71.18 -21.29 -7.60
C SER C 63 70.35 -20.06 -7.27
N GLN C 64 69.36 -20.19 -6.39
CA GLN C 64 68.49 -19.09 -5.97
C GLN C 64 67.75 -18.49 -7.17
N VAL C 65 66.94 -19.33 -7.82
CA VAL C 65 66.20 -18.92 -9.01
C VAL C 65 64.89 -18.24 -8.60
N TYR C 66 64.28 -17.51 -9.54
CA TYR C 66 63.06 -16.78 -9.28
C TYR C 66 61.88 -17.28 -10.11
N ALA C 67 62.06 -18.33 -10.92
CA ALA C 67 60.98 -18.89 -11.70
C ALA C 67 61.32 -20.34 -12.06
N ILE C 68 60.29 -21.11 -12.40
CA ILE C 68 60.44 -22.52 -12.72
C ILE C 68 59.66 -22.80 -14.00
N LEU C 69 60.28 -23.54 -14.92
CA LEU C 69 59.64 -23.95 -16.17
C LEU C 69 59.35 -25.45 -16.08
N VAL C 70 58.10 -25.83 -16.29
CA VAL C 70 57.66 -27.21 -16.16
C VAL C 70 56.99 -27.63 -17.46
N SER C 71 57.33 -28.82 -17.94
CA SER C 71 56.75 -29.37 -19.17
C SER C 71 56.45 -30.84 -18.97
N HIS C 72 55.60 -31.37 -19.85
CA HIS C 72 55.17 -32.76 -19.75
C HIS C 72 56.36 -33.70 -19.98
N PRO C 73 56.44 -34.81 -19.26
CA PRO C 73 57.52 -35.77 -19.47
C PRO C 73 57.37 -36.46 -20.82
N PRO C 74 58.48 -37.00 -21.37
CA PRO C 74 58.36 -37.71 -22.65
C PRO C 74 57.42 -38.88 -22.61
N THR C 75 57.37 -39.60 -21.50
CA THR C 75 56.43 -40.71 -21.36
C THR C 75 55.03 -40.18 -21.11
N PRO C 76 54.03 -40.59 -21.88
CA PRO C 76 52.68 -40.06 -21.69
C PRO C 76 52.02 -40.57 -20.43
N ASN C 77 52.53 -40.15 -19.27
CA ASN C 77 51.99 -40.53 -17.98
C ASN C 77 51.03 -39.45 -17.48
N ASP C 78 50.60 -39.59 -16.22
CA ASP C 78 49.63 -38.66 -15.63
C ASP C 78 50.39 -37.50 -14.96
N HIS C 79 50.88 -36.60 -15.81
CA HIS C 79 51.50 -35.33 -15.41
C HIS C 79 52.45 -35.51 -14.22
N PHE C 80 53.49 -36.31 -14.43
CA PHE C 80 54.41 -36.64 -13.35
C PHE C 80 55.27 -35.43 -12.95
N THR C 81 55.48 -34.49 -13.86
CA THR C 81 56.39 -33.36 -13.63
C THR C 81 55.79 -32.25 -12.77
N PRO C 82 54.57 -31.76 -13.05
CA PRO C 82 54.13 -30.54 -12.34
C PRO C 82 53.77 -30.75 -10.88
N THR C 83 53.28 -31.93 -10.49
CA THR C 83 52.78 -32.10 -9.13
C THR C 83 53.86 -31.93 -8.07
N PRO C 84 55.06 -32.51 -8.19
CA PRO C 84 56.07 -32.27 -7.12
C PRO C 84 56.54 -30.83 -7.07
N VAL C 85 56.69 -30.19 -8.24
CA VAL C 85 57.15 -28.80 -8.27
C VAL C 85 56.13 -27.88 -7.63
N SER C 86 54.85 -28.10 -7.91
CA SER C 86 53.80 -27.19 -7.43
C SER C 86 53.67 -27.19 -5.92
N TYR C 87 54.23 -28.19 -5.23
CA TYR C 87 54.13 -28.25 -3.78
C TYR C 87 55.33 -27.60 -3.10
N THR C 88 56.54 -28.07 -3.43
CA THR C 88 57.74 -27.51 -2.80
C THR C 88 57.93 -26.06 -3.18
N ALA C 89 57.85 -25.75 -4.48
CA ALA C 89 57.97 -24.36 -4.91
C ALA C 89 56.76 -23.53 -4.48
N GLY C 90 55.58 -24.14 -4.44
CA GLY C 90 54.40 -23.41 -3.98
C GLY C 90 54.49 -23.00 -2.53
N PHE C 91 55.03 -23.89 -1.67
CA PHE C 91 55.18 -23.56 -0.26
C PHE C 91 56.25 -22.48 -0.07
N TYR C 92 57.25 -22.44 -0.96
CA TYR C 92 58.24 -21.38 -0.96
C TYR C 92 57.77 -20.11 -1.68
N ARG C 93 56.56 -20.14 -2.24
CA ARG C 93 56.00 -19.00 -2.97
C ARG C 93 56.90 -18.58 -4.14
N ILE C 94 57.53 -19.58 -4.77
CA ILE C 94 58.40 -19.33 -5.92
C ILE C 94 57.57 -19.45 -7.19
N PRO C 95 57.63 -18.46 -8.09
CA PRO C 95 56.84 -18.55 -9.33
C PRO C 95 57.27 -19.73 -10.19
N VAL C 96 56.31 -20.26 -10.93
CA VAL C 96 56.55 -21.36 -11.86
C VAL C 96 55.70 -21.14 -13.11
N LEU C 97 56.31 -21.33 -14.28
CA LEU C 97 55.64 -21.17 -15.56
C LEU C 97 55.41 -22.56 -16.17
N GLY C 98 54.19 -22.80 -16.64
CA GLY C 98 53.84 -24.10 -17.16
C GLY C 98 53.59 -24.14 -18.66
N LEU C 99 53.77 -25.31 -19.25
CA LEU C 99 53.49 -25.51 -20.67
C LEU C 99 53.37 -27.00 -20.95
N THR C 100 52.71 -27.32 -22.05
CA THR C 100 52.50 -28.69 -22.55
C THR C 100 51.73 -29.57 -21.55
N THR C 101 51.19 -28.99 -20.49
CA THR C 101 50.38 -29.72 -19.52
C THR C 101 49.03 -29.01 -19.42
N ARG C 102 48.01 -29.58 -20.06
CA ARG C 102 46.68 -28.98 -20.12
C ARG C 102 45.72 -29.86 -19.34
N MET C 103 45.58 -29.57 -18.04
CA MET C 103 44.65 -30.27 -17.17
C MET C 103 43.90 -29.25 -16.33
N SER C 104 42.69 -29.63 -15.91
CA SER C 104 41.83 -28.75 -15.13
C SER C 104 42.07 -28.86 -13.64
N ILE C 105 42.92 -29.79 -13.19
CA ILE C 105 43.21 -29.91 -11.77
C ILE C 105 43.99 -28.70 -11.27
N TYR C 106 44.94 -28.22 -12.08
CA TYR C 106 45.72 -27.03 -11.73
C TYR C 106 45.05 -25.75 -12.19
N SER C 107 43.77 -25.60 -11.85
CA SER C 107 43.01 -24.41 -12.18
C SER C 107 42.53 -23.66 -10.94
N ASP C 108 41.96 -24.38 -9.97
CA ASP C 108 41.53 -23.74 -8.74
C ASP C 108 42.73 -23.27 -7.93
N LYS C 109 42.59 -22.10 -7.30
CA LYS C 109 43.65 -21.51 -6.51
C LYS C 109 43.60 -21.92 -5.05
N SER C 110 42.77 -22.89 -4.69
CA SER C 110 42.71 -23.35 -3.31
C SER C 110 44.02 -24.01 -2.89
N ILE C 111 44.61 -24.82 -3.77
CA ILE C 111 45.83 -25.57 -3.45
C ILE C 111 47.04 -24.96 -4.17
N HIS C 112 47.02 -24.95 -5.50
CA HIS C 112 48.13 -24.44 -6.30
C HIS C 112 47.97 -22.94 -6.42
N LEU C 113 48.53 -22.20 -5.46
CA LEU C 113 48.38 -20.76 -5.42
C LEU C 113 49.06 -20.10 -6.62
N SER C 114 50.27 -20.56 -6.96
CA SER C 114 51.09 -19.94 -7.99
C SER C 114 51.37 -20.98 -9.08
N PHE C 115 50.54 -20.97 -10.12
CA PHE C 115 50.76 -21.82 -11.28
C PHE C 115 50.14 -21.12 -12.49
N LEU C 116 50.98 -20.48 -13.28
CA LEU C 116 50.56 -19.79 -14.50
C LEU C 116 51.11 -20.53 -15.70
N ARG C 117 50.27 -20.73 -16.71
CA ARG C 117 50.69 -21.40 -17.93
C ARG C 117 49.95 -20.80 -19.12
N THR C 118 50.66 -20.70 -20.25
CA THR C 118 50.05 -20.11 -21.45
C THR C 118 49.08 -21.08 -22.10
N VAL C 119 49.42 -22.37 -22.15
CA VAL C 119 48.58 -23.35 -22.85
C VAL C 119 47.25 -23.49 -22.12
N PRO C 120 46.11 -23.33 -22.81
CA PRO C 120 44.83 -23.50 -22.13
C PRO C 120 44.60 -24.95 -21.76
N PRO C 121 43.83 -25.21 -20.71
CA PRO C 121 43.57 -26.59 -20.31
C PRO C 121 42.54 -27.26 -21.22
N TYR C 122 42.38 -28.56 -21.00
CA TYR C 122 41.39 -29.32 -21.76
C TYR C 122 39.97 -28.81 -21.50
N SER C 123 39.73 -28.28 -20.31
CA SER C 123 38.39 -27.80 -19.96
C SER C 123 37.99 -26.54 -20.73
N HIS C 124 38.93 -25.86 -21.39
CA HIS C 124 38.59 -24.65 -22.14
C HIS C 124 38.04 -24.95 -23.52
N GLN C 125 38.00 -26.22 -23.94
CA GLN C 125 37.46 -26.56 -25.25
C GLN C 125 35.97 -26.29 -25.34
N SER C 126 35.28 -26.16 -24.22
CA SER C 126 33.83 -25.94 -24.23
C SER C 126 33.45 -24.61 -24.89
N SER C 127 34.35 -23.63 -24.90
CA SER C 127 34.04 -22.35 -25.52
C SER C 127 33.83 -22.49 -27.01
N VAL C 128 34.68 -23.26 -27.69
CA VAL C 128 34.58 -23.38 -29.14
C VAL C 128 33.35 -24.19 -29.54
N TRP C 129 32.89 -25.11 -28.69
CA TRP C 129 31.74 -25.93 -29.05
C TRP C 129 30.48 -25.08 -29.21
N PHE C 130 30.25 -24.14 -28.28
CA PHE C 130 29.04 -23.33 -28.33
C PHE C 130 29.03 -22.44 -29.57
N GLU C 131 30.14 -21.75 -29.84
CA GLU C 131 30.17 -20.82 -30.96
C GLU C 131 30.13 -21.55 -32.30
N MET C 132 30.72 -22.76 -32.36
CA MET C 132 30.74 -23.50 -33.62
C MET C 132 29.33 -23.87 -34.06
N MET C 133 28.47 -24.26 -33.12
CA MET C 133 27.10 -24.63 -33.46
C MET C 133 26.22 -23.43 -33.78
N ARG C 134 26.67 -22.21 -33.47
CA ARG C 134 25.86 -21.04 -33.75
C ARG C 134 25.73 -20.78 -35.25
N VAL C 135 26.84 -20.89 -35.99
CA VAL C 135 26.78 -20.67 -37.43
C VAL C 135 25.97 -21.76 -38.11
N TYR C 136 26.05 -23.00 -37.62
CA TYR C 136 25.24 -24.08 -38.16
C TYR C 136 23.80 -24.06 -37.65
N SER C 137 23.49 -23.19 -36.69
CA SER C 137 22.15 -23.04 -36.14
C SER C 137 21.65 -24.34 -35.51
N TRP C 138 22.40 -24.82 -34.51
CA TRP C 138 22.01 -25.98 -33.72
C TRP C 138 21.44 -25.48 -32.40
N ASN C 139 20.18 -25.85 -32.12
CA ASN C 139 19.45 -25.24 -31.02
C ASN C 139 19.81 -25.87 -29.68
N HIS C 140 19.50 -27.15 -29.52
CA HIS C 140 19.69 -27.85 -28.25
C HIS C 140 20.53 -29.10 -28.47
N ILE C 141 21.30 -29.46 -27.44
CA ILE C 141 22.29 -30.52 -27.53
C ILE C 141 22.16 -31.45 -26.34
N ILE C 142 22.69 -32.67 -26.52
CA ILE C 142 22.89 -33.62 -25.44
C ILE C 142 24.38 -33.95 -25.38
N LEU C 143 24.90 -34.16 -24.18
CA LEU C 143 26.32 -34.35 -23.98
C LEU C 143 26.58 -35.53 -23.07
N LEU C 144 27.72 -36.19 -23.31
CA LEU C 144 28.17 -37.33 -22.52
C LEU C 144 29.47 -36.96 -21.82
N VAL C 145 29.53 -37.16 -20.51
CA VAL C 145 30.66 -36.74 -19.70
C VAL C 145 31.12 -37.90 -18.84
N SER C 146 32.42 -38.19 -18.89
CA SER C 146 32.99 -39.20 -18.00
C SER C 146 32.98 -38.71 -16.56
N ASP C 147 32.73 -39.63 -15.62
CA ASP C 147 32.61 -39.29 -14.21
C ASP C 147 34.00 -39.06 -13.63
N ASP C 148 34.50 -37.85 -13.85
CA ASP C 148 35.81 -37.45 -13.32
C ASP C 148 35.82 -35.94 -13.19
N HIS C 149 36.75 -35.45 -12.37
CA HIS C 149 36.88 -34.00 -12.19
C HIS C 149 37.22 -33.31 -13.51
N GLU C 150 38.13 -33.91 -14.28
CA GLU C 150 38.47 -33.35 -15.59
C GLU C 150 37.26 -33.32 -16.50
N GLY C 151 36.49 -34.41 -16.53
CA GLY C 151 35.29 -34.44 -17.35
C GLY C 151 34.21 -33.52 -16.82
N ARG C 152 34.02 -33.48 -15.50
CA ARG C 152 32.96 -32.66 -14.93
C ARG C 152 33.23 -31.17 -15.06
N ALA C 153 34.49 -30.77 -15.26
CA ALA C 153 34.80 -29.35 -15.41
C ALA C 153 34.17 -28.78 -16.67
N ALA C 154 34.19 -29.52 -17.77
CA ALA C 154 33.60 -29.05 -19.01
C ALA C 154 32.09 -28.86 -18.87
N GLN C 155 31.43 -29.77 -18.15
CA GLN C 155 29.99 -29.64 -17.95
C GLN C 155 29.64 -28.37 -17.18
N LYS C 156 30.43 -28.03 -16.15
CA LYS C 156 30.18 -26.82 -15.38
C LYS C 156 30.31 -25.57 -16.24
N ARG C 157 31.33 -25.53 -17.09
CA ARG C 157 31.51 -24.36 -17.96
C ARG C 157 30.33 -24.21 -18.91
N LEU C 158 29.85 -25.31 -19.47
CA LEU C 158 28.73 -25.24 -20.41
C LEU C 158 27.46 -24.73 -19.74
N GLU C 159 27.18 -25.19 -18.52
CA GLU C 159 25.92 -24.86 -17.88
C GLU C 159 25.86 -23.43 -17.34
N THR C 160 26.99 -22.72 -17.29
CA THR C 160 26.98 -21.30 -17.01
C THR C 160 26.91 -20.44 -18.27
N LEU C 161 26.95 -21.06 -19.45
CA LEU C 161 26.88 -20.32 -20.70
C LEU C 161 25.54 -20.44 -21.40
N LEU C 162 24.88 -21.60 -21.34
CA LEU C 162 23.54 -21.77 -21.88
C LEU C 162 22.47 -21.71 -20.80
N GLU C 163 22.71 -20.96 -19.72
CA GLU C 163 21.69 -20.70 -18.72
C GLU C 163 21.14 -19.28 -18.78
N GLU C 164 21.69 -18.43 -19.64
CA GLU C 164 21.19 -17.07 -19.82
C GLU C 164 20.74 -16.79 -21.25
N ARG C 165 21.46 -17.29 -22.25
CA ARG C 165 21.10 -17.10 -23.64
C ARG C 165 20.41 -18.31 -24.25
N GLU C 166 20.18 -19.37 -23.47
CA GLU C 166 19.56 -20.57 -23.98
C GLU C 166 18.79 -21.25 -22.85
N SER C 167 17.87 -22.13 -23.23
CA SER C 167 17.05 -22.85 -22.27
C SER C 167 17.65 -24.22 -21.93
N LYS C 168 18.91 -24.20 -21.48
CA LYS C 168 19.62 -25.39 -21.02
C LYS C 168 19.74 -26.45 -22.10
N ALA C 169 20.25 -27.63 -21.73
CA ALA C 169 20.44 -28.73 -22.64
C ALA C 169 19.42 -29.84 -22.37
N GLU C 170 19.21 -30.69 -23.37
CA GLU C 170 18.20 -31.74 -23.27
C GLU C 170 18.57 -32.75 -22.19
N LYS C 171 19.83 -33.20 -22.15
CA LYS C 171 20.23 -34.22 -21.19
C LYS C 171 21.71 -34.03 -20.84
N VAL C 172 22.06 -34.42 -19.62
CA VAL C 172 23.42 -34.27 -19.12
C VAL C 172 23.86 -35.63 -18.58
N LEU C 173 23.36 -36.69 -19.21
CA LEU C 173 23.62 -38.05 -18.72
C LEU C 173 25.12 -38.35 -18.72
N GLN C 174 25.56 -39.11 -17.72
CA GLN C 174 26.97 -39.34 -17.40
C GLN C 174 27.24 -40.84 -17.34
N PHE C 175 28.53 -41.19 -17.49
CA PHE C 175 28.95 -42.58 -17.52
C PHE C 175 30.26 -42.71 -16.75
N ASP C 176 30.49 -43.90 -16.20
CA ASP C 176 31.66 -44.17 -15.36
C ASP C 176 32.91 -44.29 -16.24
N PRO C 177 34.07 -43.84 -15.75
CA PRO C 177 35.30 -43.96 -16.55
C PRO C 177 35.65 -45.40 -16.92
N GLY C 178 35.34 -46.37 -16.05
CA GLY C 178 35.58 -47.75 -16.36
C GLY C 178 34.59 -48.30 -17.36
N THR C 179 34.65 -47.82 -18.60
CA THR C 179 33.68 -48.19 -19.62
C THR C 179 33.89 -49.64 -20.05
N LYS C 180 32.99 -50.52 -19.59
CA LYS C 180 33.01 -51.92 -19.97
C LYS C 180 31.60 -52.31 -20.38
N ASN C 181 31.39 -52.54 -21.68
CA ASN C 181 30.07 -52.81 -22.24
C ASN C 181 29.08 -51.72 -21.85
N VAL C 182 29.53 -50.46 -21.98
CA VAL C 182 28.71 -49.32 -21.64
C VAL C 182 27.75 -49.11 -22.80
N THR C 183 26.53 -49.65 -22.67
CA THR C 183 25.56 -49.61 -23.75
C THR C 183 24.17 -49.24 -23.23
N ALA C 184 23.91 -49.53 -21.95
CA ALA C 184 22.55 -49.43 -21.42
C ALA C 184 22.01 -48.00 -21.51
N LEU C 185 22.90 -47.01 -21.52
CA LEU C 185 22.47 -45.61 -21.61
C LEU C 185 22.42 -45.09 -23.04
N LEU C 186 22.81 -45.90 -24.02
CA LEU C 186 22.74 -45.46 -25.41
C LEU C 186 21.31 -45.34 -25.90
N MET C 187 20.48 -46.36 -25.65
CA MET C 187 19.09 -46.29 -26.10
C MET C 187 18.32 -45.20 -25.36
N GLU C 188 18.76 -44.85 -24.15
CA GLU C 188 18.17 -43.71 -23.47
C GLU C 188 18.41 -42.43 -24.25
N ALA C 189 19.61 -42.27 -24.80
CA ALA C 189 19.90 -41.12 -25.65
C ALA C 189 19.22 -41.20 -27.00
N LYS C 190 18.86 -42.40 -27.45
CA LYS C 190 18.22 -42.59 -28.76
C LYS C 190 16.70 -42.55 -28.65
N GLU C 191 16.16 -41.60 -27.88
CA GLU C 191 14.72 -41.39 -27.86
C GLU C 191 14.29 -39.93 -27.87
N LEU C 192 15.20 -38.98 -27.64
CA LEU C 192 14.83 -37.58 -27.50
C LEU C 192 14.92 -36.80 -28.80
N GLU C 193 15.41 -37.42 -29.88
CA GLU C 193 15.50 -36.78 -31.19
C GLU C 193 16.35 -35.51 -31.14
N ALA C 194 17.63 -35.68 -30.79
CA ALA C 194 18.60 -34.60 -30.79
C ALA C 194 19.62 -34.74 -31.90
N ARG C 195 20.22 -35.93 -32.05
CA ARG C 195 21.12 -36.27 -33.16
C ARG C 195 22.33 -35.34 -33.24
N VAL C 196 22.61 -34.59 -32.17
CA VAL C 196 23.65 -33.59 -32.15
C VAL C 196 24.56 -33.84 -30.95
N ILE C 197 24.69 -35.11 -30.57
CA ILE C 197 25.35 -35.47 -29.32
C ILE C 197 26.79 -34.95 -29.30
N ILE C 198 27.29 -34.70 -28.09
CA ILE C 198 28.61 -34.13 -27.86
C ILE C 198 29.35 -35.02 -26.87
N LEU C 199 30.61 -35.34 -27.19
CA LEU C 199 31.42 -36.23 -26.36
C LEU C 199 32.66 -35.51 -25.87
N SER C 200 33.04 -35.76 -24.62
CA SER C 200 34.23 -35.15 -24.03
C SER C 200 35.01 -36.13 -23.18
N ALA C 201 34.98 -37.41 -23.54
CA ALA C 201 35.67 -38.43 -22.76
C ALA C 201 37.17 -38.39 -23.04
N SER C 202 37.90 -39.30 -22.39
CA SER C 202 39.34 -39.40 -22.57
C SER C 202 39.63 -40.20 -23.84
N GLU C 203 40.90 -40.55 -24.04
CA GLU C 203 41.29 -41.23 -25.28
C GLU C 203 40.79 -42.67 -25.31
N ASP C 204 40.98 -43.41 -24.21
CA ASP C 204 40.68 -44.84 -24.22
C ASP C 204 39.18 -45.10 -24.26
N ASP C 205 38.40 -44.43 -23.42
CA ASP C 205 36.98 -44.72 -23.31
C ASP C 205 36.19 -44.21 -24.51
N ALA C 206 36.72 -43.23 -25.25
CA ALA C 206 36.01 -42.71 -26.41
C ALA C 206 35.84 -43.77 -27.48
N ALA C 207 36.88 -44.57 -27.71
CA ALA C 207 36.78 -45.66 -28.68
C ALA C 207 35.76 -46.70 -28.23
N THR C 208 35.64 -46.93 -26.92
CA THR C 208 34.63 -47.85 -26.42
C THR C 208 33.22 -47.34 -26.71
N VAL C 209 33.01 -46.03 -26.58
CA VAL C 209 31.70 -45.46 -26.88
C VAL C 209 31.38 -45.60 -28.36
N TYR C 210 32.36 -45.35 -29.23
CA TYR C 210 32.13 -45.49 -30.66
C TYR C 210 31.78 -46.93 -31.03
N ARG C 211 32.49 -47.90 -30.45
CA ARG C 211 32.19 -49.30 -30.72
C ARG C 211 30.80 -49.67 -30.20
N ALA C 212 30.45 -49.18 -29.01
CA ALA C 212 29.11 -49.39 -28.49
C ALA C 212 28.04 -48.70 -29.33
N ALA C 213 28.43 -47.72 -30.13
CA ALA C 213 27.52 -47.01 -31.02
C ALA C 213 27.47 -47.61 -32.41
N ALA C 214 28.18 -48.71 -32.65
CA ALA C 214 28.22 -49.33 -33.97
C ALA C 214 27.06 -50.29 -34.21
N MET C 215 26.85 -51.23 -33.29
CA MET C 215 25.79 -52.23 -33.44
C MET C 215 24.39 -51.64 -33.31
N LEU C 216 24.26 -50.42 -32.80
CA LEU C 216 22.97 -49.76 -32.65
C LEU C 216 22.74 -48.69 -33.71
N ASN C 217 23.43 -48.79 -34.85
CA ASN C 217 23.35 -47.83 -35.95
C ASN C 217 23.31 -46.38 -35.46
N MET C 218 24.13 -46.08 -34.46
CA MET C 218 24.20 -44.74 -33.89
C MET C 218 25.09 -43.80 -34.69
N THR C 219 25.82 -44.32 -35.69
CA THR C 219 26.72 -43.52 -36.51
C THR C 219 26.18 -43.32 -37.93
N GLY C 220 24.90 -43.54 -38.13
CA GLY C 220 24.30 -43.43 -39.45
C GLY C 220 24.08 -41.99 -39.87
N SER C 221 23.38 -41.84 -41.01
CA SER C 221 23.09 -40.53 -41.54
C SER C 221 22.12 -39.78 -40.62
N GLY C 222 22.24 -38.46 -40.61
CA GLY C 222 21.43 -37.62 -39.76
C GLY C 222 22.03 -37.32 -38.40
N TYR C 223 23.27 -37.71 -38.16
CA TYR C 223 23.95 -37.47 -36.89
C TYR C 223 25.13 -36.53 -37.11
N VAL C 224 25.43 -35.73 -36.09
CA VAL C 224 26.62 -34.89 -36.08
C VAL C 224 27.31 -35.06 -34.73
N TRP C 225 28.62 -35.34 -34.77
CA TRP C 225 29.41 -35.61 -33.57
C TRP C 225 30.37 -34.44 -33.36
N LEU C 226 29.96 -33.51 -32.51
CA LEU C 226 30.83 -32.41 -32.08
C LEU C 226 31.63 -32.89 -30.88
N VAL C 227 32.92 -33.13 -31.07
CA VAL C 227 33.76 -33.80 -30.10
C VAL C 227 35.00 -32.94 -29.85
N GLY C 228 35.81 -33.34 -28.86
CA GLY C 228 36.96 -32.57 -28.45
C GLY C 228 38.21 -32.81 -29.28
N GLU C 229 39.33 -33.10 -28.61
CA GLU C 229 40.62 -33.22 -29.27
C GLU C 229 41.28 -34.57 -29.09
N ARG C 230 41.30 -35.11 -27.86
CA ARG C 230 42.16 -36.25 -27.57
C ARG C 230 41.73 -37.52 -28.31
N GLU C 231 40.44 -37.68 -28.57
CA GLU C 231 39.91 -38.89 -29.17
C GLU C 231 40.11 -38.97 -30.68
N ILE C 232 40.94 -38.11 -31.26
CA ILE C 232 41.28 -38.26 -32.66
C ILE C 232 42.56 -39.07 -32.85
N SER C 233 43.49 -38.99 -31.89
CA SER C 233 44.74 -39.72 -31.94
C SER C 233 44.62 -41.02 -31.13
N GLY C 234 45.76 -41.71 -30.97
CA GLY C 234 45.77 -42.95 -30.21
C GLY C 234 44.99 -44.05 -30.92
N ASN C 235 44.55 -45.02 -30.12
CA ASN C 235 43.70 -46.09 -30.64
C ASN C 235 42.30 -45.60 -30.99
N ALA C 236 41.94 -44.39 -30.59
CA ALA C 236 40.63 -43.82 -30.93
C ALA C 236 40.54 -43.42 -32.39
N LEU C 237 41.66 -43.38 -33.12
CA LEU C 237 41.60 -43.12 -34.55
C LEU C 237 40.80 -44.19 -35.26
N ARG C 238 41.07 -45.46 -34.93
CA ARG C 238 40.25 -46.55 -35.42
C ARG C 238 38.93 -46.60 -34.66
N TYR C 239 38.02 -47.46 -35.14
CA TYR C 239 36.70 -47.67 -34.56
C TYR C 239 35.84 -46.40 -34.56
N ALA C 240 36.31 -45.33 -35.22
CA ALA C 240 35.63 -44.04 -35.21
C ALA C 240 34.82 -43.84 -36.49
N PRO C 241 33.72 -43.10 -36.41
CA PRO C 241 32.94 -42.81 -37.62
C PRO C 241 33.68 -41.95 -38.63
N ASP C 242 33.05 -41.68 -39.77
CA ASP C 242 33.67 -40.94 -40.86
C ASP C 242 33.16 -39.51 -40.95
N GLY C 243 32.54 -39.00 -39.90
CA GLY C 243 32.00 -37.65 -39.93
C GLY C 243 32.29 -36.85 -38.67
N ILE C 244 33.45 -37.08 -38.08
CA ILE C 244 33.80 -36.41 -36.82
C ILE C 244 34.19 -34.96 -37.08
N LEU C 245 34.03 -34.13 -36.06
CA LEU C 245 34.35 -32.71 -36.08
C LEU C 245 35.30 -32.37 -34.94
N GLY C 246 36.36 -33.14 -34.80
CA GLY C 246 37.26 -32.99 -33.67
C GLY C 246 38.02 -31.66 -33.71
N LEU C 247 38.65 -31.36 -32.57
CA LEU C 247 39.37 -30.12 -32.35
C LEU C 247 40.88 -30.36 -32.43
N GLN C 248 41.64 -29.27 -32.23
CA GLN C 248 43.09 -29.34 -32.31
C GLN C 248 43.68 -28.12 -31.63
N LEU C 249 44.98 -28.19 -31.35
CA LEU C 249 45.76 -27.05 -30.89
C LEU C 249 46.90 -26.81 -31.86
N ILE C 250 47.19 -25.53 -32.13
CA ILE C 250 48.19 -25.18 -33.13
C ILE C 250 49.57 -25.64 -32.69
N ASN C 251 49.92 -25.42 -31.43
CA ASN C 251 51.27 -25.68 -30.94
C ASN C 251 51.28 -26.71 -29.82
N GLY C 252 50.37 -27.68 -29.87
CA GLY C 252 50.40 -28.76 -28.90
C GLY C 252 51.59 -29.67 -29.11
N LYS C 253 52.05 -30.26 -28.00
CA LYS C 253 53.18 -31.18 -27.96
C LYS C 253 54.48 -30.55 -28.42
N ASN C 254 54.53 -29.23 -28.55
CA ASN C 254 55.73 -28.51 -28.96
C ASN C 254 56.22 -27.67 -27.79
N GLU C 255 57.47 -27.89 -27.37
CA GLU C 255 58.05 -27.17 -26.25
C GLU C 255 59.31 -26.39 -26.59
N SER C 256 59.99 -26.72 -27.69
CA SER C 256 61.23 -26.01 -28.03
C SER C 256 60.96 -24.54 -28.30
N ALA C 257 59.92 -24.23 -29.08
CA ALA C 257 59.57 -22.84 -29.34
C ALA C 257 58.87 -22.20 -28.16
N HIS C 258 58.09 -22.97 -27.41
CA HIS C 258 57.33 -22.40 -26.30
C HIS C 258 58.24 -21.86 -25.20
N ILE C 259 59.28 -22.60 -24.83
CA ILE C 259 60.14 -22.17 -23.73
C ILE C 259 60.92 -20.92 -24.11
N SER C 260 61.34 -20.82 -25.38
CA SER C 260 62.01 -19.61 -25.84
C SER C 260 61.07 -18.41 -25.75
N ASP C 261 59.79 -18.60 -26.09
CA ASP C 261 58.81 -17.55 -25.93
C ASP C 261 58.53 -17.27 -24.45
N ALA C 262 58.53 -18.33 -23.62
CA ALA C 262 58.14 -18.18 -22.22
C ALA C 262 59.20 -17.45 -21.41
N VAL C 263 60.48 -17.70 -21.68
CA VAL C 263 61.56 -17.14 -20.86
C VAL C 263 61.54 -15.61 -20.92
N GLY C 264 61.34 -15.04 -22.10
CA GLY C 264 61.32 -13.60 -22.23
C GLY C 264 60.23 -12.93 -21.44
N VAL C 265 59.06 -13.58 -21.32
CA VAL C 265 57.95 -13.00 -20.57
C VAL C 265 58.34 -12.78 -19.12
N VAL C 266 59.11 -13.71 -18.55
CA VAL C 266 59.62 -13.52 -17.20
C VAL C 266 60.57 -12.33 -17.15
N ALA C 267 61.44 -12.20 -18.16
CA ALA C 267 62.43 -11.14 -18.17
C ALA C 267 61.79 -9.76 -18.17
N GLN C 268 60.68 -9.60 -18.89
CA GLN C 268 59.97 -8.33 -18.90
C GLN C 268 59.45 -8.00 -17.50
N ALA C 269 58.93 -9.01 -16.79
CA ALA C 269 58.40 -8.78 -15.44
C ALA C 269 59.50 -8.48 -14.44
N VAL C 270 60.75 -8.88 -14.71
CA VAL C 270 61.84 -8.61 -13.78
C VAL C 270 62.10 -7.11 -13.68
N HIS C 271 61.94 -6.38 -14.79
CA HIS C 271 62.18 -4.95 -14.77
C HIS C 271 61.25 -4.22 -13.81
N GLU C 272 60.05 -4.74 -13.59
CA GLU C 272 59.11 -4.16 -12.64
C GLU C 272 59.37 -4.59 -11.21
N LEU C 273 60.21 -5.61 -11.00
CA LEU C 273 60.50 -6.07 -9.64
C LEU C 273 61.26 -5.00 -8.85
N LEU C 274 62.22 -4.33 -9.48
CA LEU C 274 63.04 -3.32 -8.81
C LEU C 274 62.17 -2.12 -8.49
N GLU C 275 61.81 -1.97 -7.22
CA GLU C 275 60.96 -0.89 -6.77
C GLU C 275 61.34 -0.54 -5.32
N LYS C 276 60.47 0.23 -4.67
CA LYS C 276 60.71 0.62 -3.28
C LYS C 276 60.64 -0.56 -2.32
N GLU C 277 59.95 -1.63 -2.70
CA GLU C 277 59.88 -2.82 -1.86
C GLU C 277 61.24 -3.53 -1.85
N ASN C 278 61.49 -4.26 -0.77
CA ASN C 278 62.74 -4.99 -0.64
C ASN C 278 62.84 -6.08 -1.70
N ILE C 279 64.06 -6.29 -2.21
CA ILE C 279 64.34 -7.27 -3.26
C ILE C 279 65.23 -8.33 -2.62
N THR C 280 64.99 -8.60 -1.34
CA THR C 280 65.81 -9.57 -0.63
C THR C 280 65.78 -10.93 -1.32
N ASP C 281 66.93 -11.58 -1.36
CA ASP C 281 67.04 -12.88 -2.01
C ASP C 281 66.16 -13.90 -1.29
N PRO C 282 65.56 -14.83 -2.03
CA PRO C 282 64.76 -15.89 -1.40
C PRO C 282 65.62 -16.71 -0.46
N PRO C 283 65.02 -17.55 0.37
CA PRO C 283 65.83 -18.38 1.30
C PRO C 283 66.85 -19.21 0.54
N ARG C 284 68.07 -19.25 1.09
CA ARG C 284 69.17 -19.97 0.47
C ARG C 284 69.08 -21.46 0.82
N GLY C 285 68.85 -22.29 -0.18
CA GLY C 285 68.79 -23.71 0.02
C GLY C 285 67.59 -24.10 0.88
N CYS C 286 67.59 -25.37 1.29
CA CYS C 286 66.55 -25.86 2.17
C CYS C 286 67.06 -26.86 3.21
N VAL C 287 68.35 -26.82 3.55
CA VAL C 287 68.86 -27.67 4.63
C VAL C 287 68.18 -27.31 5.94
N GLY C 288 68.10 -26.03 6.26
CA GLY C 288 67.33 -25.56 7.37
C GLY C 288 66.71 -24.20 7.14
N ASN C 289 65.38 -24.11 7.24
CA ASN C 289 64.65 -22.87 7.08
C ASN C 289 63.19 -23.13 7.42
N THR C 290 62.56 -22.16 8.06
CA THR C 290 61.15 -22.24 8.40
C THR C 290 60.35 -21.04 7.93
N ASN C 291 60.93 -19.84 7.97
CA ASN C 291 60.22 -18.64 7.56
C ASN C 291 59.99 -18.64 6.06
N ILE C 292 58.85 -18.08 5.65
CA ILE C 292 58.51 -17.90 4.25
C ILE C 292 58.65 -16.42 3.91
N TRP C 293 59.36 -16.12 2.82
CA TRP C 293 59.61 -14.73 2.48
C TRP C 293 58.32 -14.04 2.03
N LYS C 294 58.31 -12.71 2.15
CA LYS C 294 57.10 -11.93 1.93
C LYS C 294 57.02 -11.30 0.56
N THR C 295 58.14 -11.21 -0.18
CA THR C 295 58.11 -10.55 -1.48
C THR C 295 57.62 -11.46 -2.59
N GLY C 296 57.40 -12.75 -2.31
CA GLY C 296 56.91 -13.68 -3.30
C GLY C 296 55.57 -13.27 -3.88
N PRO C 297 54.52 -13.26 -3.05
CA PRO C 297 53.20 -12.87 -3.53
C PRO C 297 53.07 -11.38 -3.84
N LEU C 298 54.15 -10.60 -3.73
CA LEU C 298 54.07 -9.17 -3.99
C LEU C 298 54.21 -8.81 -5.46
N PHE C 299 54.53 -9.78 -6.32
CA PHE C 299 54.62 -9.53 -7.75
C PHE C 299 53.88 -10.58 -8.59
N LYS C 300 53.04 -11.41 -7.96
CA LYS C 300 52.23 -12.35 -8.73
C LYS C 300 51.28 -11.62 -9.66
N ARG C 301 50.66 -10.54 -9.17
CA ARG C 301 49.83 -9.71 -10.04
C ARG C 301 50.66 -9.08 -11.15
N VAL C 302 51.88 -8.65 -10.82
CA VAL C 302 52.79 -8.12 -11.85
C VAL C 302 53.13 -9.19 -12.86
N LEU C 303 53.42 -10.41 -12.39
CA LEU C 303 53.77 -11.50 -13.30
C LEU C 303 52.60 -11.87 -14.20
N MET C 304 51.38 -11.90 -13.64
CA MET C 304 50.21 -12.30 -14.40
C MET C 304 49.65 -11.20 -15.28
N SER C 305 50.10 -9.95 -15.11
CA SER C 305 49.66 -8.83 -15.93
C SER C 305 50.67 -8.43 -16.98
N SER C 306 51.68 -9.27 -17.22
CA SER C 306 52.73 -8.93 -18.18
C SER C 306 52.20 -8.90 -19.61
N LYS C 307 52.82 -8.05 -20.43
CA LYS C 307 52.51 -7.94 -21.85
C LYS C 307 53.78 -8.23 -22.64
N TYR C 308 53.64 -9.02 -23.70
CA TYR C 308 54.79 -9.49 -24.48
C TYR C 308 54.30 -9.81 -25.90
N ALA C 309 54.67 -8.96 -26.85
CA ALA C 309 54.26 -9.13 -28.25
C ALA C 309 55.40 -9.72 -29.08
N ASP C 310 55.63 -11.02 -28.87
CA ASP C 310 56.58 -11.82 -29.64
C ASP C 310 56.39 -13.27 -29.25
N GLY C 311 56.71 -14.17 -30.18
CA GLY C 311 56.56 -15.59 -29.93
C GLY C 311 55.36 -16.20 -30.62
N VAL C 312 54.32 -16.53 -29.86
CA VAL C 312 53.10 -17.12 -30.40
C VAL C 312 52.00 -16.08 -30.29
N THR C 313 51.59 -15.55 -31.45
CA THR C 313 50.48 -14.60 -31.60
C THR C 313 50.77 -13.25 -30.94
N GLY C 314 51.90 -13.14 -30.25
CA GLY C 314 52.27 -11.89 -29.62
C GLY C 314 51.26 -11.36 -28.63
N ARG C 315 50.39 -12.21 -28.09
CA ARG C 315 49.32 -11.78 -27.21
C ARG C 315 49.23 -12.72 -26.01
N VAL C 316 50.37 -12.99 -25.38
CA VAL C 316 50.39 -13.88 -24.22
C VAL C 316 49.95 -13.09 -22.99
N GLU C 317 48.65 -13.11 -22.72
CA GLU C 317 48.06 -12.41 -21.59
C GLU C 317 47.49 -13.43 -20.61
N PHE C 318 47.81 -13.26 -19.34
CA PHE C 318 47.40 -14.19 -18.29
C PHE C 318 46.20 -13.61 -17.54
N ASN C 319 45.12 -14.37 -17.48
CA ASN C 319 43.92 -13.96 -16.76
C ASN C 319 44.11 -14.25 -15.26
N GLU C 320 43.02 -14.21 -14.51
CA GLU C 320 43.09 -14.51 -13.08
C GLU C 320 43.65 -15.91 -12.86
N ASP C 321 43.24 -16.87 -13.69
CA ASP C 321 43.82 -18.21 -13.66
C ASP C 321 45.05 -18.24 -14.57
N GLY C 322 45.65 -19.43 -14.70
CA GLY C 322 46.77 -19.58 -15.59
C GLY C 322 46.36 -20.03 -16.97
N ASP C 323 46.21 -19.08 -17.89
CA ASP C 323 45.74 -19.36 -19.24
C ASP C 323 45.99 -18.14 -20.11
N ARG C 324 46.21 -18.39 -21.40
CA ARG C 324 46.37 -17.32 -22.38
C ARG C 324 44.99 -16.82 -22.79
N LYS C 325 44.95 -15.96 -23.81
CA LYS C 325 43.70 -15.42 -24.34
C LYS C 325 43.70 -15.51 -25.84
N PHE C 326 42.52 -15.80 -26.41
CA PHE C 326 42.31 -15.81 -27.86
C PHE C 326 43.29 -16.76 -28.57
N ALA C 327 43.42 -17.96 -28.02
CA ALA C 327 44.28 -18.97 -28.64
C ALA C 327 43.64 -19.50 -29.92
N ASN C 328 44.46 -20.15 -30.74
CA ASN C 328 44.02 -20.70 -32.01
C ASN C 328 43.78 -22.20 -31.88
N TYR C 329 42.64 -22.66 -32.39
CA TYR C 329 42.29 -24.08 -32.34
C TYR C 329 42.25 -24.76 -33.70
N SER C 330 41.83 -24.06 -34.76
CA SER C 330 41.94 -24.55 -36.13
C SER C 330 41.19 -25.89 -36.30
N ILE C 331 39.87 -25.79 -36.18
CA ILE C 331 38.95 -26.92 -36.24
C ILE C 331 39.32 -27.90 -37.34
N MET C 332 39.45 -29.19 -36.99
CA MET C 332 39.83 -30.24 -37.91
C MET C 332 38.59 -30.87 -38.54
N ASN C 333 38.80 -31.95 -39.29
CA ASN C 333 37.73 -32.78 -39.82
C ASN C 333 38.33 -34.11 -40.25
N LEU C 334 37.52 -35.15 -40.17
CA LEU C 334 37.95 -36.51 -40.49
C LEU C 334 37.07 -37.10 -41.58
N GLN C 335 37.71 -37.79 -42.53
CA GLN C 335 37.00 -38.48 -43.60
C GLN C 335 37.86 -39.63 -44.10
N ASN C 336 37.22 -40.78 -44.31
CA ASN C 336 37.85 -42.00 -44.82
C ASN C 336 39.25 -42.22 -44.22
N ARG C 337 39.28 -42.25 -42.89
CA ARG C 337 40.51 -42.51 -42.13
C ARG C 337 41.61 -41.52 -42.47
N LYS C 338 41.25 -40.24 -42.53
CA LYS C 338 42.21 -39.20 -42.84
C LYS C 338 41.69 -37.87 -42.30
N LEU C 339 42.60 -37.06 -41.75
CA LEU C 339 42.28 -35.75 -41.22
C LEU C 339 42.43 -34.68 -42.30
N VAL C 340 41.71 -33.58 -42.12
CA VAL C 340 41.68 -32.50 -43.11
C VAL C 340 41.17 -31.24 -42.43
N GLN C 341 41.77 -30.11 -42.80
CA GLN C 341 41.41 -28.83 -42.21
C GLN C 341 40.20 -28.23 -42.91
N VAL C 342 39.22 -27.76 -42.13
CA VAL C 342 38.00 -27.19 -42.68
C VAL C 342 37.68 -25.85 -42.02
N GLY C 343 38.60 -25.31 -41.23
CA GLY C 343 38.34 -24.05 -40.58
C GLY C 343 39.46 -23.65 -39.63
N ILE C 344 39.37 -22.41 -39.18
CA ILE C 344 40.33 -21.82 -38.25
C ILE C 344 39.57 -20.99 -37.23
N TYR C 345 39.95 -21.11 -35.96
CA TYR C 345 39.36 -20.35 -34.88
C TYR C 345 40.44 -19.47 -34.24
N ASN C 346 40.16 -18.18 -34.12
CA ASN C 346 41.10 -17.21 -33.56
C ASN C 346 40.39 -16.29 -32.56
N GLY C 347 39.61 -16.89 -31.67
CA GLY C 347 38.75 -16.14 -30.78
C GLY C 347 37.40 -15.80 -31.36
N THR C 348 37.22 -15.97 -32.67
CA THR C 348 35.95 -15.75 -33.34
C THR C 348 35.77 -16.84 -34.39
N HIS C 349 34.52 -17.07 -34.78
CA HIS C 349 34.20 -18.12 -35.74
C HIS C 349 34.60 -17.69 -37.13
N VAL C 350 35.56 -18.40 -37.72
CA VAL C 350 36.01 -18.16 -39.09
C VAL C 350 35.91 -19.47 -39.85
N ILE C 351 35.27 -19.43 -41.02
CA ILE C 351 35.04 -20.64 -41.80
C ILE C 351 35.43 -20.38 -43.26
N PRO C 352 36.60 -20.82 -43.70
CA PRO C 352 36.94 -20.75 -45.12
C PRO C 352 36.28 -21.88 -45.90
N ASN C 353 36.30 -21.74 -47.22
CA ASN C 353 35.71 -22.77 -48.07
C ASN C 353 36.45 -24.09 -47.93
N ASP C 354 37.78 -24.06 -48.09
CA ASP C 354 38.63 -25.24 -47.94
C ASP C 354 38.11 -26.43 -48.72
N ARG C 355 37.44 -27.34 -48.04
CA ARG C 355 36.83 -28.52 -48.65
C ARG C 355 35.39 -28.66 -48.18
N LYS C 356 34.55 -29.25 -49.03
CA LYS C 356 33.16 -29.46 -48.67
C LYS C 356 33.06 -30.39 -47.48
N ILE C 357 32.28 -29.98 -46.47
CA ILE C 357 32.24 -30.70 -45.20
C ILE C 357 31.49 -32.01 -45.38
N ILE C 358 32.11 -33.10 -44.93
CA ILE C 358 31.48 -34.42 -44.95
C ILE C 358 30.82 -34.66 -43.60
N TRP C 359 29.78 -35.48 -43.59
CA TRP C 359 28.97 -35.73 -42.41
C TRP C 359 28.75 -37.23 -42.27
N PRO C 360 28.46 -37.70 -41.06
CA PRO C 360 28.26 -39.14 -40.86
C PRO C 360 27.11 -39.67 -41.69
N GLY C 361 27.26 -40.93 -42.12
CA GLY C 361 26.28 -41.57 -42.97
C GLY C 361 26.47 -41.35 -44.45
N GLY C 362 27.46 -40.56 -44.85
CA GLY C 362 27.74 -40.33 -46.25
C GLY C 362 26.96 -39.18 -46.88
N GLU C 363 26.02 -38.59 -46.16
CA GLU C 363 25.25 -37.47 -46.70
C GLU C 363 26.15 -36.24 -46.82
N THR C 364 26.10 -35.60 -47.99
CA THR C 364 26.97 -34.46 -48.28
C THR C 364 26.36 -33.13 -47.89
N GLU C 365 25.09 -33.09 -47.49
CA GLU C 365 24.46 -31.85 -47.06
C GLU C 365 24.57 -31.70 -45.55
N LYS C 366 24.18 -30.52 -45.06
CA LYS C 366 24.23 -30.27 -43.62
C LYS C 366 22.95 -30.80 -42.98
N PRO C 367 23.04 -31.83 -42.15
CA PRO C 367 21.83 -32.41 -41.56
C PRO C 367 21.41 -31.70 -40.28
N ARG C 368 20.21 -31.13 -40.28
CA ARG C 368 19.66 -30.55 -39.06
C ARG C 368 19.37 -31.66 -38.05
N GLY C 369 19.82 -31.46 -36.81
CA GLY C 369 19.69 -32.50 -35.82
C GLY C 369 18.28 -32.68 -35.28
N TYR C 370 17.42 -31.69 -35.45
CA TYR C 370 16.08 -31.76 -34.87
C TYR C 370 15.22 -32.79 -35.58
N GLN C 371 14.49 -33.57 -34.78
CA GLN C 371 13.45 -34.47 -35.28
C GLN C 371 12.27 -34.40 -34.33
N MET C 372 11.08 -34.73 -34.86
CA MET C 372 9.85 -34.60 -34.12
C MET C 372 9.15 -35.95 -34.02
N SER C 373 8.63 -36.25 -32.83
CA SER C 373 7.87 -37.47 -32.58
C SER C 373 6.39 -37.10 -32.48
N THR C 374 5.57 -37.74 -33.31
CA THR C 374 4.14 -37.44 -33.29
C THR C 374 3.47 -37.99 -32.04
N ARG C 375 3.79 -39.23 -31.67
CA ARG C 375 3.21 -39.83 -30.48
C ARG C 375 3.76 -39.14 -29.23
N LEU C 376 2.87 -38.80 -28.30
CA LEU C 376 3.28 -38.12 -27.08
C LEU C 376 2.35 -38.53 -25.95
N LYS C 377 2.91 -38.67 -24.75
CA LYS C 377 2.17 -39.15 -23.60
C LYS C 377 1.36 -38.02 -22.97
N ILE C 378 0.27 -38.40 -22.31
CA ILE C 378 -0.72 -37.46 -21.81
C ILE C 378 -1.19 -37.92 -20.43
N VAL C 379 -1.33 -36.96 -19.51
CA VAL C 379 -1.78 -37.24 -18.15
C VAL C 379 -3.15 -36.62 -17.92
N THR C 380 -3.88 -37.19 -16.96
CA THR C 380 -5.22 -36.74 -16.63
C THR C 380 -5.50 -37.09 -15.17
N ILE C 381 -6.54 -36.48 -14.61
CA ILE C 381 -6.96 -36.71 -13.23
C ILE C 381 -8.45 -37.05 -13.21
N HIS C 382 -8.89 -37.57 -12.07
CA HIS C 382 -10.28 -38.00 -11.88
C HIS C 382 -11.10 -36.82 -11.38
N GLN C 383 -11.88 -36.21 -12.26
CA GLN C 383 -12.85 -35.20 -11.90
C GLN C 383 -14.18 -35.58 -12.54
N GLU C 384 -15.25 -35.55 -11.75
CA GLU C 384 -16.51 -36.14 -12.18
C GLU C 384 -17.09 -35.49 -13.42
N PRO C 385 -17.39 -34.18 -13.44
CA PRO C 385 -18.04 -33.62 -14.64
C PRO C 385 -17.15 -33.59 -15.87
N PHE C 386 -15.83 -33.57 -15.69
CA PHE C 386 -14.90 -33.42 -16.82
C PHE C 386 -14.38 -34.75 -17.34
N VAL C 387 -13.73 -35.54 -16.48
CA VAL C 387 -13.10 -36.78 -16.89
C VAL C 387 -13.61 -37.90 -15.99
N TYR C 388 -14.61 -38.63 -16.47
CA TYR C 388 -15.12 -39.79 -15.74
C TYR C 388 -14.10 -40.93 -15.78
N VAL C 389 -14.20 -41.80 -14.77
CA VAL C 389 -13.38 -43.01 -14.70
C VAL C 389 -14.29 -44.17 -14.33
N LYS C 390 -14.26 -45.24 -15.11
CA LYS C 390 -15.06 -46.42 -14.86
C LYS C 390 -14.23 -47.67 -15.11
N PRO C 391 -14.47 -48.74 -14.35
CA PRO C 391 -13.75 -49.99 -14.60
C PRO C 391 -14.14 -50.60 -15.92
N THR C 392 -13.19 -51.35 -16.50
CA THR C 392 -13.40 -51.97 -17.81
C THR C 392 -14.28 -53.22 -17.67
N LEU C 393 -14.60 -53.82 -18.81
CA LEU C 393 -15.40 -55.03 -18.84
C LEU C 393 -14.50 -56.24 -18.58
N SER C 394 -15.07 -57.44 -18.70
CA SER C 394 -14.27 -58.65 -18.52
C SER C 394 -13.23 -58.80 -19.63
N ASP C 395 -13.51 -58.26 -20.82
CA ASP C 395 -12.57 -58.29 -21.92
C ASP C 395 -11.73 -57.00 -21.90
N GLY C 396 -10.97 -56.77 -22.98
CA GLY C 396 -10.20 -55.54 -23.07
C GLY C 396 -11.07 -54.30 -23.18
N THR C 397 -12.15 -54.40 -23.95
CA THR C 397 -13.07 -53.28 -24.12
C THR C 397 -13.83 -53.01 -22.83
N CYS C 398 -14.51 -51.86 -22.79
CA CYS C 398 -15.23 -51.44 -21.60
C CYS C 398 -16.63 -50.95 -21.96
N LYS C 399 -17.34 -51.73 -22.78
CA LYS C 399 -18.76 -51.55 -23.04
C LYS C 399 -19.04 -50.32 -23.90
N GLU C 400 -20.20 -50.28 -24.55
CA GLU C 400 -20.61 -49.16 -25.39
C GLU C 400 -22.02 -48.73 -25.01
N GLU C 401 -22.32 -47.46 -25.24
CA GLU C 401 -23.63 -46.92 -24.95
C GLU C 401 -23.87 -45.69 -25.82
N PHE C 402 -25.12 -45.26 -25.86
CA PHE C 402 -25.54 -44.13 -26.69
C PHE C 402 -26.02 -42.98 -25.82
N THR C 403 -25.88 -41.77 -26.35
CA THR C 403 -26.29 -40.57 -25.63
C THR C 403 -27.78 -40.32 -25.86
N VAL C 404 -28.26 -39.13 -25.48
CA VAL C 404 -29.68 -38.82 -25.58
C VAL C 404 -30.13 -38.81 -27.04
N ASN C 405 -29.28 -38.36 -27.96
CA ASN C 405 -29.61 -38.32 -29.37
C ASN C 405 -29.17 -39.57 -30.13
N GLY C 406 -28.61 -40.56 -29.42
CA GLY C 406 -28.17 -41.79 -30.05
C GLY C 406 -26.73 -41.78 -30.53
N ASP C 407 -26.03 -40.66 -30.42
CA ASP C 407 -24.63 -40.62 -30.83
C ASP C 407 -23.80 -41.49 -29.89
N PRO C 408 -22.79 -42.18 -30.42
CA PRO C 408 -21.94 -43.02 -29.56
C PRO C 408 -20.93 -42.19 -28.80
N VAL C 409 -20.88 -42.38 -27.48
CA VAL C 409 -19.92 -41.68 -26.65
C VAL C 409 -18.51 -42.16 -26.99
N LYS C 410 -17.56 -41.23 -27.02
CA LYS C 410 -16.19 -41.52 -27.41
C LYS C 410 -15.36 -41.79 -26.16
N LYS C 411 -14.71 -42.95 -26.11
CA LYS C 411 -13.92 -43.36 -24.96
C LYS C 411 -12.52 -43.75 -25.41
N VAL C 412 -11.57 -43.62 -24.49
CA VAL C 412 -10.16 -43.93 -24.75
C VAL C 412 -9.63 -44.73 -23.58
N ILE C 413 -8.79 -45.73 -23.88
CA ILE C 413 -8.22 -46.57 -22.83
C ILE C 413 -7.38 -45.72 -21.89
N CYS C 414 -7.58 -45.93 -20.58
CA CYS C 414 -7.09 -45.03 -19.53
C CYS C 414 -6.38 -45.88 -18.49
N THR C 415 -5.08 -46.09 -18.67
CA THR C 415 -4.30 -46.89 -17.74
C THR C 415 -3.88 -46.07 -16.54
N GLY C 416 -3.94 -46.68 -15.35
CA GLY C 416 -3.56 -46.01 -14.13
C GLY C 416 -3.74 -46.89 -12.92
N PRO C 417 -3.28 -46.41 -11.75
CA PRO C 417 -3.41 -47.20 -10.52
C PRO C 417 -4.86 -47.37 -10.11
N ASN C 418 -5.13 -48.50 -9.45
CA ASN C 418 -6.47 -48.81 -8.96
C ASN C 418 -6.40 -49.12 -7.48
N ASP C 419 -7.53 -48.93 -6.79
CA ASP C 419 -7.63 -49.14 -5.35
C ASP C 419 -6.56 -48.33 -4.61
N THR C 420 -6.70 -47.01 -4.72
CA THR C 420 -5.67 -46.09 -4.23
C THR C 420 -5.29 -46.39 -2.78
N SER C 421 -6.25 -46.23 -1.86
CA SER C 421 -6.11 -46.59 -0.45
C SER C 421 -4.74 -46.22 0.10
N PRO C 422 -4.44 -44.92 0.31
CA PRO C 422 -3.10 -44.52 0.75
C PRO C 422 -2.60 -45.31 1.94
N GLY C 423 -1.54 -46.08 1.73
CA GLY C 423 -1.05 -47.05 2.70
C GLY C 423 -1.10 -48.49 2.23
N SER C 424 -1.47 -48.75 0.98
CA SER C 424 -1.57 -50.08 0.42
C SER C 424 -0.83 -50.14 -0.92
N PRO C 425 -0.32 -51.30 -1.30
CA PRO C 425 0.38 -51.40 -2.59
C PRO C 425 -0.54 -51.05 -3.75
N ARG C 426 0.03 -50.41 -4.77
CA ARG C 426 -0.72 -49.93 -5.92
C ARG C 426 -0.38 -50.77 -7.15
N HIS C 427 -1.42 -51.20 -7.86
CA HIS C 427 -1.29 -51.96 -9.09
C HIS C 427 -1.86 -51.17 -10.25
N THR C 428 -1.30 -51.37 -11.43
CA THR C 428 -1.74 -50.68 -12.63
C THR C 428 -2.69 -51.58 -13.41
N VAL C 429 -3.93 -51.13 -13.59
CA VAL C 429 -4.95 -51.89 -14.31
C VAL C 429 -5.56 -51.00 -15.38
N PRO C 430 -5.67 -51.47 -16.62
CA PRO C 430 -6.25 -50.62 -17.68
C PRO C 430 -7.73 -50.34 -17.44
N GLN C 431 -8.09 -49.07 -17.53
CA GLN C 431 -9.47 -48.62 -17.46
C GLN C 431 -9.77 -47.72 -18.66
N CYS C 432 -10.92 -47.06 -18.68
CA CYS C 432 -11.25 -46.14 -19.77
C CYS C 432 -11.84 -44.86 -19.23
N CYS C 433 -11.47 -43.74 -19.85
CA CYS C 433 -11.88 -42.41 -19.43
C CYS C 433 -12.70 -41.76 -20.54
N TYR C 434 -13.64 -40.91 -20.15
CA TYR C 434 -14.44 -40.16 -21.11
C TYR C 434 -14.98 -38.91 -20.43
N GLY C 435 -15.43 -37.96 -21.25
CA GLY C 435 -16.04 -36.75 -20.73
C GLY C 435 -15.73 -35.48 -21.49
N PHE C 436 -15.68 -34.35 -20.78
CA PHE C 436 -15.45 -33.06 -21.41
C PHE C 436 -14.06 -33.01 -22.06
N CYS C 437 -13.02 -33.13 -21.24
CA CYS C 437 -11.65 -32.96 -21.76
C CYS C 437 -11.28 -34.05 -22.75
N ILE C 438 -11.83 -35.25 -22.58
CA ILE C 438 -11.53 -36.33 -23.54
C ILE C 438 -12.08 -35.99 -24.91
N ASP C 439 -13.31 -35.47 -24.96
CA ASP C 439 -13.90 -35.10 -26.25
C ASP C 439 -13.12 -33.98 -26.91
N LEU C 440 -12.68 -32.99 -26.12
CA LEU C 440 -11.88 -31.91 -26.68
C LEU C 440 -10.53 -32.43 -27.16
N LEU C 441 -9.93 -33.36 -26.41
CA LEU C 441 -8.62 -33.90 -26.79
C LEU C 441 -8.69 -34.62 -28.13
N ILE C 442 -9.76 -35.38 -28.38
CA ILE C 442 -9.90 -36.11 -29.63
C ILE C 442 -9.98 -35.15 -30.80
N LYS C 443 -10.63 -34.00 -30.60
CA LYS C 443 -10.73 -33.01 -31.67
C LYS C 443 -9.36 -32.48 -32.06
N LEU C 444 -8.51 -32.19 -31.08
CA LEU C 444 -7.17 -31.69 -31.38
C LEU C 444 -6.32 -32.72 -32.10
N ALA C 445 -6.46 -34.00 -31.70
CA ALA C 445 -5.65 -35.05 -32.33
C ALA C 445 -5.93 -35.16 -33.81
N ARG C 446 -7.21 -35.11 -34.21
CA ARG C 446 -7.55 -35.18 -35.62
C ARG C 446 -7.07 -33.94 -36.36
N THR C 447 -7.20 -32.76 -35.75
CA THR C 447 -6.88 -31.52 -36.45
C THR C 447 -5.39 -31.40 -36.72
N MET C 448 -4.56 -31.60 -35.71
CA MET C 448 -3.12 -31.43 -35.83
C MET C 448 -2.38 -32.72 -36.16
N ASN C 449 -3.11 -33.84 -36.31
CA ASN C 449 -2.55 -35.11 -36.77
C ASN C 449 -1.42 -35.60 -35.86
N PHE C 450 -1.78 -35.91 -34.62
CA PHE C 450 -0.89 -36.56 -33.68
C PHE C 450 -1.63 -37.67 -32.95
N THR C 451 -0.88 -38.68 -32.52
CA THR C 451 -1.42 -39.81 -31.77
C THR C 451 -1.10 -39.65 -30.29
N TYR C 452 -1.80 -40.43 -29.47
CA TYR C 452 -1.72 -40.27 -28.03
C TYR C 452 -1.89 -41.61 -27.34
N GLU C 453 -1.66 -41.60 -26.03
CA GLU C 453 -1.97 -42.74 -25.16
C GLU C 453 -2.20 -42.19 -23.75
N VAL C 454 -3.48 -42.06 -23.38
CA VAL C 454 -3.83 -41.40 -22.12
C VAL C 454 -3.50 -42.33 -20.95
N HIS C 455 -2.82 -41.78 -19.95
CA HIS C 455 -2.55 -42.50 -18.72
C HIS C 455 -2.80 -41.57 -17.53
N LEU C 456 -3.21 -42.17 -16.41
CA LEU C 456 -3.61 -41.40 -15.24
C LEU C 456 -2.36 -41.00 -14.45
N VAL C 457 -2.58 -40.42 -13.27
CA VAL C 457 -1.49 -39.92 -12.42
C VAL C 457 -1.28 -40.88 -11.27
N ALA C 458 -0.05 -40.92 -10.75
CA ALA C 458 0.29 -41.84 -9.68
C ALA C 458 -0.40 -41.47 -8.38
N ASP C 459 -0.34 -40.20 -8.00
CA ASP C 459 -0.97 -39.71 -6.77
C ASP C 459 -2.06 -38.71 -7.15
N GLY C 460 -3.25 -38.91 -6.59
CA GLY C 460 -4.40 -38.08 -6.94
C GLY C 460 -4.33 -36.68 -6.38
N LYS C 461 -3.28 -35.93 -6.74
CA LYS C 461 -3.11 -34.56 -6.28
C LYS C 461 -2.62 -33.71 -7.45
N PHE C 462 -2.95 -32.43 -7.40
CA PHE C 462 -2.48 -31.48 -8.40
C PHE C 462 -1.08 -31.00 -8.02
N GLY C 463 -0.59 -29.98 -8.72
CA GLY C 463 0.73 -29.47 -8.43
C GLY C 463 0.80 -28.64 -7.17
N THR C 464 1.99 -28.61 -6.57
CA THR C 464 2.26 -27.87 -5.36
C THR C 464 3.78 -27.79 -5.17
N GLN C 465 4.25 -26.61 -4.74
CA GLN C 465 5.69 -26.41 -4.59
C GLN C 465 6.27 -27.38 -3.57
N GLU C 466 5.66 -27.47 -2.39
CA GLU C 466 6.00 -28.45 -1.36
C GLU C 466 7.50 -28.42 -1.02
N ARG C 467 7.91 -27.28 -0.46
CA ARG C 467 9.28 -27.17 0.03
C ARG C 467 9.47 -28.05 1.26
N VAL C 468 10.53 -28.86 1.25
CA VAL C 468 10.79 -29.81 2.33
C VAL C 468 12.25 -29.71 2.73
N ASN C 469 12.53 -30.12 3.97
CA ASN C 469 13.90 -30.07 4.49
C ASN C 469 14.76 -31.22 3.99
N ASN C 470 14.15 -32.28 3.46
CA ASN C 470 14.92 -33.41 2.94
C ASN C 470 15.65 -33.07 1.65
N SER C 471 15.26 -31.99 0.98
CA SER C 471 15.89 -31.54 -0.25
C SER C 471 16.54 -30.19 -0.03
N ASN C 472 17.22 -29.69 -1.07
CA ASN C 472 17.91 -28.41 -0.98
C ASN C 472 16.94 -27.26 -0.73
N LYS C 473 16.08 -26.99 -1.72
CA LYS C 473 15.08 -25.92 -1.59
C LYS C 473 13.65 -26.45 -1.67
N LYS C 474 13.31 -27.15 -2.75
CA LYS C 474 11.96 -27.63 -2.99
C LYS C 474 11.97 -28.48 -4.24
N GLU C 475 10.87 -29.21 -4.46
CA GLU C 475 10.69 -30.00 -5.66
C GLU C 475 9.20 -30.15 -5.94
N TRP C 476 8.84 -30.14 -7.22
CA TRP C 476 7.43 -30.23 -7.60
C TRP C 476 6.89 -31.63 -7.30
N ASN C 477 5.58 -31.68 -7.06
CA ASN C 477 4.91 -32.94 -6.75
C ASN C 477 3.59 -33.00 -7.51
N GLY C 478 3.13 -34.24 -7.74
CA GLY C 478 1.85 -34.43 -8.39
C GLY C 478 1.94 -34.31 -9.91
N MET C 479 0.85 -33.78 -10.49
CA MET C 479 0.78 -33.65 -11.94
C MET C 479 1.87 -32.73 -12.48
N MET C 480 2.10 -31.61 -11.80
CA MET C 480 3.05 -30.62 -12.31
C MET C 480 4.45 -31.19 -12.39
N GLY C 481 4.86 -31.97 -11.39
CA GLY C 481 6.19 -32.56 -11.42
C GLY C 481 6.35 -33.58 -12.52
N GLU C 482 5.29 -34.33 -12.83
CA GLU C 482 5.39 -35.35 -13.86
C GLU C 482 5.64 -34.74 -15.23
N LEU C 483 5.05 -33.57 -15.51
CA LEU C 483 5.27 -32.91 -16.79
C LEU C 483 6.74 -32.52 -16.96
N LEU C 484 7.35 -31.99 -15.90
CA LEU C 484 8.74 -31.55 -15.99
C LEU C 484 9.70 -32.72 -16.01
N SER C 485 9.34 -33.84 -15.38
CA SER C 485 10.23 -34.99 -15.33
C SER C 485 10.53 -35.54 -16.71
N GLY C 486 9.52 -35.63 -17.57
CA GLY C 486 9.70 -36.15 -18.90
C GLY C 486 8.71 -37.24 -19.26
N GLN C 487 8.08 -37.83 -18.24
CA GLN C 487 7.06 -38.86 -18.47
C GLN C 487 5.79 -38.30 -19.09
N ALA C 488 5.60 -36.99 -19.07
CA ALA C 488 4.41 -36.36 -19.61
C ALA C 488 4.82 -35.26 -20.58
N ASP C 489 4.11 -35.19 -21.71
CA ASP C 489 4.34 -34.15 -22.71
C ASP C 489 3.23 -33.11 -22.74
N MET C 490 1.99 -33.51 -22.49
CA MET C 490 0.85 -32.60 -22.44
C MET C 490 0.01 -32.90 -21.22
N ILE C 491 -0.61 -31.87 -20.67
CA ILE C 491 -1.50 -31.99 -19.52
C ILE C 491 -2.88 -31.50 -19.94
N VAL C 492 -3.88 -32.38 -19.87
CA VAL C 492 -5.26 -32.02 -20.16
C VAL C 492 -6.11 -32.46 -18.98
N ALA C 493 -6.54 -31.48 -18.18
CA ALA C 493 -7.36 -31.70 -16.99
C ALA C 493 -7.75 -30.33 -16.43
N PRO C 494 -8.76 -30.24 -15.57
CA PRO C 494 -9.02 -28.96 -14.90
C PRO C 494 -7.81 -28.50 -14.10
N LEU C 495 -7.20 -27.40 -14.51
CA LEU C 495 -5.93 -26.95 -13.91
C LEU C 495 -5.91 -25.43 -13.98
N THR C 496 -5.94 -24.79 -12.82
CA THR C 496 -6.06 -23.34 -12.75
C THR C 496 -4.77 -22.66 -13.21
N ILE C 497 -4.93 -21.43 -13.72
CA ILE C 497 -3.80 -20.61 -14.15
C ILE C 497 -3.48 -19.64 -13.03
N ASN C 498 -2.24 -19.71 -12.52
CA ASN C 498 -1.79 -18.84 -11.44
C ASN C 498 -0.32 -18.48 -11.67
N ASN C 499 0.23 -17.71 -10.74
CA ASN C 499 1.57 -17.18 -10.90
C ASN C 499 2.64 -18.25 -10.74
N GLU C 500 2.50 -19.11 -9.72
CA GLU C 500 3.57 -20.03 -9.37
C GLU C 500 3.84 -21.03 -10.49
N ARG C 501 2.78 -21.61 -11.05
CA ARG C 501 2.96 -22.61 -12.11
C ARG C 501 3.34 -21.97 -13.44
N ALA C 502 3.17 -20.66 -13.59
CA ALA C 502 3.48 -19.99 -14.85
C ALA C 502 4.96 -19.68 -15.02
N GLN C 503 5.77 -19.89 -13.99
CA GLN C 503 7.20 -19.60 -14.09
C GLN C 503 8.00 -20.72 -14.72
N TYR C 504 7.38 -21.88 -14.96
CA TYR C 504 8.08 -23.01 -15.57
C TYR C 504 7.37 -23.62 -16.76
N ILE C 505 6.04 -23.48 -16.88
CA ILE C 505 5.29 -24.10 -17.95
C ILE C 505 4.40 -23.05 -18.62
N GLU C 506 3.99 -23.36 -19.85
CA GLU C 506 3.05 -22.55 -20.58
C GLU C 506 1.62 -22.98 -20.25
N PHE C 507 0.65 -22.21 -20.74
CA PHE C 507 -0.74 -22.46 -20.36
C PHE C 507 -1.73 -22.37 -21.51
N SER C 508 -1.30 -21.99 -22.70
CA SER C 508 -2.18 -21.86 -23.87
C SER C 508 -3.29 -20.86 -23.51
N LYS C 509 -4.54 -21.15 -23.85
CA LYS C 509 -5.66 -20.28 -23.52
C LYS C 509 -6.77 -21.09 -22.88
N PRO C 510 -7.55 -20.49 -21.98
CA PRO C 510 -8.54 -21.26 -21.22
C PRO C 510 -9.67 -21.77 -22.10
N PHE C 511 -10.24 -22.91 -21.68
CA PHE C 511 -11.48 -23.38 -22.29
C PHE C 511 -12.66 -22.57 -21.77
N LYS C 512 -12.84 -22.55 -20.45
CA LYS C 512 -13.93 -21.85 -19.81
C LYS C 512 -13.41 -21.06 -18.62
N TYR C 513 -14.16 -20.03 -18.24
CA TYR C 513 -13.81 -19.16 -17.13
C TYR C 513 -14.71 -19.47 -15.94
N GLN C 514 -14.12 -19.45 -14.74
CA GLN C 514 -14.85 -19.80 -13.53
C GLN C 514 -14.13 -19.17 -12.34
N GLY C 515 -14.57 -19.53 -11.14
CA GLY C 515 -13.99 -19.01 -9.91
C GLY C 515 -14.34 -19.91 -8.74
N LEU C 516 -13.87 -19.51 -7.57
CA LEU C 516 -14.12 -20.26 -6.34
C LEU C 516 -15.45 -19.85 -5.71
N THR C 517 -16.00 -20.75 -4.90
CA THR C 517 -17.28 -20.51 -4.23
C THR C 517 -17.34 -21.40 -2.99
N ILE C 518 -18.54 -21.48 -2.40
CA ILE C 518 -18.75 -22.20 -1.15
C ILE C 518 -19.89 -23.20 -1.33
N LEU C 519 -19.73 -24.40 -0.79
CA LEU C 519 -20.78 -25.40 -0.76
C LEU C 519 -21.14 -25.72 0.68
N VAL C 520 -22.43 -25.63 1.00
CA VAL C 520 -22.94 -25.88 2.33
C VAL C 520 -24.14 -26.80 2.24
N LYS C 521 -24.49 -27.40 3.37
CA LYS C 521 -25.63 -28.30 3.42
C LYS C 521 -26.93 -27.52 3.27
N LYS C 522 -27.80 -27.99 2.38
CA LYS C 522 -29.09 -27.34 2.16
C LYS C 522 -29.98 -27.50 3.39
N GLU C 523 -30.80 -26.48 3.64
CA GLU C 523 -31.68 -26.47 4.80
C GLU C 523 -32.75 -27.56 4.66
N ILE C 524 -33.62 -27.63 5.66
CA ILE C 524 -34.62 -28.70 5.73
C ILE C 524 -35.55 -28.62 4.53
N PRO C 525 -35.63 -29.69 3.72
CA PRO C 525 -36.57 -29.67 2.58
C PRO C 525 -38.02 -29.54 2.99
N ARG C 526 -38.39 -30.05 4.16
CA ARG C 526 -39.77 -29.96 4.62
C ARG C 526 -40.17 -28.50 4.81
N SER C 527 -41.36 -28.16 4.30
CA SER C 527 -41.87 -26.80 4.40
C SER C 527 -42.58 -26.52 5.71
N THR C 528 -42.66 -27.52 6.60
CA THR C 528 -43.37 -27.40 7.87
C THR C 528 -44.81 -26.92 7.66
N LEU C 529 -45.46 -27.50 6.65
CA LEU C 529 -46.83 -27.13 6.34
C LEU C 529 -47.76 -27.48 7.49
N ASP C 530 -48.71 -26.59 7.77
CA ASP C 530 -49.53 -26.63 8.97
C ASP C 530 -50.93 -27.09 8.65
N SER C 531 -51.59 -27.68 9.67
CA SER C 531 -52.92 -28.23 9.54
C SER C 531 -53.96 -27.27 10.14
N PHE C 532 -55.19 -27.74 10.23
CA PHE C 532 -56.30 -26.99 10.79
C PHE C 532 -56.30 -27.02 12.32
N MET C 533 -56.64 -25.86 12.92
CA MET C 533 -56.40 -25.46 14.30
C MET C 533 -54.93 -25.16 14.61
N GLN C 534 -54.07 -25.02 13.60
CA GLN C 534 -52.66 -24.78 13.92
C GLN C 534 -52.41 -23.31 14.28
N PRO C 535 -52.74 -22.34 13.43
CA PRO C 535 -52.46 -20.94 13.80
C PRO C 535 -53.34 -20.49 14.95
N PHE C 536 -52.84 -19.49 15.69
CA PHE C 536 -53.52 -18.90 16.84
C PHE C 536 -53.57 -19.89 18.00
N GLN C 537 -53.60 -19.38 19.23
CA GLN C 537 -53.60 -20.23 20.40
C GLN C 537 -54.82 -21.14 20.41
N SER C 538 -54.58 -22.44 20.61
CA SER C 538 -55.69 -23.40 20.65
C SER C 538 -56.55 -23.22 21.89
N THR C 539 -55.95 -22.84 23.01
CA THR C 539 -56.70 -22.70 24.26
C THR C 539 -57.74 -21.58 24.16
N LEU C 540 -57.34 -20.44 23.60
CA LEU C 540 -58.26 -19.30 23.51
C LEU C 540 -59.36 -19.54 22.49
N TRP C 541 -59.26 -20.59 21.66
CA TRP C 541 -60.34 -20.90 20.75
C TRP C 541 -61.52 -21.51 21.48
N LEU C 542 -61.29 -22.12 22.65
CA LEU C 542 -62.39 -22.43 23.54
C LEU C 542 -63.05 -21.16 24.07
N LEU C 543 -62.27 -20.09 24.26
CA LEU C 543 -62.85 -18.80 24.61
C LEU C 543 -63.74 -18.28 23.49
N VAL C 544 -63.31 -18.45 22.23
CA VAL C 544 -64.18 -18.14 21.10
C VAL C 544 -65.39 -19.06 21.13
N GLY C 545 -65.18 -20.34 21.45
CA GLY C 545 -66.32 -21.22 21.68
C GLY C 545 -67.16 -20.76 22.85
N LEU C 546 -66.52 -20.23 23.89
CA LEU C 546 -67.24 -19.63 25.00
C LEU C 546 -67.79 -18.24 24.67
N SER C 547 -67.24 -17.59 23.64
CA SER C 547 -67.74 -16.27 23.24
C SER C 547 -69.19 -16.35 22.78
N VAL C 548 -69.53 -17.37 21.99
CA VAL C 548 -70.92 -17.55 21.60
C VAL C 548 -71.74 -18.06 22.77
N HIS C 549 -71.10 -18.71 23.75
CA HIS C 549 -71.84 -19.25 24.89
C HIS C 549 -72.44 -18.13 25.72
N VAL C 550 -71.64 -17.11 26.04
CA VAL C 550 -72.14 -16.00 26.86
C VAL C 550 -73.19 -15.19 26.11
N VAL C 551 -72.99 -15.01 24.80
CA VAL C 551 -73.98 -14.28 24.01
C VAL C 551 -75.29 -15.05 23.93
N ALA C 552 -75.21 -16.39 23.87
CA ALA C 552 -76.42 -17.18 23.69
C ALA C 552 -77.29 -17.18 24.94
N VAL C 553 -76.68 -17.27 26.12
CA VAL C 553 -77.45 -17.51 27.34
C VAL C 553 -78.31 -16.30 27.68
N MET C 554 -77.75 -15.10 27.60
CA MET C 554 -78.48 -13.90 28.00
C MET C 554 -79.23 -13.24 26.85
N LEU C 555 -79.15 -13.80 25.64
CA LEU C 555 -79.87 -13.22 24.51
C LEU C 555 -81.38 -13.32 24.73
N TYR C 556 -81.88 -14.51 25.06
CA TYR C 556 -83.29 -14.70 25.37
C TYR C 556 -83.60 -14.52 26.85
N LEU C 557 -82.58 -14.41 27.70
CA LEU C 557 -82.83 -14.11 29.11
C LEU C 557 -83.44 -12.71 29.26
N LEU C 558 -82.99 -11.76 28.43
CA LEU C 558 -83.60 -10.43 28.42
C LEU C 558 -84.87 -10.37 27.59
N ASP C 559 -85.22 -11.46 26.89
CA ASP C 559 -86.45 -11.54 26.13
C ASP C 559 -87.64 -12.00 26.97
N ARG C 560 -87.43 -12.29 28.25
CA ARG C 560 -88.49 -12.75 29.14
C ARG C 560 -88.86 -11.73 30.20
N PHE C 561 -87.89 -11.05 30.80
CA PHE C 561 -88.17 -10.11 31.88
C PHE C 561 -88.78 -8.82 31.34
N SER C 562 -88.03 -8.09 30.51
CA SER C 562 -88.54 -6.84 29.96
C SER C 562 -89.77 -7.03 29.09
N PRO C 563 -89.80 -7.97 28.11
CA PRO C 563 -91.05 -8.12 27.35
C PRO C 563 -92.07 -8.98 28.10
N THR C 580 -87.85 -19.20 23.19
CA THR C 580 -87.25 -19.86 24.34
C THR C 580 -85.75 -19.59 24.41
N LEU C 581 -85.13 -19.99 25.52
CA LEU C 581 -83.69 -19.84 25.66
C LEU C 581 -82.94 -20.63 24.59
N SER C 582 -83.38 -21.86 24.33
CA SER C 582 -82.78 -22.65 23.26
C SER C 582 -83.19 -22.17 21.88
N SER C 583 -84.26 -21.38 21.78
CA SER C 583 -84.74 -20.89 20.50
C SER C 583 -84.00 -19.65 20.01
N ALA C 584 -83.09 -19.09 20.82
CA ALA C 584 -82.35 -17.90 20.45
C ALA C 584 -80.96 -18.20 19.90
N MET C 585 -80.35 -19.32 20.32
CA MET C 585 -78.99 -19.62 19.90
C MET C 585 -78.88 -19.95 18.41
N TRP C 586 -79.98 -20.37 17.77
CA TRP C 586 -79.93 -20.63 16.34
C TRP C 586 -79.57 -19.38 15.56
N PHE C 587 -80.19 -18.25 15.91
CA PHE C 587 -79.85 -16.99 15.26
C PHE C 587 -78.45 -16.54 15.64
N SER C 588 -78.10 -16.66 16.92
CA SER C 588 -76.77 -16.22 17.38
C SER C 588 -75.67 -17.08 16.78
N TRP C 589 -75.86 -18.40 16.78
CA TRP C 589 -74.87 -19.28 16.16
C TRP C 589 -74.92 -19.19 14.65
N GLY C 590 -76.11 -19.05 14.08
CA GLY C 590 -76.25 -19.06 12.63
C GLY C 590 -75.58 -17.87 11.95
N VAL C 591 -75.65 -16.70 12.59
CA VAL C 591 -75.13 -15.49 11.95
C VAL C 591 -73.60 -15.57 11.81
N LEU C 592 -72.92 -16.15 12.81
CA LEU C 592 -71.48 -16.34 12.66
C LEU C 592 -71.16 -17.43 11.66
N LEU C 593 -72.09 -18.34 11.39
CA LEU C 593 -71.99 -19.21 10.23
C LEU C 593 -72.32 -18.49 8.93
N ASN C 594 -72.97 -17.33 9.02
CA ASN C 594 -73.42 -16.57 7.85
C ASN C 594 -74.30 -17.44 6.95
N SER C 595 -75.20 -18.20 7.58
CA SER C 595 -76.12 -19.08 6.88
C SER C 595 -77.55 -18.56 7.01
N GLY C 596 -78.48 -19.28 6.39
CA GLY C 596 -79.88 -18.94 6.43
C GLY C 596 -80.67 -19.57 7.56
N ILE C 597 -80.00 -20.24 8.50
CA ILE C 597 -80.71 -20.89 9.61
C ILE C 597 -81.41 -19.86 10.48
N GLY C 598 -80.74 -18.76 10.78
CA GLY C 598 -81.31 -17.71 11.60
C GLY C 598 -82.56 -17.07 11.00
N GLU C 599 -83.63 -17.01 11.78
CA GLU C 599 -84.88 -16.45 11.30
C GLU C 599 -85.57 -15.50 12.28
N GLY C 600 -85.11 -15.40 13.52
CA GLY C 600 -85.78 -14.57 14.51
C GLY C 600 -85.28 -13.14 14.54
N ALA C 601 -86.00 -12.24 13.90
CA ALA C 601 -85.64 -10.82 13.92
C ALA C 601 -85.94 -10.24 15.29
N PRO C 602 -84.96 -9.62 15.96
CA PRO C 602 -85.22 -9.06 17.28
C PRO C 602 -86.24 -7.93 17.23
N ARG C 603 -87.01 -7.80 18.32
CA ARG C 603 -88.04 -6.78 18.44
C ARG C 603 -87.72 -5.74 19.50
N SER C 604 -87.15 -6.14 20.63
CA SER C 604 -86.77 -5.20 21.66
C SER C 604 -85.59 -4.36 21.21
N PHE C 605 -85.63 -3.07 21.53
CA PHE C 605 -84.58 -2.15 21.08
C PHE C 605 -83.22 -2.53 21.67
N SER C 606 -83.21 -2.98 22.93
CA SER C 606 -81.96 -3.39 23.55
C SER C 606 -81.32 -4.54 22.81
N ALA C 607 -82.12 -5.54 22.42
CA ALA C 607 -81.58 -6.65 21.64
C ALA C 607 -81.30 -6.26 20.20
N ARG C 608 -82.10 -5.35 19.64
CA ARG C 608 -81.88 -4.91 18.26
C ARG C 608 -80.53 -4.22 18.12
N ILE C 609 -80.19 -3.34 19.05
CA ILE C 609 -78.87 -2.72 19.05
C ILE C 609 -77.79 -3.77 19.28
N LEU C 610 -78.01 -4.67 20.25
CA LEU C 610 -77.02 -5.69 20.56
C LEU C 610 -76.79 -6.62 19.38
N GLY C 611 -77.85 -6.92 18.62
CA GLY C 611 -77.69 -7.78 17.47
C GLY C 611 -76.77 -7.17 16.41
N MET C 612 -76.93 -5.87 16.16
CA MET C 612 -76.14 -5.24 15.10
C MET C 612 -74.69 -5.05 15.51
N VAL C 613 -74.43 -4.58 16.74
CA VAL C 613 -73.04 -4.38 17.16
C VAL C 613 -72.29 -5.71 17.19
N TRP C 614 -73.02 -6.82 17.41
CA TRP C 614 -72.39 -8.13 17.29
C TRP C 614 -71.89 -8.37 15.88
N ALA C 615 -72.63 -7.89 14.88
CA ALA C 615 -72.29 -8.17 13.49
C ALA C 615 -70.90 -7.66 13.14
N GLY C 616 -70.47 -6.55 13.75
CA GLY C 616 -69.12 -6.05 13.51
C GLY C 616 -68.06 -7.03 13.94
N PHE C 617 -68.36 -7.89 14.92
CA PHE C 617 -67.41 -8.89 15.37
C PHE C 617 -67.26 -10.03 14.36
N ALA C 618 -68.22 -10.19 13.45
CA ALA C 618 -68.25 -11.38 12.60
C ALA C 618 -67.03 -11.48 11.69
N MET C 619 -66.86 -10.51 10.78
CA MET C 619 -65.94 -10.69 9.67
C MET C 619 -64.46 -10.50 10.03
N ILE C 620 -64.16 -10.02 11.24
CA ILE C 620 -62.77 -9.66 11.54
C ILE C 620 -61.89 -10.91 11.62
N ILE C 621 -62.36 -11.96 12.30
CA ILE C 621 -61.51 -13.13 12.53
C ILE C 621 -61.19 -13.83 11.21
N VAL C 622 -62.23 -14.06 10.38
CA VAL C 622 -62.02 -14.79 9.14
C VAL C 622 -61.05 -14.04 8.23
N ALA C 623 -61.20 -12.73 8.12
CA ALA C 623 -60.23 -11.93 7.40
C ALA C 623 -58.85 -12.02 8.05
N SER C 624 -58.81 -11.93 9.38
CA SER C 624 -57.55 -12.11 10.09
C SER C 624 -57.00 -13.52 9.87
N TYR C 625 -57.87 -14.52 9.95
CA TYR C 625 -57.44 -15.89 9.68
C TYR C 625 -56.96 -16.05 8.24
N THR C 626 -57.60 -15.35 7.31
CA THR C 626 -57.09 -15.33 5.93
C THR C 626 -55.68 -14.75 5.91
N ALA C 627 -55.45 -13.66 6.65
CA ALA C 627 -54.11 -13.10 6.76
C ALA C 627 -53.18 -14.04 7.52
N ASN C 628 -53.69 -14.68 8.58
CA ASN C 628 -52.86 -15.63 9.32
C ASN C 628 -52.43 -16.79 8.44
N LEU C 629 -53.33 -17.30 7.60
CA LEU C 629 -52.92 -18.28 6.60
C LEU C 629 -51.93 -17.67 5.63
N ALA C 630 -52.13 -16.41 5.25
CA ALA C 630 -51.16 -15.72 4.41
C ALA C 630 -49.84 -15.52 5.14
N ALA C 631 -49.90 -15.39 6.46
CA ALA C 631 -48.67 -15.33 7.25
C ALA C 631 -47.89 -16.63 7.14
N PHE C 632 -48.59 -17.76 7.09
CA PHE C 632 -47.92 -19.05 7.03
C PHE C 632 -47.17 -19.24 5.71
N LEU C 633 -47.61 -18.61 4.63
CA LEU C 633 -46.97 -18.80 3.33
C LEU C 633 -46.02 -17.67 2.96
N VAL C 634 -45.68 -16.79 3.91
CA VAL C 634 -44.78 -15.66 3.66
C VAL C 634 -43.54 -15.72 4.56
N LEU C 635 -43.74 -15.87 5.86
CA LEU C 635 -42.63 -15.78 6.82
C LEU C 635 -41.88 -17.11 6.86
N ASP C 636 -40.74 -17.15 6.15
CA ASP C 636 -39.83 -18.30 6.24
C ASP C 636 -38.44 -17.81 5.85
N ARG C 637 -37.60 -17.55 6.86
CA ARG C 637 -36.27 -17.02 6.60
C ARG C 637 -35.31 -17.36 7.73
N PRO C 638 -34.59 -18.49 7.63
CA PRO C 638 -33.57 -18.79 8.64
C PRO C 638 -32.41 -17.80 8.63
N GLU C 639 -32.21 -17.06 7.54
CA GLU C 639 -31.14 -16.08 7.42
C GLU C 639 -29.76 -16.70 7.62
N GLU C 640 -29.62 -17.97 7.25
CA GLU C 640 -28.34 -18.68 7.36
C GLU C 640 -27.70 -18.71 5.98
N ARG C 641 -27.03 -17.60 5.63
CA ARG C 641 -26.38 -17.45 4.34
C ARG C 641 -25.00 -16.84 4.57
N ILE C 642 -23.95 -17.64 4.38
CA ILE C 642 -22.59 -17.11 4.47
C ILE C 642 -22.34 -16.23 3.26
N THR C 643 -22.11 -14.95 3.49
CA THR C 643 -22.00 -13.96 2.43
C THR C 643 -20.53 -13.66 2.17
N GLY C 644 -19.98 -14.31 1.15
CA GLY C 644 -18.62 -14.00 0.71
C GLY C 644 -17.55 -14.53 1.65
N ILE C 645 -16.30 -14.29 1.26
CA ILE C 645 -15.17 -14.68 2.09
C ILE C 645 -15.10 -13.81 3.34
N ASN C 646 -15.43 -12.53 3.21
CA ASN C 646 -15.31 -11.54 4.29
C ASN C 646 -16.32 -11.73 5.41
N ASP C 647 -17.10 -12.79 5.44
CA ASP C 647 -18.05 -12.99 6.53
C ASP C 647 -17.28 -13.17 7.84
N PRO C 648 -17.70 -12.52 8.93
CA PRO C 648 -16.97 -12.65 10.20
C PRO C 648 -16.95 -14.06 10.75
N ARG C 649 -17.90 -14.91 10.36
CA ARG C 649 -17.89 -16.30 10.83
C ARG C 649 -16.62 -17.02 10.39
N LEU C 650 -16.20 -16.81 9.15
CA LEU C 650 -14.99 -17.46 8.66
C LEU C 650 -13.75 -16.95 9.42
N ARG C 651 -13.70 -15.66 9.70
CA ARG C 651 -12.51 -15.08 10.32
C ARG C 651 -12.26 -15.67 11.70
N ASN C 652 -13.30 -15.82 12.51
CA ASN C 652 -13.12 -16.41 13.83
C ASN C 652 -13.17 -17.94 13.72
N PRO C 653 -12.14 -18.64 14.22
CA PRO C 653 -12.13 -20.12 14.12
C PRO C 653 -12.97 -20.76 15.21
N SER C 654 -14.28 -20.56 15.14
CA SER C 654 -15.20 -21.17 16.08
C SER C 654 -15.30 -22.66 15.82
N ASP C 655 -15.43 -23.44 16.90
CA ASP C 655 -15.44 -24.90 16.79
C ASP C 655 -16.79 -25.47 16.38
N LYS C 656 -17.86 -24.67 16.42
CA LYS C 656 -19.17 -25.19 16.03
C LYS C 656 -19.25 -25.53 14.55
N PHE C 657 -18.41 -24.92 13.72
CA PHE C 657 -18.34 -25.23 12.31
C PHE C 657 -16.90 -25.54 11.92
N ILE C 658 -16.73 -26.41 10.93
CA ILE C 658 -15.42 -26.84 10.47
C ILE C 658 -15.29 -26.54 8.99
N TYR C 659 -14.20 -25.89 8.62
CA TYR C 659 -13.89 -25.58 7.23
C TYR C 659 -12.83 -26.54 6.70
N ALA C 660 -12.94 -26.87 5.42
CA ALA C 660 -12.03 -27.83 4.81
C ALA C 660 -11.87 -27.52 3.33
N THR C 661 -10.83 -28.08 2.74
CA THR C 661 -10.55 -27.93 1.33
C THR C 661 -9.86 -29.20 0.83
N VAL C 662 -9.27 -29.13 -0.36
CA VAL C 662 -8.58 -30.25 -0.97
C VAL C 662 -7.09 -30.01 -0.84
N LYS C 663 -6.37 -31.04 -0.38
CA LYS C 663 -4.94 -30.90 -0.13
C LYS C 663 -4.18 -30.64 -1.42
N GLN C 664 -3.16 -29.78 -1.32
CA GLN C 664 -2.19 -29.53 -2.38
C GLN C 664 -2.82 -28.95 -3.65
N SER C 665 -4.02 -28.39 -3.54
CA SER C 665 -4.68 -27.78 -4.70
C SER C 665 -4.22 -26.33 -4.84
N SER C 666 -4.86 -25.59 -5.75
CA SER C 666 -4.48 -24.20 -5.95
C SER C 666 -4.96 -23.31 -4.81
N VAL C 667 -6.11 -23.64 -4.20
CA VAL C 667 -6.62 -22.84 -3.09
C VAL C 667 -5.68 -22.90 -1.90
N ASP C 668 -5.02 -24.04 -1.69
CA ASP C 668 -4.04 -24.15 -0.62
C ASP C 668 -2.87 -23.19 -0.85
N ILE C 669 -2.42 -23.07 -2.09
CA ILE C 669 -1.37 -22.11 -2.42
C ILE C 669 -1.87 -20.69 -2.20
N TYR C 670 -3.12 -20.41 -2.59
CA TYR C 670 -3.67 -19.07 -2.49
C TYR C 670 -3.69 -18.58 -1.04
N PHE C 671 -4.11 -19.44 -0.11
CA PHE C 671 -4.19 -19.02 1.28
C PHE C 671 -2.81 -18.90 1.92
N ARG C 672 -1.90 -19.82 1.60
CA ARG C 672 -0.56 -19.78 2.19
C ARG C 672 0.20 -18.53 1.76
N ARG C 673 0.04 -18.14 0.49
CA ARG C 673 0.76 -16.96 -0.01
C ARG C 673 0.31 -15.69 0.70
N GLN C 674 -0.98 -15.58 0.98
CA GLN C 674 -1.51 -14.38 1.62
C GLN C 674 -0.90 -14.19 3.00
N VAL C 675 -0.46 -12.97 3.30
CA VAL C 675 0.22 -12.67 4.55
C VAL C 675 -0.73 -12.40 5.70
N GLU C 676 -2.04 -12.42 5.46
CA GLU C 676 -3.02 -12.16 6.49
C GLU C 676 -3.94 -13.33 6.79
N LEU C 677 -4.27 -14.15 5.79
CA LEU C 677 -5.29 -15.17 5.94
C LEU C 677 -4.84 -16.37 6.78
N SER C 678 -3.57 -16.46 7.14
CA SER C 678 -3.11 -17.59 7.95
C SER C 678 -3.46 -17.39 9.41
N THR C 679 -4.73 -17.12 9.69
CA THR C 679 -5.27 -17.05 11.04
C THR C 679 -6.43 -18.01 11.27
N MET C 680 -7.20 -18.33 10.24
CA MET C 680 -8.28 -19.32 10.33
C MET C 680 -7.86 -20.69 9.81
N TYR C 681 -7.25 -20.74 8.62
CA TYR C 681 -6.87 -22.03 8.04
C TYR C 681 -5.66 -22.64 8.74
N ARG C 682 -4.95 -21.90 9.58
CA ARG C 682 -4.00 -22.54 10.48
C ARG C 682 -4.69 -23.55 11.38
N HIS C 683 -5.96 -23.30 11.72
CA HIS C 683 -6.78 -24.26 12.45
C HIS C 683 -7.51 -25.22 11.52
N MET C 684 -7.79 -24.80 10.29
CA MET C 684 -8.42 -25.66 9.30
C MET C 684 -7.42 -26.46 8.47
N GLU C 685 -6.11 -26.25 8.68
CA GLU C 685 -5.14 -27.04 7.94
C GLU C 685 -5.22 -28.52 8.33
N LYS C 686 -5.45 -28.79 9.61
CA LYS C 686 -5.60 -30.18 10.05
C LYS C 686 -6.84 -30.83 9.46
N HIS C 687 -7.85 -30.03 9.11
CA HIS C 687 -9.09 -30.52 8.54
C HIS C 687 -9.01 -30.35 7.02
N ASN C 688 -8.51 -31.38 6.34
CA ASN C 688 -8.35 -31.35 4.90
C ASN C 688 -8.85 -32.68 4.34
N TYR C 689 -8.59 -32.92 3.06
CA TYR C 689 -9.03 -34.13 2.40
C TYR C 689 -8.05 -34.50 1.31
N GLU C 690 -8.06 -35.79 0.93
CA GLU C 690 -7.19 -36.27 -0.12
C GLU C 690 -7.73 -35.97 -1.51
N SER C 691 -9.04 -35.78 -1.65
CA SER C 691 -9.64 -35.50 -2.94
C SER C 691 -10.99 -34.84 -2.71
N ALA C 692 -11.53 -34.25 -3.79
CA ALA C 692 -12.83 -33.60 -3.73
C ALA C 692 -13.99 -34.55 -3.94
N ALA C 693 -13.72 -35.84 -4.18
CA ALA C 693 -14.77 -36.81 -4.41
C ALA C 693 -15.35 -37.38 -3.12
N GLU C 694 -14.72 -37.15 -1.98
CA GLU C 694 -15.23 -37.62 -0.70
C GLU C 694 -15.65 -36.50 0.24
N ALA C 695 -15.17 -35.28 0.04
CA ALA C 695 -15.64 -34.16 0.85
C ALA C 695 -17.12 -33.90 0.64
N ILE C 696 -17.63 -34.14 -0.57
CA ILE C 696 -19.06 -34.00 -0.82
C ILE C 696 -19.84 -35.02 0.02
N GLN C 697 -19.34 -36.25 0.10
CA GLN C 697 -19.97 -37.25 0.94
C GLN C 697 -19.93 -36.85 2.41
N ALA C 698 -18.80 -36.28 2.86
CA ALA C 698 -18.70 -35.85 4.25
C ALA C 698 -19.69 -34.74 4.56
N VAL C 699 -19.85 -33.78 3.64
CA VAL C 699 -20.83 -32.71 3.83
C VAL C 699 -22.24 -33.29 3.85
N ARG C 700 -22.52 -34.24 2.95
CA ARG C 700 -23.81 -34.89 2.93
C ARG C 700 -24.09 -35.64 4.23
N ASP C 701 -23.04 -36.08 4.92
CA ASP C 701 -23.17 -36.80 6.18
C ASP C 701 -23.14 -35.89 7.39
N ASN C 702 -23.22 -34.57 7.20
CA ASN C 702 -23.27 -33.58 8.27
C ASN C 702 -22.02 -33.60 9.14
N LYS C 703 -20.89 -34.05 8.60
CA LYS C 703 -19.61 -33.97 9.31
C LYS C 703 -18.83 -32.72 8.95
N LEU C 704 -19.37 -31.87 8.09
CA LEU C 704 -18.69 -30.65 7.67
C LEU C 704 -19.72 -29.52 7.59
N HIS C 705 -19.23 -28.31 7.39
CA HIS C 705 -20.10 -27.14 7.34
C HIS C 705 -19.91 -26.35 6.05
N ALA C 706 -18.69 -26.33 5.51
CA ALA C 706 -18.41 -25.57 4.31
C ALA C 706 -17.29 -26.24 3.52
N PHE C 707 -17.25 -25.95 2.23
CA PHE C 707 -16.25 -26.48 1.32
C PHE C 707 -15.87 -25.40 0.31
N ILE C 708 -14.60 -25.36 -0.05
CA ILE C 708 -14.08 -24.39 -1.01
C ILE C 708 -13.56 -25.15 -2.21
N TRP C 709 -14.09 -24.82 -3.38
CA TRP C 709 -13.69 -25.48 -4.63
C TRP C 709 -14.15 -24.63 -5.79
N ASP C 710 -13.73 -25.03 -7.00
CA ASP C 710 -14.07 -24.30 -8.21
C ASP C 710 -15.57 -24.39 -8.49
N SER C 711 -16.13 -23.29 -9.00
CA SER C 711 -17.56 -23.25 -9.29
C SER C 711 -17.94 -24.13 -10.46
N ALA C 712 -16.97 -24.55 -11.28
CA ALA C 712 -17.28 -25.41 -12.42
C ALA C 712 -17.80 -26.77 -11.96
N VAL C 713 -17.22 -27.31 -10.88
CA VAL C 713 -17.60 -28.64 -10.40
C VAL C 713 -18.74 -28.54 -9.39
N LEU C 714 -18.68 -27.60 -8.46
CA LEU C 714 -19.67 -27.51 -7.40
C LEU C 714 -21.05 -27.22 -7.96
N GLU C 715 -21.15 -26.35 -8.97
CA GLU C 715 -22.44 -26.04 -9.56
C GLU C 715 -23.08 -27.27 -10.19
N PHE C 716 -22.28 -28.09 -10.86
CA PHE C 716 -22.80 -29.32 -11.45
C PHE C 716 -23.29 -30.27 -10.38
N GLU C 717 -22.54 -30.42 -9.28
CA GLU C 717 -22.94 -31.33 -8.22
C GLU C 717 -24.24 -30.87 -7.55
N ALA C 718 -24.36 -29.56 -7.30
CA ALA C 718 -25.55 -29.05 -6.63
C ALA C 718 -26.81 -29.30 -7.47
N SER C 719 -26.71 -29.15 -8.78
CA SER C 719 -27.84 -29.41 -9.65
C SER C 719 -28.22 -30.89 -9.65
N GLN C 720 -27.24 -31.79 -9.64
CA GLN C 720 -27.52 -33.21 -9.75
C GLN C 720 -28.22 -33.75 -8.51
N LYS C 721 -27.69 -33.45 -7.33
CA LYS C 721 -28.28 -33.90 -6.07
C LYS C 721 -28.89 -32.71 -5.35
N CYS C 722 -30.19 -32.78 -5.09
CA CYS C 722 -30.91 -31.68 -4.46
C CYS C 722 -30.92 -31.80 -2.94
N ASP C 723 -29.74 -31.97 -2.36
CA ASP C 723 -29.56 -31.92 -0.92
C ASP C 723 -28.53 -30.89 -0.50
N LEU C 724 -27.92 -30.19 -1.44
CA LEU C 724 -26.93 -29.15 -1.16
C LEU C 724 -27.24 -27.92 -2.00
N VAL C 725 -26.94 -26.75 -1.43
CA VAL C 725 -27.10 -25.48 -2.12
C VAL C 725 -25.83 -24.66 -1.93
N THR C 726 -25.30 -24.14 -3.02
CA THR C 726 -24.11 -23.30 -2.95
C THR C 726 -24.49 -21.87 -2.57
N THR C 727 -23.57 -21.19 -1.91
CA THR C 727 -23.76 -19.81 -1.49
C THR C 727 -22.45 -19.07 -1.68
N GLY C 728 -22.41 -17.81 -1.23
CA GLY C 728 -21.24 -16.99 -1.39
C GLY C 728 -21.12 -16.42 -2.79
N GLU C 729 -20.02 -15.71 -3.01
CA GLU C 729 -19.74 -15.07 -4.29
C GLU C 729 -18.33 -15.40 -4.72
N LEU C 730 -18.12 -15.41 -6.05
CA LEU C 730 -16.81 -15.70 -6.60
C LEU C 730 -15.82 -14.61 -6.21
N PHE C 731 -14.61 -15.03 -5.86
CA PHE C 731 -13.59 -14.10 -5.40
C PHE C 731 -12.20 -14.36 -5.97
N PHE C 732 -12.04 -15.35 -6.85
CA PHE C 732 -10.74 -15.62 -7.46
C PHE C 732 -11.02 -16.30 -8.80
N ARG C 733 -10.93 -15.54 -9.88
CA ARG C 733 -11.35 -15.99 -11.20
C ARG C 733 -10.12 -16.28 -12.06
N SER C 734 -10.03 -17.51 -12.56
CA SER C 734 -8.96 -17.92 -13.45
C SER C 734 -9.39 -19.20 -14.14
N GLY C 735 -9.37 -19.21 -15.47
CA GLY C 735 -9.81 -20.36 -16.22
C GLY C 735 -8.80 -21.49 -16.20
N PHE C 736 -9.23 -22.63 -16.73
CA PHE C 736 -8.37 -23.80 -16.85
C PHE C 736 -7.46 -23.62 -18.06
N GLY C 737 -6.78 -24.68 -18.48
CA GLY C 737 -5.95 -24.59 -19.66
C GLY C 737 -5.06 -25.81 -19.91
N ILE C 738 -4.74 -26.04 -21.18
CA ILE C 738 -3.82 -27.11 -21.53
C ILE C 738 -2.41 -26.70 -21.13
N GLY C 739 -1.72 -27.58 -20.43
CA GLY C 739 -0.38 -27.31 -19.93
C GLY C 739 0.67 -28.11 -20.68
N MET C 740 1.81 -27.47 -20.93
CA MET C 740 2.93 -28.12 -21.60
C MET C 740 4.22 -27.49 -21.13
N ARG C 741 5.32 -28.20 -21.35
CA ARG C 741 6.63 -27.71 -20.96
C ARG C 741 7.04 -26.52 -21.81
N LYS C 742 8.10 -25.83 -21.38
CA LYS C 742 8.58 -24.68 -22.11
C LYS C 742 9.18 -25.11 -23.45
N ASP C 743 9.33 -24.13 -24.35
CA ASP C 743 9.91 -24.29 -25.68
C ASP C 743 9.24 -25.41 -26.48
N SER C 744 8.06 -25.83 -26.07
CA SER C 744 7.32 -26.84 -26.84
C SER C 744 6.80 -26.22 -28.13
N PRO C 745 6.98 -26.88 -29.28
CA PRO C 745 6.54 -26.28 -30.54
C PRO C 745 5.04 -26.34 -30.78
N TRP C 746 4.30 -27.15 -30.03
CA TRP C 746 2.87 -27.30 -30.24
C TRP C 746 2.06 -26.13 -29.69
N LYS C 747 2.70 -25.18 -28.99
CA LYS C 747 1.96 -24.16 -28.27
C LYS C 747 1.17 -23.25 -29.21
N GLN C 748 1.79 -22.81 -30.31
CA GLN C 748 1.14 -21.86 -31.19
C GLN C 748 -0.10 -22.47 -31.85
N ASN C 749 0.00 -23.73 -32.29
CA ASN C 749 -1.13 -24.37 -32.95
C ASN C 749 -2.26 -24.67 -31.96
N VAL C 750 -1.92 -25.10 -30.75
CA VAL C 750 -2.94 -25.47 -29.78
C VAL C 750 -3.78 -24.27 -29.38
N SER C 751 -3.14 -23.12 -29.16
CA SER C 751 -3.86 -21.94 -28.73
C SER C 751 -4.84 -21.46 -29.80
N LEU C 752 -4.46 -21.56 -31.08
CA LEU C 752 -5.34 -21.10 -32.14
C LEU C 752 -6.59 -21.97 -32.25
N SER C 753 -6.45 -23.29 -32.06
CA SER C 753 -7.59 -24.19 -32.17
C SER C 753 -8.63 -23.89 -31.10
N ILE C 754 -8.18 -23.62 -29.87
CA ILE C 754 -9.11 -23.31 -28.79
C ILE C 754 -9.87 -22.02 -29.10
N LEU C 755 -9.16 -21.00 -29.58
CA LEU C 755 -9.81 -19.75 -29.94
C LEU C 755 -10.79 -19.95 -31.09
N LYS C 756 -10.40 -20.75 -32.09
CA LYS C 756 -11.29 -21.00 -33.22
C LYS C 756 -12.48 -21.88 -32.82
N SER C 757 -12.36 -22.67 -31.76
CA SER C 757 -13.47 -23.51 -31.33
C SER C 757 -14.56 -22.70 -30.64
N HIS C 758 -14.20 -21.61 -29.97
CA HIS C 758 -15.19 -20.80 -29.27
C HIS C 758 -16.17 -20.15 -30.25
N GLU C 759 -15.65 -19.64 -31.37
CA GLU C 759 -16.51 -18.96 -32.34
C GLU C 759 -17.39 -19.93 -33.11
N ASN C 760 -16.92 -21.16 -33.33
CA ASN C 760 -17.68 -22.13 -34.09
C ASN C 760 -18.89 -22.67 -33.34
N GLY C 761 -19.02 -22.36 -32.05
CA GLY C 761 -20.09 -22.92 -31.25
C GLY C 761 -19.86 -24.35 -30.81
N PHE C 762 -18.65 -24.88 -31.01
CA PHE C 762 -18.37 -26.25 -30.61
C PHE C 762 -18.50 -26.44 -29.11
N MET C 763 -18.00 -25.48 -28.33
CA MET C 763 -18.08 -25.58 -26.88
C MET C 763 -19.53 -25.56 -26.38
N GLU C 764 -20.45 -25.01 -27.17
CA GLU C 764 -21.87 -25.05 -26.78
C GLU C 764 -22.38 -26.49 -26.77
N ASP C 765 -21.96 -27.30 -27.75
CA ASP C 765 -22.37 -28.70 -27.77
C ASP C 765 -21.83 -29.46 -26.56
N LEU C 766 -20.56 -29.22 -26.21
CA LEU C 766 -19.97 -29.91 -25.07
C LEU C 766 -20.65 -29.53 -23.77
N ASP C 767 -21.03 -28.26 -23.63
CA ASP C 767 -21.68 -27.81 -22.40
C ASP C 767 -23.03 -28.48 -22.20
N LYS C 768 -23.81 -28.64 -23.27
CA LYS C 768 -25.17 -29.12 -23.18
C LYS C 768 -25.26 -30.65 -23.15
N THR C 769 -24.14 -31.36 -23.30
CA THR C 769 -24.13 -32.81 -23.19
C THR C 769 -23.28 -33.33 -22.04
N TRP C 770 -22.57 -32.46 -21.34
CA TRP C 770 -21.70 -32.89 -20.24
C TRP C 770 -21.82 -32.06 -18.98
N VAL C 771 -22.54 -30.94 -19.00
CA VAL C 771 -22.63 -30.08 -17.81
C VAL C 771 -24.08 -29.83 -17.44
N ARG C 772 -24.88 -29.37 -18.40
CA ARG C 772 -26.24 -28.93 -18.11
C ARG C 772 -27.20 -30.10 -18.11
N TYR C 773 -27.83 -30.35 -16.96
CA TYR C 773 -28.84 -31.40 -16.83
C TYR C 773 -30.20 -30.88 -16.40
N GLN C 774 -30.27 -29.67 -15.83
CA GLN C 774 -31.50 -29.04 -15.36
C GLN C 774 -32.45 -30.04 -14.69
N GLU C 775 -31.97 -30.60 -13.58
CA GLU C 775 -32.73 -31.57 -12.80
C GLU C 775 -33.07 -30.99 -11.44
N CYS C 776 -34.29 -31.26 -10.98
CA CYS C 776 -34.81 -30.82 -9.68
C CYS C 776 -34.58 -29.33 -9.46
N ASP C 777 -34.80 -28.54 -10.51
CA ASP C 777 -34.67 -27.10 -10.39
C ASP C 777 -35.82 -26.51 -9.58
N SER C 778 -35.50 -25.62 -8.65
CA SER C 778 -36.49 -24.99 -7.81
C SER C 778 -36.13 -23.52 -7.53
N THR C 785 -48.89 -23.99 -3.66
CA THR C 785 -49.03 -25.39 -4.05
C THR C 785 -49.07 -26.30 -2.83
N LEU C 786 -50.11 -26.15 -2.03
CA LEU C 786 -50.30 -26.96 -0.83
C LEU C 786 -50.89 -28.31 -1.21
N THR C 787 -51.39 -29.05 -0.22
CA THR C 787 -51.98 -30.37 -0.44
C THR C 787 -53.25 -30.45 0.40
N PHE C 788 -53.76 -31.67 0.56
CA PHE C 788 -54.93 -31.87 1.40
C PHE C 788 -54.70 -31.30 2.79
N GLU C 789 -53.60 -31.71 3.44
CA GLU C 789 -53.11 -31.14 4.69
C GLU C 789 -54.23 -30.93 5.71
N ASN C 790 -54.68 -29.68 5.87
CA ASN C 790 -55.75 -29.39 6.81
C ASN C 790 -57.08 -29.96 6.33
N MET C 791 -57.30 -30.01 5.01
CA MET C 791 -58.55 -30.54 4.49
C MET C 791 -58.66 -32.04 4.72
N ALA C 792 -57.52 -32.74 4.78
CA ALA C 792 -57.55 -34.18 5.02
C ALA C 792 -58.19 -34.50 6.36
N GLY C 793 -57.84 -33.74 7.41
CA GLY C 793 -58.51 -33.89 8.68
C GLY C 793 -59.92 -33.33 8.70
N VAL C 794 -60.23 -32.39 7.79
CA VAL C 794 -61.58 -31.86 7.69
C VAL C 794 -62.54 -32.96 7.24
N PHE C 795 -62.13 -33.78 6.26
CA PHE C 795 -62.99 -34.84 5.78
C PHE C 795 -63.29 -35.85 6.88
N MET C 796 -62.28 -36.17 7.71
CA MET C 796 -62.52 -37.00 8.88
C MET C 796 -63.50 -36.33 9.83
N LEU C 797 -63.36 -35.02 10.02
CA LEU C 797 -64.37 -34.26 10.75
C LEU C 797 -65.70 -34.26 10.01
N VAL C 798 -65.66 -34.14 8.68
CA VAL C 798 -66.88 -34.24 7.88
C VAL C 798 -67.51 -35.63 8.04
N ALA C 799 -66.69 -36.67 7.88
CA ALA C 799 -67.19 -38.02 8.10
C ALA C 799 -67.56 -38.24 9.55
N GLY C 800 -66.78 -37.68 10.48
CA GLY C 800 -67.11 -37.79 11.90
C GLY C 800 -68.44 -37.14 12.23
N GLY C 801 -68.78 -36.05 11.55
CA GLY C 801 -70.10 -35.45 11.73
C GLY C 801 -71.22 -36.35 11.25
N ILE C 802 -70.99 -37.11 10.18
CA ILE C 802 -72.02 -37.99 9.64
C ILE C 802 -72.35 -39.09 10.64
N VAL C 803 -71.32 -39.75 11.18
CA VAL C 803 -71.56 -40.79 12.17
C VAL C 803 -72.10 -40.20 13.47
N ALA C 804 -71.64 -38.99 13.84
CA ALA C 804 -72.19 -38.31 15.00
C ALA C 804 -73.61 -37.80 14.74
N GLY C 805 -74.01 -37.67 13.47
CA GLY C 805 -75.35 -37.23 13.18
C GLY C 805 -76.41 -38.21 13.66
N ILE C 806 -76.17 -39.51 13.41
CA ILE C 806 -77.12 -40.52 13.86
C ILE C 806 -77.15 -40.62 15.38
N PHE C 807 -76.08 -40.20 16.06
CA PHE C 807 -76.09 -40.18 17.52
C PHE C 807 -77.12 -39.21 18.06
N LEU C 808 -77.21 -38.02 17.45
CA LEU C 808 -78.18 -37.01 17.88
C LEU C 808 -79.57 -37.25 17.31
N ILE C 809 -79.71 -38.14 16.33
CA ILE C 809 -81.03 -38.43 15.78
C ILE C 809 -81.92 -39.06 16.83
N PHE C 810 -81.38 -40.06 17.55
CA PHE C 810 -82.16 -40.72 18.59
C PHE C 810 -82.36 -39.84 19.82
N ILE C 811 -81.52 -38.82 20.01
CA ILE C 811 -81.70 -37.91 21.14
C ILE C 811 -83.02 -37.17 21.02
N GLU C 812 -83.33 -36.66 19.81
CA GLU C 812 -84.63 -36.02 19.59
C GLU C 812 -85.76 -37.04 19.75
N ILE C 813 -85.55 -38.26 19.28
CA ILE C 813 -86.55 -39.31 19.45
C ILE C 813 -86.71 -39.67 20.92
N ALA C 814 -85.60 -39.62 21.68
CA ALA C 814 -85.66 -39.97 23.10
C ALA C 814 -86.55 -39.02 23.87
N TYR C 815 -86.45 -37.72 23.60
CA TYR C 815 -87.30 -36.76 24.29
C TYR C 815 -88.73 -36.79 23.76
N LYS C 816 -88.91 -37.15 22.48
CA LYS C 816 -90.24 -37.23 21.90
C LYS C 816 -91.06 -38.38 22.47
N ARG C 817 -90.42 -39.36 23.10
CA ARG C 817 -91.11 -40.50 23.67
C ARG C 817 -90.99 -40.50 25.19
N ASN D 25 53.11 -50.60 15.64
CA ASN D 25 54.14 -49.60 15.38
C ASN D 25 53.55 -48.36 14.72
N VAL D 26 53.49 -47.26 15.47
CA VAL D 26 52.96 -45.99 14.98
C VAL D 26 54.00 -44.92 15.15
N ALA D 27 54.13 -44.06 14.14
CA ALA D 27 55.11 -42.97 14.16
C ALA D 27 54.46 -41.72 14.75
N LEU D 28 55.00 -41.27 15.89
CA LEU D 28 54.53 -40.06 16.55
C LEU D 28 55.45 -38.91 16.16
N VAL D 29 55.25 -38.39 14.95
CA VAL D 29 56.07 -37.29 14.45
C VAL D 29 55.58 -35.99 15.04
N PHE D 30 56.51 -35.22 15.61
CA PHE D 30 56.21 -33.95 16.26
C PHE D 30 56.79 -32.81 15.44
N SER D 31 56.56 -31.58 15.91
CA SER D 31 57.09 -30.39 15.24
C SER D 31 57.20 -29.27 16.26
N GLY D 32 58.43 -28.78 16.47
CA GLY D 32 58.66 -27.71 17.41
C GLY D 32 59.67 -28.09 18.47
N PRO D 33 60.59 -27.18 18.78
CA PRO D 33 61.59 -27.47 19.82
C PRO D 33 60.97 -27.72 21.19
N ALA D 34 59.85 -27.07 21.52
CA ALA D 34 59.22 -27.27 22.81
C ALA D 34 58.62 -28.67 22.96
N TYR D 35 58.34 -29.35 21.85
CA TYR D 35 57.74 -30.67 21.90
C TYR D 35 58.76 -31.78 22.16
N ALA D 36 60.05 -31.47 22.14
CA ALA D 36 61.07 -32.50 22.35
C ALA D 36 61.06 -33.01 23.79
N ALA D 37 60.77 -32.14 24.75
CA ALA D 37 60.80 -32.54 26.16
C ALA D 37 59.75 -33.59 26.47
N GLU D 38 58.54 -33.42 25.94
CA GLU D 38 57.43 -34.31 26.24
C GLU D 38 57.37 -35.50 25.29
N ALA D 39 58.26 -35.59 24.30
CA ALA D 39 58.23 -36.69 23.36
C ALA D 39 58.54 -38.02 24.06
N ALA D 40 59.52 -38.01 24.97
CA ALA D 40 59.92 -39.26 25.63
C ALA D 40 58.81 -39.80 26.52
N ARG D 41 58.15 -38.93 27.29
CA ARG D 41 57.16 -39.39 28.26
C ARG D 41 55.86 -39.83 27.58
N LEU D 42 55.54 -39.25 26.43
CA LEU D 42 54.28 -39.54 25.77
C LEU D 42 54.26 -40.88 25.04
N GLY D 43 55.42 -41.53 24.89
CA GLY D 43 55.48 -42.80 24.22
C GLY D 43 54.80 -43.91 25.01
N PRO D 44 55.39 -44.29 26.15
CA PRO D 44 54.74 -45.31 26.99
C PRO D 44 53.39 -44.90 27.53
N ALA D 45 53.14 -43.59 27.69
CA ALA D 45 51.87 -43.14 28.26
C ALA D 45 50.70 -43.52 27.36
N VAL D 46 50.85 -43.35 26.04
CA VAL D 46 49.77 -43.67 25.11
C VAL D 46 49.78 -45.13 24.67
N ALA D 47 50.85 -45.88 24.98
CA ALA D 47 50.88 -47.28 24.61
C ALA D 47 49.80 -48.07 25.33
N ALA D 48 49.61 -47.81 26.63
CA ALA D 48 48.59 -48.48 27.41
C ALA D 48 47.26 -47.74 27.42
N ALA D 49 47.19 -46.56 26.83
CA ALA D 49 45.93 -45.81 26.81
C ALA D 49 44.87 -46.55 26.00
N VAL D 50 45.23 -47.08 24.84
CA VAL D 50 44.31 -47.81 23.98
C VAL D 50 44.91 -49.19 23.73
N ARG D 51 44.11 -50.24 23.95
CA ARG D 51 44.54 -51.61 23.74
C ARG D 51 43.50 -52.36 22.93
N SER D 52 43.96 -53.12 21.94
CA SER D 52 43.09 -53.93 21.11
C SER D 52 43.69 -55.33 20.95
N PRO D 53 42.83 -56.35 20.85
CA PRO D 53 43.35 -57.70 20.67
C PRO D 53 43.99 -57.89 19.31
N GLY D 54 45.04 -58.71 19.29
CA GLY D 54 45.74 -59.01 18.05
C GLY D 54 46.35 -57.79 17.39
N LEU D 55 46.85 -56.84 18.18
CA LEU D 55 47.43 -55.61 17.63
C LEU D 55 48.42 -55.06 18.65
N ASP D 56 49.66 -54.87 18.23
CA ASP D 56 50.71 -54.32 19.07
C ASP D 56 51.01 -52.90 18.63
N VAL D 57 51.02 -51.98 19.60
CA VAL D 57 51.27 -50.56 19.34
C VAL D 57 52.58 -50.18 20.01
N ARG D 58 53.52 -49.67 19.22
CA ARG D 58 54.84 -49.27 19.71
C ARG D 58 55.13 -47.86 19.19
N PRO D 59 54.60 -46.84 19.87
CA PRO D 59 54.84 -45.47 19.42
C PRO D 59 56.32 -45.12 19.42
N VAL D 60 56.73 -44.37 18.39
CA VAL D 60 58.11 -43.92 18.24
C VAL D 60 58.11 -42.40 18.23
N ALA D 61 58.87 -41.81 19.14
CA ALA D 61 58.97 -40.36 19.25
C ALA D 61 60.06 -39.84 18.34
N LEU D 62 59.87 -38.60 17.86
CA LEU D 62 60.83 -37.94 17.00
C LEU D 62 61.20 -36.59 17.59
N VAL D 63 62.49 -36.25 17.52
CA VAL D 63 62.99 -35.00 18.07
C VAL D 63 63.53 -34.14 16.92
N LEU D 64 62.95 -34.30 15.74
CA LEU D 64 63.39 -33.54 14.57
C LEU D 64 63.00 -32.07 14.71
N ASN D 65 63.76 -31.23 14.02
CA ASN D 65 63.54 -29.79 14.00
C ASN D 65 63.63 -29.27 12.57
N GLY D 66 62.95 -28.15 12.33
CA GLY D 66 62.95 -27.55 11.00
C GLY D 66 61.75 -27.95 10.18
N SER D 67 61.13 -26.97 9.51
CA SER D 67 59.96 -27.22 8.68
C SER D 67 60.31 -27.39 7.21
N ASP D 68 61.58 -27.41 6.86
CA ASP D 68 61.98 -27.59 5.48
C ASP D 68 61.60 -29.00 5.01
N PRO D 69 61.08 -29.13 3.80
CA PRO D 69 60.60 -30.44 3.34
C PRO D 69 61.72 -31.42 3.01
N ARG D 70 62.62 -31.64 3.97
CA ARG D 70 63.68 -32.64 3.84
C ARG D 70 63.58 -33.72 4.91
N SER D 71 63.49 -33.34 6.19
CA SER D 71 63.23 -34.33 7.22
C SER D 71 61.87 -34.98 7.03
N LEU D 72 60.94 -34.29 6.38
CA LEU D 72 59.66 -34.88 6.03
C LEU D 72 59.77 -35.90 4.91
N VAL D 73 60.90 -35.96 4.21
CA VAL D 73 61.09 -36.93 3.13
C VAL D 73 62.35 -37.75 3.27
N LEU D 74 63.37 -37.30 4.01
CA LEU D 74 64.62 -38.07 4.11
C LEU D 74 64.59 -39.02 5.31
N GLN D 75 64.47 -38.48 6.52
CA GLN D 75 64.39 -39.32 7.70
C GLN D 75 63.02 -39.95 7.87
N LEU D 76 61.97 -39.31 7.34
CA LEU D 76 60.64 -39.91 7.35
C LEU D 76 60.63 -41.19 6.53
N CYS D 77 61.27 -41.17 5.36
CA CYS D 77 61.41 -42.38 4.56
C CYS D 77 62.31 -43.39 5.27
N ASP D 78 63.30 -42.92 6.04
CA ASP D 78 64.17 -43.82 6.77
C ASP D 78 63.39 -44.67 7.76
N LEU D 79 62.41 -44.06 8.45
CA LEU D 79 61.55 -44.83 9.34
C LEU D 79 60.75 -45.86 8.57
N LEU D 80 60.24 -45.49 7.40
CA LEU D 80 59.49 -46.44 6.58
C LEU D 80 60.37 -47.61 6.13
N SER D 81 61.60 -47.31 5.71
CA SER D 81 62.49 -48.37 5.24
C SER D 81 63.01 -49.22 6.38
N GLY D 82 63.44 -48.59 7.47
CA GLY D 82 64.05 -49.31 8.57
C GLY D 82 63.10 -49.73 9.67
N LEU D 83 62.35 -48.79 10.22
CA LEU D 83 61.47 -49.09 11.36
C LEU D 83 60.23 -49.85 10.92
N ARG D 84 59.77 -49.67 9.68
CA ARG D 84 58.57 -50.32 9.15
C ARG D 84 57.35 -49.99 10.02
N VAL D 85 57.02 -48.71 10.06
CA VAL D 85 55.90 -48.21 10.86
C VAL D 85 54.66 -48.13 9.99
N HIS D 86 53.53 -48.54 10.56
CA HIS D 86 52.23 -48.50 9.87
C HIS D 86 51.29 -47.62 10.67
N GLY D 87 50.88 -46.51 10.07
CA GLY D 87 50.05 -45.54 10.76
C GLY D 87 50.87 -44.45 11.41
N VAL D 88 50.71 -43.21 10.93
CA VAL D 88 51.52 -42.09 11.38
C VAL D 88 50.60 -41.02 11.96
N VAL D 89 50.91 -40.56 13.16
CA VAL D 89 50.18 -39.49 13.83
C VAL D 89 51.07 -38.26 13.85
N PHE D 90 50.58 -37.16 13.28
CA PHE D 90 51.37 -35.94 13.12
C PHE D 90 50.96 -34.90 14.15
N GLU D 91 51.94 -34.14 14.62
CA GLU D 91 51.72 -33.05 15.55
C GLU D 91 52.54 -31.84 15.12
N ASP D 92 51.92 -30.67 15.13
CA ASP D 92 52.56 -29.43 14.70
C ASP D 92 52.28 -28.33 15.72
N ASP D 93 53.19 -27.35 15.74
CA ASP D 93 53.08 -26.21 16.66
C ASP D 93 52.63 -24.93 15.95
N SER D 94 53.26 -24.59 14.84
CA SER D 94 52.90 -23.38 14.11
C SER D 94 51.50 -23.49 13.52
N ARG D 95 50.85 -22.34 13.37
CA ARG D 95 49.50 -22.28 12.83
C ARG D 95 49.48 -22.13 11.31
N ALA D 96 50.64 -22.08 10.67
CA ALA D 96 50.70 -21.95 9.22
C ALA D 96 50.33 -23.27 8.56
N PRO D 97 49.30 -23.32 7.71
CA PRO D 97 48.90 -24.56 7.06
C PRO D 97 49.58 -24.84 5.72
N ALA D 98 50.63 -24.10 5.37
CA ALA D 98 51.29 -24.30 4.08
C ALA D 98 52.06 -25.60 4.00
N VAL D 99 52.34 -26.25 5.14
CA VAL D 99 53.07 -27.50 5.15
C VAL D 99 52.17 -28.73 5.01
N ALA D 100 50.85 -28.55 5.07
CA ALA D 100 49.94 -29.67 4.91
C ALA D 100 50.02 -30.33 3.54
N PRO D 101 50.04 -29.61 2.41
CA PRO D 101 50.07 -30.30 1.12
C PRO D 101 51.29 -31.18 0.90
N ILE D 102 52.42 -30.90 1.56
CA ILE D 102 53.63 -31.69 1.34
C ILE D 102 53.40 -33.13 1.77
N LEU D 103 52.81 -33.33 2.95
CA LEU D 103 52.49 -34.68 3.40
C LEU D 103 51.26 -35.24 2.72
N ASP D 104 50.42 -34.38 2.12
CA ASP D 104 49.26 -34.85 1.38
C ASP D 104 49.69 -35.69 0.17
N PHE D 105 50.71 -35.22 -0.55
CA PHE D 105 51.25 -36.02 -1.65
C PHE D 105 51.92 -37.29 -1.15
N LEU D 106 52.64 -37.19 -0.02
CA LEU D 106 53.33 -38.35 0.51
C LEU D 106 52.35 -39.45 0.91
N SER D 107 51.22 -39.08 1.52
CA SER D 107 50.22 -40.07 1.90
C SER D 107 49.69 -40.81 0.68
N ALA D 108 49.41 -40.09 -0.41
CA ALA D 108 48.93 -40.73 -1.62
C ALA D 108 50.04 -41.48 -2.35
N GLN D 109 51.30 -41.21 -2.04
CA GLN D 109 52.41 -41.85 -2.74
C GLN D 109 52.71 -43.23 -2.17
N THR D 110 52.97 -43.30 -0.86
CA THR D 110 53.29 -44.56 -0.21
C THR D 110 52.08 -45.28 0.37
N SER D 111 50.88 -44.70 0.24
CA SER D 111 49.65 -45.30 0.75
C SER D 111 49.73 -45.57 2.24
N LEU D 112 50.25 -44.60 3.00
CA LEU D 112 50.31 -44.67 4.44
C LEU D 112 49.31 -43.68 5.04
N PRO D 113 48.37 -44.14 5.88
CA PRO D 113 47.40 -43.20 6.48
C PRO D 113 48.09 -42.28 7.48
N ILE D 114 47.94 -40.98 7.27
CA ILE D 114 48.52 -39.96 8.12
C ILE D 114 47.40 -39.20 8.81
N VAL D 115 47.46 -39.12 10.14
CA VAL D 115 46.46 -38.42 10.94
C VAL D 115 47.15 -37.29 11.69
N ALA D 116 46.60 -36.09 11.56
CA ALA D 116 47.11 -34.91 12.24
C ALA D 116 46.14 -34.50 13.33
N VAL D 117 46.65 -34.27 14.54
CA VAL D 117 45.80 -33.96 15.68
C VAL D 117 45.41 -32.48 15.66
N HIS D 118 46.40 -31.59 15.74
CA HIS D 118 46.13 -30.16 15.71
C HIS D 118 47.41 -29.44 15.30
N GLY D 119 47.27 -28.14 15.03
CA GLY D 119 48.38 -27.32 14.60
C GLY D 119 48.15 -26.77 13.19
N GLY D 120 49.23 -26.62 12.45
CA GLY D 120 49.13 -26.13 11.09
C GLY D 120 48.39 -27.10 10.19
N ALA D 121 48.57 -28.40 10.39
CA ALA D 121 47.92 -29.42 9.59
C ALA D 121 46.53 -29.74 10.13
N ALA D 122 45.73 -28.68 10.27
CA ALA D 122 44.35 -28.81 10.74
C ALA D 122 43.31 -28.24 9.81
N LEU D 123 43.68 -27.40 8.85
CA LEU D 123 42.73 -26.83 7.91
C LEU D 123 42.31 -27.87 6.88
N VAL D 124 41.10 -27.70 6.34
CA VAL D 124 40.59 -28.62 5.34
C VAL D 124 41.32 -28.41 4.01
N LEU D 125 41.23 -29.42 3.14
CA LEU D 125 41.91 -29.37 1.84
C LEU D 125 41.02 -30.12 0.84
N THR D 126 40.20 -29.37 0.10
CA THR D 126 39.31 -29.95 -0.89
C THR D 126 39.53 -29.25 -2.22
N PRO D 127 39.67 -30.00 -3.33
CA PRO D 127 39.69 -31.46 -3.42
C PRO D 127 41.05 -32.04 -3.03
N LYS D 128 41.10 -33.33 -2.71
CA LYS D 128 42.35 -33.99 -2.37
C LYS D 128 42.84 -34.85 -3.54
N GLU D 129 44.12 -35.18 -3.51
CA GLU D 129 44.70 -36.01 -4.55
C GLU D 129 44.06 -37.39 -4.56
N LYS D 130 43.88 -37.95 -5.76
CA LYS D 130 43.28 -39.26 -5.88
C LYS D 130 44.14 -40.33 -5.21
N GLY D 131 43.48 -41.27 -4.54
CA GLY D 131 44.18 -42.34 -3.86
C GLY D 131 45.03 -41.85 -2.70
N SER D 132 44.47 -40.95 -1.89
CA SER D 132 45.17 -40.38 -0.74
C SER D 132 44.53 -40.85 0.55
N THR D 133 45.37 -41.21 1.52
CA THR D 133 44.92 -41.67 2.83
C THR D 133 45.10 -40.61 3.91
N PHE D 134 44.96 -39.34 3.56
CA PHE D 134 45.11 -38.26 4.52
C PHE D 134 43.84 -38.12 5.35
N LEU D 135 44.01 -38.09 6.67
CA LEU D 135 42.91 -37.95 7.61
C LEU D 135 43.07 -36.65 8.37
N GLN D 136 41.99 -35.87 8.45
CA GLN D 136 42.01 -34.56 9.06
C GLN D 136 40.99 -34.49 10.19
N LEU D 137 41.38 -33.83 11.28
CA LEU D 137 40.54 -33.64 12.46
C LEU D 137 40.30 -32.14 12.63
N GLY D 138 39.22 -31.65 12.04
CA GLY D 138 38.93 -30.24 12.11
C GLY D 138 37.56 -29.92 11.58
N SER D 139 37.30 -28.64 11.37
CA SER D 139 36.03 -28.14 10.88
C SER D 139 36.22 -27.42 9.55
N SER D 140 35.34 -27.71 8.60
CA SER D 140 35.39 -27.08 7.29
C SER D 140 34.64 -25.74 7.34
N THR D 141 34.41 -25.14 6.18
CA THR D 141 33.74 -23.85 6.09
C THR D 141 32.24 -23.98 5.91
N GLU D 142 31.69 -25.19 5.92
CA GLU D 142 30.26 -25.42 5.72
C GLU D 142 29.51 -25.60 7.04
N GLN D 143 30.01 -26.48 7.92
CA GLN D 143 29.34 -26.68 9.20
C GLN D 143 29.45 -25.45 10.09
N GLN D 144 30.50 -24.64 9.93
CA GLN D 144 30.64 -23.43 10.71
C GLN D 144 29.54 -22.42 10.39
N LEU D 145 29.17 -22.32 9.11
CA LEU D 145 28.07 -21.43 8.74
C LEU D 145 26.76 -21.85 9.38
N GLN D 146 26.56 -23.16 9.56
CA GLN D 146 25.30 -23.63 10.14
C GLN D 146 25.19 -23.25 11.61
N VAL D 147 26.25 -23.51 12.38
CA VAL D 147 26.16 -23.38 13.83
C VAL D 147 25.99 -21.92 14.25
N ILE D 148 26.65 -20.99 13.55
CA ILE D 148 26.56 -19.59 13.92
C ILE D 148 25.15 -19.04 13.67
N PHE D 149 24.42 -19.63 12.73
CA PHE D 149 23.07 -19.15 12.44
C PHE D 149 22.08 -19.49 13.54
N GLU D 150 22.27 -20.63 14.22
CA GLU D 150 21.40 -20.93 15.36
C GLU D 150 21.58 -19.90 16.47
N VAL D 151 22.82 -19.49 16.72
CA VAL D 151 23.06 -18.48 17.74
C VAL D 151 22.43 -17.14 17.35
N LEU D 152 22.38 -16.84 16.05
CA LEU D 152 21.78 -15.59 15.60
C LEU D 152 20.31 -15.50 15.97
N GLU D 153 19.54 -16.54 15.64
CA GLU D 153 18.12 -16.54 16.00
C GLU D 153 17.89 -16.72 17.48
N GLU D 154 18.86 -17.31 18.20
CA GLU D 154 18.69 -17.52 19.64
C GLU D 154 18.57 -16.19 20.38
N TYR D 155 19.38 -15.21 20.02
CA TYR D 155 19.37 -13.89 20.65
C TYR D 155 18.60 -12.86 19.85
N ASP D 156 17.79 -13.30 18.88
CA ASP D 156 17.03 -12.42 18.01
C ASP D 156 17.95 -11.45 17.26
N TRP D 157 18.83 -12.04 16.45
CA TRP D 157 19.79 -11.27 15.68
C TRP D 157 19.59 -11.53 14.18
N THR D 158 18.32 -11.47 13.74
CA THR D 158 18.00 -11.82 12.36
C THR D 158 18.70 -10.90 11.36
N SER D 159 18.69 -9.59 11.63
CA SER D 159 19.36 -8.66 10.74
C SER D 159 20.87 -8.84 10.86
N PHE D 160 21.55 -8.91 9.71
CA PHE D 160 22.99 -9.12 9.70
C PHE D 160 23.57 -8.65 8.38
N VAL D 161 24.87 -8.38 8.39
CA VAL D 161 25.62 -8.00 7.21
C VAL D 161 26.86 -8.88 7.13
N ALA D 162 27.06 -9.53 5.99
CA ALA D 162 28.18 -10.44 5.80
C ALA D 162 29.08 -9.93 4.68
N VAL D 163 30.37 -9.77 4.99
CA VAL D 163 31.37 -9.35 4.02
C VAL D 163 32.47 -10.40 3.97
N THR D 164 33.36 -10.23 3.00
CA THR D 164 34.47 -11.17 2.81
C THR D 164 35.60 -10.46 2.09
N THR D 165 36.72 -11.16 1.97
CA THR D 165 37.91 -10.68 1.28
C THR D 165 38.24 -11.61 0.13
N ARG D 166 39.38 -11.34 -0.52
CA ARG D 166 39.88 -12.20 -1.58
C ARG D 166 40.38 -13.50 -0.97
N ALA D 167 39.61 -14.57 -1.11
CA ALA D 167 39.91 -15.85 -0.49
C ALA D 167 39.84 -16.95 -1.53
N PRO D 168 40.61 -18.04 -1.32
CA PRO D 168 40.54 -19.16 -2.27
C PRO D 168 39.17 -19.81 -2.36
N GLY D 169 38.36 -19.72 -1.31
CA GLY D 169 37.08 -20.41 -1.31
C GLY D 169 35.90 -19.56 -0.88
N HIS D 170 35.91 -18.27 -1.22
CA HIS D 170 34.78 -17.41 -0.88
C HIS D 170 33.57 -17.64 -1.79
N ARG D 171 33.77 -18.27 -2.94
CA ARG D 171 32.66 -18.51 -3.86
C ARG D 171 31.65 -19.48 -3.23
N ALA D 172 32.13 -20.59 -2.69
CA ALA D 172 31.24 -21.50 -1.96
C ALA D 172 30.74 -20.86 -0.67
N PHE D 173 31.51 -19.96 -0.09
CA PHE D 173 31.06 -19.24 1.11
C PHE D 173 29.81 -18.41 0.80
N LEU D 174 29.87 -17.57 -0.23
CA LEU D 174 28.74 -16.70 -0.54
C LEU D 174 27.53 -17.49 -1.01
N SER D 175 27.77 -18.56 -1.79
CA SER D 175 26.65 -19.36 -2.28
C SER D 175 25.88 -20.02 -1.14
N TYR D 176 26.60 -20.49 -0.13
CA TYR D 176 25.95 -21.15 1.02
C TYR D 176 25.22 -20.17 1.92
N ILE D 177 25.44 -18.87 1.77
CA ILE D 177 24.84 -17.89 2.67
C ILE D 177 23.33 -17.83 2.47
N GLU D 178 22.88 -17.72 1.22
CA GLU D 178 21.45 -17.55 0.95
C GLU D 178 20.66 -18.85 1.15
N VAL D 179 21.32 -20.01 1.10
CA VAL D 179 20.60 -21.26 1.29
C VAL D 179 20.07 -21.36 2.72
N LEU D 180 20.86 -20.90 3.70
CA LEU D 180 20.42 -20.96 5.09
C LEU D 180 19.20 -20.08 5.32
N THR D 181 19.18 -18.88 4.73
CA THR D 181 18.09 -17.94 4.93
C THR D 181 16.89 -18.22 4.04
N ASP D 182 16.97 -19.20 3.13
CA ASP D 182 15.87 -19.49 2.23
C ASP D 182 14.67 -20.09 2.96
N GLY D 183 14.87 -20.64 4.16
CA GLY D 183 13.78 -21.25 4.90
C GLY D 183 13.47 -20.55 6.21
N SER D 184 12.97 -21.31 7.19
CA SER D 184 12.65 -20.84 8.52
C SER D 184 11.48 -19.86 8.52
N LEU D 185 10.73 -19.82 9.64
CA LEU D 185 9.61 -18.89 9.73
C LEU D 185 10.07 -17.45 9.83
N VAL D 186 11.27 -17.21 10.39
CA VAL D 186 11.78 -15.85 10.52
C VAL D 186 12.23 -15.33 9.17
N GLY D 187 11.88 -14.08 8.87
CA GLY D 187 12.26 -13.47 7.62
C GLY D 187 13.62 -12.78 7.69
N TRP D 188 14.65 -13.45 7.17
CA TRP D 188 15.99 -12.91 7.21
C TRP D 188 16.18 -11.77 6.21
N GLU D 189 17.09 -10.86 6.54
CA GLU D 189 17.54 -9.82 5.63
C GLU D 189 19.04 -9.89 5.52
N HIS D 190 19.56 -9.68 4.31
CA HIS D 190 20.99 -9.83 4.05
C HIS D 190 21.54 -8.62 3.32
N ARG D 191 22.78 -8.27 3.64
CA ARG D 191 23.51 -7.21 2.96
C ARG D 191 24.99 -7.45 3.19
N GLY D 192 25.81 -6.77 2.40
CA GLY D 192 27.25 -6.87 2.58
C GLY D 192 27.99 -6.40 1.35
N ALA D 193 29.31 -6.30 1.52
CA ALA D 193 30.21 -5.88 0.46
C ALA D 193 30.79 -7.11 -0.25
N LEU D 194 31.76 -6.86 -1.13
CA LEU D 194 32.39 -7.92 -1.91
C LEU D 194 33.81 -8.23 -1.46
N THR D 195 34.66 -7.21 -1.34
CA THR D 195 36.05 -7.41 -0.95
C THR D 195 36.59 -6.11 -0.36
N LEU D 196 37.81 -6.19 0.16
CA LEU D 196 38.49 -5.03 0.73
C LEU D 196 39.98 -5.19 0.53
N ASP D 197 40.67 -4.08 0.29
CA ASP D 197 42.12 -4.09 0.08
C ASP D 197 42.81 -3.34 1.20
N PRO D 198 43.56 -4.01 2.06
CA PRO D 198 44.26 -3.29 3.16
C PRO D 198 45.24 -2.25 2.65
N GLY D 199 45.89 -2.48 1.51
CA GLY D 199 46.83 -1.54 0.95
C GLY D 199 46.23 -0.42 0.13
N ALA D 200 44.91 -0.43 -0.07
CA ALA D 200 44.28 0.63 -0.83
C ALA D 200 44.39 1.97 -0.10
N GLY D 201 44.24 1.96 1.21
CA GLY D 201 44.32 3.16 2.02
C GLY D 201 43.34 3.10 3.18
N GLU D 202 43.66 3.83 4.25
CA GLU D 202 42.79 3.86 5.42
C GLU D 202 41.44 4.47 5.08
N ALA D 203 41.43 5.59 4.36
CA ALA D 203 40.17 6.21 3.98
C ALA D 203 39.43 5.37 2.94
N VAL D 204 40.17 4.61 2.12
CA VAL D 204 39.52 3.79 1.10
C VAL D 204 38.68 2.69 1.75
N LEU D 205 39.23 2.01 2.76
CA LEU D 205 38.51 0.92 3.42
C LEU D 205 37.25 1.43 4.09
N SER D 206 37.33 2.57 4.77
CA SER D 206 36.16 3.14 5.43
C SER D 206 35.17 3.72 4.43
N ALA D 207 35.60 3.97 3.19
CA ALA D 207 34.70 4.57 2.21
C ALA D 207 33.55 3.64 1.86
N GLN D 208 33.85 2.36 1.58
CA GLN D 208 32.80 1.41 1.24
C GLN D 208 32.21 0.73 2.46
N LEU D 209 32.75 0.98 3.65
CA LEU D 209 32.25 0.35 4.86
C LEU D 209 30.97 0.99 5.36
N ARG D 210 30.58 2.14 4.82
CA ARG D 210 29.37 2.82 5.26
C ARG D 210 28.10 2.18 4.72
N SER D 211 28.20 1.36 3.67
CA SER D 211 27.04 0.70 3.08
C SER D 211 26.65 -0.51 3.96
N VAL D 212 26.11 -0.18 5.13
CA VAL D 212 25.71 -1.18 6.12
C VAL D 212 24.32 -0.83 6.62
N SER D 213 23.49 -1.86 6.82
CA SER D 213 22.14 -1.70 7.33
C SER D 213 21.86 -2.65 8.48
N ALA D 214 22.89 -3.00 9.25
CA ALA D 214 22.74 -3.92 10.37
C ALA D 214 23.83 -3.66 11.39
N GLN D 215 23.60 -4.16 12.60
CA GLN D 215 24.54 -4.00 13.71
C GLN D 215 25.48 -5.19 13.85
N ILE D 216 25.37 -6.20 12.98
CA ILE D 216 26.18 -7.41 13.07
C ILE D 216 26.93 -7.58 11.76
N ARG D 217 28.24 -7.82 11.85
CA ARG D 217 29.11 -7.88 10.70
C ARG D 217 29.86 -9.21 10.68
N LEU D 218 29.84 -9.88 9.53
CA LEU D 218 30.54 -11.15 9.32
C LEU D 218 31.63 -10.96 8.28
N LEU D 219 32.80 -11.54 8.55
CA LEU D 219 33.95 -11.36 7.66
C LEU D 219 34.67 -12.68 7.46
N PHE D 220 35.38 -12.76 6.34
CA PHE D 220 36.25 -13.90 6.02
C PHE D 220 37.60 -13.33 5.59
N CYS D 221 38.59 -13.40 6.49
CA CYS D 221 39.87 -12.76 6.27
C CYS D 221 41.00 -13.75 6.55
N ALA D 222 42.11 -13.56 5.85
CA ALA D 222 43.30 -14.37 6.06
C ALA D 222 44.07 -13.89 7.29
N ARG D 223 45.00 -14.74 7.75
CA ARG D 223 45.77 -14.43 8.94
C ARG D 223 46.64 -13.20 8.74
N GLU D 224 47.29 -13.11 7.57
CA GLU D 224 48.25 -12.02 7.34
C GLU D 224 47.55 -10.67 7.27
N GLU D 225 46.39 -10.61 6.62
CA GLU D 225 45.66 -9.36 6.45
C GLU D 225 44.58 -9.17 7.51
N ALA D 226 44.55 -10.01 8.54
CA ALA D 226 43.54 -9.88 9.59
C ALA D 226 43.72 -8.58 10.37
N GLU D 227 44.96 -8.27 10.77
CA GLU D 227 45.19 -7.09 11.59
C GLU D 227 44.87 -5.78 10.87
N PRO D 228 45.33 -5.54 9.62
CA PRO D 228 45.09 -4.22 9.02
C PRO D 228 43.61 -3.86 8.88
N VAL D 229 42.75 -4.82 8.54
CA VAL D 229 41.33 -4.51 8.42
C VAL D 229 40.73 -4.26 9.80
N PHE D 230 41.14 -5.05 10.79
CA PHE D 230 40.68 -4.83 12.16
C PHE D 230 41.14 -3.47 12.68
N ARG D 231 42.39 -3.11 12.40
CA ARG D 231 42.89 -1.79 12.80
C ARG D 231 42.17 -0.68 12.04
N ALA D 232 41.92 -0.88 10.75
CA ALA D 232 41.17 0.09 9.96
C ALA D 232 39.70 0.14 10.33
N ALA D 233 39.19 -0.87 11.05
CA ALA D 233 37.82 -0.83 11.51
C ALA D 233 37.61 0.16 12.64
N GLU D 234 38.66 0.50 13.39
CA GLU D 234 38.55 1.48 14.45
C GLU D 234 38.23 2.87 13.88
N GLU D 235 38.83 3.22 12.74
CA GLU D 235 38.55 4.51 12.12
C GLU D 235 37.10 4.62 11.67
N ALA D 236 36.42 3.48 11.43
CA ALA D 236 35.02 3.50 11.07
C ALA D 236 34.10 3.73 12.26
N GLY D 237 34.65 3.76 13.48
CA GLY D 237 33.85 3.93 14.66
C GLY D 237 33.13 2.69 15.13
N LEU D 238 33.48 1.52 14.61
CA LEU D 238 32.82 0.27 14.96
C LEU D 238 33.82 -0.62 15.67
N THR D 239 33.96 -0.40 16.97
CA THR D 239 34.82 -1.23 17.83
C THR D 239 34.21 -1.61 19.16
N GLY D 240 33.20 -0.88 19.66
CA GLY D 240 32.69 -1.10 20.99
C GLY D 240 31.76 -2.30 21.08
N SER D 241 31.21 -2.48 22.27
CA SER D 241 30.32 -3.60 22.55
C SER D 241 28.96 -3.49 21.85
N GLY D 242 28.64 -2.33 21.27
CA GLY D 242 27.39 -2.19 20.56
C GLY D 242 27.33 -2.93 19.25
N TYR D 243 28.48 -3.34 18.72
CA TYR D 243 28.57 -4.10 17.48
C TYR D 243 29.35 -5.38 17.72
N VAL D 244 29.03 -6.42 16.96
CA VAL D 244 29.65 -7.73 17.13
C VAL D 244 30.23 -8.19 15.79
N TRP D 245 31.28 -9.00 15.89
CA TRP D 245 31.95 -9.57 14.73
C TRP D 245 32.06 -11.08 14.90
N PHE D 246 31.80 -11.81 13.82
CA PHE D 246 31.90 -13.26 13.82
C PHE D 246 33.06 -13.68 12.92
N MET D 247 33.98 -14.46 13.48
CA MET D 247 35.18 -14.88 12.77
C MET D 247 34.89 -16.18 12.03
N VAL D 248 35.05 -16.16 10.72
CA VAL D 248 34.76 -17.35 9.91
C VAL D 248 36.01 -18.20 9.71
N GLY D 249 37.13 -17.58 9.37
CA GLY D 249 38.37 -18.30 9.18
C GLY D 249 38.92 -18.85 10.47
N PRO D 250 39.90 -19.76 10.37
CA PRO D 250 40.51 -20.40 11.55
C PRO D 250 41.23 -19.40 12.46
N PRO D 272 43.81 -3.40 20.49
CA PRO D 272 43.05 -2.90 19.34
C PRO D 272 41.97 -3.87 18.89
N LEU D 273 41.74 -4.91 19.67
CA LEU D 273 40.72 -5.90 19.33
C LEU D 273 39.34 -5.39 19.71
N PRO D 274 38.41 -5.26 18.78
CA PRO D 274 37.06 -4.80 19.12
C PRO D 274 36.33 -5.80 20.00
N ALA D 275 35.45 -5.28 20.84
CA ALA D 275 34.65 -6.13 21.71
C ALA D 275 33.57 -6.86 20.91
N GLY D 276 33.16 -8.01 21.43
CA GLY D 276 32.12 -8.79 20.79
C GLY D 276 32.65 -9.69 19.69
N LEU D 277 33.71 -10.45 19.99
CA LEU D 277 34.32 -11.35 19.04
C LEU D 277 34.04 -12.79 19.43
N PHE D 278 33.55 -13.57 18.48
CA PHE D 278 33.24 -14.99 18.70
C PHE D 278 33.94 -15.82 17.63
N ALA D 279 34.21 -17.07 17.97
CA ALA D 279 34.90 -17.97 17.04
C ALA D 279 34.49 -19.41 17.35
N VAL D 280 34.75 -20.28 16.38
CA VAL D 280 34.45 -21.71 16.50
C VAL D 280 35.77 -22.46 16.50
N ARG D 281 35.95 -23.36 17.47
CA ARG D 281 37.19 -24.09 17.64
C ARG D 281 37.05 -25.61 17.49
N SER D 282 35.86 -26.17 17.70
CA SER D 282 35.64 -27.62 17.66
C SER D 282 36.57 -28.34 18.62
N ALA D 283 36.44 -27.97 19.90
CA ALA D 283 37.26 -28.51 20.98
C ALA D 283 38.76 -28.25 20.74
N GLY D 284 39.08 -27.15 20.08
CA GLY D 284 40.46 -26.80 19.84
C GLY D 284 41.21 -26.45 21.12
N TRP D 285 40.55 -25.73 22.03
CA TRP D 285 41.14 -25.34 23.30
C TRP D 285 40.93 -26.37 24.40
N ARG D 286 40.24 -27.46 24.11
CA ARG D 286 39.91 -28.48 25.09
C ARG D 286 40.67 -29.77 24.77
N ASP D 287 40.37 -30.81 25.55
CA ASP D 287 40.94 -32.16 25.43
C ASP D 287 42.44 -32.18 25.69
N ASP D 288 43.02 -31.09 26.18
CA ASP D 288 44.43 -31.02 26.55
C ASP D 288 45.34 -31.47 25.41
N LEU D 289 46.41 -32.20 25.74
CA LEU D 289 47.35 -32.71 24.76
C LEU D 289 47.45 -34.22 24.76
N ALA D 290 47.59 -34.84 25.94
CA ALA D 290 47.69 -36.29 26.01
C ALA D 290 46.38 -36.95 25.59
N ARG D 291 45.25 -36.39 26.00
CA ARG D 291 43.96 -36.92 25.57
C ARG D 291 43.77 -36.75 24.06
N ARG D 292 44.24 -35.64 23.50
CA ARG D 292 44.13 -35.43 22.06
C ARG D 292 44.97 -36.44 21.29
N VAL D 293 46.22 -36.66 21.74
CA VAL D 293 47.09 -37.60 21.03
C VAL D 293 46.64 -39.04 21.23
N ALA D 294 45.84 -39.32 22.26
CA ALA D 294 45.30 -40.66 22.44
C ALA D 294 44.18 -40.96 21.45
N ALA D 295 43.44 -39.94 21.01
CA ALA D 295 42.37 -40.15 20.05
C ALA D 295 42.93 -40.60 18.69
N GLY D 296 44.07 -40.05 18.29
CA GLY D 296 44.64 -40.41 17.00
C GLY D 296 45.03 -41.88 16.93
N VAL D 297 45.59 -42.41 18.02
CA VAL D 297 45.98 -43.82 18.04
C VAL D 297 44.77 -44.74 18.17
N ALA D 298 43.63 -44.20 18.63
CA ALA D 298 42.44 -45.04 18.77
C ALA D 298 41.83 -45.37 17.41
N VAL D 299 41.70 -44.36 16.55
CA VAL D 299 41.12 -44.60 15.22
C VAL D 299 42.04 -45.45 14.37
N VAL D 300 43.36 -45.25 14.50
CA VAL D 300 44.31 -46.06 13.74
C VAL D 300 44.21 -47.52 14.14
N ALA D 301 44.11 -47.78 15.45
CA ALA D 301 43.99 -49.16 15.91
C ALA D 301 42.68 -49.78 15.42
N ARG D 302 41.58 -49.05 15.49
CA ARG D 302 40.32 -49.54 14.96
C ARG D 302 40.37 -49.64 13.44
N GLY D 303 41.20 -48.82 12.79
CA GLY D 303 41.30 -48.88 11.35
C GLY D 303 41.79 -50.22 10.85
N ALA D 304 42.72 -50.84 11.58
CA ALA D 304 43.17 -52.17 11.23
C ALA D 304 42.06 -53.19 11.44
N GLN D 305 41.38 -53.14 12.59
CA GLN D 305 40.35 -54.14 12.91
C GLN D 305 39.22 -54.11 11.90
N ALA D 306 39.05 -53.00 11.17
CA ALA D 306 38.06 -52.97 10.09
C ALA D 306 38.39 -54.00 9.01
N LEU D 307 39.67 -54.12 8.64
CA LEU D 307 40.05 -55.02 7.57
C LEU D 307 40.52 -56.39 8.05
N LEU D 308 41.00 -56.51 9.30
CA LEU D 308 41.38 -57.84 9.78
C LEU D 308 40.17 -58.73 10.05
N ARG D 309 39.00 -58.14 10.34
CA ARG D 309 37.85 -59.01 10.58
C ARG D 309 37.42 -59.71 9.29
N ASP D 310 37.61 -59.09 8.14
CA ASP D 310 37.37 -59.78 6.88
C ASP D 310 38.49 -60.78 6.58
N TYR D 311 39.73 -60.38 6.78
CA TYR D 311 40.88 -61.24 6.56
C TYR D 311 42.09 -60.64 7.26
N GLY D 312 42.88 -61.49 7.91
CA GLY D 312 44.03 -61.01 8.65
C GLY D 312 45.27 -60.88 7.77
N PHE D 313 45.56 -59.66 7.34
CA PHE D 313 46.71 -59.39 6.49
C PHE D 313 47.31 -58.05 6.87
N LEU D 314 48.64 -58.00 6.96
CA LEU D 314 49.35 -56.77 7.26
C LEU D 314 50.03 -56.26 5.99
N PRO D 315 49.58 -55.16 5.40
CA PRO D 315 50.20 -54.68 4.16
C PRO D 315 51.62 -54.19 4.39
N GLU D 316 52.42 -54.27 3.32
CA GLU D 316 53.81 -53.85 3.32
C GLU D 316 54.06 -52.83 2.22
N LEU D 317 53.06 -51.99 1.94
CA LEU D 317 53.21 -50.98 0.88
C LEU D 317 54.30 -49.98 1.22
N GLY D 318 54.34 -49.52 2.47
CA GLY D 318 55.28 -48.51 2.90
C GLY D 318 56.60 -49.04 3.44
N HIS D 319 56.87 -50.34 3.31
CA HIS D 319 58.12 -50.89 3.80
C HIS D 319 59.33 -50.32 3.08
N ASP D 320 59.16 -49.85 1.84
CA ASP D 320 60.24 -49.25 1.08
C ASP D 320 59.69 -48.06 0.30
N CYS D 321 60.44 -46.96 0.29
CA CYS D 321 59.99 -45.76 -0.40
C CYS D 321 60.30 -45.82 -1.89
N ARG D 322 61.58 -45.93 -2.25
CA ARG D 322 62.01 -45.91 -3.63
C ARG D 322 62.67 -47.21 -4.09
N ALA D 323 62.71 -48.24 -3.24
CA ALA D 323 63.29 -49.51 -3.65
C ALA D 323 62.50 -50.14 -4.79
N GLN D 324 61.17 -50.06 -4.71
CA GLN D 324 60.31 -50.58 -5.76
C GLN D 324 59.74 -49.42 -6.57
N ASN D 325 59.90 -49.50 -7.90
CA ASN D 325 59.40 -48.46 -8.80
C ASN D 325 57.99 -48.79 -9.28
N ARG D 326 57.09 -49.04 -8.34
CA ARG D 326 55.71 -49.39 -8.66
C ARG D 326 54.78 -48.84 -7.58
N THR D 327 53.68 -48.23 -8.02
CA THR D 327 52.67 -47.70 -7.12
C THR D 327 51.25 -48.07 -7.55
N HIS D 328 51.12 -49.00 -8.51
CA HIS D 328 49.78 -49.38 -8.97
C HIS D 328 49.03 -50.20 -7.92
N ARG D 329 49.76 -50.91 -7.05
CA ARG D 329 49.13 -51.74 -6.04
C ARG D 329 48.48 -50.85 -4.98
N GLY D 330 47.17 -50.70 -5.07
CA GLY D 330 46.42 -49.93 -4.10
C GLY D 330 44.94 -50.22 -4.15
N GLU D 331 44.33 -50.50 -3.00
CA GLU D 331 42.92 -50.84 -2.94
C GLU D 331 42.41 -50.56 -1.54
N SER D 332 41.15 -50.12 -1.46
CA SER D 332 40.48 -49.82 -0.20
C SER D 332 41.28 -48.82 0.64
N LEU D 333 41.85 -47.82 -0.04
CA LEU D 333 42.61 -46.79 0.68
C LEU D 333 41.71 -45.97 1.59
N HIS D 334 40.53 -45.61 1.11
CA HIS D 334 39.56 -44.86 1.91
C HIS D 334 38.26 -45.62 2.10
N ARG D 335 38.21 -46.90 1.73
CA ARG D 335 37.01 -47.70 1.91
C ARG D 335 36.74 -48.04 3.36
N TYR D 336 37.66 -47.76 4.27
CA TYR D 336 37.47 -47.99 5.70
C TYR D 336 37.19 -46.66 6.39
N PHE D 337 37.04 -46.74 7.72
CA PHE D 337 36.83 -45.58 8.59
C PHE D 337 35.49 -44.89 8.31
N MET D 338 34.40 -45.66 8.35
CA MET D 338 33.07 -45.06 8.33
C MET D 338 32.49 -45.02 9.74
N ASN D 339 32.34 -46.19 10.37
CA ASN D 339 31.74 -46.30 11.69
C ASN D 339 32.86 -46.44 12.72
N ILE D 340 33.41 -45.30 13.11
CA ILE D 340 34.45 -45.21 14.12
C ILE D 340 33.85 -44.49 15.32
N THR D 341 33.73 -45.21 16.44
CA THR D 341 33.13 -44.66 17.65
C THR D 341 34.16 -44.70 18.77
N TRP D 342 34.38 -43.54 19.41
CA TRP D 342 35.30 -43.44 20.52
C TRP D 342 35.00 -42.17 21.30
N ASP D 343 35.19 -42.24 22.62
CA ASP D 343 34.93 -41.11 23.51
C ASP D 343 33.52 -40.57 23.34
N ASN D 344 32.56 -41.50 23.25
CA ASN D 344 31.14 -41.24 22.99
C ASN D 344 30.94 -40.14 21.95
N ARG D 345 31.75 -40.18 20.89
CA ARG D 345 31.65 -39.20 19.80
C ARG D 345 31.90 -39.92 18.48
N ASP D 346 31.07 -39.60 17.49
CA ASP D 346 31.21 -40.22 16.18
C ASP D 346 32.43 -39.67 15.46
N TYR D 347 33.24 -40.56 14.88
CA TYR D 347 34.43 -40.20 14.15
C TYR D 347 34.32 -40.55 12.66
N SER D 348 33.11 -40.46 12.11
CA SER D 348 32.90 -40.76 10.71
C SER D 348 33.65 -39.77 9.83
N PHE D 349 34.27 -40.28 8.76
CA PHE D 349 35.07 -39.47 7.86
C PHE D 349 34.44 -39.48 6.46
N ASN D 350 34.41 -38.31 5.84
CA ASN D 350 33.87 -38.19 4.50
C ASN D 350 34.82 -38.81 3.47
N GLU D 351 34.36 -38.87 2.23
CA GLU D 351 35.22 -39.36 1.15
C GLU D 351 36.45 -38.49 0.98
N ASP D 352 36.33 -37.19 1.23
CA ASP D 352 37.49 -36.30 1.20
C ASP D 352 38.48 -36.60 2.30
N GLY D 353 38.02 -37.17 3.42
CA GLY D 353 38.92 -37.55 4.49
C GLY D 353 38.95 -36.57 5.65
N PHE D 354 37.79 -36.01 6.00
CA PHE D 354 37.68 -35.11 7.12
C PHE D 354 36.44 -35.46 7.95
N LEU D 355 36.49 -35.10 9.23
CA LEU D 355 35.41 -35.45 10.14
C LEU D 355 34.11 -34.74 9.75
N VAL D 356 33.01 -35.48 9.82
CA VAL D 356 31.69 -34.94 9.48
C VAL D 356 30.76 -34.83 10.67
N ASN D 357 31.10 -35.42 11.80
CA ASN D 357 30.28 -35.37 13.02
C ASN D 357 31.15 -34.96 14.19
N PRO D 358 31.52 -33.68 14.26
CA PRO D 358 32.42 -33.22 15.32
C PRO D 358 31.66 -32.70 16.54
N SER D 359 32.42 -32.40 17.58
CA SER D 359 31.91 -31.81 18.82
C SER D 359 32.37 -30.35 18.83
N LEU D 360 31.57 -29.49 18.20
CA LEU D 360 31.92 -28.08 18.07
C LEU D 360 31.54 -27.30 19.31
N VAL D 361 32.40 -26.35 19.69
CA VAL D 361 32.15 -25.44 20.79
C VAL D 361 32.51 -24.03 20.34
N VAL D 362 31.65 -23.07 20.64
CA VAL D 362 31.86 -21.68 20.25
C VAL D 362 32.62 -20.96 21.35
N ILE D 363 33.67 -20.23 20.96
CA ILE D 363 34.55 -19.55 21.90
C ILE D 363 34.26 -18.06 21.85
N SER D 364 34.17 -17.44 23.03
CA SER D 364 33.88 -16.02 23.16
C SER D 364 35.09 -15.28 23.71
N LEU D 365 35.19 -14.00 23.37
CA LEU D 365 36.29 -13.15 23.83
C LEU D 365 35.79 -12.25 24.95
N THR D 366 36.46 -12.29 26.09
CA THR D 366 36.13 -11.46 27.23
C THR D 366 36.87 -10.13 27.13
N ARG D 367 36.42 -9.15 27.92
CA ARG D 367 37.00 -7.81 27.88
C ARG D 367 38.47 -7.81 28.32
N ASP D 368 38.89 -8.80 29.09
CA ASP D 368 40.28 -8.90 29.53
C ASP D 368 41.18 -9.60 28.52
N ARG D 369 40.76 -9.64 27.25
CA ARG D 369 41.53 -10.26 26.17
C ARG D 369 41.82 -11.73 26.46
N THR D 370 40.76 -12.46 26.81
CA THR D 370 40.84 -13.89 27.08
C THR D 370 39.77 -14.62 26.30
N TRP D 371 40.07 -15.84 25.90
CA TRP D 371 39.15 -16.67 25.11
C TRP D 371 38.51 -17.72 26.01
N GLU D 372 37.18 -17.75 26.02
CA GLU D 372 36.43 -18.69 26.83
C GLU D 372 35.26 -19.22 26.02
N VAL D 373 34.79 -20.40 26.41
CA VAL D 373 33.65 -21.02 25.74
C VAL D 373 32.36 -20.33 26.19
N VAL D 374 31.40 -20.25 25.28
CA VAL D 374 30.11 -19.65 25.59
C VAL D 374 28.94 -20.55 25.28
N GLY D 375 29.13 -21.62 24.52
CA GLY D 375 28.06 -22.55 24.20
C GLY D 375 28.64 -23.87 23.71
N SER D 376 27.75 -24.83 23.47
CA SER D 376 28.15 -26.15 23.03
C SER D 376 27.28 -26.59 21.85
N TRP D 377 27.89 -27.36 20.95
CA TRP D 377 27.21 -27.95 19.79
C TRP D 377 27.56 -29.44 19.79
N GLU D 378 26.75 -30.22 20.50
CA GLU D 378 26.98 -31.65 20.66
C GLU D 378 25.86 -32.40 19.95
N GLN D 379 26.16 -32.92 18.76
CA GLN D 379 25.22 -33.72 17.96
C GLN D 379 23.95 -32.93 17.66
N GLN D 380 24.14 -31.82 16.94
CA GLN D 380 23.03 -30.98 16.48
C GLN D 380 22.18 -30.48 17.64
N THR D 381 22.82 -30.13 18.74
CA THR D 381 22.15 -29.57 19.91
C THR D 381 22.72 -28.21 20.23
N LEU D 382 21.83 -27.28 20.62
CA LEU D 382 22.18 -25.90 20.89
C LEU D 382 21.71 -25.49 22.29
N ARG D 383 22.04 -26.32 23.28
CA ARG D 383 21.60 -26.05 24.64
C ARG D 383 22.12 -24.71 25.14
N LEU D 384 23.38 -24.38 24.82
CA LEU D 384 23.96 -23.06 25.08
C LEU D 384 24.02 -22.73 26.56
N LYS D 385 24.51 -21.53 26.88
CA LYS D 385 24.54 -21.02 28.24
C LYS D 385 24.36 -19.51 28.17
N TYR D 386 24.40 -18.85 29.34
CA TYR D 386 24.21 -17.42 29.45
C TYR D 386 22.90 -17.03 28.77
N PRO D 387 21.75 -17.30 29.42
CA PRO D 387 20.44 -17.19 28.74
C PRO D 387 20.17 -15.87 28.05
N LEU D 388 19.20 -15.89 27.14
CA LEU D 388 18.96 -14.82 26.19
C LEU D 388 17.91 -13.80 26.68
N TRP D 389 17.46 -13.91 27.94
CA TRP D 389 16.46 -13.00 28.43
C TRP D 389 16.99 -11.56 28.44
N SER D 390 16.05 -10.61 28.38
CA SER D 390 16.36 -9.18 28.36
C SER D 390 17.25 -8.84 27.16
N ARG D 391 16.65 -8.99 25.97
CA ARG D 391 17.31 -8.70 24.71
C ARG D 391 17.95 -7.31 24.72
N TYR D 392 18.97 -7.11 23.88
CA TYR D 392 19.82 -5.93 23.93
C TYR D 392 20.51 -5.78 25.27
N GLY D 393 20.76 -6.92 25.93
CA GLY D 393 21.43 -6.95 27.21
C GLY D 393 22.84 -7.47 27.11
N ARG D 394 23.06 -8.74 27.45
CA ARG D 394 24.38 -9.32 27.37
C ARG D 394 24.84 -9.42 25.91
N PHE D 395 26.11 -9.10 25.69
CA PHE D 395 26.81 -9.21 24.41
C PHE D 395 26.36 -8.18 23.37
N LEU D 396 25.39 -7.33 23.68
CA LEU D 396 24.94 -6.32 22.72
C LEU D 396 24.35 -5.14 23.48
N GLN D 397 25.00 -3.98 23.38
CA GLN D 397 24.58 -2.72 23.98
C GLN D 397 24.07 -1.76 22.91
N PRO D 398 23.17 -0.84 23.27
CA PRO D 398 22.80 0.24 22.36
C PRO D 398 23.81 1.38 22.44
N VAL D 399 24.54 1.60 21.34
CA VAL D 399 25.53 2.68 21.32
C VAL D 399 24.85 4.03 21.38
N ASP D 400 23.70 4.17 20.70
CA ASP D 400 22.99 5.43 20.59
C ASP D 400 21.50 5.12 20.67
N ASP D 401 20.68 6.07 20.22
CA ASP D 401 19.27 5.92 19.86
C ASP D 401 18.33 6.43 20.94
N THR D 402 18.27 5.72 22.07
CA THR D 402 17.26 5.89 23.11
C THR D 402 15.87 5.53 22.61
N GLN D 403 15.77 4.96 21.40
CA GLN D 403 14.51 4.49 20.85
C GLN D 403 14.07 3.16 21.45
N HIS D 404 14.88 2.56 22.30
CA HIS D 404 14.51 1.32 23.00
C HIS D 404 13.70 1.70 24.23
N LEU D 405 12.42 2.00 24.00
CA LEU D 405 11.51 2.36 25.08
C LEU D 405 10.64 1.15 25.43
N THR D 406 10.65 0.78 26.70
CA THR D 406 9.88 -0.37 27.15
C THR D 406 8.40 -0.03 27.25
N VAL D 407 7.56 -1.02 26.96
CA VAL D 407 6.12 -0.87 26.96
C VAL D 407 5.51 -1.94 27.85
N ALA D 408 4.66 -1.54 28.78
CA ALA D 408 3.95 -2.46 29.65
C ALA D 408 2.57 -2.75 29.09
N THR D 409 2.12 -3.99 29.26
CA THR D 409 0.89 -4.45 28.64
C THR D 409 0.23 -5.47 29.57
N LEU D 410 -1.03 -5.78 29.27
CA LEU D 410 -1.82 -6.74 30.03
C LEU D 410 -2.57 -7.60 29.01
N GLU D 411 -3.58 -8.33 29.47
CA GLU D 411 -4.36 -9.20 28.61
C GLU D 411 -5.85 -8.90 28.75
N GLU D 412 -6.49 -8.61 27.62
CA GLU D 412 -7.94 -8.54 27.52
C GLU D 412 -8.35 -9.13 26.18
N ARG D 413 -9.24 -10.10 26.21
CA ARG D 413 -9.38 -11.04 25.10
C ARG D 413 -9.63 -10.38 23.75
N PRO D 414 -10.58 -9.45 23.59
CA PRO D 414 -10.81 -8.90 22.24
C PRO D 414 -9.78 -7.88 21.78
N PHE D 415 -8.95 -7.36 22.68
CA PHE D 415 -8.00 -6.31 22.33
C PHE D 415 -6.58 -6.83 22.20
N VAL D 416 -6.08 -7.55 23.20
CA VAL D 416 -4.76 -8.18 23.16
C VAL D 416 -4.89 -9.63 23.60
N ILE D 417 -4.32 -10.54 22.83
CA ILE D 417 -4.39 -11.97 23.11
C ILE D 417 -2.97 -12.51 23.25
N VAL D 418 -2.72 -13.20 24.36
CA VAL D 418 -1.41 -13.78 24.64
C VAL D 418 -1.58 -15.30 24.71
N GLU D 419 -0.80 -16.02 23.91
CA GLU D 419 -0.82 -17.47 23.87
C GLU D 419 0.60 -17.99 23.73
N PRO D 420 0.88 -19.20 24.22
CA PRO D 420 2.23 -19.75 24.08
C PRO D 420 2.56 -20.07 22.63
N ALA D 421 3.85 -20.03 22.32
CA ALA D 421 4.31 -20.29 20.97
C ALA D 421 4.27 -21.79 20.67
N ASP D 422 4.36 -22.12 19.39
CA ASP D 422 4.33 -23.51 18.97
C ASP D 422 5.72 -24.12 19.16
N PRO D 423 5.85 -25.20 19.95
CA PRO D 423 7.18 -25.77 20.19
C PRO D 423 7.88 -26.27 18.95
N ILE D 424 7.13 -26.85 18.00
CA ILE D 424 7.75 -27.38 16.78
C ILE D 424 8.35 -26.26 15.95
N SER D 425 7.61 -25.15 15.80
CA SER D 425 8.14 -24.02 15.05
C SER D 425 9.35 -23.40 15.76
N GLY D 426 9.29 -23.30 17.09
CA GLY D 426 10.38 -22.72 17.84
C GLY D 426 10.49 -21.22 17.73
N THR D 427 9.47 -20.55 17.18
CA THR D 427 9.51 -19.11 16.99
C THR D 427 8.09 -18.57 17.01
N CYS D 428 7.98 -17.26 17.16
CA CYS D 428 6.68 -16.61 17.16
C CYS D 428 6.02 -16.71 15.79
N ILE D 429 4.72 -16.99 15.79
CA ILE D 429 3.99 -17.06 14.53
C ILE D 429 3.95 -15.69 13.87
N ARG D 430 3.76 -15.68 12.55
CA ARG D 430 3.67 -14.44 11.81
C ARG D 430 2.44 -13.64 12.26
N ASP D 431 2.45 -12.34 11.93
CA ASP D 431 1.44 -11.40 12.38
C ASP D 431 1.35 -11.38 13.91
N SER D 432 2.51 -11.45 14.56
CA SER D 432 2.57 -11.45 16.01
C SER D 432 3.91 -10.87 16.44
N VAL D 433 3.99 -10.52 17.72
CA VAL D 433 5.18 -9.92 18.31
C VAL D 433 5.58 -10.76 19.50
N PRO D 434 6.88 -10.93 19.80
CA PRO D 434 7.27 -11.57 21.06
C PRO D 434 6.80 -10.75 22.26
N CYS D 435 6.37 -11.46 23.30
CA CYS D 435 5.95 -10.88 24.58
C CYS D 435 6.65 -11.62 25.72
N ARG D 436 7.80 -11.08 26.14
CA ARG D 436 8.47 -11.58 27.33
C ARG D 436 7.64 -11.29 28.58
N SER D 437 7.65 -12.22 29.51
CA SER D 437 6.94 -12.07 30.76
C SER D 437 7.87 -11.45 31.80
N GLN D 438 7.45 -11.44 33.06
CA GLN D 438 8.28 -10.90 34.13
C GLN D 438 8.04 -11.65 35.44
N PRO D 452 11.00 -16.16 32.53
CA PRO D 452 10.67 -15.54 31.24
C PRO D 452 10.53 -16.56 30.11
N GLU D 453 9.33 -16.69 29.58
CA GLU D 453 9.05 -17.59 28.45
C GLU D 453 8.39 -16.77 27.35
N LYS D 454 8.93 -16.88 26.14
CA LYS D 454 8.43 -16.10 25.02
C LYS D 454 7.04 -16.56 24.61
N ARG D 455 6.13 -15.62 24.43
CA ARG D 455 4.77 -15.89 23.99
C ARG D 455 4.40 -14.93 22.87
N CYS D 456 3.52 -15.38 21.98
CA CYS D 456 3.07 -14.58 20.86
C CYS D 456 1.82 -13.81 21.26
N CYS D 457 1.83 -12.51 20.96
CA CYS D 457 0.75 -11.61 21.34
C CYS D 457 0.26 -10.83 20.13
N LYS D 458 -1.05 -10.76 19.95
CA LYS D 458 -1.65 -10.09 18.82
C LYS D 458 -3.05 -9.62 19.20
N GLY D 459 -3.55 -8.67 18.42
CA GLY D 459 -4.89 -8.16 18.65
C GLY D 459 -5.14 -6.76 18.11
N PHE D 460 -5.86 -5.94 18.87
CA PHE D 460 -6.22 -4.59 18.44
C PHE D 460 -5.16 -3.57 18.83
N CYS D 461 -4.81 -3.51 20.12
CA CYS D 461 -3.82 -2.54 20.57
C CYS D 461 -2.45 -2.82 19.96
N ILE D 462 -2.08 -4.10 19.84
CA ILE D 462 -0.78 -4.45 19.27
C ILE D 462 -0.70 -4.00 17.82
N ASP D 463 -1.80 -4.09 17.08
CA ASP D 463 -1.81 -3.65 15.69
C ASP D 463 -1.52 -2.15 15.59
N ILE D 464 -2.08 -1.35 16.50
CA ILE D 464 -1.79 0.08 16.52
C ILE D 464 -0.31 0.31 16.83
N LEU D 465 0.24 -0.43 17.79
CA LEU D 465 1.63 -0.25 18.17
C LEU D 465 2.57 -0.55 17.00
N LYS D 466 2.29 -1.63 16.26
CA LYS D 466 3.11 -1.95 15.09
C LYS D 466 3.01 -0.86 14.04
N ARG D 467 1.80 -0.34 13.81
CA ARG D 467 1.64 0.75 12.84
C ARG D 467 2.34 2.02 13.31
N LEU D 468 2.29 2.31 14.61
CA LEU D 468 2.92 3.52 15.13
C LEU D 468 4.42 3.50 14.93
N ALA D 469 5.06 2.34 15.15
CA ALA D 469 6.50 2.25 15.01
C ALA D 469 6.96 2.46 13.57
N HIS D 470 6.09 2.24 12.59
CA HIS D 470 6.46 2.47 11.20
C HIS D 470 6.68 3.95 10.93
N THR D 471 5.73 4.79 11.34
CA THR D 471 5.82 6.22 11.05
C THR D 471 6.85 6.91 11.94
N ILE D 472 6.89 6.56 13.23
CA ILE D 472 7.81 7.22 14.15
C ILE D 472 9.20 6.59 14.07
N GLY D 473 9.30 5.30 14.37
CA GLY D 473 10.56 4.60 14.31
C GLY D 473 11.24 4.43 15.65
N PHE D 474 11.15 3.23 16.21
CA PHE D 474 11.80 2.92 17.48
C PHE D 474 11.84 1.41 17.64
N SER D 475 12.38 0.96 18.77
CA SER D 475 12.43 -0.46 19.13
C SER D 475 11.67 -0.66 20.43
N TYR D 476 10.81 -1.66 20.46
CA TYR D 476 9.92 -1.90 21.58
C TYR D 476 10.01 -3.33 22.05
N ASP D 477 9.97 -3.53 23.37
CA ASP D 477 9.94 -4.85 23.97
C ASP D 477 8.76 -4.91 24.93
N LEU D 478 7.90 -5.91 24.75
CA LEU D 478 6.72 -6.03 25.59
C LEU D 478 7.08 -6.55 26.98
N TYR D 479 6.40 -6.02 27.98
CA TYR D 479 6.77 -6.19 29.38
C TYR D 479 5.51 -6.53 30.20
N LEU D 480 4.81 -7.59 29.78
CA LEU D 480 3.59 -8.05 30.45
C LEU D 480 3.69 -7.93 31.96
N VAL D 481 2.68 -7.32 32.56
CA VAL D 481 2.73 -6.93 33.97
C VAL D 481 2.32 -8.12 34.83
N THR D 482 3.16 -8.44 35.82
CA THR D 482 2.81 -9.50 36.76
C THR D 482 1.77 -9.05 37.76
N ASN D 483 1.86 -7.80 38.21
CA ASN D 483 0.94 -7.30 39.22
C ASN D 483 -0.48 -7.22 38.67
N GLY D 484 -1.45 -7.27 39.57
CA GLY D 484 -2.83 -7.46 39.16
C GLY D 484 -3.40 -6.24 38.46
N LYS D 485 -3.93 -6.45 37.25
CA LYS D 485 -4.77 -5.51 36.53
C LYS D 485 -4.15 -4.13 36.32
N HIS D 486 -4.99 -3.15 35.99
CA HIS D 486 -4.54 -1.91 35.37
C HIS D 486 -3.94 -0.93 36.38
N GLY D 487 -4.71 -0.52 37.38
CA GLY D 487 -4.22 0.45 38.34
C GLY D 487 -5.14 0.53 39.54
N LYS D 488 -4.57 0.95 40.66
CA LYS D 488 -5.29 1.16 41.90
C LYS D 488 -4.36 1.86 42.89
N LYS D 489 -4.93 2.72 43.72
CA LYS D 489 -4.19 3.41 44.75
C LYS D 489 -4.34 2.68 46.08
N ILE D 490 -3.21 2.44 46.75
CA ILE D 490 -3.19 1.78 48.05
C ILE D 490 -2.67 2.78 49.06
N ASP D 491 -3.01 4.06 48.87
CA ASP D 491 -2.59 5.16 49.74
C ASP D 491 -1.07 5.33 49.71
N GLY D 492 -0.55 5.63 48.51
CA GLY D 492 0.85 5.96 48.36
C GLY D 492 1.55 5.23 47.24
N VAL D 493 1.06 4.05 46.87
CA VAL D 493 1.70 3.19 45.88
C VAL D 493 0.73 2.92 44.75
N TRP D 494 1.22 3.08 43.52
CA TRP D 494 0.48 2.68 42.32
C TRP D 494 1.01 1.36 41.81
N ASN D 495 0.12 0.51 41.31
CA ASN D 495 0.50 -0.79 40.77
C ASN D 495 -0.14 -0.97 39.40
N GLY D 496 0.14 -2.12 38.79
CA GLY D 496 -0.46 -2.44 37.51
C GLY D 496 0.18 -1.67 36.36
N MET D 497 -0.61 -1.49 35.30
CA MET D 497 -0.11 -0.84 34.09
C MET D 497 0.29 0.60 34.33
N ILE D 498 -0.25 1.24 35.37
CA ILE D 498 0.09 2.63 35.65
C ILE D 498 1.12 2.76 36.77
N GLY D 499 1.27 1.75 37.62
CA GLY D 499 2.28 1.81 38.67
C GLY D 499 3.70 1.77 38.13
N GLU D 500 3.91 1.04 37.04
CA GLU D 500 5.24 0.87 36.46
C GLU D 500 5.58 1.94 35.43
N VAL D 501 4.73 2.95 35.28
CA VAL D 501 5.06 4.12 34.47
C VAL D 501 5.25 5.37 35.31
N PHE D 502 4.62 5.47 36.49
CA PHE D 502 4.89 6.58 37.39
C PHE D 502 6.24 6.43 38.06
N TYR D 503 6.66 5.20 38.36
CA TYR D 503 7.91 4.93 39.05
C TYR D 503 9.09 4.80 38.11
N GLN D 504 8.99 5.35 36.89
CA GLN D 504 10.08 5.43 35.93
C GLN D 504 10.61 4.05 35.52
N ARG D 505 9.78 3.02 35.61
CA ARG D 505 10.18 1.68 35.17
C ARG D 505 9.83 1.40 33.72
N ALA D 506 9.11 2.30 33.06
CA ALA D 506 8.70 2.09 31.66
C ALA D 506 8.63 3.45 30.98
N ASP D 507 8.18 3.46 29.74
CA ASP D 507 8.07 4.69 28.96
C ASP D 507 6.68 4.82 28.34
N MET D 508 6.01 3.69 28.11
CA MET D 508 4.66 3.69 27.58
C MET D 508 3.89 2.53 28.21
N ALA D 509 2.57 2.69 28.26
CA ALA D 509 1.68 1.66 28.80
C ALA D 509 0.50 1.52 27.83
N ILE D 510 0.64 0.64 26.86
CA ILE D 510 -0.40 0.41 25.86
C ILE D 510 -1.29 -0.73 26.33
N GLY D 511 -2.55 -0.67 25.96
CA GLY D 511 -3.50 -1.69 26.32
C GLY D 511 -4.90 -1.10 26.38
N SER D 512 -5.75 -1.72 27.20
CA SER D 512 -7.11 -1.26 27.40
C SER D 512 -7.21 -0.30 28.59
N LEU D 513 -6.38 0.74 28.57
CA LEU D 513 -6.40 1.73 29.63
C LEU D 513 -7.46 2.79 29.34
N THR D 514 -8.07 3.29 30.41
CA THR D 514 -9.16 4.26 30.31
C THR D 514 -8.76 5.57 30.98
N ILE D 515 -9.13 6.68 30.34
CA ILE D 515 -8.79 7.99 30.87
C ILE D 515 -9.64 8.30 32.09
N ASN D 516 -9.01 8.87 33.12
CA ASN D 516 -9.71 9.26 34.34
C ASN D 516 -9.14 10.61 34.77
N GLU D 517 -9.46 11.02 35.99
CA GLU D 517 -8.96 12.27 36.55
C GLU D 517 -7.72 12.09 37.41
N GLU D 518 -7.71 11.08 38.27
CA GLU D 518 -6.52 10.81 39.09
C GLU D 518 -5.34 10.40 38.21
N ARG D 519 -5.58 9.53 37.24
CA ARG D 519 -4.51 9.05 36.37
C ARG D 519 -3.95 10.19 35.52
N SER D 520 -4.84 10.99 34.92
CA SER D 520 -4.39 12.10 34.09
C SER D 520 -3.66 13.18 34.90
N GLU D 521 -3.80 13.17 36.22
CA GLU D 521 -3.07 14.13 37.05
C GLU D 521 -1.58 13.82 37.07
N ILE D 522 -1.21 12.54 37.18
CA ILE D 522 0.18 12.16 37.37
C ILE D 522 0.85 11.62 36.09
N VAL D 523 0.07 11.26 35.08
CA VAL D 523 0.60 10.85 33.79
C VAL D 523 -0.11 11.64 32.70
N ASP D 524 0.49 11.62 31.51
CA ASP D 524 -0.04 12.35 30.36
C ASP D 524 -0.59 11.34 29.35
N PHE D 525 -1.90 11.37 29.15
CA PHE D 525 -2.55 10.47 28.21
C PHE D 525 -2.52 11.06 26.80
N SER D 526 -2.74 10.19 25.83
CA SER D 526 -2.77 10.60 24.43
C SER D 526 -4.21 10.92 24.02
N VAL D 527 -4.43 11.11 22.73
CA VAL D 527 -5.78 11.40 22.23
C VAL D 527 -6.58 10.10 22.21
N PRO D 528 -7.78 10.09 22.80
CA PRO D 528 -8.57 8.86 22.82
C PRO D 528 -8.94 8.40 21.41
N PHE D 529 -8.98 7.08 21.24
CA PHE D 529 -9.30 6.49 19.95
C PHE D 529 -10.40 5.43 20.01
N VAL D 530 -10.84 5.00 21.19
CA VAL D 530 -11.98 4.10 21.33
C VAL D 530 -12.88 4.63 22.43
N GLU D 531 -14.19 4.69 22.15
CA GLU D 531 -15.15 5.15 23.15
C GLU D 531 -15.38 4.09 24.21
N THR D 532 -15.66 4.54 25.44
CA THR D 532 -15.86 3.63 26.56
C THR D 532 -16.55 4.34 27.71
N GLY D 533 -17.59 3.73 28.26
CA GLY D 533 -18.28 4.29 29.40
C GLY D 533 -18.66 3.26 30.45
N ILE D 534 -19.91 3.27 30.87
CA ILE D 534 -20.45 2.32 31.84
C ILE D 534 -21.76 1.77 31.29
N SER D 535 -21.92 0.45 31.35
CA SER D 535 -23.09 -0.20 30.78
C SER D 535 -23.50 -1.39 31.65
N VAL D 536 -24.75 -1.80 31.49
CA VAL D 536 -25.30 -2.96 32.19
C VAL D 536 -25.83 -3.94 31.15
N MET D 537 -25.64 -5.23 31.41
CA MET D 537 -26.07 -6.28 30.50
C MET D 537 -27.12 -7.15 31.18
N VAL D 538 -28.14 -7.54 30.41
CA VAL D 538 -29.21 -8.40 30.88
C VAL D 538 -29.47 -9.47 29.82
N ALA D 539 -30.36 -10.39 30.17
CA ALA D 539 -30.72 -11.49 29.27
C ALA D 539 -31.73 -10.99 28.23
N ARG D 540 -32.29 -11.92 27.47
CA ARG D 540 -33.26 -11.60 26.42
C ARG D 540 -34.66 -11.94 26.90
N SER D 541 -35.60 -11.01 26.69
CA SER D 541 -36.98 -11.22 27.11
C SER D 541 -37.63 -12.32 26.26
N ASN D 542 -38.74 -12.84 26.78
CA ASN D 542 -39.45 -13.93 26.12
C ASN D 542 -39.88 -13.56 24.70
N VAL D 545 -45.24 -9.55 19.50
CA VAL D 545 -46.67 -9.37 19.58
C VAL D 545 -47.20 -8.70 18.31
N SER D 546 -46.53 -7.62 17.90
CA SER D 546 -46.86 -6.90 16.67
C SER D 546 -48.30 -6.41 16.72
N PRO D 547 -48.60 -5.39 17.53
CA PRO D 547 -50.00 -5.07 17.84
C PRO D 547 -50.67 -4.12 16.86
N SER D 548 -51.99 -3.99 16.99
CA SER D 548 -52.77 -3.05 16.19
C SER D 548 -54.06 -2.75 16.95
N ALA D 549 -54.12 -1.57 17.57
CA ALA D 549 -55.26 -1.19 18.40
C ALA D 549 -56.47 -0.82 17.55
N PHE D 550 -57.45 -1.71 17.49
CA PHE D 550 -58.67 -1.65 16.65
C PHE D 550 -58.28 -2.01 15.21
N LEU D 551 -57.00 -2.35 14.98
CA LEU D 551 -56.44 -2.73 13.69
C LEU D 551 -56.28 -1.51 12.78
N GLU D 552 -56.84 -0.36 13.21
CA GLU D 552 -56.60 0.99 12.67
C GLU D 552 -56.40 1.01 11.16
N PRO D 553 -57.46 0.80 10.36
CA PRO D 553 -57.26 0.76 8.90
C PRO D 553 -56.59 2.01 8.35
N TYR D 554 -57.16 3.18 8.63
CA TYR D 554 -56.52 4.46 8.34
C TYR D 554 -56.73 5.43 9.48
N SER D 555 -56.62 4.92 10.73
CA SER D 555 -56.89 5.67 11.96
C SER D 555 -58.38 5.97 12.03
N PRO D 556 -58.90 6.50 13.15
CA PRO D 556 -60.35 6.80 13.20
C PRO D 556 -60.76 7.93 12.27
N ALA D 557 -60.47 7.77 10.98
CA ALA D 557 -60.90 8.69 9.93
C ALA D 557 -62.00 8.09 9.06
N VAL D 558 -61.75 6.90 8.50
CA VAL D 558 -62.78 6.21 7.73
C VAL D 558 -63.92 5.77 8.64
N TRP D 559 -63.63 5.54 9.92
CA TRP D 559 -64.69 5.14 10.87
C TRP D 559 -65.73 6.24 11.01
N VAL D 560 -65.31 7.50 11.03
CA VAL D 560 -66.26 8.60 11.08
C VAL D 560 -67.07 8.68 9.80
N MET D 561 -66.44 8.35 8.65
CA MET D 561 -67.14 8.44 7.38
C MET D 561 -68.28 7.43 7.30
N MET D 562 -68.00 6.16 7.63
CA MET D 562 -69.02 5.13 7.49
C MET D 562 -70.19 5.37 8.44
N PHE D 563 -69.91 5.80 9.68
CA PHE D 563 -70.98 6.07 10.63
C PHE D 563 -71.83 7.26 10.18
N VAL D 564 -71.19 8.32 9.68
CA VAL D 564 -71.93 9.49 9.23
C VAL D 564 -72.72 9.18 7.96
N MET D 565 -72.11 8.44 7.04
CA MET D 565 -72.77 8.12 5.77
C MET D 565 -74.01 7.28 6.04
N CYS D 566 -73.85 6.18 6.78
CA CYS D 566 -74.98 5.30 7.08
C CYS D 566 -76.06 5.99 7.91
N LEU D 567 -75.70 7.03 8.67
CA LEU D 567 -76.71 7.75 9.45
C LEU D 567 -77.57 8.64 8.56
N THR D 568 -76.96 9.28 7.56
CA THR D 568 -77.70 10.22 6.73
C THR D 568 -78.62 9.50 5.75
N VAL D 569 -78.17 8.36 5.22
CA VAL D 569 -78.95 7.66 4.19
C VAL D 569 -80.27 7.14 4.76
N VAL D 570 -80.29 6.75 6.03
CA VAL D 570 -81.51 6.20 6.62
C VAL D 570 -82.65 7.20 6.55
N ALA D 571 -82.36 8.46 6.91
CA ALA D 571 -83.38 9.50 6.80
C ALA D 571 -83.74 9.75 5.34
N VAL D 572 -82.76 9.72 4.44
CA VAL D 572 -83.03 9.95 3.03
C VAL D 572 -83.89 8.82 2.47
N THR D 573 -83.55 7.57 2.79
CA THR D 573 -84.32 6.44 2.31
C THR D 573 -85.73 6.45 2.88
N VAL D 574 -85.87 6.85 4.15
CA VAL D 574 -87.20 6.93 4.75
C VAL D 574 -88.03 8.01 4.06
N PHE D 575 -87.39 9.10 3.63
CA PHE D 575 -88.12 10.18 2.98
C PHE D 575 -88.73 9.72 1.65
N ILE D 576 -87.98 8.94 0.86
CA ILE D 576 -88.49 8.51 -0.43
C ILE D 576 -89.58 7.45 -0.29
N PHE D 577 -89.68 6.80 0.86
CA PHE D 577 -90.75 5.82 1.07
C PHE D 577 -92.12 6.48 1.17
N GLU D 578 -92.18 7.71 1.70
CA GLU D 578 -93.44 8.45 1.71
C GLU D 578 -93.91 8.78 0.30
N TYR D 579 -92.97 8.97 -0.64
CA TYR D 579 -93.35 9.22 -2.02
C TYR D 579 -93.99 7.99 -2.66
N LEU D 580 -93.55 6.80 -2.27
CA LEU D 580 -94.11 5.55 -2.81
C LEU D 580 -95.59 5.40 -2.45
N THR D 601 -90.79 4.38 5.81
CA THR D 601 -90.66 3.35 6.84
C THR D 601 -89.48 3.64 7.75
N ILE D 602 -89.77 4.04 8.98
CA ILE D 602 -88.71 4.33 9.94
C ILE D 602 -87.96 3.07 10.33
N GLY D 603 -88.68 1.95 10.46
CA GLY D 603 -88.06 0.72 10.91
C GLY D 603 -87.48 -0.14 9.80
N LYS D 604 -88.21 -0.26 8.68
CA LYS D 604 -87.75 -1.12 7.60
C LYS D 604 -86.54 -0.54 6.89
N SER D 605 -86.53 0.77 6.66
CA SER D 605 -85.42 1.39 5.94
C SER D 605 -84.11 1.26 6.72
N ILE D 606 -84.15 1.52 8.02
CA ILE D 606 -82.93 1.41 8.82
C ILE D 606 -82.51 -0.04 8.97
N TRP D 607 -83.47 -0.97 9.02
CA TRP D 607 -83.13 -2.37 9.27
C TRP D 607 -82.40 -2.99 8.08
N LEU D 608 -82.91 -2.78 6.88
CA LEU D 608 -82.28 -3.36 5.70
C LEU D 608 -80.93 -2.71 5.40
N LEU D 609 -80.77 -1.44 5.75
CA LEU D 609 -79.56 -0.71 5.38
C LEU D 609 -78.33 -1.25 6.09
N TRP D 610 -78.41 -1.49 7.40
CA TRP D 610 -77.27 -2.08 8.07
C TRP D 610 -77.19 -3.59 7.90
N ALA D 611 -78.21 -4.20 7.29
CA ALA D 611 -78.19 -5.64 7.06
C ALA D 611 -77.26 -6.00 5.92
N LEU D 612 -77.53 -5.47 4.73
CA LEU D 612 -76.79 -5.87 3.53
C LEU D 612 -75.32 -5.49 3.63
N VAL D 613 -75.02 -4.33 4.23
CA VAL D 613 -73.63 -3.92 4.40
C VAL D 613 -72.87 -4.83 5.37
N PHE D 614 -73.57 -5.71 6.08
CA PHE D 614 -72.96 -6.67 6.99
C PHE D 614 -73.40 -8.08 6.66
N ASN D 615 -73.41 -8.42 5.37
CA ASN D 615 -73.69 -9.76 4.87
C ASN D 615 -75.08 -10.25 5.28
N ASN D 616 -76.03 -9.33 5.39
CA ASN D 616 -77.43 -9.65 5.69
C ASN D 616 -77.57 -10.57 6.90
N SER D 617 -77.99 -11.81 6.65
CA SER D 617 -78.14 -12.84 7.67
C SER D 617 -79.15 -12.44 8.76
N VAL D 618 -80.01 -11.47 8.45
CA VAL D 618 -81.08 -11.08 9.36
C VAL D 618 -82.36 -10.87 8.56
N PRO D 619 -83.53 -11.15 9.13
CA PRO D 619 -84.78 -10.87 8.41
C PRO D 619 -85.03 -9.37 8.29
N VAL D 620 -85.00 -8.88 7.06
CA VAL D 620 -85.18 -7.45 6.78
C VAL D 620 -86.15 -7.31 5.61
N GLU D 621 -87.02 -6.30 5.71
CA GLU D 621 -88.00 -6.04 4.66
C GLU D 621 -87.31 -5.68 3.35
N ASN D 622 -87.74 -6.30 2.26
CA ASN D 622 -87.21 -6.02 0.93
C ASN D 622 -88.21 -5.19 0.15
N PRO D 623 -87.86 -3.96 -0.23
CA PRO D 623 -88.82 -3.11 -0.94
C PRO D 623 -89.18 -3.68 -2.31
N ARG D 624 -90.43 -3.44 -2.70
CA ARG D 624 -90.93 -3.87 -4.01
C ARG D 624 -90.77 -2.81 -5.09
N GLY D 625 -90.23 -1.64 -4.74
CA GLY D 625 -90.05 -0.58 -5.72
C GLY D 625 -88.79 -0.75 -6.55
N THR D 626 -88.65 0.13 -7.53
CA THR D 626 -87.49 0.11 -8.42
C THR D 626 -86.35 0.98 -7.91
N THR D 627 -86.64 2.24 -7.57
CA THR D 627 -85.61 3.15 -7.10
C THR D 627 -85.02 2.69 -5.77
N SER D 628 -85.87 2.17 -4.87
CA SER D 628 -85.40 1.76 -3.55
C SER D 628 -84.41 0.61 -3.66
N LYS D 629 -84.68 -0.35 -4.55
CA LYS D 629 -83.79 -1.51 -4.66
C LYS D 629 -82.43 -1.14 -5.23
N ILE D 630 -82.36 -0.10 -6.07
CA ILE D 630 -81.08 0.30 -6.65
C ILE D 630 -80.18 0.94 -5.60
N MET D 631 -80.75 1.83 -4.79
CA MET D 631 -79.95 2.51 -3.76
C MET D 631 -79.44 1.52 -2.71
N VAL D 632 -80.27 0.55 -2.34
CA VAL D 632 -79.82 -0.47 -1.40
C VAL D 632 -78.75 -1.35 -2.03
N LEU D 633 -78.86 -1.59 -3.34
CA LEU D 633 -77.96 -2.54 -4.01
C LEU D 633 -76.50 -2.08 -3.93
N VAL D 634 -76.25 -0.78 -4.11
CA VAL D 634 -74.88 -0.28 -4.17
C VAL D 634 -74.26 -0.25 -2.78
N TRP D 635 -75.01 -0.68 -1.77
CA TRP D 635 -74.45 -0.78 -0.43
C TRP D 635 -73.54 -2.00 -0.28
N ALA D 636 -73.89 -3.10 -0.95
CA ALA D 636 -73.13 -4.34 -0.78
C ALA D 636 -71.74 -4.23 -1.38
N PHE D 637 -71.64 -3.75 -2.62
CA PHE D 637 -70.35 -3.74 -3.30
C PHE D 637 -69.36 -2.81 -2.60
N PHE D 638 -69.85 -1.74 -1.97
CA PHE D 638 -68.98 -0.91 -1.15
C PHE D 638 -68.51 -1.67 0.08
N ALA D 639 -69.38 -2.52 0.65
CA ALA D 639 -69.04 -3.23 1.87
C ALA D 639 -67.97 -4.29 1.62
N VAL D 640 -68.14 -5.10 0.57
CA VAL D 640 -67.23 -6.21 0.35
C VAL D 640 -65.83 -5.71 0.02
N ILE D 641 -65.73 -4.68 -0.82
CA ILE D 641 -64.41 -4.12 -1.13
C ILE D 641 -63.79 -3.51 0.12
N PHE D 642 -64.63 -2.98 1.02
CA PHE D 642 -64.12 -2.57 2.32
C PHE D 642 -63.58 -3.76 3.10
N LEU D 643 -64.30 -4.89 3.06
CA LEU D 643 -63.79 -6.11 3.69
C LEU D 643 -62.51 -6.58 3.02
N ALA D 644 -62.47 -6.53 1.69
CA ALA D 644 -61.25 -6.88 0.98
C ALA D 644 -60.11 -5.92 1.35
N SER D 645 -60.42 -4.62 1.42
CA SER D 645 -59.43 -3.67 1.92
C SER D 645 -59.14 -3.92 3.39
N TYR D 646 -60.15 -4.37 4.15
CA TYR D 646 -59.92 -4.73 5.54
C TYR D 646 -58.99 -5.93 5.67
N THR D 647 -58.78 -6.68 4.60
CA THR D 647 -57.72 -7.69 4.57
C THR D 647 -56.38 -7.10 4.16
N ALA D 648 -56.40 -6.01 3.38
CA ALA D 648 -55.15 -5.44 2.89
C ALA D 648 -54.30 -4.90 4.03
N ASN D 649 -54.89 -4.08 4.90
CA ASN D 649 -54.13 -3.47 5.99
C ASN D 649 -53.54 -4.53 6.91
N LEU D 650 -54.31 -5.57 7.24
CA LEU D 650 -53.76 -6.68 8.00
C LEU D 650 -52.65 -7.38 7.22
N ALA D 651 -52.86 -7.57 5.92
CA ALA D 651 -51.78 -8.09 5.07
C ALA D 651 -50.65 -7.09 4.94
N ALA D 652 -50.95 -5.79 4.95
CA ALA D 652 -49.91 -4.79 4.87
C ALA D 652 -48.95 -4.87 6.05
N PHE D 653 -49.51 -5.03 7.26
CA PHE D 653 -48.70 -5.00 8.47
C PHE D 653 -47.72 -6.16 8.50
N MET D 654 -48.17 -7.35 8.11
CA MET D 654 -47.31 -8.53 8.14
C MET D 654 -46.24 -8.46 7.06
N ILE D 655 -46.54 -7.83 5.92
CA ILE D 655 -45.51 -7.59 4.91
C ILE D 655 -44.41 -6.70 5.49
N GLN D 656 -44.80 -5.59 6.12
CA GLN D 656 -43.82 -4.72 6.76
C GLN D 656 -43.15 -5.40 7.94
N GLU D 657 -43.94 -6.13 8.73
CA GLU D 657 -43.43 -6.84 9.92
C GLU D 657 -42.71 -5.90 10.88
N LEU D 666 -38.67 -5.65 25.58
CA LEU D 666 -38.26 -4.39 25.00
C LEU D 666 -38.44 -3.24 25.99
N SER D 667 -39.00 -3.56 27.15
CA SER D 667 -39.20 -2.59 28.23
C SER D 667 -38.37 -3.01 29.43
N ASP D 668 -37.62 -2.07 29.98
CA ASP D 668 -36.71 -2.32 31.10
C ASP D 668 -37.01 -1.36 32.24
N ARG D 669 -38.30 -1.22 32.57
CA ARG D 669 -38.69 -0.35 33.68
C ARG D 669 -38.26 -0.91 35.03
N LYS D 670 -37.93 -2.19 35.11
CA LYS D 670 -37.48 -2.80 36.35
C LYS D 670 -36.02 -2.41 36.63
N PHE D 671 -35.51 -2.88 37.76
CA PHE D 671 -34.14 -2.67 38.25
C PHE D 671 -33.85 -1.22 38.61
N GLN D 672 -34.81 -0.31 38.46
CA GLN D 672 -34.57 1.11 38.74
C GLN D 672 -34.77 1.41 40.22
N ARG D 673 -34.10 0.65 41.09
CA ARG D 673 -34.27 0.82 42.53
C ARG D 673 -33.16 0.13 43.30
N PRO D 674 -32.57 0.80 44.29
CA PRO D 674 -31.59 0.13 45.18
C PRO D 674 -32.27 -0.68 46.27
N GLN D 675 -32.68 -1.90 45.90
CA GLN D 675 -33.36 -2.86 46.77
C GLN D 675 -34.78 -2.37 47.06
N GLU D 676 -35.14 -1.17 46.60
CA GLU D 676 -36.51 -0.70 46.75
C GLU D 676 -37.48 -1.54 45.95
N GLN D 677 -37.00 -2.33 44.99
CA GLN D 677 -37.84 -3.30 44.31
C GLN D 677 -38.25 -4.39 45.28
N TYR D 678 -39.35 -5.08 44.95
CA TYR D 678 -39.89 -6.09 45.86
C TYR D 678 -38.91 -7.23 46.16
N PRO D 679 -38.12 -7.75 45.23
CA PRO D 679 -37.22 -8.86 45.58
C PRO D 679 -35.85 -8.33 45.98
N PRO D 680 -34.99 -9.17 46.56
CA PRO D 680 -33.60 -8.77 46.76
C PRO D 680 -32.84 -8.75 45.44
N LEU D 681 -32.59 -7.55 44.90
CA LEU D 681 -31.94 -7.42 43.61
C LEU D 681 -30.44 -7.59 43.74
N LYS D 682 -29.84 -8.30 42.79
CA LYS D 682 -28.42 -8.59 42.80
C LYS D 682 -27.75 -8.01 41.56
N PHE D 683 -26.64 -7.30 41.77
CA PHE D 683 -25.82 -6.79 40.67
C PHE D 683 -24.39 -6.65 41.17
N GLY D 684 -23.42 -6.92 40.30
CA GLY D 684 -22.04 -6.97 40.74
C GLY D 684 -21.08 -6.59 39.64
N THR D 685 -19.84 -6.37 40.05
CA THR D 685 -18.81 -5.89 39.14
C THR D 685 -17.50 -6.66 39.31
N VAL D 686 -16.47 -6.20 38.64
CA VAL D 686 -15.10 -6.59 38.95
C VAL D 686 -14.46 -5.41 39.66
N PRO D 687 -14.49 -5.37 40.99
CA PRO D 687 -14.23 -4.13 41.73
C PRO D 687 -12.75 -3.90 42.06
N ASN D 688 -11.97 -3.54 41.04
CA ASN D 688 -10.65 -2.99 41.29
C ASN D 688 -10.36 -1.77 40.43
N GLY D 689 -11.06 -1.61 39.32
CA GLY D 689 -10.69 -0.62 38.35
C GLY D 689 -11.38 0.72 38.56
N SER D 690 -11.40 1.54 37.52
CA SER D 690 -12.04 2.84 37.61
C SER D 690 -13.55 2.70 37.77
N THR D 691 -14.12 1.61 37.25
CA THR D 691 -15.56 1.38 37.34
C THR D 691 -16.03 1.39 38.78
N GLU D 692 -15.25 0.78 39.68
CA GLU D 692 -15.61 0.84 41.10
C GLU D 692 -15.34 2.24 41.67
N LYS D 693 -14.22 2.85 41.30
CA LYS D 693 -13.88 4.17 41.84
C LYS D 693 -14.91 5.20 41.45
N ASN D 694 -15.36 5.19 40.19
CA ASN D 694 -16.40 6.11 39.76
C ASN D 694 -17.70 5.85 40.50
N ILE D 695 -18.04 4.57 40.70
CA ILE D 695 -19.29 4.20 41.37
C ILE D 695 -19.16 4.20 42.89
N ARG D 696 -17.95 4.41 43.43
CA ARG D 696 -17.78 4.49 44.87
C ARG D 696 -18.03 5.90 45.39
N SER D 697 -17.59 6.93 44.66
CA SER D 697 -17.83 8.30 45.08
C SER D 697 -19.32 8.61 45.11
N ASN D 698 -19.98 8.55 43.94
CA ASN D 698 -21.41 8.72 43.89
C ASN D 698 -22.11 7.40 44.24
N TYR D 699 -23.37 7.52 44.66
CA TYR D 699 -24.17 6.39 45.12
C TYR D 699 -23.42 5.53 46.14
N PRO D 700 -23.04 6.11 47.29
CA PRO D 700 -22.30 5.31 48.29
C PRO D 700 -23.07 4.12 48.82
N ASP D 701 -24.39 4.23 48.92
CA ASP D 701 -25.19 3.13 49.45
C ASP D 701 -25.14 1.91 48.54
N MET D 702 -25.17 2.13 47.22
CA MET D 702 -25.12 1.01 46.29
C MET D 702 -23.80 0.27 46.37
N HIS D 703 -22.70 0.99 46.54
CA HIS D 703 -21.39 0.36 46.61
C HIS D 703 -21.28 -0.57 47.82
N SER D 704 -21.79 -0.12 48.97
CA SER D 704 -21.71 -0.94 50.18
C SER D 704 -22.50 -2.23 50.03
N TYR D 705 -23.68 -2.15 49.42
CA TYR D 705 -24.48 -3.34 49.20
C TYR D 705 -23.87 -4.24 48.13
N MET D 706 -23.19 -3.64 47.14
CA MET D 706 -22.62 -4.38 46.02
C MET D 706 -21.46 -5.28 46.43
N VAL D 707 -20.92 -5.12 47.64
CA VAL D 707 -19.78 -5.93 48.06
C VAL D 707 -20.14 -7.41 48.17
N ARG D 708 -21.43 -7.74 48.29
CA ARG D 708 -21.84 -9.14 48.38
C ARG D 708 -21.60 -9.91 47.09
N TYR D 709 -21.39 -9.21 45.97
CA TYR D 709 -21.21 -9.84 44.67
C TYR D 709 -19.93 -9.28 44.05
N ASN D 710 -18.88 -10.11 44.01
CA ASN D 710 -17.54 -9.69 43.61
C ASN D 710 -16.93 -10.68 42.63
N GLN D 711 -17.70 -11.03 41.58
CA GLN D 711 -17.26 -11.95 40.54
C GLN D 711 -15.87 -11.59 40.03
N PRO D 712 -14.85 -12.38 40.37
CA PRO D 712 -13.47 -11.98 40.03
C PRO D 712 -13.03 -12.41 38.64
N ARG D 713 -13.89 -12.25 37.65
CA ARG D 713 -13.58 -12.61 36.27
C ARG D 713 -14.59 -11.94 35.36
N VAL D 714 -14.49 -12.21 34.06
CA VAL D 714 -15.48 -11.80 33.08
C VAL D 714 -16.32 -12.97 32.62
N GLU D 715 -15.68 -14.10 32.31
CA GLU D 715 -16.41 -15.29 31.90
C GLU D 715 -17.13 -15.94 33.07
N GLU D 716 -16.50 -15.93 34.26
CA GLU D 716 -17.14 -16.49 35.44
C GLU D 716 -18.42 -15.74 35.78
N ALA D 717 -18.38 -14.41 35.68
CA ALA D 717 -19.60 -13.62 35.85
C ALA D 717 -20.59 -13.90 34.74
N LEU D 718 -20.08 -14.17 33.53
CA LEU D 718 -20.95 -14.45 32.39
C LEU D 718 -21.79 -15.71 32.62
N THR D 719 -21.12 -16.81 33.00
CA THR D 719 -21.83 -18.07 33.18
C THR D 719 -22.86 -17.98 34.31
N GLN D 720 -22.51 -17.31 35.41
CA GLN D 720 -23.45 -17.15 36.51
C GLN D 720 -24.64 -16.29 36.09
N LEU D 721 -24.43 -15.35 35.15
CA LEU D 721 -25.53 -14.53 34.67
C LEU D 721 -26.55 -15.37 33.92
N LYS D 722 -26.09 -16.30 33.07
CA LYS D 722 -27.01 -17.15 32.32
C LYS D 722 -27.75 -18.11 33.24
N ALA D 723 -27.08 -18.61 34.28
CA ALA D 723 -27.69 -19.57 35.19
C ALA D 723 -28.71 -18.94 36.13
N GLY D 724 -28.95 -17.63 36.04
CA GLY D 724 -29.92 -16.97 36.87
C GLY D 724 -29.41 -16.50 38.22
N LYS D 725 -28.15 -16.79 38.56
CA LYS D 725 -27.59 -16.29 39.81
C LYS D 725 -27.51 -14.77 39.82
N LEU D 726 -27.08 -14.19 38.70
CA LEU D 726 -27.03 -12.74 38.53
C LEU D 726 -27.81 -12.34 37.29
N ASP D 727 -28.35 -11.12 37.31
CA ASP D 727 -29.09 -10.60 36.18
C ASP D 727 -28.58 -9.25 35.70
N ALA D 728 -27.64 -8.63 36.40
CA ALA D 728 -27.09 -7.35 36.00
C ALA D 728 -25.57 -7.38 36.15
N PHE D 729 -24.87 -7.01 35.08
CA PHE D 729 -23.42 -6.93 35.08
C PHE D 729 -23.00 -5.56 34.58
N ILE D 730 -22.18 -4.88 35.36
CA ILE D 730 -21.72 -3.52 35.07
C ILE D 730 -20.23 -3.56 34.80
N TYR D 731 -19.82 -3.12 33.62
CA TYR D 731 -18.43 -3.18 33.22
C TYR D 731 -18.21 -2.16 32.10
N ASP D 732 -17.09 -2.28 31.40
CA ASP D 732 -16.80 -1.40 30.27
C ASP D 732 -17.84 -1.58 29.17
N ALA D 733 -18.15 -0.48 28.49
CA ALA D 733 -19.10 -0.50 27.40
C ALA D 733 -18.46 -0.91 26.07
N ALA D 734 -17.14 -1.01 26.02
CA ALA D 734 -16.44 -1.51 24.84
C ALA D 734 -16.08 -2.99 24.95
N VAL D 735 -16.43 -3.63 26.07
CA VAL D 735 -16.21 -5.06 26.25
C VAL D 735 -17.53 -5.80 26.44
N LEU D 736 -18.44 -5.26 27.26
CA LEU D 736 -19.76 -5.85 27.41
C LEU D 736 -20.51 -5.85 26.09
N ASN D 737 -20.40 -4.77 25.33
CA ASN D 737 -21.03 -4.72 24.01
C ASN D 737 -20.46 -5.78 23.10
N TYR D 738 -19.13 -5.97 23.11
CA TYR D 738 -18.52 -7.01 22.28
C TYR D 738 -18.95 -8.40 22.72
N MET D 739 -18.98 -8.65 24.04
CA MET D 739 -19.39 -9.96 24.53
C MET D 739 -20.83 -10.26 24.16
N ALA D 740 -21.70 -9.26 24.22
CA ALA D 740 -23.09 -9.42 23.83
C ALA D 740 -23.28 -9.36 22.32
N ARG D 741 -22.19 -9.30 21.54
CA ARG D 741 -22.26 -9.25 20.09
C ARG D 741 -21.62 -10.46 19.44
N LYS D 742 -21.38 -11.54 20.20
CA LYS D 742 -20.92 -12.78 19.61
C LYS D 742 -21.54 -14.02 20.25
N ASP D 743 -22.44 -13.87 21.21
CA ASP D 743 -23.06 -15.02 21.86
C ASP D 743 -24.12 -15.65 20.96
N GLU D 744 -24.33 -16.95 21.14
CA GLU D 744 -25.28 -17.68 20.32
C GLU D 744 -26.71 -17.40 20.76
N GLY D 745 -27.61 -17.36 19.78
CA GLY D 745 -29.03 -17.21 20.05
C GLY D 745 -29.50 -15.80 20.31
N CYS D 746 -28.60 -14.81 20.30
CA CYS D 746 -28.96 -13.42 20.59
C CYS D 746 -29.69 -13.28 21.92
N LYS D 747 -29.25 -14.05 22.91
CA LYS D 747 -29.91 -14.10 24.20
C LYS D 747 -29.40 -13.05 25.19
N LEU D 748 -28.34 -12.31 24.83
CA LEU D 748 -27.77 -11.32 25.73
C LEU D 748 -27.80 -9.96 25.04
N VAL D 749 -28.64 -9.06 25.55
CA VAL D 749 -28.75 -7.70 25.06
C VAL D 749 -28.55 -6.76 26.24
N THR D 750 -27.68 -5.76 26.05
CA THR D 750 -27.43 -4.81 27.12
C THR D 750 -28.66 -3.92 27.37
N ILE D 751 -28.65 -3.24 28.51
CA ILE D 751 -29.78 -2.40 28.88
C ILE D 751 -29.92 -1.26 27.88
N GLY D 752 -31.16 -0.94 27.53
CA GLY D 752 -31.39 0.11 26.55
C GLY D 752 -30.95 -0.32 25.16
N SER D 753 -30.34 0.63 24.44
CA SER D 753 -29.88 0.42 23.07
C SER D 753 -28.45 0.90 22.91
N GLY D 754 -27.59 0.52 23.84
CA GLY D 754 -26.22 0.98 23.85
C GLY D 754 -25.99 2.08 24.87
N LYS D 755 -26.46 1.85 26.09
CA LYS D 755 -26.39 2.86 27.14
C LYS D 755 -24.94 3.10 27.56
N VAL D 756 -24.54 4.36 27.63
CA VAL D 756 -23.22 4.77 28.10
C VAL D 756 -23.41 5.94 29.05
N PHE D 757 -22.63 5.95 30.14
CA PHE D 757 -22.85 6.90 31.23
C PHE D 757 -21.73 7.93 31.32
N ALA D 758 -20.48 7.51 31.48
CA ALA D 758 -19.38 8.46 31.62
C ALA D 758 -18.77 8.85 30.28
N THR D 759 -18.60 7.88 29.38
CA THR D 759 -18.03 8.09 28.05
C THR D 759 -16.65 8.75 28.15
N THR D 760 -15.73 8.05 28.80
CA THR D 760 -14.33 8.43 28.85
C THR D 760 -13.54 7.43 28.01
N GLY D 761 -12.92 7.92 26.94
CA GLY D 761 -12.29 7.05 25.97
C GLY D 761 -11.00 6.46 26.47
N TYR D 762 -10.45 5.56 25.66
CA TYR D 762 -9.20 4.90 25.97
C TYR D 762 -8.03 5.85 25.71
N GLY D 763 -6.81 5.33 25.86
CA GLY D 763 -5.64 6.16 25.63
C GLY D 763 -4.38 5.41 25.96
N ILE D 764 -3.25 6.11 25.83
CA ILE D 764 -1.93 5.56 26.09
C ILE D 764 -1.30 6.37 27.21
N ALA D 765 -0.89 5.69 28.28
CA ALA D 765 -0.19 6.35 29.38
C ALA D 765 1.25 6.64 29.00
N LEU D 766 1.79 7.70 29.59
CA LEU D 766 3.14 8.14 29.28
C LEU D 766 3.88 8.45 30.59
N HIS D 767 5.06 9.05 30.46
CA HIS D 767 5.99 9.23 31.56
C HIS D 767 5.80 10.54 32.30
N LYS D 768 4.87 11.39 31.87
CA LYS D 768 4.60 12.71 32.45
C LYS D 768 5.73 13.67 32.09
N GLY D 769 6.80 13.13 31.50
CA GLY D 769 7.91 13.92 31.02
C GLY D 769 8.54 13.28 29.80
N SER D 770 7.81 12.33 29.20
CA SER D 770 8.35 11.54 28.10
C SER D 770 8.66 12.40 26.88
N ARG D 771 7.88 13.47 26.66
CA ARG D 771 7.96 14.32 25.47
C ARG D 771 7.68 13.55 24.19
N TRP D 772 7.20 12.32 24.29
CA TRP D 772 6.68 11.57 23.15
C TRP D 772 5.20 11.81 22.92
N LYS D 773 4.58 12.68 23.73
CA LYS D 773 3.14 12.93 23.61
C LYS D 773 2.81 13.55 22.26
N ARG D 774 3.56 14.58 21.86
CA ARG D 774 3.30 15.22 20.58
C ARG D 774 3.49 14.30 19.38
N PRO D 775 4.59 13.55 19.25
CA PRO D 775 4.73 12.68 18.06
C PRO D 775 3.66 11.61 17.95
N ILE D 776 3.00 11.26 19.05
CA ILE D 776 1.94 10.26 19.01
C ILE D 776 0.60 10.87 18.59
N ASP D 777 0.31 12.08 19.07
CA ASP D 777 -1.00 12.69 18.79
C ASP D 777 -1.23 12.89 17.31
N LEU D 778 -0.27 13.50 16.61
CA LEU D 778 -0.42 13.72 15.17
C LEU D 778 -0.50 12.39 14.43
N ALA D 779 0.31 11.41 14.84
CA ALA D 779 0.24 10.09 14.22
C ALA D 779 -1.11 9.44 14.46
N LEU D 780 -1.61 9.53 15.70
CA LEU D 780 -2.89 8.89 16.02
C LEU D 780 -4.06 9.62 15.35
N LEU D 781 -4.01 10.95 15.30
CA LEU D 781 -5.10 11.71 14.67
C LEU D 781 -5.20 11.42 13.19
N GLN D 782 -4.13 10.95 12.55
CA GLN D 782 -4.21 10.57 11.15
C GLN D 782 -5.01 9.27 10.98
N PHE D 783 -4.77 8.29 11.84
CA PHE D 783 -5.46 7.01 11.72
C PHE D 783 -6.95 7.13 12.00
N LEU D 784 -7.36 8.15 12.76
CA LEU D 784 -8.79 8.42 12.91
C LEU D 784 -9.37 9.17 11.72
N GLY D 785 -8.55 9.55 10.75
CA GLY D 785 -9.01 10.40 9.66
C GLY D 785 -9.94 9.75 8.64
N ASP D 786 -9.40 8.90 7.76
CA ASP D 786 -10.15 8.46 6.59
C ASP D 786 -10.45 6.96 6.59
N ASP D 787 -9.43 6.10 6.65
CA ASP D 787 -9.66 4.68 6.38
C ASP D 787 -8.86 3.71 7.24
N GLU D 788 -7.99 4.18 8.14
CA GLU D 788 -7.13 3.28 8.90
C GLU D 788 -7.84 2.70 10.13
N ILE D 789 -8.22 3.54 11.10
CA ILE D 789 -8.87 3.02 12.29
C ILE D 789 -10.24 2.44 11.94
N GLU D 790 -10.96 3.10 11.04
CA GLU D 790 -12.26 2.65 10.58
C GLU D 790 -12.21 1.34 9.79
N MET D 791 -11.03 0.72 9.67
CA MET D 791 -10.90 -0.60 9.06
C MET D 791 -10.48 -1.68 10.05
N LEU D 792 -9.66 -1.35 11.05
CA LEU D 792 -9.20 -2.35 12.00
C LEU D 792 -10.34 -2.94 12.80
N GLU D 793 -11.30 -2.11 13.23
CA GLU D 793 -12.39 -2.62 14.05
C GLU D 793 -13.25 -3.63 13.31
N ARG D 794 -13.25 -3.59 11.98
CA ARG D 794 -13.95 -4.63 11.22
C ARG D 794 -13.21 -5.96 11.31
N LEU D 795 -11.89 -5.94 11.46
CA LEU D 795 -11.13 -7.17 11.52
C LEU D 795 -11.25 -7.88 12.86
N TRP D 796 -11.50 -7.13 13.95
CA TRP D 796 -11.47 -7.70 15.29
C TRP D 796 -12.82 -7.64 15.99
N LEU D 797 -13.49 -6.50 16.00
CA LEU D 797 -14.78 -6.36 16.67
C LEU D 797 -15.85 -6.20 15.59
N SER D 798 -16.31 -7.34 15.06
CA SER D 798 -17.32 -7.36 14.01
C SER D 798 -18.31 -8.51 14.22
N GLY D 799 -18.62 -8.83 15.47
CA GLY D 799 -19.43 -9.99 15.76
C GLY D 799 -20.84 -9.91 15.18
N ILE D 800 -21.56 -11.01 15.35
CA ILE D 800 -22.89 -11.20 14.77
C ILE D 800 -23.88 -11.46 15.88
N CYS D 801 -25.15 -11.71 15.53
CA CYS D 801 -26.24 -11.91 16.50
C CYS D 801 -26.50 -10.61 17.27
N HIS D 802 -26.72 -9.53 16.52
CA HIS D 802 -26.99 -8.22 17.08
C HIS D 802 -28.47 -8.14 17.49
N ASN D 803 -28.92 -6.93 17.82
CA ASN D 803 -30.30 -6.72 18.22
C ASN D 803 -31.23 -6.78 17.01
N ASP D 804 -32.52 -6.94 17.30
CA ASP D 804 -33.54 -7.01 16.26
C ASP D 804 -34.71 -6.09 16.56
N LEU D 813 -49.51 -12.62 16.64
CA LEU D 813 -50.93 -12.56 16.95
C LEU D 813 -51.17 -12.48 18.45
N ASP D 814 -50.32 -13.15 19.22
CA ASP D 814 -50.31 -13.08 20.68
C ASP D 814 -51.70 -13.19 21.29
N ILE D 815 -51.96 -12.36 22.31
CA ILE D 815 -53.23 -12.39 23.03
C ILE D 815 -53.99 -11.07 22.91
N ASP D 816 -53.27 -9.94 22.97
CA ASP D 816 -53.93 -8.64 22.95
C ASP D 816 -54.35 -8.20 21.55
N ASN D 817 -53.79 -8.80 20.50
CA ASN D 817 -54.14 -8.38 19.14
C ASN D 817 -55.62 -8.63 18.85
N MET D 818 -56.09 -9.86 19.07
CA MET D 818 -57.51 -10.13 18.91
C MET D 818 -58.32 -9.60 20.09
N ALA D 819 -57.70 -9.47 21.26
CA ALA D 819 -58.37 -8.85 22.40
C ALA D 819 -58.17 -7.34 22.41
N GLY D 820 -58.41 -6.72 21.27
CA GLY D 820 -58.42 -5.27 21.16
C GLY D 820 -59.83 -4.78 20.95
N VAL D 821 -60.60 -5.55 20.18
CA VAL D 821 -62.04 -5.33 20.06
C VAL D 821 -62.79 -5.80 21.30
N PHE D 822 -62.13 -6.57 22.16
CA PHE D 822 -62.74 -6.99 23.42
C PHE D 822 -63.03 -5.78 24.31
N TYR D 823 -62.23 -4.72 24.20
CA TYR D 823 -62.52 -3.49 24.92
C TYR D 823 -63.85 -2.89 24.48
N MET D 824 -64.22 -3.10 23.21
CA MET D 824 -65.53 -2.69 22.73
C MET D 824 -66.62 -3.68 23.11
N LEU D 825 -66.27 -4.89 23.55
CA LEU D 825 -67.26 -5.80 24.10
C LEU D 825 -67.68 -5.40 25.51
N LEU D 826 -66.80 -4.74 26.26
CA LEU D 826 -67.13 -4.28 27.60
C LEU D 826 -68.14 -3.15 27.59
N VAL D 827 -68.37 -2.51 26.44
CA VAL D 827 -69.35 -1.45 26.31
C VAL D 827 -70.60 -1.91 25.56
N ALA D 828 -70.73 -3.22 25.31
CA ALA D 828 -71.87 -3.72 24.55
C ALA D 828 -73.14 -3.73 25.40
N MET D 829 -73.12 -4.46 26.52
CA MET D 829 -74.31 -4.52 27.37
C MET D 829 -74.61 -3.20 28.05
N GLY D 830 -73.58 -2.41 28.35
CA GLY D 830 -73.81 -1.10 28.95
C GLY D 830 -74.54 -0.16 28.01
N LEU D 831 -74.17 -0.17 26.73
CA LEU D 831 -74.83 0.70 25.75
C LEU D 831 -76.31 0.32 25.58
N SER D 832 -76.61 -0.98 25.56
CA SER D 832 -77.99 -1.41 25.41
C SER D 832 -78.80 -1.22 26.68
N LEU D 833 -78.15 -1.26 27.85
CA LEU D 833 -78.87 -1.13 29.10
C LEU D 833 -79.52 0.24 29.25
N LEU D 834 -78.79 1.31 28.88
CA LEU D 834 -79.34 2.66 29.03
C LEU D 834 -80.47 2.94 28.06
N VAL D 835 -80.53 2.23 26.93
CA VAL D 835 -81.61 2.44 25.98
C VAL D 835 -82.94 2.04 26.58
N PHE D 836 -82.98 0.92 27.30
CA PHE D 836 -84.21 0.49 27.97
C PHE D 836 -84.64 1.50 29.02
N ALA D 837 -83.68 2.03 29.78
CA ALA D 837 -84.01 3.06 30.77
C ALA D 837 -84.54 4.32 30.10
N TRP D 838 -83.95 4.71 28.96
CA TRP D 838 -84.44 5.87 28.24
C TRP D 838 -85.86 5.65 27.74
N GLU D 839 -86.15 4.45 27.21
CA GLU D 839 -87.50 4.14 26.74
C GLU D 839 -88.49 4.06 27.90
N HIS D 840 -88.04 3.55 29.06
CA HIS D 840 -88.93 3.45 30.21
C HIS D 840 -89.39 4.83 30.68
N LEU D 841 -88.48 5.81 30.70
CA LEU D 841 -88.82 7.15 31.13
C LEU D 841 -89.59 7.95 30.08
N VAL D 842 -89.64 7.46 28.84
CA VAL D 842 -90.36 8.18 27.79
C VAL D 842 -91.86 8.19 28.09
N TYR D 843 -92.41 7.05 28.50
CA TYR D 843 -93.83 6.95 28.78
C TYR D 843 -94.15 7.19 30.25
N TRP D 844 -93.29 6.73 31.16
CA TRP D 844 -93.54 6.92 32.58
C TRP D 844 -93.49 8.39 32.96
N ARG D 845 -92.53 9.13 32.41
CA ARG D 845 -92.39 10.55 32.70
C ARG D 845 -92.95 11.41 31.56
#